data_2KXI
#
_entry.id   2KXI
#
_entity_poly.entity_id   1
_entity_poly.type   'polypeptide(L)'
_entity_poly.pdbx_seq_one_letter_code
;MGNFLYRGISCQQDEQNNGQLKPKGNKAEVAIRYDGKFKYDGKATHGPSVKNAVYAHQIETGLYDGCYISTTTDKEIAKK
FATSSGIENGYIYVLNRDLFGQYSIFEYEVEHPENPNEKEVTIRAEDCGCIPEEVIIAKELIEINLEHHHHHH
;
_entity_poly.pdbx_strand_id   A
#
# COMPACT_ATOMS: atom_id res chain seq x y z
N MET A 1 8.60 -12.00 -4.87
CA MET A 1 9.10 -11.76 -6.25
C MET A 1 8.56 -10.42 -6.78
N GLY A 2 9.09 -9.98 -7.91
CA GLY A 2 8.65 -8.73 -8.52
C GLY A 2 9.22 -7.52 -7.81
N ASN A 3 8.72 -7.25 -6.60
CA ASN A 3 9.19 -6.15 -5.79
C ASN A 3 8.92 -6.44 -4.32
N PHE A 4 9.73 -5.85 -3.46
CA PHE A 4 9.57 -5.98 -2.01
C PHE A 4 8.84 -4.76 -1.46
N LEU A 5 7.64 -4.97 -0.95
CA LEU A 5 6.82 -3.88 -0.41
C LEU A 5 6.92 -3.86 1.10
N TYR A 6 6.93 -2.66 1.68
CA TYR A 6 7.01 -2.52 3.11
C TYR A 6 6.06 -1.42 3.57
N ARG A 7 5.31 -1.70 4.64
CA ARG A 7 4.41 -0.71 5.23
C ARG A 7 4.33 -0.94 6.73
N GLY A 8 4.27 0.14 7.49
CA GLY A 8 4.24 0.06 8.93
C GLY A 8 3.08 0.83 9.52
N ILE A 9 2.68 0.47 10.72
CA ILE A 9 1.51 1.06 11.37
C ILE A 9 1.80 1.34 12.85
N SER A 10 1.37 2.50 13.32
CA SER A 10 1.48 2.87 14.73
C SER A 10 0.15 2.66 15.44
N CYS A 11 -0.92 2.54 14.64
CA CYS A 11 -2.25 2.29 15.17
C CYS A 11 -2.48 0.78 15.34
N GLN A 12 -1.54 0.14 16.02
CA GLN A 12 -1.63 -1.29 16.33
C GLN A 12 -2.92 -1.55 17.11
N GLN A 13 -3.43 -0.51 17.74
CA GLN A 13 -4.69 -0.59 18.47
C GLN A 13 -5.83 -0.92 17.51
N ASP A 14 -5.98 -0.10 16.48
CA ASP A 14 -7.01 -0.30 15.47
C ASP A 14 -6.80 -1.63 14.75
N GLU A 15 -5.55 -1.93 14.43
CA GLU A 15 -5.18 -3.19 13.77
C GLU A 15 -5.66 -4.39 14.60
N GLN A 16 -5.22 -4.45 15.85
CA GLN A 16 -5.53 -5.59 16.73
C GLN A 16 -7.00 -5.60 17.12
N ASN A 17 -7.62 -4.42 17.19
CA ASN A 17 -9.04 -4.30 17.57
C ASN A 17 -9.94 -4.80 16.45
N ASN A 18 -9.61 -4.42 15.22
CA ASN A 18 -10.36 -4.87 14.05
C ASN A 18 -9.94 -6.29 13.67
N GLY A 19 -8.72 -6.66 14.08
CA GLY A 19 -8.20 -7.98 13.80
C GLY A 19 -7.95 -8.19 12.32
N GLN A 20 -7.75 -7.09 11.60
CA GLN A 20 -7.54 -7.13 10.15
C GLN A 20 -6.90 -5.84 9.65
N LEU A 21 -6.12 -5.19 10.54
CA LEU A 21 -5.40 -3.94 10.20
C LEU A 21 -6.34 -2.73 10.12
N LYS A 22 -7.48 -2.92 9.48
CA LYS A 22 -8.39 -1.83 9.14
C LYS A 22 -9.76 -2.39 8.75
N PRO A 23 -10.88 -1.73 9.15
CA PRO A 23 -12.23 -2.15 8.75
C PRO A 23 -12.41 -2.13 7.23
N LYS A 24 -13.08 -3.15 6.68
CA LYS A 24 -13.26 -3.28 5.24
C LYS A 24 -14.69 -3.67 4.90
N GLY A 25 -15.03 -3.56 3.61
CA GLY A 25 -16.35 -3.93 3.13
C GLY A 25 -16.38 -3.99 1.61
N ASN A 26 -15.82 -5.06 1.06
CA ASN A 26 -15.67 -5.21 -0.39
C ASN A 26 -16.99 -5.65 -1.06
N LYS A 27 -17.14 -5.30 -2.33
CA LYS A 27 -18.33 -5.66 -3.11
C LYS A 27 -18.04 -5.50 -4.61
N ALA A 28 -19.09 -5.28 -5.41
CA ALA A 28 -18.98 -5.07 -6.85
C ALA A 28 -18.69 -6.37 -7.58
N GLU A 29 -17.44 -6.83 -7.54
CA GLU A 29 -17.02 -8.07 -8.20
C GLU A 29 -17.34 -8.05 -9.69
N VAL A 30 -16.75 -7.09 -10.40
CA VAL A 30 -16.99 -6.93 -11.83
C VAL A 30 -15.73 -7.28 -12.64
N ALA A 31 -15.82 -7.12 -13.97
CA ALA A 31 -14.74 -7.48 -14.88
C ALA A 31 -13.44 -6.76 -14.54
N ILE A 32 -13.41 -5.44 -14.77
CA ILE A 32 -12.25 -4.60 -14.50
C ILE A 32 -11.05 -4.98 -15.38
N ARG A 33 -10.55 -4.03 -16.15
CA ARG A 33 -9.41 -4.26 -17.05
C ARG A 33 -8.58 -2.97 -17.19
N TYR A 34 -7.26 -3.12 -17.17
CA TYR A 34 -6.35 -1.97 -17.24
C TYR A 34 -6.05 -1.63 -18.70
N ASP A 35 -7.08 -1.16 -19.40
CA ASP A 35 -6.94 -0.75 -20.79
C ASP A 35 -6.11 0.54 -20.88
N GLY A 36 -5.58 0.84 -22.07
CA GLY A 36 -4.85 2.09 -22.27
C GLY A 36 -5.66 3.28 -21.79
N LYS A 37 -6.95 3.21 -22.07
CA LYS A 37 -7.94 4.09 -21.46
C LYS A 37 -8.95 3.20 -20.73
N PHE A 38 -8.64 2.92 -19.46
CA PHE A 38 -9.35 1.89 -18.69
C PHE A 38 -10.73 2.35 -18.22
N LYS A 39 -11.62 2.65 -19.16
CA LYS A 39 -13.01 2.96 -18.85
C LYS A 39 -13.77 1.65 -18.60
N TYR A 40 -13.30 0.89 -17.61
CA TYR A 40 -13.88 -0.42 -17.32
C TYR A 40 -15.19 -0.29 -16.54
N ASP A 41 -15.40 0.89 -15.94
CA ASP A 41 -16.62 1.20 -15.21
C ASP A 41 -16.87 0.17 -14.09
N GLY A 42 -18.12 -0.28 -13.94
CA GLY A 42 -18.44 -1.24 -12.91
C GLY A 42 -19.84 -1.81 -13.09
N LYS A 43 -20.68 -1.67 -12.06
CA LYS A 43 -22.04 -2.20 -12.10
C LYS A 43 -22.97 -1.24 -12.85
N ALA A 44 -23.42 -0.20 -12.15
CA ALA A 44 -24.38 0.75 -12.68
C ALA A 44 -24.65 1.86 -11.66
N THR A 45 -24.64 1.46 -10.38
CA THR A 45 -24.86 2.39 -9.28
C THR A 45 -23.81 3.51 -9.26
N HIS A 46 -24.17 4.62 -8.61
CA HIS A 46 -23.27 5.77 -8.48
C HIS A 46 -22.84 5.93 -7.02
N GLY A 47 -21.61 5.56 -6.72
CA GLY A 47 -21.10 5.65 -5.36
C GLY A 47 -19.59 5.52 -5.31
N PRO A 48 -19.03 5.03 -4.19
CA PRO A 48 -17.59 4.83 -4.02
C PRO A 48 -17.14 3.45 -4.49
N SER A 49 -15.86 3.14 -4.25
CA SER A 49 -15.28 1.83 -4.58
C SER A 49 -15.19 1.63 -6.10
N VAL A 50 -13.95 1.49 -6.59
CA VAL A 50 -13.67 1.26 -8.02
C VAL A 50 -14.17 2.42 -8.90
N LYS A 51 -14.02 2.26 -10.22
CA LYS A 51 -14.49 3.24 -11.20
C LYS A 51 -13.66 4.53 -11.15
N ASN A 52 -13.98 5.46 -12.05
CA ASN A 52 -13.39 6.79 -12.05
C ASN A 52 -13.67 7.46 -10.71
N ALA A 53 -14.73 7.02 -10.05
CA ALA A 53 -15.06 7.47 -8.70
C ALA A 53 -13.85 7.35 -7.78
N VAL A 54 -13.39 6.11 -7.56
CA VAL A 54 -12.26 5.88 -6.66
C VAL A 54 -10.96 6.40 -7.26
N TYR A 55 -10.79 6.23 -8.57
CA TYR A 55 -9.57 6.66 -9.24
C TYR A 55 -9.39 8.17 -9.11
N ALA A 56 -10.39 8.91 -9.57
CA ALA A 56 -10.36 10.37 -9.51
C ALA A 56 -10.34 10.87 -8.07
N HIS A 57 -11.06 10.17 -7.18
CA HIS A 57 -11.10 10.56 -5.77
C HIS A 57 -9.70 10.56 -5.17
N GLN A 58 -8.96 9.47 -5.38
CA GLN A 58 -7.62 9.34 -4.83
C GLN A 58 -6.64 10.27 -5.54
N ILE A 59 -6.83 10.45 -6.84
CA ILE A 59 -5.94 11.32 -7.63
C ILE A 59 -6.13 12.80 -7.24
N GLU A 60 -7.38 13.20 -7.05
CA GLU A 60 -7.70 14.60 -6.82
C GLU A 60 -7.74 14.94 -5.33
N THR A 61 -8.62 14.28 -4.59
CA THR A 61 -8.86 14.61 -3.19
C THR A 61 -7.95 13.82 -2.25
N GLY A 62 -8.24 12.53 -2.09
CA GLY A 62 -7.49 11.70 -1.17
C GLY A 62 -6.19 11.21 -1.76
N LEU A 63 -5.27 12.13 -2.02
CA LEU A 63 -4.00 11.81 -2.65
C LEU A 63 -3.18 10.86 -1.78
N TYR A 64 -3.37 9.57 -2.02
CA TYR A 64 -2.64 8.50 -1.33
C TYR A 64 -2.96 8.50 0.17
N ASP A 65 -4.25 8.58 0.48
CA ASP A 65 -4.72 8.62 1.87
C ASP A 65 -4.50 7.26 2.57
N GLY A 66 -4.24 6.23 1.78
CA GLY A 66 -4.08 4.89 2.30
C GLY A 66 -4.90 3.88 1.52
N CYS A 67 -5.74 4.40 0.62
CA CYS A 67 -6.55 3.55 -0.26
C CYS A 67 -5.66 2.64 -1.10
N TYR A 68 -4.66 3.24 -1.76
CA TYR A 68 -3.69 2.48 -2.55
C TYR A 68 -2.35 2.42 -1.82
N ILE A 69 -1.51 1.46 -2.19
CA ILE A 69 -0.22 1.28 -1.51
C ILE A 69 0.92 1.86 -2.34
N SER A 70 1.36 3.05 -1.98
CA SER A 70 2.46 3.71 -2.66
C SER A 70 3.80 3.15 -2.21
N THR A 71 4.63 2.71 -3.16
CA THR A 71 5.98 2.22 -2.84
C THR A 71 6.98 2.70 -3.90
N THR A 72 8.23 2.84 -3.50
CA THR A 72 9.28 3.29 -4.41
C THR A 72 9.93 2.11 -5.13
N THR A 73 10.74 2.40 -6.14
CA THR A 73 11.44 1.36 -6.91
C THR A 73 12.68 0.83 -6.17
N ASP A 74 12.84 1.19 -4.91
CA ASP A 74 14.00 0.81 -4.11
C ASP A 74 13.58 -0.08 -2.95
N LYS A 75 14.21 -1.23 -2.82
CA LYS A 75 13.88 -2.18 -1.76
C LYS A 75 14.31 -1.65 -0.39
N GLU A 76 15.23 -0.68 -0.39
CA GLU A 76 15.74 -0.10 0.86
C GLU A 76 14.73 0.89 1.43
N ILE A 77 13.60 1.05 0.72
CA ILE A 77 12.50 1.89 1.16
C ILE A 77 12.07 1.52 2.59
N ALA A 78 12.31 0.27 2.97
CA ALA A 78 11.88 -0.25 4.27
C ALA A 78 12.49 0.57 5.39
N LYS A 79 13.81 0.74 5.32
CA LYS A 79 14.56 1.45 6.35
C LYS A 79 14.17 2.92 6.34
N LYS A 80 14.19 3.51 5.15
CA LYS A 80 13.93 4.94 5.00
C LYS A 80 12.52 5.28 5.45
N PHE A 81 11.57 4.44 5.09
CA PHE A 81 10.17 4.65 5.42
C PHE A 81 9.93 4.48 6.92
N ALA A 82 10.54 3.45 7.50
CA ALA A 82 10.38 3.18 8.92
C ALA A 82 10.93 4.33 9.76
N THR A 83 12.10 4.84 9.38
CA THR A 83 12.73 5.93 10.12
C THR A 83 11.97 7.25 9.97
N SER A 84 11.72 7.65 8.73
CA SER A 84 11.11 8.95 8.46
C SER A 84 9.68 9.05 8.99
N SER A 85 9.04 7.90 9.19
CA SER A 85 7.66 7.87 9.68
C SER A 85 7.64 7.63 11.19
N GLY A 86 8.82 7.49 11.79
CA GLY A 86 8.92 7.28 13.22
C GLY A 86 8.35 5.95 13.66
N ILE A 87 8.40 4.97 12.76
CA ILE A 87 7.85 3.64 13.05
C ILE A 87 8.82 2.82 13.91
N GLU A 88 10.04 3.33 14.09
CA GLU A 88 11.07 2.65 14.90
C GLU A 88 10.49 2.13 16.21
N ASN A 89 9.45 2.78 16.69
CA ASN A 89 8.68 2.33 17.85
C ASN A 89 7.24 2.06 17.43
N GLY A 90 6.96 0.82 17.00
CA GLY A 90 5.62 0.50 16.53
C GLY A 90 5.55 -0.85 15.83
N TYR A 91 4.65 -0.96 14.85
CA TYR A 91 4.39 -2.21 14.14
C TYR A 91 4.75 -2.06 12.66
N ILE A 92 5.24 -3.14 12.03
CA ILE A 92 5.61 -3.10 10.61
C ILE A 92 5.30 -4.44 9.94
N TYR A 93 4.83 -4.38 8.69
CA TYR A 93 4.54 -5.58 7.92
C TYR A 93 5.16 -5.50 6.51
N VAL A 94 5.46 -6.66 5.95
CA VAL A 94 6.03 -6.77 4.61
C VAL A 94 5.10 -7.55 3.68
N LEU A 95 5.04 -7.10 2.42
CA LEU A 95 4.14 -7.64 1.40
C LEU A 95 4.92 -7.86 0.09
N ASN A 96 4.60 -8.93 -0.62
CA ASN A 96 5.25 -9.23 -1.90
C ASN A 96 4.37 -8.76 -3.07
N ARG A 97 5.01 -8.23 -4.11
CA ARG A 97 4.30 -7.65 -5.26
C ARG A 97 3.75 -8.73 -6.18
N ASP A 98 4.48 -9.83 -6.32
CA ASP A 98 4.08 -10.93 -7.20
C ASP A 98 2.72 -11.49 -6.78
N LEU A 99 2.39 -11.33 -5.50
CA LEU A 99 1.08 -11.73 -4.99
C LEU A 99 0.00 -10.87 -5.63
N PHE A 100 0.28 -9.57 -5.75
CA PHE A 100 -0.62 -8.64 -6.41
C PHE A 100 -0.72 -8.98 -7.89
N GLY A 101 0.42 -9.36 -8.48
CA GLY A 101 0.44 -9.79 -9.86
C GLY A 101 -0.48 -10.98 -10.10
N GLN A 102 -0.47 -11.92 -9.16
CA GLN A 102 -1.36 -13.08 -9.21
C GLN A 102 -2.81 -12.65 -9.00
N TYR A 103 -2.99 -11.71 -8.08
CA TYR A 103 -4.30 -11.16 -7.76
C TYR A 103 -4.86 -10.33 -8.92
N SER A 104 -3.94 -9.88 -9.78
CA SER A 104 -4.29 -9.01 -10.92
C SER A 104 -4.67 -7.62 -10.43
N ILE A 105 -4.03 -7.21 -9.33
CA ILE A 105 -4.21 -5.88 -8.77
C ILE A 105 -3.46 -4.87 -9.63
N PHE A 106 -3.99 -3.66 -9.74
CA PHE A 106 -3.44 -2.68 -10.67
C PHE A 106 -2.32 -1.89 -10.03
N GLU A 107 -1.53 -1.20 -10.86
CA GLU A 107 -0.46 -0.35 -10.37
C GLU A 107 -0.33 0.89 -11.26
N TYR A 108 -0.13 2.03 -10.63
CA TYR A 108 0.09 3.28 -11.35
C TYR A 108 1.39 3.90 -10.85
N GLU A 109 2.38 3.97 -11.73
CA GLU A 109 3.69 4.47 -11.36
C GLU A 109 3.90 5.87 -11.93
N VAL A 110 4.12 6.84 -11.05
CA VAL A 110 4.44 8.19 -11.46
C VAL A 110 5.94 8.35 -11.59
N GLU A 111 6.37 9.23 -12.48
CA GLU A 111 7.78 9.46 -12.70
C GLU A 111 8.16 10.90 -12.40
N HIS A 112 9.23 11.06 -11.64
CA HIS A 112 9.86 12.35 -11.44
C HIS A 112 10.77 12.61 -12.65
N PRO A 113 11.54 13.72 -12.71
CA PRO A 113 12.60 13.87 -13.72
C PRO A 113 13.44 12.60 -13.83
N GLU A 114 14.12 12.42 -14.95
CA GLU A 114 14.80 11.15 -15.25
C GLU A 114 15.88 10.79 -14.24
N ASN A 115 16.72 11.76 -13.85
CA ASN A 115 17.93 11.43 -13.08
C ASN A 115 17.74 11.30 -11.57
N PRO A 116 16.66 11.84 -10.94
CA PRO A 116 16.27 11.42 -9.59
C PRO A 116 16.37 9.90 -9.43
N ASN A 117 16.32 9.19 -10.56
CA ASN A 117 16.69 7.78 -10.65
C ASN A 117 15.63 6.89 -9.99
N GLU A 118 14.41 7.39 -9.84
CA GLU A 118 13.37 6.66 -9.11
C GLU A 118 11.99 6.94 -9.69
N LYS A 119 11.10 5.95 -9.57
CA LYS A 119 9.71 6.09 -9.96
C LYS A 119 8.82 5.62 -8.81
N GLU A 120 7.75 6.35 -8.54
CA GLU A 120 6.84 6.01 -7.45
C GLU A 120 5.74 5.11 -8.00
N VAL A 121 5.74 3.85 -7.59
CA VAL A 121 4.75 2.89 -8.05
C VAL A 121 3.67 2.68 -6.99
N THR A 122 2.53 3.29 -7.20
CA THR A 122 1.39 3.15 -6.33
C THR A 122 0.56 1.93 -6.74
N ILE A 123 0.31 1.03 -5.80
CA ILE A 123 -0.42 -0.19 -6.08
C ILE A 123 -1.93 0.05 -5.93
N ARG A 124 -2.62 0.00 -7.06
CA ARG A 124 -4.05 0.26 -7.12
C ARG A 124 -4.84 -1.01 -6.79
N ALA A 125 -5.23 -1.14 -5.53
CA ALA A 125 -6.06 -2.24 -5.07
C ALA A 125 -7.48 -2.08 -5.62
N GLU A 126 -8.21 -3.19 -5.73
CA GLU A 126 -9.57 -3.16 -6.29
C GLU A 126 -10.57 -2.55 -5.30
N ASP A 127 -10.09 -2.22 -4.11
CA ASP A 127 -10.89 -1.50 -3.11
C ASP A 127 -9.96 -0.66 -2.24
N CYS A 128 -10.52 0.34 -1.58
CA CYS A 128 -9.73 1.31 -0.83
C CYS A 128 -9.34 0.78 0.54
N GLY A 129 -8.03 0.69 0.78
CA GLY A 129 -7.53 0.36 2.11
C GLY A 129 -7.33 -1.13 2.32
N CYS A 130 -6.35 -1.70 1.63
CA CYS A 130 -5.94 -3.09 1.83
C CYS A 130 -7.09 -4.07 1.67
N ILE A 131 -7.56 -4.24 0.43
CA ILE A 131 -8.62 -5.20 0.14
C ILE A 131 -8.18 -6.66 0.42
N PRO A 132 -6.89 -7.06 0.21
CA PRO A 132 -6.42 -8.40 0.53
C PRO A 132 -5.84 -8.47 1.94
N GLU A 133 -6.34 -9.40 2.75
CA GLU A 133 -5.91 -9.54 4.14
C GLU A 133 -4.65 -10.39 4.25
N GLU A 134 -4.49 -11.32 3.30
CA GLU A 134 -3.37 -12.27 3.33
C GLU A 134 -2.18 -11.74 2.51
N VAL A 135 -2.25 -10.48 2.09
CA VAL A 135 -1.18 -9.86 1.31
C VAL A 135 0.04 -9.59 2.18
N ILE A 136 -0.15 -9.63 3.49
CA ILE A 136 0.91 -9.38 4.45
C ILE A 136 1.64 -10.68 4.75
N ILE A 137 2.66 -10.97 3.95
CA ILE A 137 3.38 -12.23 4.04
C ILE A 137 4.27 -12.26 5.27
N ALA A 138 4.57 -11.09 5.82
CA ALA A 138 5.30 -11.01 7.08
C ALA A 138 4.81 -9.88 7.96
N LYS A 139 4.69 -10.16 9.26
CA LYS A 139 4.32 -9.15 10.25
C LYS A 139 5.30 -9.20 11.42
N GLU A 140 5.91 -8.06 11.73
CA GLU A 140 6.89 -7.97 12.82
C GLU A 140 6.67 -6.67 13.61
N LEU A 141 7.07 -6.68 14.87
CA LEU A 141 7.06 -5.47 15.68
C LEU A 141 8.47 -4.89 15.73
N ILE A 142 8.58 -3.60 16.02
CA ILE A 142 9.87 -2.92 16.01
C ILE A 142 10.05 -2.00 17.21
N GLU A 143 11.19 -2.17 17.90
CA GLU A 143 11.61 -1.30 19.00
C GLU A 143 13.07 -0.89 18.79
N ILE A 144 13.30 0.09 17.91
CA ILE A 144 14.63 0.60 17.61
C ILE A 144 15.51 -0.45 16.94
N ASN A 145 15.78 -0.25 15.65
CA ASN A 145 16.63 -1.17 14.89
C ASN A 145 18.10 -0.84 15.14
N LEU A 146 18.54 -1.05 16.37
CA LEU A 146 19.92 -0.78 16.79
C LEU A 146 20.87 -1.88 16.32
N GLU A 147 22.17 -1.59 16.35
CA GLU A 147 23.22 -2.57 16.06
C GLU A 147 23.23 -2.95 14.58
N HIS A 148 23.80 -4.13 14.27
CA HIS A 148 23.88 -4.66 12.91
C HIS A 148 24.87 -3.84 12.07
N HIS A 149 24.47 -2.62 11.72
CA HIS A 149 25.30 -1.76 10.87
C HIS A 149 26.13 -0.80 11.71
N HIS A 150 25.99 -0.89 13.03
CA HIS A 150 26.72 -0.01 13.94
C HIS A 150 28.18 -0.48 14.06
N HIS A 151 28.94 -0.31 12.98
CA HIS A 151 30.35 -0.68 12.95
C HIS A 151 31.17 0.22 13.88
N HIS A 152 30.72 1.47 13.99
CA HIS A 152 31.36 2.47 14.83
C HIS A 152 30.44 3.67 14.94
N HIS A 153 29.85 4.03 13.81
CA HIS A 153 28.83 5.08 13.76
C HIS A 153 27.56 4.51 13.14
N MET A 1 5.09 -4.66 -12.24
CA MET A 1 5.98 -3.74 -11.49
C MET A 1 5.95 -4.09 -9.99
N GLY A 2 6.85 -3.49 -9.22
CA GLY A 2 6.92 -3.76 -7.79
C GLY A 2 8.03 -4.71 -7.43
N ASN A 3 8.06 -5.15 -6.17
CA ASN A 3 9.13 -6.03 -5.68
C ASN A 3 8.86 -6.40 -4.22
N PHE A 4 9.23 -5.50 -3.32
CA PHE A 4 9.02 -5.68 -1.89
C PHE A 4 8.40 -4.42 -1.31
N LEU A 5 7.23 -4.57 -0.69
CA LEU A 5 6.52 -3.43 -0.13
C LEU A 5 6.74 -3.37 1.37
N TYR A 6 7.11 -2.20 1.86
CA TYR A 6 7.32 -2.00 3.28
C TYR A 6 6.32 -0.98 3.82
N ARG A 7 5.64 -1.33 4.90
CA ARG A 7 4.63 -0.46 5.50
C ARG A 7 4.70 -0.56 7.02
N GLY A 8 4.31 0.50 7.70
CA GLY A 8 4.29 0.48 9.16
C GLY A 8 2.99 1.06 9.70
N ILE A 9 2.65 0.69 10.93
CA ILE A 9 1.36 1.08 11.51
C ILE A 9 1.51 1.35 13.01
N SER A 10 0.81 2.37 13.49
CA SER A 10 0.81 2.74 14.90
C SER A 10 -0.36 2.09 15.65
N CYS A 11 -1.41 1.77 14.89
CA CYS A 11 -2.61 1.15 15.44
C CYS A 11 -2.40 -0.36 15.58
N GLN A 12 -1.30 -0.71 16.24
CA GLN A 12 -0.96 -2.11 16.51
C GLN A 12 -2.13 -2.82 17.18
N GLN A 13 -2.87 -2.07 17.99
CA GLN A 13 -3.94 -2.64 18.80
C GLN A 13 -5.16 -2.90 17.92
N ASP A 14 -5.39 -1.99 16.98
CA ASP A 14 -6.47 -2.14 16.00
C ASP A 14 -6.21 -3.34 15.11
N GLU A 15 -4.94 -3.53 14.73
CA GLU A 15 -4.53 -4.66 13.91
C GLU A 15 -4.78 -5.97 14.65
N GLN A 16 -4.43 -5.99 15.95
CA GLN A 16 -4.68 -7.15 16.79
C GLN A 16 -6.18 -7.37 16.99
N ASN A 17 -6.94 -6.27 17.06
CA ASN A 17 -8.37 -6.32 17.33
C ASN A 17 -9.17 -6.74 16.08
N ASN A 18 -8.67 -6.35 14.92
CA ASN A 18 -9.35 -6.65 13.65
C ASN A 18 -8.83 -7.96 13.06
N GLY A 19 -7.51 -8.11 13.05
CA GLY A 19 -6.89 -9.34 12.58
C GLY A 19 -6.77 -9.42 11.06
N GLN A 20 -6.98 -8.30 10.38
CA GLN A 20 -6.88 -8.25 8.91
C GLN A 20 -6.34 -6.91 8.43
N LEU A 21 -5.93 -6.07 9.38
CA LEU A 21 -5.37 -4.75 9.08
C LEU A 21 -6.41 -3.86 8.37
N LYS A 22 -7.10 -3.04 9.17
CA LYS A 22 -8.14 -2.11 8.71
C LYS A 22 -9.27 -2.83 7.95
N PRO A 23 -10.52 -2.76 8.48
CA PRO A 23 -11.68 -3.44 7.90
C PRO A 23 -11.84 -3.17 6.40
N LYS A 24 -11.61 -4.21 5.59
CA LYS A 24 -11.74 -4.11 4.14
C LYS A 24 -13.19 -3.87 3.72
N GLY A 25 -13.39 -3.54 2.44
CA GLY A 25 -14.72 -3.24 1.94
C GLY A 25 -15.47 -4.49 1.52
N ASN A 26 -15.58 -4.69 0.21
CA ASN A 26 -16.34 -5.83 -0.34
C ASN A 26 -16.29 -5.82 -1.86
N LYS A 27 -17.07 -6.71 -2.49
CA LYS A 27 -17.17 -6.78 -3.94
C LYS A 27 -18.07 -5.66 -4.46
N ALA A 28 -18.29 -5.64 -5.77
CA ALA A 28 -19.18 -4.68 -6.39
C ALA A 28 -19.66 -5.21 -7.74
N GLU A 29 -20.95 -5.12 -7.98
CA GLU A 29 -21.52 -5.52 -9.26
C GLU A 29 -21.46 -4.37 -10.26
N VAL A 30 -21.55 -3.16 -9.74
CA VAL A 30 -21.37 -1.95 -10.54
C VAL A 30 -19.88 -1.68 -10.73
N ALA A 31 -19.33 -2.23 -11.81
CA ALA A 31 -17.89 -2.19 -12.08
C ALA A 31 -17.30 -0.78 -11.97
N ILE A 32 -15.97 -0.73 -11.85
CA ILE A 32 -15.24 0.53 -11.68
C ILE A 32 -15.18 1.30 -13.00
N ARG A 33 -15.38 2.61 -12.92
CA ARG A 33 -15.33 3.49 -14.10
C ARG A 33 -14.08 4.38 -14.03
N TYR A 34 -13.40 4.51 -15.16
CA TYR A 34 -12.17 5.30 -15.25
C TYR A 34 -12.27 6.31 -16.39
N ASP A 35 -11.84 7.53 -16.12
CA ASP A 35 -11.82 8.58 -17.13
C ASP A 35 -10.43 8.66 -17.77
N GLY A 36 -10.30 8.12 -18.97
CA GLY A 36 -9.02 8.13 -19.66
C GLY A 36 -8.91 6.96 -20.63
N LYS A 37 -7.68 6.54 -20.91
CA LYS A 37 -7.43 5.39 -21.78
C LYS A 37 -6.76 4.26 -21.01
N PHE A 38 -7.56 3.51 -20.25
CA PHE A 38 -7.08 2.40 -19.45
C PHE A 38 -8.20 1.38 -19.26
N LYS A 39 -7.97 0.14 -19.71
CA LYS A 39 -8.97 -0.90 -19.64
C LYS A 39 -8.65 -1.88 -18.52
N TYR A 40 -9.70 -2.34 -17.83
CA TYR A 40 -9.56 -3.29 -16.74
C TYR A 40 -10.89 -4.04 -16.55
N ASP A 41 -11.12 -4.57 -15.36
CA ASP A 41 -12.41 -5.16 -15.02
C ASP A 41 -12.59 -5.22 -13.51
N GLY A 42 -12.32 -4.08 -12.87
CA GLY A 42 -12.47 -3.97 -11.43
C GLY A 42 -13.92 -4.06 -10.99
N LYS A 43 -14.18 -4.84 -9.95
CA LYS A 43 -15.55 -5.06 -9.49
C LYS A 43 -15.58 -5.15 -7.96
N ALA A 44 -15.03 -4.13 -7.31
CA ALA A 44 -14.96 -4.09 -5.84
C ALA A 44 -15.43 -2.74 -5.30
N THR A 45 -15.61 -2.69 -3.98
CA THR A 45 -16.08 -1.49 -3.29
C THR A 45 -17.53 -1.13 -3.70
N HIS A 46 -18.48 -1.92 -3.20
CA HIS A 46 -19.91 -1.64 -3.39
C HIS A 46 -20.32 -0.43 -2.57
N GLY A 47 -20.01 0.77 -3.06
CA GLY A 47 -20.36 1.99 -2.36
C GLY A 47 -20.20 3.22 -3.23
N PRO A 48 -20.16 4.43 -2.62
CA PRO A 48 -20.02 5.68 -3.36
C PRO A 48 -18.55 6.03 -3.57
N SER A 49 -18.30 7.21 -4.12
CA SER A 49 -16.93 7.66 -4.38
C SER A 49 -16.19 6.64 -5.25
N VAL A 50 -14.94 6.31 -4.89
CA VAL A 50 -14.12 5.36 -5.65
C VAL A 50 -14.15 5.65 -7.16
N LYS A 51 -13.84 4.67 -8.00
CA LYS A 51 -13.89 4.84 -9.46
C LYS A 51 -13.21 6.15 -9.90
N ASN A 52 -13.91 6.97 -10.68
CA ASN A 52 -13.38 8.25 -11.16
C ASN A 52 -12.90 9.10 -9.98
N ALA A 53 -13.66 9.07 -8.90
CA ALA A 53 -13.38 9.91 -7.73
C ALA A 53 -12.04 9.53 -7.09
N VAL A 54 -11.85 8.23 -6.83
CA VAL A 54 -10.63 7.77 -6.17
C VAL A 54 -9.42 7.95 -7.09
N TYR A 55 -9.61 7.69 -8.38
CA TYR A 55 -8.53 7.83 -9.35
C TYR A 55 -8.11 9.30 -9.47
N ALA A 56 -9.09 10.17 -9.67
CA ALA A 56 -8.84 11.60 -9.81
C ALA A 56 -8.20 12.17 -8.55
N HIS A 57 -8.76 11.81 -7.40
CA HIS A 57 -8.25 12.27 -6.11
C HIS A 57 -6.83 11.74 -5.86
N GLN A 58 -6.58 10.51 -6.34
CA GLN A 58 -5.26 9.89 -6.21
C GLN A 58 -4.20 10.73 -6.92
N ILE A 59 -4.47 11.01 -8.19
CA ILE A 59 -3.51 11.73 -9.01
C ILE A 59 -3.43 13.21 -8.60
N GLU A 60 -4.59 13.80 -8.31
CA GLU A 60 -4.67 15.20 -7.96
C GLU A 60 -4.10 15.45 -6.56
N THR A 61 -4.79 14.94 -5.54
CA THR A 61 -4.40 15.17 -4.15
C THR A 61 -3.42 14.10 -3.68
N GLY A 62 -3.92 12.90 -3.48
CA GLY A 62 -3.12 11.81 -2.98
C GLY A 62 -3.86 11.00 -1.94
N LEU A 63 -3.71 9.68 -2.01
CA LEU A 63 -4.34 8.76 -1.06
C LEU A 63 -3.49 7.51 -0.96
N TYR A 64 -2.19 7.73 -0.81
CA TYR A 64 -1.20 6.65 -0.79
C TYR A 64 -0.98 6.13 0.63
N ASP A 65 -1.79 6.62 1.56
CA ASP A 65 -1.67 6.25 2.97
C ASP A 65 -2.72 5.21 3.36
N GLY A 66 -3.88 5.25 2.71
CA GLY A 66 -4.97 4.35 3.05
C GLY A 66 -5.49 3.56 1.86
N CYS A 67 -6.20 4.23 0.97
CA CYS A 67 -6.89 3.57 -0.15
C CYS A 67 -5.90 2.84 -1.07
N TYR A 68 -4.87 3.56 -1.52
CA TYR A 68 -3.86 2.99 -2.41
C TYR A 68 -2.50 3.04 -1.72
N ILE A 69 -1.55 2.24 -2.19
CA ILE A 69 -0.21 2.19 -1.57
C ILE A 69 0.87 2.42 -2.61
N SER A 70 1.82 3.29 -2.30
CA SER A 70 2.93 3.58 -3.21
C SER A 70 4.23 2.95 -2.70
N THR A 71 5.02 2.43 -3.63
CA THR A 71 6.33 1.87 -3.32
C THR A 71 7.39 2.47 -4.26
N THR A 72 8.51 2.90 -3.69
CA THR A 72 9.59 3.49 -4.48
C THR A 72 10.34 2.41 -5.26
N THR A 73 11.12 2.83 -6.26
CA THR A 73 11.80 1.90 -7.15
C THR A 73 13.04 1.29 -6.49
N ASP A 74 13.53 1.91 -5.41
CA ASP A 74 14.77 1.46 -4.78
C ASP A 74 14.51 0.60 -3.55
N LYS A 75 15.25 -0.50 -3.44
CA LYS A 75 15.15 -1.43 -2.31
C LYS A 75 15.47 -0.75 -0.98
N GLU A 76 16.18 0.37 -1.03
CA GLU A 76 16.60 1.09 0.18
C GLU A 76 15.40 1.72 0.88
N ILE A 77 14.22 1.61 0.28
CA ILE A 77 12.99 2.11 0.86
C ILE A 77 12.74 1.52 2.24
N ALA A 78 13.13 0.26 2.42
CA ALA A 78 12.78 -0.49 3.62
C ALA A 78 13.31 0.18 4.89
N LYS A 79 14.63 0.27 4.98
CA LYS A 79 15.29 0.79 6.16
C LYS A 79 14.98 2.28 6.31
N LYS A 80 15.06 3.00 5.19
CA LYS A 80 14.86 4.43 5.18
C LYS A 80 13.44 4.76 5.64
N PHE A 81 12.47 4.05 5.09
CA PHE A 81 11.06 4.33 5.39
C PHE A 81 10.80 4.03 6.86
N ALA A 82 11.24 2.86 7.30
CA ALA A 82 11.00 2.42 8.67
C ALA A 82 11.54 3.44 9.67
N THR A 83 12.84 3.70 9.62
CA THR A 83 13.47 4.59 10.61
C THR A 83 12.93 6.03 10.48
N SER A 84 12.60 6.45 9.26
CA SER A 84 12.07 7.79 9.05
C SER A 84 10.63 7.89 9.55
N SER A 85 9.95 6.76 9.62
CA SER A 85 8.60 6.71 10.18
C SER A 85 8.66 6.59 11.70
N GLY A 86 9.87 6.40 12.22
CA GLY A 86 10.06 6.28 13.65
C GLY A 86 9.36 5.08 14.23
N ILE A 87 9.40 3.97 13.48
CA ILE A 87 8.71 2.74 13.91
C ILE A 87 9.36 2.14 15.15
N GLU A 88 10.54 2.66 15.52
CA GLU A 88 11.27 2.25 16.74
C GLU A 88 10.32 1.85 17.87
N ASN A 89 9.18 2.52 17.97
CA ASN A 89 8.15 2.15 18.94
C ASN A 89 6.79 2.07 18.26
N GLY A 90 6.46 0.88 17.75
CA GLY A 90 5.20 0.68 17.05
C GLY A 90 5.13 -0.66 16.34
N TYR A 91 4.33 -0.73 15.28
CA TYR A 91 4.14 -1.96 14.51
C TYR A 91 4.60 -1.73 13.06
N ILE A 92 5.06 -2.78 12.39
CA ILE A 92 5.52 -2.67 11.01
C ILE A 92 5.28 -3.97 10.25
N TYR A 93 4.78 -3.87 9.02
CA TYR A 93 4.44 -5.04 8.23
C TYR A 93 5.00 -4.97 6.80
N VAL A 94 5.18 -6.14 6.19
CA VAL A 94 5.74 -6.24 4.85
C VAL A 94 4.81 -7.03 3.92
N LEU A 95 4.74 -6.56 2.66
CA LEU A 95 3.84 -7.09 1.64
C LEU A 95 4.65 -7.49 0.39
N ASN A 96 4.25 -8.58 -0.25
CA ASN A 96 4.96 -9.09 -1.44
C ASN A 96 4.25 -8.67 -2.74
N ARG A 97 5.05 -8.31 -3.76
CA ARG A 97 4.53 -7.85 -5.05
C ARG A 97 3.83 -8.98 -5.79
N ASP A 98 4.47 -10.14 -5.83
CA ASP A 98 3.96 -11.30 -6.58
C ASP A 98 2.51 -11.57 -6.25
N LEU A 99 2.15 -11.29 -5.00
CA LEU A 99 0.78 -11.50 -4.53
C LEU A 99 -0.17 -10.57 -5.29
N PHE A 100 0.16 -9.28 -5.32
CA PHE A 100 -0.70 -8.29 -5.97
C PHE A 100 -0.75 -8.56 -7.48
N GLY A 101 0.39 -8.91 -8.05
CA GLY A 101 0.47 -9.21 -9.47
C GLY A 101 -0.46 -10.33 -9.87
N GLN A 102 -0.42 -11.42 -9.10
CA GLN A 102 -1.30 -12.56 -9.35
C GLN A 102 -2.75 -12.21 -9.02
N TYR A 103 -2.93 -11.35 -8.01
CA TYR A 103 -4.27 -10.87 -7.65
C TYR A 103 -4.83 -9.95 -8.75
N SER A 104 -3.92 -9.46 -9.58
CA SER A 104 -4.26 -8.65 -10.76
C SER A 104 -4.78 -7.27 -10.34
N ILE A 105 -4.22 -6.75 -9.25
CA ILE A 105 -4.54 -5.41 -8.77
C ILE A 105 -3.88 -4.38 -9.69
N PHE A 106 -4.43 -3.16 -9.73
CA PHE A 106 -4.00 -2.18 -10.72
C PHE A 106 -2.66 -1.56 -10.32
N GLU A 107 -1.59 -2.02 -10.95
CA GLU A 107 -0.26 -1.50 -10.66
C GLU A 107 0.03 -0.30 -11.58
N TYR A 108 0.18 0.87 -10.98
CA TYR A 108 0.42 2.10 -11.72
C TYR A 108 1.68 2.78 -11.20
N GLU A 109 2.72 2.81 -12.02
CA GLU A 109 3.98 3.44 -11.64
C GLU A 109 4.01 4.88 -12.15
N VAL A 110 3.99 5.83 -11.23
CA VAL A 110 4.13 7.24 -11.60
C VAL A 110 5.60 7.60 -11.59
N GLU A 111 6.08 8.14 -12.71
CA GLU A 111 7.47 8.50 -12.83
C GLU A 111 7.65 10.01 -12.77
N HIS A 112 8.58 10.44 -11.95
CA HIS A 112 8.97 11.83 -11.87
C HIS A 112 9.90 12.13 -13.06
N PRO A 113 10.44 13.37 -13.20
CA PRO A 113 11.41 13.67 -14.26
C PRO A 113 12.51 12.60 -14.36
N GLU A 114 13.23 12.60 -15.48
CA GLU A 114 14.17 11.53 -15.81
C GLU A 114 15.13 11.19 -14.66
N ASN A 115 16.02 12.11 -14.30
CA ASN A 115 17.16 11.77 -13.45
C ASN A 115 16.92 11.88 -11.93
N PRO A 116 15.79 12.45 -11.43
CA PRO A 116 15.38 12.24 -10.03
C PRO A 116 15.56 10.79 -9.60
N ASN A 117 15.56 9.88 -10.58
CA ASN A 117 15.95 8.48 -10.38
C ASN A 117 14.90 7.74 -9.55
N GLU A 118 13.63 8.11 -9.71
CA GLU A 118 12.56 7.52 -8.90
C GLU A 118 11.27 7.36 -9.70
N LYS A 119 10.74 6.14 -9.67
CA LYS A 119 9.45 5.82 -10.27
C LYS A 119 8.55 5.21 -9.19
N GLU A 120 7.63 6.01 -8.67
CA GLU A 120 6.80 5.58 -7.54
C GLU A 120 5.74 4.59 -8.01
N VAL A 121 6.03 3.31 -7.80
CA VAL A 121 5.10 2.25 -8.15
C VAL A 121 3.89 2.29 -7.23
N THR A 122 2.84 2.95 -7.68
CA THR A 122 1.61 3.07 -6.90
C THR A 122 0.68 1.90 -7.18
N ILE A 123 0.47 1.08 -6.16
CA ILE A 123 -0.42 -0.06 -6.26
C ILE A 123 -1.86 0.37 -5.94
N ARG A 124 -2.69 0.35 -6.98
CA ARG A 124 -4.10 0.69 -6.87
C ARG A 124 -4.92 -0.58 -6.63
N ALA A 125 -5.36 -0.75 -5.40
CA ALA A 125 -6.14 -1.91 -5.00
C ALA A 125 -7.55 -1.86 -5.62
N GLU A 126 -8.07 -3.03 -6.00
CA GLU A 126 -9.42 -3.14 -6.55
C GLU A 126 -10.43 -2.55 -5.56
N ASP A 127 -10.47 -3.15 -4.38
CA ASP A 127 -11.27 -2.63 -3.28
C ASP A 127 -10.44 -1.62 -2.49
N CYS A 128 -11.01 -0.43 -2.29
CA CYS A 128 -10.29 0.69 -1.69
C CYS A 128 -9.66 0.30 -0.35
N GLY A 129 -8.33 0.29 -0.31
CA GLY A 129 -7.60 -0.01 0.92
C GLY A 129 -7.27 -1.47 1.09
N CYS A 130 -6.40 -2.00 0.23
CA CYS A 130 -5.87 -3.36 0.38
C CYS A 130 -6.99 -4.42 0.38
N ILE A 131 -7.57 -4.66 -0.80
CA ILE A 131 -8.63 -5.66 -0.97
C ILE A 131 -8.31 -6.99 -0.26
N PRO A 132 -7.11 -7.61 -0.48
CA PRO A 132 -6.76 -8.88 0.13
C PRO A 132 -5.91 -8.72 1.39
N GLU A 133 -6.45 -9.14 2.53
CA GLU A 133 -5.73 -9.05 3.80
C GLU A 133 -4.58 -10.05 3.86
N GLU A 134 -4.49 -10.89 2.82
CA GLU A 134 -3.45 -11.91 2.73
C GLU A 134 -2.18 -11.36 2.09
N VAL A 135 -2.25 -10.14 1.56
CA VAL A 135 -1.12 -9.55 0.86
C VAL A 135 0.02 -9.16 1.81
N ILE A 136 -0.29 -9.14 3.10
CA ILE A 136 0.72 -8.83 4.11
C ILE A 136 1.43 -10.12 4.51
N ILE A 137 2.54 -10.39 3.84
CA ILE A 137 3.26 -11.65 4.00
C ILE A 137 3.80 -11.79 5.41
N ALA A 138 4.12 -10.66 6.04
CA ALA A 138 4.58 -10.71 7.42
C ALA A 138 4.35 -9.39 8.16
N LYS A 139 4.37 -9.46 9.48
CA LYS A 139 4.25 -8.28 10.33
C LYS A 139 5.03 -8.50 11.63
N GLU A 140 5.53 -7.40 12.19
CA GLU A 140 6.39 -7.45 13.35
C GLU A 140 6.08 -6.29 14.30
N LEU A 141 6.36 -6.48 15.59
CA LEU A 141 6.25 -5.41 16.57
C LEU A 141 7.62 -5.01 17.06
N ILE A 142 7.79 -3.73 17.38
CA ILE A 142 9.06 -3.22 17.87
C ILE A 142 8.85 -2.19 18.97
N GLU A 143 9.37 -2.50 20.15
CA GLU A 143 9.29 -1.61 21.31
C GLU A 143 10.72 -1.22 21.73
N ILE A 144 11.37 -0.43 20.88
CA ILE A 144 12.72 0.07 21.12
C ILE A 144 13.75 -1.08 21.19
N ASN A 145 14.72 -1.05 20.29
CA ASN A 145 15.77 -2.07 20.24
C ASN A 145 16.84 -1.82 21.30
N LEU A 146 16.92 -0.58 21.78
CA LEU A 146 17.89 -0.21 22.80
C LEU A 146 17.30 -0.48 24.19
N GLU A 147 17.82 -1.52 24.85
CA GLU A 147 17.35 -1.92 26.18
C GLU A 147 15.83 -2.14 26.17
N HIS A 148 15.41 -3.13 25.39
CA HIS A 148 13.98 -3.49 25.29
C HIS A 148 13.44 -3.87 26.68
N HIS A 149 14.34 -4.31 27.54
CA HIS A 149 14.04 -4.54 28.94
C HIS A 149 15.07 -3.78 29.78
N HIS A 150 14.89 -2.47 29.87
CA HIS A 150 15.82 -1.58 30.57
C HIS A 150 16.22 -2.15 31.93
N HIS A 151 17.51 -2.44 32.09
CA HIS A 151 18.01 -3.06 33.31
C HIS A 151 18.25 -2.01 34.38
N HIS A 152 17.30 -1.87 35.30
CA HIS A 152 17.43 -0.93 36.41
C HIS A 152 18.49 -1.43 37.40
N HIS A 153 19.73 -1.06 37.15
CA HIS A 153 20.84 -1.39 38.05
C HIS A 153 20.70 -0.58 39.33
N MET A 1 7.69 -12.88 -11.61
CA MET A 1 7.32 -11.68 -10.84
C MET A 1 8.14 -11.61 -9.55
N GLY A 2 7.91 -10.59 -8.74
CA GLY A 2 8.60 -10.46 -7.46
C GLY A 2 8.98 -9.03 -7.16
N ASN A 3 8.55 -8.54 -5.99
CA ASN A 3 8.88 -7.20 -5.53
C ASN A 3 8.41 -7.01 -4.10
N PHE A 4 9.09 -6.14 -3.37
CA PHE A 4 8.88 -5.97 -1.93
C PHE A 4 7.97 -4.78 -1.63
N LEU A 5 6.95 -5.00 -0.80
CA LEU A 5 6.11 -3.91 -0.30
C LEU A 5 6.32 -3.74 1.20
N TYR A 6 6.46 -2.50 1.64
CA TYR A 6 6.65 -2.21 3.07
C TYR A 6 5.71 -1.10 3.51
N ARG A 7 4.91 -1.38 4.54
CA ARG A 7 4.01 -0.37 5.11
C ARG A 7 3.90 -0.60 6.62
N GLY A 8 4.03 0.47 7.39
CA GLY A 8 3.99 0.36 8.83
C GLY A 8 2.71 0.94 9.41
N ILE A 9 2.36 0.48 10.61
CA ILE A 9 1.13 0.89 11.28
C ILE A 9 1.40 1.22 12.75
N SER A 10 0.73 2.24 13.26
CA SER A 10 0.90 2.67 14.65
C SER A 10 -0.17 2.03 15.54
N CYS A 11 -1.35 1.81 14.97
CA CYS A 11 -2.49 1.29 15.71
C CYS A 11 -2.43 -0.24 15.78
N GLN A 12 -1.28 -0.76 16.21
CA GLN A 12 -1.09 -2.20 16.38
C GLN A 12 -2.17 -2.78 17.28
N GLN A 13 -2.68 -1.92 18.17
CA GLN A 13 -3.69 -2.34 19.13
C GLN A 13 -5.00 -2.65 18.41
N ASP A 14 -5.41 -1.72 17.56
CA ASP A 14 -6.65 -1.86 16.78
C ASP A 14 -6.52 -3.01 15.80
N GLU A 15 -5.31 -3.16 15.24
CA GLU A 15 -5.01 -4.24 14.31
C GLU A 15 -5.26 -5.60 14.98
N GLN A 16 -4.57 -5.85 16.09
CA GLN A 16 -4.69 -7.12 16.80
C GLN A 16 -6.06 -7.24 17.48
N ASN A 17 -6.67 -6.11 17.81
CA ASN A 17 -8.01 -6.10 18.39
C ASN A 17 -9.02 -6.67 17.40
N ASN A 18 -9.06 -6.09 16.20
CA ASN A 18 -9.95 -6.57 15.14
C ASN A 18 -9.44 -7.88 14.56
N GLY A 19 -8.14 -8.12 14.73
CA GLY A 19 -7.52 -9.32 14.19
C GLY A 19 -7.09 -9.11 12.75
N GLN A 20 -7.03 -7.85 12.34
CA GLN A 20 -6.69 -7.48 10.97
C GLN A 20 -6.45 -5.98 10.89
N LEU A 21 -5.45 -5.59 10.10
CA LEU A 21 -5.09 -4.18 9.90
C LEU A 21 -6.05 -3.52 8.90
N LYS A 22 -7.35 -3.71 9.13
CA LYS A 22 -8.38 -3.22 8.22
C LYS A 22 -9.75 -3.35 8.91
N PRO A 23 -10.53 -2.26 8.99
CA PRO A 23 -11.87 -2.29 9.60
C PRO A 23 -12.81 -3.25 8.87
N LYS A 24 -13.03 -2.98 7.59
CA LYS A 24 -13.89 -3.80 6.74
C LYS A 24 -13.82 -3.30 5.30
N GLY A 25 -14.19 -4.16 4.35
CA GLY A 25 -14.19 -3.76 2.96
C GLY A 25 -14.91 -4.77 2.08
N ASN A 26 -15.27 -4.35 0.87
CA ASN A 26 -15.95 -5.22 -0.08
C ASN A 26 -15.78 -4.67 -1.50
N LYS A 27 -15.50 -5.55 -2.46
CA LYS A 27 -15.33 -5.14 -3.85
C LYS A 27 -16.46 -5.71 -4.71
N ALA A 28 -16.65 -5.11 -5.89
CA ALA A 28 -17.74 -5.50 -6.79
C ALA A 28 -17.46 -4.98 -8.19
N GLU A 29 -16.59 -5.68 -8.92
CA GLU A 29 -16.23 -5.29 -10.27
C GLU A 29 -17.40 -5.49 -11.22
N VAL A 30 -18.24 -4.47 -11.35
CA VAL A 30 -19.39 -4.51 -12.25
C VAL A 30 -19.45 -3.24 -13.10
N ALA A 31 -18.35 -2.49 -13.11
CA ALA A 31 -18.26 -1.25 -13.86
C ALA A 31 -16.81 -0.81 -14.03
N ILE A 32 -16.61 0.34 -14.66
CA ILE A 32 -15.28 0.93 -14.89
C ILE A 32 -14.43 0.04 -15.81
N ARG A 33 -13.47 0.66 -16.50
CA ARG A 33 -12.54 -0.05 -17.36
C ARG A 33 -11.48 0.91 -17.91
N TYR A 34 -10.32 0.93 -17.26
CA TYR A 34 -9.19 1.74 -17.74
C TYR A 34 -8.36 0.92 -18.72
N ASP A 35 -8.07 -0.32 -18.34
CA ASP A 35 -7.31 -1.25 -19.16
C ASP A 35 -5.89 -0.72 -19.42
N GLY A 36 -5.22 -1.26 -20.43
CA GLY A 36 -3.87 -0.83 -20.76
C GLY A 36 -2.88 -1.12 -19.65
N LYS A 37 -2.67 -0.15 -18.78
CA LYS A 37 -1.73 -0.29 -17.68
C LYS A 37 -2.36 -1.08 -16.52
N PHE A 38 -3.61 -0.75 -16.22
CA PHE A 38 -4.32 -1.37 -15.10
C PHE A 38 -5.81 -1.49 -15.44
N LYS A 39 -6.40 -2.61 -15.04
CA LYS A 39 -7.80 -2.91 -15.34
C LYS A 39 -8.72 -1.79 -14.83
N TYR A 40 -8.68 -1.56 -13.51
CA TYR A 40 -9.51 -0.56 -12.87
C TYR A 40 -10.99 -0.88 -13.01
N ASP A 41 -11.46 -1.80 -12.18
CA ASP A 41 -12.88 -2.11 -12.06
C ASP A 41 -13.30 -1.97 -10.59
N GLY A 42 -12.62 -2.73 -9.72
CA GLY A 42 -12.77 -2.56 -8.28
C GLY A 42 -14.18 -2.75 -7.75
N LYS A 43 -14.97 -1.68 -7.79
CA LYS A 43 -16.30 -1.68 -7.17
C LYS A 43 -17.19 -0.61 -7.79
N ALA A 44 -18.50 -0.83 -7.71
CA ALA A 44 -19.49 0.14 -8.18
C ALA A 44 -20.81 -0.08 -7.47
N THR A 45 -21.21 -1.35 -7.37
CA THR A 45 -22.45 -1.75 -6.70
C THR A 45 -22.53 -1.18 -5.28
N HIS A 46 -23.40 -0.17 -5.11
CA HIS A 46 -23.63 0.45 -3.81
C HIS A 46 -22.32 0.96 -3.19
N GLY A 47 -21.39 1.33 -4.06
CA GLY A 47 -20.11 1.84 -3.61
C GLY A 47 -19.62 2.97 -4.49
N PRO A 48 -20.28 4.14 -4.45
CA PRO A 48 -19.91 5.29 -5.28
C PRO A 48 -18.67 6.01 -4.73
N SER A 49 -18.64 6.17 -3.42
CA SER A 49 -17.60 6.94 -2.74
C SER A 49 -16.32 6.11 -2.60
N VAL A 50 -15.65 5.86 -3.72
CA VAL A 50 -14.38 5.14 -3.73
C VAL A 50 -13.69 5.25 -5.09
N LYS A 51 -14.43 4.96 -6.16
CA LYS A 51 -13.86 4.86 -7.51
C LYS A 51 -13.18 6.16 -7.96
N ASN A 52 -13.88 6.96 -8.77
CA ASN A 52 -13.33 8.22 -9.26
C ASN A 52 -13.10 9.18 -8.09
N ALA A 53 -13.83 8.93 -7.00
CA ALA A 53 -13.67 9.70 -5.77
C ALA A 53 -12.22 9.62 -5.29
N VAL A 54 -11.79 8.44 -4.87
CA VAL A 54 -10.44 8.28 -4.32
C VAL A 54 -9.40 8.51 -5.40
N TYR A 55 -9.71 8.14 -6.64
CA TYR A 55 -8.77 8.32 -7.75
C TYR A 55 -8.50 9.80 -8.00
N ALA A 56 -9.54 10.54 -8.41
CA ALA A 56 -9.40 11.96 -8.72
C ALA A 56 -8.85 12.73 -7.53
N HIS A 57 -9.38 12.43 -6.34
CA HIS A 57 -8.95 13.10 -5.11
C HIS A 57 -7.46 12.89 -4.88
N GLN A 58 -7.03 11.62 -4.86
CA GLN A 58 -5.65 11.26 -4.53
C GLN A 58 -4.69 11.89 -5.54
N ILE A 59 -5.09 11.92 -6.81
CA ILE A 59 -4.25 12.48 -7.86
C ILE A 59 -4.15 14.00 -7.73
N GLU A 60 -5.25 14.64 -7.33
CA GLU A 60 -5.29 16.11 -7.24
C GLU A 60 -4.69 16.62 -5.92
N THR A 61 -4.68 15.77 -4.90
CA THR A 61 -4.14 16.16 -3.59
C THR A 61 -2.64 15.90 -3.52
N GLY A 62 -2.26 14.69 -3.90
CA GLY A 62 -0.86 14.28 -3.87
C GLY A 62 -0.73 12.78 -3.98
N LEU A 63 -1.11 12.09 -2.92
CA LEU A 63 -1.15 10.63 -2.89
C LEU A 63 -2.07 10.14 -1.77
N TYR A 64 -3.38 10.25 -2.03
CA TYR A 64 -4.45 9.76 -1.15
C TYR A 64 -4.23 10.15 0.33
N ASP A 65 -3.51 9.29 1.04
CA ASP A 65 -3.41 9.34 2.50
C ASP A 65 -2.80 8.05 3.04
N GLY A 66 -3.29 6.91 2.53
CA GLY A 66 -2.81 5.61 2.96
C GLY A 66 -3.70 4.46 2.51
N CYS A 67 -4.87 4.79 1.94
CA CYS A 67 -5.81 3.78 1.44
C CYS A 67 -5.16 2.87 0.39
N TYR A 68 -4.17 3.42 -0.32
CA TYR A 68 -3.40 2.69 -1.34
C TYR A 68 -1.94 2.65 -0.93
N ILE A 69 -1.15 1.77 -1.52
CA ILE A 69 0.26 1.67 -1.14
C ILE A 69 1.18 1.93 -2.33
N SER A 70 2.00 2.96 -2.22
CA SER A 70 2.98 3.29 -3.25
C SER A 70 4.35 2.77 -2.85
N THR A 71 5.01 2.08 -3.77
CA THR A 71 6.34 1.57 -3.55
C THR A 71 7.33 2.17 -4.54
N THR A 72 8.60 1.94 -4.32
CA THR A 72 9.65 2.43 -5.21
C THR A 72 10.48 1.26 -5.70
N THR A 73 11.07 1.40 -6.89
CA THR A 73 11.94 0.37 -7.44
C THR A 73 13.13 0.09 -6.52
N ASP A 74 13.35 0.99 -5.56
CA ASP A 74 14.44 0.87 -4.61
C ASP A 74 13.99 0.02 -3.42
N LYS A 75 14.51 -1.19 -3.34
CA LYS A 75 14.16 -2.13 -2.27
C LYS A 75 14.51 -1.56 -0.89
N GLU A 76 15.37 -0.54 -0.86
CA GLU A 76 15.80 0.08 0.40
C GLU A 76 14.72 1.03 0.92
N ILE A 77 13.64 1.17 0.13
CA ILE A 77 12.49 1.99 0.52
C ILE A 77 12.00 1.60 1.92
N ALA A 78 12.20 0.34 2.27
CA ALA A 78 11.72 -0.22 3.54
C ALA A 78 12.23 0.57 4.73
N LYS A 79 13.56 0.63 4.87
CA LYS A 79 14.19 1.25 6.02
C LYS A 79 14.00 2.77 5.96
N LYS A 80 14.09 3.30 4.74
CA LYS A 80 13.93 4.74 4.52
C LYS A 80 12.53 5.17 4.94
N PHE A 81 11.53 4.40 4.53
CA PHE A 81 10.13 4.70 4.85
C PHE A 81 9.92 4.63 6.35
N ALA A 82 10.39 3.55 6.95
CA ALA A 82 10.23 3.33 8.39
C ALA A 82 10.78 4.52 9.18
N THR A 83 12.03 4.89 8.93
CA THR A 83 12.66 6.00 9.63
C THR A 83 11.95 7.32 9.34
N SER A 84 11.46 7.49 8.10
CA SER A 84 10.74 8.70 7.72
C SER A 84 9.42 8.82 8.49
N SER A 85 8.86 7.67 8.87
CA SER A 85 7.60 7.65 9.60
C SER A 85 7.86 7.59 11.11
N GLY A 86 9.13 7.58 11.50
CA GLY A 86 9.48 7.41 12.90
C GLY A 86 8.90 6.12 13.44
N ILE A 87 8.96 5.09 12.62
CA ILE A 87 8.31 3.81 12.91
C ILE A 87 9.12 2.99 13.94
N GLU A 88 10.33 3.46 14.22
CA GLU A 88 11.25 2.81 15.18
C GLU A 88 10.51 2.33 16.43
N ASN A 89 9.42 3.00 16.80
CA ASN A 89 8.56 2.55 17.90
C ASN A 89 7.13 2.38 17.40
N GLY A 90 6.81 1.17 16.95
CA GLY A 90 5.48 0.91 16.40
C GLY A 90 5.38 -0.48 15.78
N TYR A 91 4.51 -0.61 14.79
CA TYR A 91 4.28 -1.89 14.12
C TYR A 91 4.56 -1.73 12.62
N ILE A 92 5.01 -2.79 11.98
CA ILE A 92 5.29 -2.76 10.53
C ILE A 92 4.87 -4.06 9.88
N TYR A 93 4.36 -3.98 8.66
CA TYR A 93 3.99 -5.18 7.90
C TYR A 93 4.55 -5.13 6.49
N VAL A 94 4.95 -6.30 5.99
CA VAL A 94 5.54 -6.43 4.66
C VAL A 94 4.68 -7.35 3.78
N LEU A 95 4.53 -6.93 2.52
CA LEU A 95 3.61 -7.57 1.58
C LEU A 95 4.34 -7.95 0.29
N ASN A 96 3.97 -9.09 -0.29
CA ASN A 96 4.50 -9.51 -1.59
C ASN A 96 3.76 -8.78 -2.72
N ARG A 97 4.48 -7.93 -3.45
CA ARG A 97 3.86 -7.11 -4.49
C ARG A 97 3.41 -7.97 -5.67
N ASP A 98 4.17 -9.02 -5.93
CA ASP A 98 3.88 -9.95 -7.03
C ASP A 98 2.52 -10.59 -6.84
N LEU A 99 2.07 -10.69 -5.59
CA LEU A 99 0.76 -11.24 -5.29
C LEU A 99 -0.33 -10.36 -5.91
N PHE A 100 -0.19 -9.04 -5.71
CA PHE A 100 -1.12 -8.08 -6.31
C PHE A 100 -1.08 -8.19 -7.84
N GLY A 101 0.12 -8.41 -8.37
CA GLY A 101 0.29 -8.60 -9.79
C GLY A 101 -0.50 -9.78 -10.31
N GLN A 102 -0.45 -10.88 -9.56
CA GLN A 102 -1.22 -12.09 -9.90
C GLN A 102 -2.71 -11.80 -9.79
N TYR A 103 -3.08 -11.04 -8.77
CA TYR A 103 -4.47 -10.65 -8.55
C TYR A 103 -4.92 -9.63 -9.60
N SER A 104 -3.93 -9.00 -10.25
CA SER A 104 -4.16 -8.00 -11.29
C SER A 104 -4.75 -6.72 -10.68
N ILE A 105 -4.22 -6.36 -9.51
CA ILE A 105 -4.61 -5.12 -8.83
C ILE A 105 -4.08 -3.93 -9.63
N PHE A 106 -4.64 -2.74 -9.40
CA PHE A 106 -4.34 -1.61 -10.27
C PHE A 106 -2.98 -1.02 -9.88
N GLU A 107 -1.95 -1.39 -10.63
CA GLU A 107 -0.60 -0.93 -10.36
C GLU A 107 -0.22 0.17 -11.36
N TYR A 108 -0.32 1.41 -10.92
CA TYR A 108 -0.01 2.54 -11.78
C TYR A 108 1.39 3.07 -11.48
N GLU A 109 2.26 2.97 -12.46
CA GLU A 109 3.64 3.40 -12.32
C GLU A 109 3.77 4.89 -12.60
N VAL A 110 4.57 5.56 -11.78
CA VAL A 110 4.97 6.94 -12.04
C VAL A 110 6.47 7.05 -11.78
N GLU A 111 7.14 7.87 -12.56
CA GLU A 111 8.55 8.14 -12.32
C GLU A 111 8.76 9.63 -12.15
N HIS A 112 9.69 9.97 -11.30
CA HIS A 112 10.08 11.34 -11.07
C HIS A 112 11.02 11.78 -12.21
N PRO A 113 11.35 13.09 -12.31
CA PRO A 113 12.29 13.60 -13.33
C PRO A 113 13.55 12.74 -13.47
N GLU A 114 14.33 13.04 -14.50
CA GLU A 114 15.47 12.22 -14.91
C GLU A 114 16.40 11.80 -13.75
N ASN A 115 16.88 12.76 -12.96
CA ASN A 115 17.95 12.46 -12.00
C ASN A 115 17.51 12.22 -10.56
N PRO A 116 16.28 12.61 -10.13
CA PRO A 116 15.68 12.07 -8.90
C PRO A 116 15.96 10.57 -8.75
N ASN A 117 16.15 9.91 -9.90
CA ASN A 117 16.75 8.58 -10.01
C ASN A 117 15.78 7.47 -9.62
N GLU A 118 14.63 7.82 -9.03
CA GLU A 118 13.70 6.82 -8.52
C GLU A 118 12.38 6.79 -9.30
N LYS A 119 11.68 5.66 -9.19
CA LYS A 119 10.40 5.45 -9.85
C LYS A 119 9.40 4.90 -8.83
N GLU A 120 8.28 5.61 -8.66
CA GLU A 120 7.28 5.26 -7.65
C GLU A 120 6.06 4.61 -8.30
N VAL A 121 5.83 3.33 -7.97
CA VAL A 121 4.69 2.59 -8.49
C VAL A 121 3.59 2.51 -7.44
N THR A 122 2.47 3.15 -7.69
CA THR A 122 1.34 3.12 -6.77
C THR A 122 0.52 1.85 -6.96
N ILE A 123 0.47 1.05 -5.90
CA ILE A 123 -0.37 -0.14 -5.90
C ILE A 123 -1.76 0.24 -5.41
N ARG A 124 -2.65 0.44 -6.38
CA ARG A 124 -4.03 0.81 -6.14
C ARG A 124 -4.89 -0.45 -5.99
N ALA A 125 -5.21 -0.76 -4.75
CA ALA A 125 -6.03 -1.91 -4.41
C ALA A 125 -7.48 -1.69 -4.86
N GLU A 126 -8.17 -2.79 -5.13
CA GLU A 126 -9.58 -2.72 -5.52
C GLU A 126 -10.40 -2.08 -4.41
N ASP A 127 -10.10 -2.46 -3.17
CA ASP A 127 -10.74 -1.88 -1.99
C ASP A 127 -9.67 -1.32 -1.05
N CYS A 128 -9.99 -0.22 -0.39
CA CYS A 128 -9.01 0.51 0.42
C CYS A 128 -8.53 -0.33 1.60
N GLY A 129 -7.21 -0.34 1.80
CA GLY A 129 -6.64 -1.00 2.95
C GLY A 129 -6.56 -2.51 2.81
N CYS A 130 -5.67 -2.98 1.94
CA CYS A 130 -5.31 -4.40 1.85
C CYS A 130 -6.52 -5.31 1.60
N ILE A 131 -7.05 -5.27 0.37
CA ILE A 131 -8.13 -6.18 -0.06
C ILE A 131 -7.84 -7.63 0.40
N PRO A 132 -6.67 -8.21 0.05
CA PRO A 132 -6.31 -9.56 0.44
C PRO A 132 -5.44 -9.60 1.70
N GLU A 133 -5.98 -10.18 2.76
CA GLU A 133 -5.27 -10.26 4.04
C GLU A 133 -4.04 -11.15 3.93
N GLU A 134 -4.05 -12.05 2.95
CA GLU A 134 -2.96 -13.00 2.75
C GLU A 134 -1.75 -12.34 2.08
N VAL A 135 -1.95 -11.15 1.52
CA VAL A 135 -0.89 -10.45 0.80
C VAL A 135 0.19 -9.95 1.76
N ILE A 136 -0.14 -9.91 3.05
CA ILE A 136 0.78 -9.50 4.08
C ILE A 136 1.58 -10.72 4.53
N ILE A 137 2.73 -10.91 3.88
CA ILE A 137 3.55 -12.10 4.10
C ILE A 137 4.14 -12.11 5.49
N ALA A 138 4.35 -10.93 6.06
CA ALA A 138 4.85 -10.84 7.43
C ALA A 138 4.49 -9.52 8.09
N LYS A 139 4.49 -9.53 9.42
CA LYS A 139 4.27 -8.33 10.21
C LYS A 139 5.01 -8.45 11.54
N GLU A 140 5.59 -7.34 11.99
CA GLU A 140 6.50 -7.34 13.13
C GLU A 140 6.26 -6.11 14.00
N LEU A 141 6.72 -6.19 15.24
CA LEU A 141 6.66 -5.08 16.18
C LEU A 141 8.06 -4.57 16.49
N ILE A 142 8.18 -3.28 16.77
CA ILE A 142 9.46 -2.67 17.09
C ILE A 142 9.31 -1.62 18.19
N GLU A 143 10.25 -1.60 19.14
CA GLU A 143 10.20 -0.67 20.27
C GLU A 143 11.51 0.14 20.36
N ILE A 144 12.13 0.39 19.20
CA ILE A 144 13.47 0.98 19.14
C ILE A 144 14.48 0.07 19.83
N ASN A 145 14.47 0.10 21.16
CA ASN A 145 15.33 -0.77 21.99
C ASN A 145 16.80 -0.61 21.63
N LEU A 146 17.38 0.53 21.99
CA LEU A 146 18.77 0.84 21.65
C LEU A 146 19.70 0.33 22.76
N GLU A 147 19.49 0.81 23.98
CA GLU A 147 20.35 0.45 25.11
C GLU A 147 19.72 -0.68 25.93
N HIS A 148 18.57 -1.16 25.47
CA HIS A 148 17.80 -2.21 26.14
C HIS A 148 17.14 -1.66 27.41
N HIS A 149 17.97 -1.28 28.38
CA HIS A 149 17.49 -0.66 29.61
C HIS A 149 18.50 0.40 30.06
N HIS A 150 18.00 1.54 30.55
CA HIS A 150 18.86 2.65 30.97
C HIS A 150 19.46 2.40 32.35
N HIS A 151 20.12 1.26 32.50
CA HIS A 151 20.77 0.88 33.75
C HIS A 151 22.08 1.66 33.90
N HIS A 152 22.04 2.75 34.66
CA HIS A 152 23.18 3.65 34.81
C HIS A 152 24.31 3.00 35.63
N HIS A 153 23.97 2.45 36.79
CA HIS A 153 24.95 1.85 37.67
C HIS A 153 24.31 0.74 38.50
N MET A 1 9.20 -14.00 -7.50
CA MET A 1 8.87 -13.46 -6.16
C MET A 1 8.93 -11.94 -6.17
N GLY A 2 7.99 -11.31 -5.48
CA GLY A 2 7.97 -9.85 -5.38
C GLY A 2 9.20 -9.31 -4.70
N ASN A 3 9.57 -8.08 -5.01
CA ASN A 3 10.78 -7.45 -4.48
C ASN A 3 10.56 -6.90 -3.07
N PHE A 4 9.62 -7.50 -2.33
CA PHE A 4 9.34 -7.13 -0.95
C PHE A 4 8.75 -5.72 -0.84
N LEU A 5 7.47 -5.64 -0.46
CA LEU A 5 6.82 -4.36 -0.25
C LEU A 5 6.79 -4.05 1.24
N TYR A 6 7.32 -2.90 1.61
CA TYR A 6 7.46 -2.53 3.01
C TYR A 6 6.60 -1.32 3.35
N ARG A 7 5.72 -1.46 4.34
CA ARG A 7 4.92 -0.34 4.83
C ARG A 7 4.71 -0.51 6.33
N GLY A 8 4.42 0.58 7.03
CA GLY A 8 4.26 0.52 8.48
C GLY A 8 2.90 1.01 8.94
N ILE A 9 2.49 0.54 10.11
CA ILE A 9 1.24 0.98 10.74
C ILE A 9 1.54 1.83 11.96
N SER A 10 0.72 2.84 12.19
CA SER A 10 0.95 3.82 13.23
C SER A 10 0.78 3.23 14.63
N CYS A 11 -0.16 2.29 14.78
CA CYS A 11 -0.46 1.68 16.05
C CYS A 11 -1.62 0.71 15.91
N GLN A 12 -1.67 -0.27 16.81
CA GLN A 12 -2.80 -1.20 16.89
C GLN A 12 -4.09 -0.44 17.12
N GLN A 13 -4.00 0.68 17.83
CA GLN A 13 -5.14 1.57 18.05
C GLN A 13 -5.62 2.12 16.71
N ASP A 14 -4.67 2.49 15.86
CA ASP A 14 -4.96 3.00 14.53
C ASP A 14 -5.64 1.92 13.69
N GLU A 15 -5.13 0.69 13.80
CA GLU A 15 -5.74 -0.46 13.11
C GLU A 15 -7.21 -0.59 13.51
N GLN A 16 -7.45 -0.77 14.80
CA GLN A 16 -8.82 -0.96 15.32
C GLN A 16 -9.72 0.20 14.94
N ASN A 17 -9.20 1.42 15.03
CA ASN A 17 -9.96 2.62 14.67
C ASN A 17 -10.27 2.65 13.18
N ASN A 18 -9.37 2.08 12.38
CA ASN A 18 -9.52 2.04 10.93
C ASN A 18 -10.31 0.82 10.49
N GLY A 19 -10.48 -0.14 11.39
CA GLY A 19 -11.22 -1.35 11.07
C GLY A 19 -10.34 -2.44 10.51
N GLN A 20 -9.12 -2.52 11.05
CA GLN A 20 -8.14 -3.53 10.69
C GLN A 20 -7.57 -3.28 9.30
N LEU A 21 -6.59 -2.37 9.23
CA LEU A 21 -5.94 -1.99 7.98
C LEU A 21 -6.92 -1.30 7.03
N LYS A 22 -7.81 -0.49 7.62
CA LYS A 22 -8.83 0.26 6.88
C LYS A 22 -9.94 -0.69 6.38
N PRO A 23 -11.17 -0.16 6.19
CA PRO A 23 -12.30 -0.97 5.72
C PRO A 23 -12.12 -1.43 4.27
N LYS A 24 -12.06 -2.74 4.08
CA LYS A 24 -11.90 -3.33 2.75
C LYS A 24 -13.23 -3.35 1.99
N GLY A 25 -13.22 -3.96 0.80
CA GLY A 25 -14.44 -4.06 0.02
C GLY A 25 -14.17 -4.44 -1.42
N ASN A 26 -14.97 -3.86 -2.33
CA ASN A 26 -14.91 -4.20 -3.76
C ASN A 26 -15.67 -3.13 -4.56
N LYS A 27 -15.35 -2.99 -5.86
CA LYS A 27 -15.98 -1.98 -6.71
C LYS A 27 -16.53 -2.61 -8.00
N ALA A 28 -15.75 -3.48 -8.63
CA ALA A 28 -16.14 -4.14 -9.87
C ALA A 28 -15.94 -5.66 -9.77
N GLU A 29 -15.55 -6.29 -10.88
CA GLU A 29 -15.35 -7.74 -10.93
C GLU A 29 -14.79 -8.10 -12.30
N VAL A 30 -15.52 -7.70 -13.33
CA VAL A 30 -15.05 -7.79 -14.72
C VAL A 30 -14.17 -6.57 -15.02
N ALA A 31 -13.93 -6.27 -16.30
CA ALA A 31 -13.12 -5.11 -16.67
C ALA A 31 -13.63 -3.82 -16.01
N ILE A 32 -12.78 -2.81 -16.01
CA ILE A 32 -13.04 -1.56 -15.30
C ILE A 32 -13.19 -0.39 -16.28
N ARG A 33 -13.75 0.72 -15.80
CA ARG A 33 -13.75 1.96 -16.55
C ARG A 33 -12.58 2.83 -16.07
N TYR A 34 -11.49 2.82 -16.84
CA TYR A 34 -10.32 3.65 -16.58
C TYR A 34 -9.43 3.65 -17.81
N ASP A 35 -9.50 4.72 -18.58
CA ASP A 35 -8.76 4.81 -19.84
C ASP A 35 -7.33 5.29 -19.60
N GLY A 36 -6.56 5.39 -20.68
CA GLY A 36 -5.17 5.80 -20.59
C GLY A 36 -4.21 4.63 -20.78
N LYS A 37 -3.18 4.56 -19.94
CA LYS A 37 -2.18 3.50 -20.03
C LYS A 37 -2.82 2.12 -19.94
N PHE A 38 -3.76 1.97 -19.00
CA PHE A 38 -4.45 0.70 -18.79
C PHE A 38 -5.50 0.46 -19.86
N LYS A 39 -6.10 1.55 -20.37
CA LYS A 39 -7.10 1.48 -21.43
C LYS A 39 -8.23 0.51 -21.09
N TYR A 40 -8.75 0.62 -19.86
CA TYR A 40 -9.89 -0.20 -19.44
C TYR A 40 -11.19 0.49 -19.86
N ASP A 41 -12.03 -0.23 -20.59
CA ASP A 41 -13.24 0.35 -21.18
C ASP A 41 -14.44 0.28 -20.23
N GLY A 42 -15.28 -0.75 -20.38
CA GLY A 42 -16.54 -0.77 -19.67
C GLY A 42 -16.51 -1.58 -18.39
N LYS A 43 -16.86 -0.93 -17.27
CA LYS A 43 -17.01 -1.61 -15.99
C LYS A 43 -18.34 -2.36 -15.96
N ALA A 44 -18.36 -3.52 -16.61
CA ALA A 44 -19.57 -4.34 -16.75
C ALA A 44 -20.58 -3.65 -17.68
N THR A 45 -21.18 -2.58 -17.19
CA THR A 45 -22.16 -1.81 -17.97
C THR A 45 -22.23 -0.37 -17.45
N HIS A 46 -22.63 -0.22 -16.19
CA HIS A 46 -22.79 1.09 -15.58
C HIS A 46 -22.27 1.07 -14.14
N GLY A 47 -21.69 2.17 -13.72
CA GLY A 47 -21.17 2.28 -12.36
C GLY A 47 -19.96 3.18 -12.27
N PRO A 48 -20.15 4.46 -11.89
CA PRO A 48 -19.05 5.43 -11.73
C PRO A 48 -18.17 5.04 -10.55
N SER A 49 -18.79 4.38 -9.58
CA SER A 49 -18.11 3.96 -8.37
C SER A 49 -17.11 2.85 -8.71
N VAL A 50 -15.88 3.25 -8.99
CA VAL A 50 -14.82 2.33 -9.38
C VAL A 50 -13.48 3.06 -9.51
N LYS A 51 -12.51 2.39 -10.14
CA LYS A 51 -11.18 2.94 -10.35
C LYS A 51 -11.22 4.36 -10.86
N ASN A 52 -12.03 4.62 -11.89
CA ASN A 52 -12.14 5.97 -12.48
C ASN A 52 -12.26 7.05 -11.39
N ALA A 53 -13.26 6.87 -10.51
CA ALA A 53 -13.54 7.83 -9.46
C ALA A 53 -12.40 7.91 -8.44
N VAL A 54 -12.05 6.76 -7.87
CA VAL A 54 -11.03 6.71 -6.81
C VAL A 54 -9.67 7.19 -7.35
N TYR A 55 -9.42 6.93 -8.63
CA TYR A 55 -8.18 7.35 -9.30
C TYR A 55 -8.15 8.88 -9.35
N ALA A 56 -9.17 9.45 -9.99
CA ALA A 56 -9.27 10.89 -10.18
C ALA A 56 -9.10 11.63 -8.86
N HIS A 57 -9.78 11.14 -7.82
CA HIS A 57 -9.70 11.74 -6.49
C HIS A 57 -8.27 11.61 -5.93
N GLN A 58 -7.69 10.41 -6.03
CA GLN A 58 -6.39 10.11 -5.45
C GLN A 58 -5.29 10.97 -6.07
N ILE A 59 -5.36 11.16 -7.39
CA ILE A 59 -4.34 11.88 -8.12
C ILE A 59 -4.55 13.40 -8.05
N GLU A 60 -5.81 13.83 -8.15
CA GLU A 60 -6.12 15.25 -8.14
C GLU A 60 -5.79 15.87 -6.79
N THR A 61 -6.27 15.25 -5.72
CA THR A 61 -6.02 15.77 -4.38
C THR A 61 -4.64 15.37 -3.87
N GLY A 62 -4.09 14.30 -4.45
CA GLY A 62 -2.75 13.86 -4.08
C GLY A 62 -2.72 13.15 -2.74
N LEU A 63 -3.18 11.91 -2.72
CA LEU A 63 -3.20 11.11 -1.49
C LEU A 63 -3.01 9.62 -1.82
N TYR A 64 -1.87 9.32 -2.43
CA TYR A 64 -1.55 7.96 -2.85
C TYR A 64 -1.31 7.06 -1.65
N ASP A 65 -0.95 7.66 -0.52
CA ASP A 65 -0.66 6.92 0.71
C ASP A 65 -1.93 6.38 1.36
N GLY A 66 -3.08 6.87 0.89
CA GLY A 66 -4.35 6.51 1.50
C GLY A 66 -4.86 5.14 1.08
N CYS A 67 -5.68 5.10 0.03
CA CYS A 67 -6.36 3.88 -0.40
C CYS A 67 -5.39 2.86 -1.00
N TYR A 68 -4.37 3.36 -1.69
CA TYR A 68 -3.45 2.50 -2.45
C TYR A 68 -2.21 2.16 -1.64
N ILE A 69 -1.54 1.07 -2.02
CA ILE A 69 -0.31 0.67 -1.36
C ILE A 69 0.87 1.34 -2.06
N SER A 70 1.33 2.44 -1.51
CA SER A 70 2.43 3.21 -2.08
C SER A 70 3.77 2.60 -1.67
N THR A 71 4.56 2.16 -2.65
CA THR A 71 5.86 1.56 -2.38
C THR A 71 6.90 2.02 -3.41
N THR A 72 8.17 1.98 -3.02
CA THR A 72 9.26 2.35 -3.92
C THR A 72 9.73 1.13 -4.72
N THR A 73 10.33 1.40 -5.88
CA THR A 73 10.82 0.34 -6.77
C THR A 73 11.96 -0.45 -6.12
N ASP A 74 12.77 0.23 -5.31
CA ASP A 74 13.94 -0.38 -4.69
C ASP A 74 13.57 -1.02 -3.36
N LYS A 75 14.04 -2.25 -3.15
CA LYS A 75 13.78 -3.00 -1.91
C LYS A 75 14.43 -2.29 -0.72
N GLU A 76 15.41 -1.43 -1.00
CA GLU A 76 16.11 -0.67 0.04
C GLU A 76 15.18 0.34 0.72
N ILE A 77 13.93 0.41 0.24
CA ILE A 77 12.91 1.27 0.82
C ILE A 77 12.70 0.94 2.30
N ALA A 78 12.96 -0.31 2.67
CA ALA A 78 12.65 -0.82 4.01
C ALA A 78 13.24 0.05 5.12
N LYS A 79 14.57 0.12 5.14
CA LYS A 79 15.29 0.83 6.18
C LYS A 79 15.02 2.32 6.06
N LYS A 80 15.07 2.82 4.83
CA LYS A 80 14.92 4.25 4.55
C LYS A 80 13.55 4.73 5.02
N PHE A 81 12.52 3.93 4.72
CA PHE A 81 11.15 4.30 5.04
C PHE A 81 10.91 4.25 6.54
N ALA A 82 11.26 3.11 7.14
CA ALA A 82 11.03 2.89 8.56
C ALA A 82 11.71 3.96 9.41
N THR A 83 12.95 4.32 9.05
CA THR A 83 13.69 5.31 9.82
C THR A 83 13.19 6.73 9.55
N SER A 84 13.09 7.09 8.28
CA SER A 84 12.72 8.46 7.90
C SER A 84 11.30 8.81 8.36
N SER A 85 10.45 7.80 8.50
CA SER A 85 9.05 8.04 8.84
C SER A 85 8.85 7.99 10.36
N GLY A 86 9.94 7.76 11.09
CA GLY A 86 9.88 7.72 12.55
C GLY A 86 9.12 6.52 13.07
N ILE A 87 9.20 5.41 12.35
CA ILE A 87 8.52 4.17 12.73
C ILE A 87 9.22 3.52 13.93
N GLU A 88 10.38 4.09 14.29
CA GLU A 88 11.18 3.69 15.47
C GLU A 88 10.35 3.09 16.60
N ASN A 89 9.15 3.65 16.82
CA ASN A 89 8.22 3.12 17.82
C ASN A 89 6.84 2.94 17.17
N GLY A 90 6.59 1.76 16.61
CA GLY A 90 5.33 1.52 15.93
C GLY A 90 5.22 0.11 15.37
N TYR A 91 4.34 -0.05 14.39
CA TYR A 91 4.05 -1.36 13.79
C TYR A 91 4.44 -1.36 12.31
N ILE A 92 4.76 -2.55 11.78
CA ILE A 92 5.19 -2.69 10.40
C ILE A 92 4.43 -3.85 9.73
N TYR A 93 4.05 -3.67 8.46
CA TYR A 93 3.46 -4.75 7.68
C TYR A 93 4.12 -4.85 6.30
N VAL A 94 4.45 -6.08 5.90
CA VAL A 94 5.14 -6.33 4.64
C VAL A 94 4.31 -7.24 3.74
N LEU A 95 4.24 -6.85 2.46
CA LEU A 95 3.39 -7.49 1.46
C LEU A 95 4.23 -7.98 0.28
N ASN A 96 3.87 -9.13 -0.28
CA ASN A 96 4.54 -9.65 -1.47
C ASN A 96 3.96 -8.99 -2.73
N ARG A 97 4.84 -8.40 -3.55
CA ARG A 97 4.40 -7.64 -4.71
C ARG A 97 3.84 -8.56 -5.81
N ASP A 98 4.52 -9.67 -6.09
CA ASP A 98 4.11 -10.56 -7.18
C ASP A 98 2.76 -11.19 -6.86
N LEU A 99 2.42 -11.24 -5.57
CA LEU A 99 1.12 -11.74 -5.13
C LEU A 99 0.02 -10.81 -5.63
N PHE A 100 0.33 -9.52 -5.73
CA PHE A 100 -0.58 -8.53 -6.29
C PHE A 100 -0.77 -8.81 -7.78
N GLY A 101 0.34 -9.08 -8.47
CA GLY A 101 0.29 -9.42 -9.88
C GLY A 101 -0.59 -10.63 -10.12
N GLN A 102 -0.47 -11.63 -9.25
CA GLN A 102 -1.32 -12.81 -9.30
C GLN A 102 -2.78 -12.41 -9.04
N TYR A 103 -2.97 -11.55 -8.05
CA TYR A 103 -4.30 -11.02 -7.71
C TYR A 103 -4.86 -10.22 -8.87
N SER A 104 -3.97 -9.74 -9.74
CA SER A 104 -4.33 -8.91 -10.89
C SER A 104 -4.73 -7.52 -10.43
N ILE A 105 -4.23 -7.15 -9.24
CA ILE A 105 -4.45 -5.81 -8.70
C ILE A 105 -3.64 -4.80 -9.50
N PHE A 106 -4.14 -3.58 -9.63
CA PHE A 106 -3.61 -2.64 -10.60
C PHE A 106 -2.32 -2.01 -10.10
N GLU A 107 -1.20 -2.45 -10.67
CA GLU A 107 0.11 -1.90 -10.32
C GLU A 107 0.40 -0.71 -11.24
N TYR A 108 0.39 0.50 -10.67
CA TYR A 108 0.59 1.71 -11.45
C TYR A 108 1.65 2.59 -10.81
N GLU A 109 2.62 2.99 -11.61
CA GLU A 109 3.77 3.74 -11.11
C GLU A 109 3.74 5.18 -11.62
N VAL A 110 4.39 6.05 -10.87
CA VAL A 110 4.57 7.44 -11.26
C VAL A 110 6.04 7.82 -11.13
N GLU A 111 6.52 8.68 -12.01
CA GLU A 111 7.91 9.09 -11.99
C GLU A 111 8.03 10.56 -11.63
N HIS A 112 8.98 10.84 -10.75
CA HIS A 112 9.31 12.22 -10.35
C HIS A 112 10.19 12.84 -11.45
N PRO A 113 10.73 14.08 -11.25
CA PRO A 113 11.65 14.69 -12.23
C PRO A 113 12.76 13.74 -12.69
N GLU A 114 13.49 14.17 -13.72
CA GLU A 114 14.44 13.31 -14.43
C GLU A 114 15.39 12.54 -13.52
N ASN A 115 16.27 13.26 -12.81
CA ASN A 115 17.39 12.60 -12.11
C ASN A 115 17.19 12.33 -10.61
N PRO A 116 16.13 12.84 -9.93
CA PRO A 116 15.76 12.32 -8.61
C PRO A 116 15.81 10.79 -8.57
N ASN A 117 15.60 10.20 -9.75
CA ASN A 117 15.80 8.77 -9.98
C ASN A 117 14.79 7.94 -9.18
N GLU A 118 13.70 8.57 -8.78
CA GLU A 118 12.69 7.90 -7.96
C GLU A 118 11.39 7.71 -8.73
N LYS A 119 10.94 6.46 -8.81
CA LYS A 119 9.67 6.11 -9.43
C LYS A 119 8.79 5.40 -8.40
N GLU A 120 7.70 6.05 -7.99
CA GLU A 120 6.83 5.50 -6.96
C GLU A 120 5.87 4.48 -7.54
N VAL A 121 5.93 3.26 -7.03
CA VAL A 121 5.06 2.18 -7.50
C VAL A 121 3.86 2.06 -6.58
N THR A 122 2.74 2.63 -7.00
CA THR A 122 1.53 2.61 -6.21
C THR A 122 0.64 1.44 -6.63
N ILE A 123 0.36 0.57 -5.68
CA ILE A 123 -0.48 -0.60 -5.94
C ILE A 123 -1.94 -0.23 -5.77
N ARG A 124 -2.61 -0.03 -6.89
CA ARG A 124 -4.01 0.35 -6.94
C ARG A 124 -4.88 -0.88 -6.66
N ALA A 125 -5.27 -1.03 -5.40
CA ALA A 125 -6.14 -2.11 -4.96
C ALA A 125 -7.57 -1.88 -5.46
N GLU A 126 -8.37 -2.95 -5.46
CA GLU A 126 -9.75 -2.85 -5.92
C GLU A 126 -10.54 -1.87 -5.05
N ASP A 127 -10.41 -1.99 -3.74
CA ASP A 127 -11.02 -1.04 -2.82
C ASP A 127 -9.98 -0.57 -1.80
N CYS A 128 -10.26 0.55 -1.16
CA CYS A 128 -9.33 1.16 -0.21
C CYS A 128 -8.97 0.21 0.93
N GLY A 129 -7.72 0.28 1.38
CA GLY A 129 -7.31 -0.41 2.60
C GLY A 129 -6.86 -1.85 2.37
N CYS A 130 -6.11 -2.08 1.29
CA CYS A 130 -5.53 -3.39 1.02
C CYS A 130 -6.60 -4.49 1.07
N ILE A 131 -7.47 -4.49 0.06
CA ILE A 131 -8.60 -5.44 -0.02
C ILE A 131 -8.21 -6.90 0.32
N PRO A 132 -7.09 -7.46 -0.21
CA PRO A 132 -6.69 -8.84 0.08
C PRO A 132 -5.74 -8.95 1.28
N GLU A 133 -6.09 -9.83 2.23
CA GLU A 133 -5.28 -10.03 3.43
C GLU A 133 -4.06 -10.91 3.13
N GLU A 134 -4.23 -11.85 2.21
CA GLU A 134 -3.18 -12.85 1.93
C GLU A 134 -1.92 -12.20 1.38
N VAL A 135 -2.06 -11.00 0.81
CA VAL A 135 -0.93 -10.30 0.21
C VAL A 135 0.05 -9.81 1.27
N ILE A 136 -0.42 -9.72 2.51
CA ILE A 136 0.41 -9.29 3.62
C ILE A 136 1.11 -10.51 4.19
N ILE A 137 2.30 -10.76 3.67
CA ILE A 137 3.04 -11.98 3.97
C ILE A 137 3.49 -12.01 5.43
N ALA A 138 3.77 -10.83 6.00
CA ALA A 138 4.18 -10.78 7.39
C ALA A 138 3.93 -9.41 8.02
N LYS A 139 3.86 -9.40 9.35
CA LYS A 139 3.73 -8.17 10.13
C LYS A 139 4.78 -8.15 11.23
N GLU A 140 5.49 -7.04 11.35
CA GLU A 140 6.55 -6.89 12.35
C GLU A 140 6.21 -5.76 13.31
N LEU A 141 6.85 -5.76 14.47
CA LEU A 141 6.74 -4.66 15.42
C LEU A 141 8.12 -4.09 15.70
N ILE A 142 8.17 -2.79 15.94
CA ILE A 142 9.42 -2.12 16.27
C ILE A 142 9.27 -1.26 17.52
N GLU A 143 10.12 -1.53 18.51
CA GLU A 143 10.04 -0.92 19.83
C GLU A 143 11.39 -0.30 20.22
N ILE A 144 11.88 0.62 19.39
CA ILE A 144 13.16 1.28 19.62
C ILE A 144 14.33 0.30 19.42
N ASN A 145 15.20 0.61 18.46
CA ASN A 145 16.35 -0.23 18.16
C ASN A 145 17.50 0.03 19.16
N LEU A 146 18.71 -0.43 18.82
CA LEU A 146 19.83 -0.43 19.78
C LEU A 146 20.62 0.88 19.74
N GLU A 147 20.33 1.71 18.75
CA GLU A 147 21.08 2.95 18.53
C GLU A 147 20.46 4.10 19.33
N HIS A 148 21.26 5.14 19.59
CA HIS A 148 20.81 6.27 20.40
C HIS A 148 20.03 7.27 19.55
N HIS A 149 19.11 7.99 20.17
CA HIS A 149 18.24 8.94 19.47
C HIS A 149 18.39 10.35 20.03
N HIS A 150 17.92 11.34 19.27
CA HIS A 150 18.08 12.75 19.63
C HIS A 150 17.26 13.15 20.85
N HIS A 151 17.78 12.81 22.03
CA HIS A 151 17.14 13.17 23.30
C HIS A 151 18.06 12.80 24.47
N HIS A 152 18.38 11.50 24.54
CA HIS A 152 19.25 10.96 25.58
C HIS A 152 19.54 9.50 25.28
N HIS A 153 18.52 8.81 24.78
CA HIS A 153 18.64 7.44 24.32
C HIS A 153 17.77 7.24 23.10
N MET A 1 6.97 -14.85 -9.20
CA MET A 1 7.85 -13.67 -9.35
C MET A 1 7.55 -12.65 -8.26
N GLY A 2 8.04 -12.94 -7.06
CA GLY A 2 7.77 -12.11 -5.91
C GLY A 2 8.83 -11.06 -5.65
N ASN A 3 8.52 -10.15 -4.75
CA ASN A 3 9.42 -9.08 -4.35
C ASN A 3 8.97 -8.52 -3.01
N PHE A 4 9.90 -7.91 -2.28
CA PHE A 4 9.66 -7.48 -0.91
C PHE A 4 9.31 -5.99 -0.86
N LEU A 5 8.13 -5.66 -0.33
CA LEU A 5 7.76 -4.26 -0.07
C LEU A 5 7.45 -4.08 1.41
N TYR A 6 7.85 -2.93 1.95
CA TYR A 6 7.80 -2.66 3.39
C TYR A 6 6.79 -1.56 3.71
N ARG A 7 6.03 -1.74 4.79
CA ARG A 7 5.10 -0.72 5.27
C ARG A 7 5.00 -0.81 6.79
N GLY A 8 4.60 0.28 7.44
CA GLY A 8 4.53 0.29 8.89
C GLY A 8 3.19 0.76 9.41
N ILE A 9 2.87 0.38 10.65
CA ILE A 9 1.62 0.77 11.30
C ILE A 9 1.91 1.59 12.56
N SER A 10 1.27 2.75 12.67
CA SER A 10 1.40 3.61 13.84
C SER A 10 0.27 3.34 14.84
N CYS A 11 -0.85 2.84 14.33
CA CYS A 11 -2.03 2.58 15.13
C CYS A 11 -2.08 1.10 15.52
N GLN A 12 -0.98 0.63 16.10
CA GLN A 12 -0.86 -0.78 16.50
C GLN A 12 -2.02 -1.19 17.42
N GLN A 13 -2.59 -0.21 18.12
CA GLN A 13 -3.67 -0.49 19.07
C GLN A 13 -4.96 -0.76 18.33
N ASP A 14 -5.31 0.15 17.42
CA ASP A 14 -6.50 0.00 16.58
C ASP A 14 -6.41 -1.29 15.76
N GLU A 15 -5.25 -1.49 15.15
CA GLU A 15 -4.98 -2.68 14.33
C GLU A 15 -5.20 -3.95 15.14
N GLN A 16 -4.45 -4.09 16.24
CA GLN A 16 -4.51 -5.30 17.07
C GLN A 16 -5.88 -5.45 17.74
N ASN A 17 -6.56 -4.32 17.96
CA ASN A 17 -7.89 -4.35 18.56
C ASN A 17 -8.89 -4.99 17.60
N ASN A 18 -8.80 -4.61 16.33
CA ASN A 18 -9.61 -5.22 15.28
C ASN A 18 -9.05 -6.57 14.88
N GLY A 19 -7.75 -6.74 15.12
CA GLY A 19 -7.05 -7.96 14.72
C GLY A 19 -6.48 -7.82 13.33
N GLN A 20 -6.62 -6.63 12.75
CA GLN A 20 -6.16 -6.35 11.39
C GLN A 20 -6.34 -4.86 11.10
N LEU A 21 -5.85 -4.42 9.94
CA LEU A 21 -5.96 -3.02 9.52
C LEU A 21 -7.37 -2.73 8.96
N LYS A 22 -8.40 -3.22 9.65
CA LYS A 22 -9.79 -3.08 9.20
C LYS A 22 -9.93 -3.51 7.73
N PRO A 23 -9.87 -4.83 7.47
CA PRO A 23 -9.87 -5.37 6.09
C PRO A 23 -11.26 -5.34 5.45
N LYS A 24 -11.78 -4.14 5.24
CA LYS A 24 -13.08 -3.96 4.60
C LYS A 24 -12.91 -3.99 3.07
N GLY A 25 -12.48 -5.14 2.57
CA GLY A 25 -12.21 -5.28 1.15
C GLY A 25 -12.96 -6.44 0.52
N ASN A 26 -14.21 -6.19 0.16
CA ASN A 26 -15.04 -7.19 -0.51
C ASN A 26 -15.47 -6.67 -1.89
N LYS A 27 -14.83 -7.17 -2.94
CA LYS A 27 -15.13 -6.77 -4.31
C LYS A 27 -14.96 -7.95 -5.26
N ALA A 28 -15.43 -7.77 -6.49
CA ALA A 28 -15.32 -8.77 -7.53
C ALA A 28 -15.40 -8.10 -8.89
N GLU A 29 -14.49 -8.48 -9.78
CA GLU A 29 -14.47 -7.93 -11.14
C GLU A 29 -13.78 -8.91 -12.08
N VAL A 30 -14.36 -9.06 -13.26
CA VAL A 30 -13.78 -9.88 -14.33
C VAL A 30 -14.08 -9.28 -15.70
N ALA A 31 -13.59 -8.06 -15.94
CA ALA A 31 -13.83 -7.37 -17.21
C ALA A 31 -12.78 -6.30 -17.49
N ILE A 32 -12.56 -5.41 -16.54
CA ILE A 32 -11.68 -4.26 -16.77
C ILE A 32 -10.21 -4.65 -16.66
N ARG A 33 -9.70 -5.32 -17.70
CA ARG A 33 -8.29 -5.68 -17.77
C ARG A 33 -7.43 -4.42 -17.90
N TYR A 34 -6.34 -4.36 -17.16
CA TYR A 34 -5.43 -3.21 -17.20
C TYR A 34 -4.09 -3.61 -17.82
N ASP A 35 -4.17 -4.13 -19.04
CA ASP A 35 -2.98 -4.54 -19.78
C ASP A 35 -2.23 -3.30 -20.29
N GLY A 36 -2.99 -2.35 -20.81
CA GLY A 36 -2.42 -1.12 -21.32
C GLY A 36 -3.46 -0.03 -21.45
N LYS A 37 -4.63 -0.38 -21.96
CA LYS A 37 -5.74 0.55 -22.10
C LYS A 37 -6.25 1.02 -20.73
N PHE A 38 -5.64 2.08 -20.22
CA PHE A 38 -6.07 2.69 -18.97
C PHE A 38 -7.46 3.30 -19.12
N LYS A 39 -8.48 2.47 -18.89
CA LYS A 39 -9.87 2.91 -19.00
C LYS A 39 -10.74 2.13 -18.00
N TYR A 40 -12.04 2.26 -18.12
CA TYR A 40 -12.98 1.50 -17.30
C TYR A 40 -13.85 0.63 -18.20
N ASP A 41 -14.60 -0.29 -17.59
CA ASP A 41 -15.45 -1.22 -18.33
C ASP A 41 -16.56 -1.73 -17.42
N GLY A 42 -17.16 -2.87 -17.80
CA GLY A 42 -18.24 -3.45 -17.01
C GLY A 42 -17.81 -3.84 -15.61
N LYS A 43 -18.50 -3.28 -14.61
CA LYS A 43 -18.22 -3.58 -13.20
C LYS A 43 -19.23 -2.86 -12.31
N ALA A 44 -19.40 -1.56 -12.57
CA ALA A 44 -20.32 -0.73 -11.79
C ALA A 44 -20.86 0.39 -12.66
N THR A 45 -21.89 0.08 -13.43
CA THR A 45 -22.54 1.05 -14.33
C THR A 45 -23.14 2.20 -13.51
N HIS A 46 -24.28 1.94 -12.86
CA HIS A 46 -24.95 2.95 -12.05
C HIS A 46 -24.25 3.09 -10.70
N GLY A 47 -23.09 3.72 -10.71
CA GLY A 47 -22.32 3.94 -9.49
C GLY A 47 -21.38 5.12 -9.62
N PRO A 48 -21.44 6.10 -8.70
CA PRO A 48 -20.58 7.30 -8.72
C PRO A 48 -19.22 7.05 -8.06
N SER A 49 -19.22 6.15 -7.09
CA SER A 49 -18.07 5.92 -6.23
C SER A 49 -16.96 5.17 -6.98
N VAL A 50 -15.72 5.32 -6.48
CA VAL A 50 -14.54 4.73 -7.10
C VAL A 50 -14.42 5.23 -8.56
N LYS A 51 -14.31 4.30 -9.53
CA LYS A 51 -14.36 4.65 -10.95
C LYS A 51 -13.25 5.63 -11.35
N ASN A 52 -13.40 6.20 -12.55
CA ASN A 52 -12.49 7.20 -13.07
C ASN A 52 -12.47 8.43 -12.16
N ALA A 53 -13.49 8.53 -11.30
CA ALA A 53 -13.55 9.59 -10.31
C ALA A 53 -12.37 9.47 -9.35
N VAL A 54 -12.22 8.29 -8.72
CA VAL A 54 -11.12 8.05 -7.80
C VAL A 54 -9.78 8.03 -8.54
N TYR A 55 -9.79 7.51 -9.76
CA TYR A 55 -8.57 7.49 -10.60
C TYR A 55 -8.08 8.92 -10.83
N ALA A 56 -8.92 9.73 -11.48
CA ALA A 56 -8.56 11.11 -11.80
C ALA A 56 -8.28 11.91 -10.55
N HIS A 57 -9.10 11.71 -9.52
CA HIS A 57 -8.93 12.41 -8.25
C HIS A 57 -7.53 12.15 -7.70
N GLN A 58 -7.08 10.90 -7.77
CA GLN A 58 -5.76 10.52 -7.28
C GLN A 58 -4.67 11.19 -8.10
N ILE A 59 -4.73 11.02 -9.42
CA ILE A 59 -3.70 11.53 -10.33
C ILE A 59 -3.62 13.06 -10.30
N GLU A 60 -4.75 13.71 -10.04
CA GLU A 60 -4.82 15.17 -10.00
C GLU A 60 -4.64 15.71 -8.58
N THR A 61 -5.59 15.39 -7.71
CA THR A 61 -5.63 15.97 -6.36
C THR A 61 -4.92 15.12 -5.31
N GLY A 62 -5.46 13.92 -5.07
CA GLY A 62 -5.02 13.09 -3.96
C GLY A 62 -3.64 12.46 -4.16
N LEU A 63 -3.63 11.16 -4.44
CA LEU A 63 -2.39 10.38 -4.51
C LEU A 63 -1.68 10.41 -3.16
N TYR A 64 -2.50 10.43 -2.10
CA TYR A 64 -2.03 10.51 -0.72
C TYR A 64 -1.67 9.12 -0.18
N ASP A 65 -1.61 8.13 -1.08
CA ASP A 65 -1.41 6.74 -0.70
C ASP A 65 -2.67 6.23 0.00
N GLY A 66 -2.51 5.37 1.00
CA GLY A 66 -3.65 4.95 1.79
C GLY A 66 -4.59 4.03 1.02
N CYS A 67 -5.41 4.61 0.16
CA CYS A 67 -6.33 3.85 -0.68
C CYS A 67 -5.54 2.96 -1.64
N TYR A 68 -4.42 3.48 -2.12
CA TYR A 68 -3.52 2.75 -3.02
C TYR A 68 -2.12 2.78 -2.44
N ILE A 69 -1.38 1.68 -2.57
CA ILE A 69 -0.10 1.54 -1.86
C ILE A 69 1.08 1.71 -2.81
N SER A 70 1.81 2.81 -2.64
CA SER A 70 2.97 3.09 -3.49
C SER A 70 4.25 2.54 -2.87
N THR A 71 5.02 1.83 -3.67
CA THR A 71 6.29 1.26 -3.23
C THR A 71 7.39 1.56 -4.25
N THR A 72 8.60 1.81 -3.75
CA THR A 72 9.74 2.05 -4.60
C THR A 72 10.27 0.72 -5.16
N THR A 73 10.91 0.78 -6.32
CA THR A 73 11.32 -0.44 -7.04
C THR A 73 12.55 -1.10 -6.42
N ASP A 74 13.19 -0.43 -5.46
CA ASP A 74 14.38 -0.95 -4.80
C ASP A 74 14.13 -1.16 -3.31
N LYS A 75 14.58 -2.32 -2.80
CA LYS A 75 14.40 -2.71 -1.40
C LYS A 75 14.88 -1.62 -0.43
N GLU A 76 15.71 -0.72 -0.92
CA GLU A 76 16.20 0.42 -0.14
C GLU A 76 15.04 1.14 0.57
N ILE A 77 13.87 1.08 -0.07
CA ILE A 77 12.63 1.68 0.47
C ILE A 77 12.42 1.30 1.94
N ALA A 78 12.75 0.05 2.27
CA ALA A 78 12.47 -0.49 3.60
C ALA A 78 13.17 0.30 4.69
N LYS A 79 14.47 0.50 4.51
CA LYS A 79 15.30 1.18 5.50
C LYS A 79 14.99 2.68 5.48
N LYS A 80 14.90 3.22 4.27
CA LYS A 80 14.62 4.64 4.09
C LYS A 80 13.32 5.02 4.78
N PHE A 81 12.29 4.21 4.54
CA PHE A 81 10.97 4.47 5.11
C PHE A 81 11.01 4.30 6.63
N ALA A 82 11.43 3.13 7.08
CA ALA A 82 11.37 2.78 8.50
C ALA A 82 12.15 3.78 9.35
N THR A 83 13.29 4.25 8.86
CA THR A 83 14.12 5.18 9.62
C THR A 83 13.61 6.62 9.51
N SER A 84 13.34 7.06 8.27
CA SER A 84 12.96 8.45 8.04
C SER A 84 11.56 8.76 8.57
N SER A 85 10.76 7.71 8.78
CA SER A 85 9.41 7.89 9.31
C SER A 85 9.38 7.60 10.81
N GLY A 86 10.55 7.27 11.37
CA GLY A 86 10.64 6.92 12.77
C GLY A 86 9.77 5.73 13.12
N ILE A 87 9.60 4.85 12.13
CA ILE A 87 8.69 3.70 12.27
C ILE A 87 9.27 2.66 13.24
N GLU A 88 10.56 2.81 13.54
CA GLU A 88 11.24 1.94 14.53
C GLU A 88 10.43 1.80 15.82
N ASN A 89 9.60 2.79 16.13
CA ASN A 89 8.77 2.74 17.33
C ASN A 89 7.31 2.53 16.95
N GLY A 90 6.86 1.27 16.98
CA GLY A 90 5.46 0.97 16.68
C GLY A 90 5.27 -0.40 16.08
N TYR A 91 4.58 -0.45 14.94
CA TYR A 91 4.25 -1.71 14.27
C TYR A 91 4.76 -1.67 12.82
N ILE A 92 5.09 -2.83 12.28
CA ILE A 92 5.60 -2.93 10.91
C ILE A 92 5.01 -4.14 10.20
N TYR A 93 4.55 -3.94 8.97
CA TYR A 93 4.02 -5.05 8.17
C TYR A 93 4.63 -5.07 6.77
N VAL A 94 4.98 -6.27 6.31
CA VAL A 94 5.60 -6.44 5.01
C VAL A 94 4.71 -7.28 4.09
N LEU A 95 4.76 -6.94 2.80
CA LEU A 95 3.90 -7.51 1.77
C LEU A 95 4.73 -8.05 0.61
N ASN A 96 4.29 -9.17 0.04
CA ASN A 96 4.96 -9.76 -1.13
C ASN A 96 4.28 -9.29 -2.42
N ARG A 97 5.11 -9.00 -3.42
CA ARG A 97 4.66 -8.54 -4.72
C ARG A 97 3.93 -9.66 -5.46
N ASP A 98 4.42 -10.89 -5.27
CA ASP A 98 3.86 -12.07 -5.94
C ASP A 98 2.36 -12.16 -5.69
N LEU A 99 1.95 -11.72 -4.50
CA LEU A 99 0.54 -11.76 -4.11
C LEU A 99 -0.30 -10.96 -5.10
N PHE A 100 0.14 -9.74 -5.37
CA PHE A 100 -0.59 -8.84 -6.26
C PHE A 100 -0.45 -9.29 -7.72
N GLY A 101 0.69 -9.89 -8.04
CA GLY A 101 0.92 -10.40 -9.37
C GLY A 101 -0.06 -11.49 -9.75
N GLN A 102 -0.33 -12.38 -8.79
CA GLN A 102 -1.30 -13.45 -8.99
C GLN A 102 -2.72 -12.87 -9.00
N TYR A 103 -3.03 -12.06 -7.99
CA TYR A 103 -4.36 -11.47 -7.84
C TYR A 103 -4.67 -10.53 -8.99
N SER A 104 -3.62 -10.05 -9.66
CA SER A 104 -3.77 -9.17 -10.83
C SER A 104 -4.36 -7.82 -10.43
N ILE A 105 -3.92 -7.31 -9.28
CA ILE A 105 -4.32 -5.98 -8.82
C ILE A 105 -3.72 -4.94 -9.78
N PHE A 106 -4.34 -3.76 -9.87
CA PHE A 106 -4.01 -2.82 -10.93
C PHE A 106 -2.68 -2.12 -10.65
N GLU A 107 -1.91 -1.91 -11.70
CA GLU A 107 -0.58 -1.33 -11.59
C GLU A 107 -0.53 0.06 -12.20
N TYR A 108 -0.02 1.03 -11.44
CA TYR A 108 0.21 2.37 -11.94
C TYR A 108 1.62 2.81 -11.57
N GLU A 109 2.48 2.97 -12.57
CA GLU A 109 3.86 3.37 -12.33
C GLU A 109 3.97 4.89 -12.40
N VAL A 110 4.41 5.49 -11.29
CA VAL A 110 4.57 6.94 -11.22
C VAL A 110 6.05 7.30 -11.13
N GLU A 111 6.39 8.45 -11.68
CA GLU A 111 7.71 9.02 -11.51
C GLU A 111 7.57 10.50 -11.18
N HIS A 112 8.42 10.97 -10.30
CA HIS A 112 8.49 12.38 -9.95
C HIS A 112 9.26 13.09 -11.06
N PRO A 113 9.67 14.38 -10.92
CA PRO A 113 10.58 14.98 -11.90
C PRO A 113 11.75 14.02 -12.14
N GLU A 114 12.17 13.90 -13.39
CA GLU A 114 13.06 12.84 -13.81
C GLU A 114 14.37 12.79 -13.00
N ASN A 115 15.03 13.95 -12.84
CA ASN A 115 16.41 13.93 -12.33
C ASN A 115 16.56 14.00 -10.81
N PRO A 116 15.53 14.35 -10.01
CA PRO A 116 15.49 13.96 -8.60
C PRO A 116 15.74 12.45 -8.46
N ASN A 117 15.56 11.75 -9.58
CA ASN A 117 15.89 10.34 -9.73
C ASN A 117 14.89 9.46 -8.96
N GLU A 118 13.71 10.01 -8.70
CA GLU A 118 12.70 9.33 -7.87
C GLU A 118 11.59 8.72 -8.73
N LYS A 119 11.43 7.39 -8.59
CA LYS A 119 10.42 6.64 -9.33
C LYS A 119 9.76 5.61 -8.42
N GLU A 120 8.44 5.66 -8.32
CA GLU A 120 7.69 4.76 -7.42
C GLU A 120 6.54 4.08 -8.15
N VAL A 121 6.32 2.82 -7.84
CA VAL A 121 5.24 2.05 -8.45
C VAL A 121 4.05 1.98 -7.49
N THR A 122 2.95 2.62 -7.88
CA THR A 122 1.74 2.61 -7.07
C THR A 122 0.87 1.40 -7.38
N ILE A 123 0.60 0.61 -6.35
CA ILE A 123 -0.23 -0.57 -6.47
C ILE A 123 -1.69 -0.18 -6.22
N ARG A 124 -2.47 -0.21 -7.30
CA ARG A 124 -3.88 0.18 -7.26
C ARG A 124 -4.76 -1.01 -6.92
N ALA A 125 -5.09 -1.13 -5.64
CA ALA A 125 -5.98 -2.18 -5.17
C ALA A 125 -7.41 -1.93 -5.66
N GLU A 126 -8.17 -2.99 -5.88
CA GLU A 126 -9.53 -2.89 -6.40
C GLU A 126 -10.41 -2.06 -5.45
N ASP A 127 -10.25 -2.30 -4.16
CA ASP A 127 -10.97 -1.55 -3.13
C ASP A 127 -10.03 -0.56 -2.46
N CYS A 128 -10.57 0.45 -1.82
CA CYS A 128 -9.79 1.52 -1.22
C CYS A 128 -9.06 1.02 0.03
N GLY A 129 -7.75 0.80 -0.09
CA GLY A 129 -6.95 0.45 1.06
C GLY A 129 -6.84 -1.05 1.28
N CYS A 130 -6.11 -1.75 0.41
CA CYS A 130 -5.79 -3.17 0.60
C CYS A 130 -7.04 -4.04 0.60
N ILE A 131 -7.62 -4.25 -0.58
CA ILE A 131 -8.82 -5.08 -0.73
C ILE A 131 -8.63 -6.51 -0.15
N PRO A 132 -7.46 -7.19 -0.36
CA PRO A 132 -7.26 -8.53 0.17
C PRO A 132 -6.61 -8.52 1.56
N GLU A 133 -7.24 -9.19 2.51
CA GLU A 133 -6.72 -9.27 3.88
C GLU A 133 -5.37 -9.99 3.91
N GLU A 134 -5.08 -10.72 2.83
CA GLU A 134 -3.85 -11.50 2.73
C GLU A 134 -2.64 -10.64 2.34
N VAL A 135 -2.85 -9.32 2.25
CA VAL A 135 -1.76 -8.40 1.90
C VAL A 135 -0.60 -8.49 2.88
N ILE A 136 -0.91 -8.83 4.13
CA ILE A 136 0.11 -8.90 5.16
C ILE A 136 0.73 -10.29 5.19
N ILE A 137 1.81 -10.45 4.42
CA ILE A 137 2.53 -11.72 4.40
C ILE A 137 3.27 -11.90 5.73
N ALA A 138 3.64 -10.77 6.35
CA ALA A 138 4.21 -10.81 7.69
C ALA A 138 3.98 -9.48 8.41
N LYS A 139 3.36 -9.55 9.59
CA LYS A 139 3.17 -8.36 10.42
C LYS A 139 3.82 -8.58 11.79
N GLU A 140 4.59 -7.59 12.23
CA GLU A 140 5.40 -7.71 13.45
C GLU A 140 5.39 -6.38 14.21
N LEU A 141 5.70 -6.41 15.50
CA LEU A 141 5.84 -5.20 16.29
C LEU A 141 7.31 -4.85 16.46
N ILE A 142 7.61 -3.56 16.46
CA ILE A 142 8.97 -3.08 16.61
C ILE A 142 9.08 -2.11 17.80
N GLU A 143 10.13 -2.29 18.61
CA GLU A 143 10.23 -1.61 19.90
C GLU A 143 11.43 -0.65 19.93
N ILE A 144 11.55 0.17 18.88
CA ILE A 144 12.55 1.24 18.82
C ILE A 144 13.97 0.69 18.70
N ASN A 145 14.95 1.60 18.56
CA ASN A 145 16.36 1.23 18.37
C ASN A 145 16.99 0.75 19.70
N LEU A 146 16.40 -0.27 20.29
CA LEU A 146 16.94 -0.88 21.50
C LEU A 146 17.65 -2.18 21.12
N GLU A 147 16.91 -3.08 20.50
CA GLU A 147 17.43 -4.36 20.05
C GLU A 147 18.19 -4.20 18.73
N HIS A 148 19.25 -3.39 18.77
CA HIS A 148 20.03 -3.10 17.56
C HIS A 148 21.52 -3.25 17.84
N HIS A 149 21.92 -4.47 18.22
CA HIS A 149 23.32 -4.84 18.44
C HIS A 149 24.12 -3.74 19.13
N HIS A 150 23.66 -3.35 20.31
CA HIS A 150 24.30 -2.27 21.05
C HIS A 150 25.64 -2.72 21.64
N HIS A 151 26.69 -1.99 21.31
CA HIS A 151 28.04 -2.28 21.81
C HIS A 151 28.77 -0.97 22.12
N HIS A 152 27.97 0.06 22.43
CA HIS A 152 28.46 1.43 22.65
C HIS A 152 28.87 2.06 21.31
N HIS A 153 28.85 3.38 21.27
CA HIS A 153 29.16 4.13 20.05
C HIS A 153 29.88 5.42 20.38
N MET A 1 15.59 -8.79 -7.63
CA MET A 1 14.53 -9.51 -8.37
C MET A 1 13.15 -9.02 -7.95
N GLY A 2 12.41 -8.44 -8.88
CA GLY A 2 11.09 -7.91 -8.58
C GLY A 2 11.15 -6.67 -7.71
N ASN A 3 10.10 -6.43 -6.93
CA ASN A 3 10.04 -5.28 -6.05
C ASN A 3 9.54 -5.69 -4.65
N PHE A 4 9.92 -4.89 -3.66
CA PHE A 4 9.64 -5.20 -2.26
C PHE A 4 8.82 -4.07 -1.65
N LEU A 5 7.62 -4.39 -1.14
CA LEU A 5 6.72 -3.38 -0.58
C LEU A 5 6.70 -3.48 0.93
N TYR A 6 6.57 -2.33 1.59
CA TYR A 6 6.56 -2.27 3.04
C TYR A 6 5.40 -1.40 3.53
N ARG A 7 4.73 -1.86 4.59
CA ARG A 7 3.64 -1.10 5.21
C ARG A 7 3.73 -1.21 6.72
N GLY A 8 4.06 -0.10 7.38
CA GLY A 8 4.17 -0.09 8.83
C GLY A 8 3.03 0.63 9.50
N ILE A 9 2.78 0.33 10.75
CA ILE A 9 1.67 0.91 11.52
C ILE A 9 2.04 1.02 12.99
N SER A 10 1.71 2.15 13.61
CA SER A 10 2.05 2.39 15.01
C SER A 10 0.77 2.57 15.86
N CYS A 11 -0.36 2.16 15.30
CA CYS A 11 -1.65 2.30 15.95
C CYS A 11 -2.25 0.91 16.22
N GLN A 12 -1.52 0.10 16.98
CA GLN A 12 -1.93 -1.27 17.30
C GLN A 12 -3.28 -1.29 17.99
N GLN A 13 -3.65 -0.16 18.60
CA GLN A 13 -4.95 -0.03 19.25
C GLN A 13 -6.05 -0.04 18.21
N ASP A 14 -5.87 0.76 17.15
CA ASP A 14 -6.80 0.80 16.03
C ASP A 14 -6.82 -0.56 15.34
N GLU A 15 -5.64 -1.15 15.17
CA GLU A 15 -5.50 -2.47 14.55
C GLU A 15 -6.37 -3.50 15.27
N GLN A 16 -6.19 -3.58 16.59
CA GLN A 16 -6.96 -4.51 17.41
C GLN A 16 -8.45 -4.20 17.32
N ASN A 17 -8.78 -2.91 17.34
CA ASN A 17 -10.17 -2.46 17.27
C ASN A 17 -10.77 -2.80 15.91
N ASN A 18 -9.92 -2.92 14.89
CA ASN A 18 -10.35 -3.27 13.54
C ASN A 18 -10.24 -4.78 13.33
N GLY A 19 -9.51 -5.46 14.21
CA GLY A 19 -9.36 -6.90 14.14
C GLY A 19 -8.18 -7.32 13.30
N GLN A 20 -7.59 -6.35 12.60
CA GLN A 20 -6.47 -6.58 11.68
C GLN A 20 -5.98 -5.22 11.15
N LEU A 21 -5.10 -5.26 10.15
CA LEU A 21 -4.55 -4.03 9.55
C LEU A 21 -5.58 -3.39 8.60
N LYS A 22 -6.73 -3.00 9.18
CA LYS A 22 -7.85 -2.43 8.42
C LYS A 22 -8.24 -3.32 7.24
N PRO A 23 -8.82 -4.51 7.52
CA PRO A 23 -9.19 -5.47 6.49
C PRO A 23 -10.57 -5.14 5.88
N LYS A 24 -10.58 -4.23 4.93
CA LYS A 24 -11.81 -3.83 4.25
C LYS A 24 -11.73 -4.22 2.77
N GLY A 25 -12.43 -3.48 1.92
CA GLY A 25 -12.37 -3.71 0.48
C GLY A 25 -13.13 -4.95 0.04
N ASN A 26 -13.21 -5.14 -1.27
CA ASN A 26 -13.87 -6.31 -1.86
C ASN A 26 -13.27 -6.60 -3.24
N LYS A 27 -13.34 -7.87 -3.67
CA LYS A 27 -12.82 -8.28 -4.97
C LYS A 27 -13.97 -8.75 -5.86
N ALA A 28 -13.92 -8.37 -7.13
CA ALA A 28 -14.98 -8.72 -8.09
C ALA A 28 -14.71 -10.10 -8.71
N GLU A 29 -14.45 -11.08 -7.85
CA GLU A 29 -14.18 -12.46 -8.27
C GLU A 29 -12.91 -12.56 -9.11
N VAL A 30 -12.99 -12.11 -10.36
CA VAL A 30 -11.83 -12.10 -11.26
C VAL A 30 -10.99 -10.86 -11.03
N ALA A 31 -11.37 -9.76 -11.70
CA ALA A 31 -10.69 -8.47 -11.57
C ALA A 31 -11.16 -7.51 -12.65
N ILE A 32 -10.62 -6.31 -12.61
CA ILE A 32 -10.94 -5.26 -13.58
C ILE A 32 -9.76 -5.06 -14.52
N ARG A 33 -9.18 -6.18 -14.98
CA ARG A 33 -7.96 -6.17 -15.80
C ARG A 33 -8.03 -5.08 -16.88
N TYR A 34 -7.32 -3.98 -16.65
CA TYR A 34 -7.33 -2.85 -17.58
C TYR A 34 -6.72 -3.24 -18.93
N ASP A 35 -5.85 -4.26 -18.92
CA ASP A 35 -5.17 -4.73 -20.14
C ASP A 35 -4.32 -3.61 -20.75
N GLY A 36 -5.00 -2.70 -21.44
CA GLY A 36 -4.35 -1.56 -22.05
C GLY A 36 -5.37 -0.46 -22.27
N LYS A 37 -4.92 0.69 -22.80
CA LYS A 37 -5.81 1.83 -23.03
C LYS A 37 -6.46 2.28 -21.72
N PHE A 38 -5.90 1.79 -20.60
CA PHE A 38 -6.45 2.03 -19.25
C PHE A 38 -7.96 1.77 -19.22
N LYS A 39 -8.38 0.71 -19.90
CA LYS A 39 -9.79 0.35 -19.99
C LYS A 39 -10.19 -0.55 -18.82
N TYR A 40 -10.73 0.06 -17.76
CA TYR A 40 -11.17 -0.69 -16.58
C TYR A 40 -12.55 -1.31 -16.83
N ASP A 41 -12.71 -1.92 -18.00
CA ASP A 41 -13.97 -2.52 -18.42
C ASP A 41 -13.95 -4.03 -18.18
N GLY A 42 -13.23 -4.44 -17.14
CA GLY A 42 -13.15 -5.84 -16.79
C GLY A 42 -14.35 -6.31 -15.99
N LYS A 43 -14.16 -7.31 -15.14
CA LYS A 43 -15.24 -7.82 -14.31
C LYS A 43 -15.50 -6.87 -13.14
N ALA A 44 -16.45 -5.96 -13.33
CA ALA A 44 -16.89 -5.05 -12.28
C ALA A 44 -18.14 -4.30 -12.72
N THR A 45 -19.29 -4.93 -12.54
CA THR A 45 -20.56 -4.36 -12.97
C THR A 45 -20.85 -3.03 -12.25
N HIS A 46 -21.07 -3.12 -10.94
CA HIS A 46 -21.46 -1.95 -10.15
C HIS A 46 -20.78 -1.99 -8.78
N GLY A 47 -20.59 -0.82 -8.19
CA GLY A 47 -20.00 -0.73 -6.87
C GLY A 47 -19.52 0.68 -6.56
N PRO A 48 -19.94 1.26 -5.41
CA PRO A 48 -19.50 2.61 -5.00
C PRO A 48 -18.04 2.60 -4.59
N SER A 49 -17.55 1.44 -4.19
CA SER A 49 -16.17 1.24 -3.79
C SER A 49 -15.57 0.09 -4.59
N VAL A 50 -15.07 0.42 -5.79
CA VAL A 50 -14.36 -0.50 -6.67
C VAL A 50 -14.26 0.11 -8.07
N LYS A 51 -13.44 -0.51 -8.93
CA LYS A 51 -13.33 -0.15 -10.36
C LYS A 51 -13.13 1.36 -10.59
N ASN A 52 -13.43 1.80 -11.82
CA ASN A 52 -13.30 3.20 -12.22
C ASN A 52 -13.93 4.14 -11.19
N ALA A 53 -14.98 3.68 -10.53
CA ALA A 53 -15.65 4.47 -9.50
C ALA A 53 -14.65 4.91 -8.42
N VAL A 54 -14.11 3.94 -7.68
CA VAL A 54 -13.20 4.24 -6.58
C VAL A 54 -11.91 4.85 -7.10
N TYR A 55 -11.50 4.44 -8.30
CA TYR A 55 -10.27 4.94 -8.91
C TYR A 55 -10.38 6.44 -9.23
N ALA A 56 -11.35 6.78 -10.08
CA ALA A 56 -11.56 8.16 -10.48
C ALA A 56 -11.82 9.04 -9.28
N HIS A 57 -12.66 8.55 -8.36
CA HIS A 57 -13.01 9.31 -7.17
C HIS A 57 -11.79 9.58 -6.29
N GLN A 58 -10.96 8.56 -6.09
CA GLN A 58 -9.75 8.69 -5.26
C GLN A 58 -8.75 9.65 -5.92
N ILE A 59 -8.47 9.42 -7.19
CA ILE A 59 -7.52 10.24 -7.94
C ILE A 59 -7.99 11.69 -8.01
N GLU A 60 -9.30 11.87 -8.13
CA GLU A 60 -9.90 13.20 -8.22
C GLU A 60 -9.79 13.95 -6.89
N THR A 61 -10.24 13.30 -5.82
CA THR A 61 -10.31 13.94 -4.50
C THR A 61 -8.92 14.29 -3.98
N GLY A 62 -8.19 13.28 -3.50
CA GLY A 62 -6.90 13.52 -2.88
C GLY A 62 -5.76 12.81 -3.58
N LEU A 63 -6.06 12.19 -4.72
CA LEU A 63 -5.06 11.45 -5.51
C LEU A 63 -4.55 10.24 -4.71
N TYR A 64 -3.64 10.50 -3.77
CA TYR A 64 -3.13 9.46 -2.88
C TYR A 64 -3.70 9.68 -1.49
N ASP A 65 -5.02 9.55 -1.39
CA ASP A 65 -5.74 9.76 -0.15
C ASP A 65 -5.36 8.72 0.89
N GLY A 66 -5.18 7.48 0.44
CA GLY A 66 -4.76 6.41 1.34
C GLY A 66 -5.29 5.05 0.93
N CYS A 67 -6.08 5.00 -0.15
CA CYS A 67 -6.64 3.74 -0.63
C CYS A 67 -5.59 2.93 -1.40
N TYR A 68 -4.50 3.58 -1.79
CA TYR A 68 -3.44 2.92 -2.55
C TYR A 68 -2.12 3.01 -1.80
N ILE A 69 -1.20 2.10 -2.11
CA ILE A 69 0.08 2.03 -1.40
C ILE A 69 1.18 2.73 -2.20
N SER A 70 1.50 3.96 -1.80
CA SER A 70 2.59 4.71 -2.44
C SER A 70 3.96 4.21 -1.97
N THR A 71 4.73 3.64 -2.88
CA THR A 71 6.05 3.11 -2.55
C THR A 71 7.10 3.62 -3.54
N THR A 72 8.37 3.41 -3.22
CA THR A 72 9.47 3.79 -4.13
C THR A 72 10.16 2.54 -4.65
N THR A 73 10.75 2.65 -5.85
CA THR A 73 11.34 1.51 -6.54
C THR A 73 12.52 0.89 -5.77
N ASP A 74 13.20 1.67 -4.92
CA ASP A 74 14.40 1.18 -4.24
C ASP A 74 14.03 0.44 -2.97
N LYS A 75 14.63 -0.73 -2.79
CA LYS A 75 14.34 -1.60 -1.65
C LYS A 75 14.61 -0.91 -0.32
N GLU A 76 15.52 0.07 -0.33
CA GLU A 76 15.98 0.69 0.90
C GLU A 76 14.98 1.74 1.41
N ILE A 77 13.96 2.02 0.60
CA ILE A 77 12.91 2.96 0.98
C ILE A 77 12.21 2.49 2.26
N ALA A 78 12.27 1.19 2.50
CA ALA A 78 11.61 0.58 3.66
C ALA A 78 12.21 1.10 4.96
N LYS A 79 13.54 1.22 4.98
CA LYS A 79 14.24 1.69 6.18
C LYS A 79 13.99 3.18 6.37
N LYS A 80 14.07 3.91 5.25
CA LYS A 80 13.84 5.34 5.25
C LYS A 80 12.44 5.64 5.80
N PHE A 81 11.46 4.96 5.22
CA PHE A 81 10.06 5.15 5.59
C PHE A 81 9.84 4.78 7.06
N ALA A 82 10.37 3.63 7.45
CA ALA A 82 10.20 3.11 8.81
C ALA A 82 10.70 4.11 9.85
N THR A 83 11.86 4.70 9.61
CA THR A 83 12.42 5.67 10.55
C THR A 83 11.61 6.96 10.52
N SER A 84 11.25 7.42 9.33
CA SER A 84 10.51 8.66 9.17
C SER A 84 9.12 8.57 9.83
N SER A 85 8.57 7.36 9.90
CA SER A 85 7.25 7.14 10.48
C SER A 85 7.36 6.94 12.00
N GLY A 86 8.60 6.88 12.49
CA GLY A 86 8.83 6.62 13.90
C GLY A 86 8.38 5.24 14.30
N ILE A 87 8.56 4.29 13.39
CA ILE A 87 8.10 2.92 13.59
C ILE A 87 8.90 2.20 14.67
N GLU A 88 9.99 2.84 15.12
CA GLU A 88 10.89 2.29 16.16
C GLU A 88 10.18 1.35 17.13
N ASN A 89 9.04 1.79 17.66
CA ASN A 89 8.21 0.97 18.55
C ASN A 89 6.82 0.82 17.94
N GLY A 90 6.63 -0.24 17.15
CA GLY A 90 5.35 -0.45 16.50
C GLY A 90 5.31 -1.72 15.67
N TYR A 91 4.61 -1.65 14.55
CA TYR A 91 4.35 -2.81 13.70
C TYR A 91 4.87 -2.54 12.28
N ILE A 92 5.27 -3.59 11.58
CA ILE A 92 5.71 -3.49 10.19
C ILE A 92 5.26 -4.71 9.40
N TYR A 93 4.78 -4.48 8.19
CA TYR A 93 4.34 -5.55 7.30
C TYR A 93 5.17 -5.59 6.03
N VAL A 94 5.39 -6.81 5.53
CA VAL A 94 6.03 -7.00 4.23
C VAL A 94 5.00 -7.45 3.22
N LEU A 95 4.96 -6.76 2.08
CA LEU A 95 4.06 -7.10 0.98
C LEU A 95 4.88 -7.35 -0.29
N ASN A 96 4.49 -8.33 -1.10
CA ASN A 96 5.27 -8.69 -2.29
C ASN A 96 4.51 -8.36 -3.57
N ARG A 97 5.25 -7.94 -4.60
CA ARG A 97 4.66 -7.50 -5.87
C ARG A 97 3.92 -8.63 -6.59
N ASP A 98 4.48 -9.84 -6.56
CA ASP A 98 3.88 -10.98 -7.26
C ASP A 98 2.59 -11.39 -6.56
N LEU A 99 2.52 -11.10 -5.27
CA LEU A 99 1.33 -11.38 -4.48
C LEU A 99 0.17 -10.51 -4.97
N PHE A 100 0.50 -9.25 -5.30
CA PHE A 100 -0.48 -8.34 -5.89
C PHE A 100 -0.96 -8.90 -7.22
N GLY A 101 -0.01 -9.41 -8.00
CA GLY A 101 -0.34 -10.05 -9.27
C GLY A 101 -1.31 -11.22 -9.08
N GLN A 102 -1.11 -11.97 -8.00
CA GLN A 102 -2.00 -13.08 -7.65
C GLN A 102 -3.42 -12.54 -7.37
N TYR A 103 -3.49 -11.44 -6.63
CA TYR A 103 -4.76 -10.80 -6.31
C TYR A 103 -5.29 -10.00 -7.50
N SER A 104 -4.42 -9.82 -8.50
CA SER A 104 -4.75 -9.08 -9.72
C SER A 104 -4.90 -7.58 -9.42
N ILE A 105 -4.18 -7.14 -8.39
CA ILE A 105 -4.13 -5.74 -8.00
C ILE A 105 -3.30 -4.96 -9.03
N PHE A 106 -3.68 -3.70 -9.24
CA PHE A 106 -3.11 -2.91 -10.33
C PHE A 106 -1.85 -2.17 -9.90
N GLU A 107 -0.75 -2.42 -10.60
CA GLU A 107 0.48 -1.67 -10.36
C GLU A 107 0.51 -0.44 -11.24
N TYR A 108 0.95 0.67 -10.69
CA TYR A 108 1.09 1.91 -11.44
C TYR A 108 2.26 2.71 -10.90
N GLU A 109 3.31 2.83 -11.70
CA GLU A 109 4.50 3.56 -11.29
C GLU A 109 4.60 4.86 -12.07
N VAL A 110 4.58 5.98 -11.35
CA VAL A 110 4.80 7.28 -11.96
C VAL A 110 6.30 7.56 -12.01
N GLU A 111 6.79 7.93 -13.18
CA GLU A 111 8.20 8.22 -13.31
C GLU A 111 8.43 9.65 -13.80
N HIS A 112 9.27 10.35 -13.08
CA HIS A 112 9.74 11.66 -13.47
C HIS A 112 10.85 11.49 -14.52
N PRO A 113 11.53 12.57 -14.98
CA PRO A 113 12.67 12.40 -15.90
C PRO A 113 13.62 11.30 -15.42
N GLU A 114 14.27 10.63 -16.35
CA GLU A 114 14.97 9.37 -16.09
C GLU A 114 15.95 9.44 -14.90
N ASN A 115 16.85 10.44 -14.88
CA ASN A 115 17.96 10.38 -13.91
C ASN A 115 17.80 11.23 -12.64
N PRO A 116 16.84 12.19 -12.54
CA PRO A 116 16.46 12.73 -11.23
C PRO A 116 16.17 11.60 -10.24
N ASN A 117 15.96 10.40 -10.79
CA ASN A 117 15.87 9.16 -10.03
C ASN A 117 14.56 9.13 -9.22
N GLU A 118 13.55 9.81 -9.72
CA GLU A 118 12.26 9.90 -9.03
C GLU A 118 11.25 8.96 -9.69
N LYS A 119 11.06 7.79 -9.10
CA LYS A 119 10.11 6.81 -9.59
C LYS A 119 9.24 6.30 -8.44
N GLU A 120 7.98 6.71 -8.44
CA GLU A 120 7.04 6.33 -7.38
C GLU A 120 6.17 5.18 -7.85
N VAL A 121 6.30 4.04 -7.19
CA VAL A 121 5.54 2.84 -7.52
C VAL A 121 4.33 2.73 -6.60
N THR A 122 3.17 3.11 -7.13
CA THR A 122 1.93 3.04 -6.37
C THR A 122 1.21 1.72 -6.64
N ILE A 123 0.86 1.03 -5.58
CA ILE A 123 0.06 -0.18 -5.67
C ILE A 123 -1.42 0.19 -5.62
N ARG A 124 -2.06 0.17 -6.79
CA ARG A 124 -3.46 0.54 -6.92
C ARG A 124 -4.35 -0.68 -6.64
N ALA A 125 -4.91 -0.73 -5.45
CA ALA A 125 -5.76 -1.83 -5.04
C ALA A 125 -7.08 -1.83 -5.79
N GLU A 126 -7.71 -2.99 -5.88
CA GLU A 126 -9.01 -3.14 -6.53
C GLU A 126 -10.09 -2.36 -5.78
N ASP A 127 -9.88 -2.23 -4.46
CA ASP A 127 -10.81 -1.52 -3.59
C ASP A 127 -10.04 -0.84 -2.45
N CYS A 128 -10.66 0.13 -1.81
CA CYS A 128 -10.04 0.91 -0.75
C CYS A 128 -10.05 0.17 0.59
N GLY A 129 -9.05 0.45 1.42
CA GLY A 129 -9.01 -0.08 2.77
C GLY A 129 -8.35 -1.45 2.88
N CYS A 130 -7.18 -1.59 2.24
CA CYS A 130 -6.40 -2.84 2.30
C CYS A 130 -7.29 -4.07 2.01
N ILE A 131 -7.82 -4.11 0.79
CA ILE A 131 -8.75 -5.15 0.36
C ILE A 131 -8.25 -6.59 0.67
N PRO A 132 -6.98 -6.94 0.38
CA PRO A 132 -6.47 -8.27 0.67
C PRO A 132 -5.78 -8.35 2.03
N GLU A 133 -6.41 -9.03 2.98
CA GLU A 133 -5.85 -9.23 4.32
C GLU A 133 -4.53 -10.00 4.25
N GLU A 134 -4.40 -10.83 3.22
CA GLU A 134 -3.22 -11.68 3.04
C GLU A 134 -2.14 -10.93 2.25
N VAL A 135 -2.32 -9.62 2.08
CA VAL A 135 -1.36 -8.78 1.36
C VAL A 135 0.02 -8.82 2.01
N ILE A 136 0.05 -9.12 3.30
CA ILE A 136 1.31 -9.16 4.03
C ILE A 136 1.92 -10.56 3.92
N ILE A 137 2.94 -10.67 3.08
CA ILE A 137 3.72 -11.89 2.98
C ILE A 137 4.38 -12.16 4.31
N ALA A 138 4.62 -11.08 5.05
CA ALA A 138 5.15 -11.20 6.40
C ALA A 138 4.60 -10.12 7.31
N LYS A 139 4.42 -10.48 8.58
CA LYS A 139 3.94 -9.56 9.60
C LYS A 139 4.90 -9.63 10.79
N GLU A 140 5.46 -8.49 11.17
CA GLU A 140 6.48 -8.45 12.22
C GLU A 140 6.29 -7.23 13.12
N LEU A 141 6.87 -7.31 14.31
CA LEU A 141 6.84 -6.20 15.25
C LEU A 141 8.25 -5.63 15.41
N ILE A 142 8.32 -4.36 15.73
CA ILE A 142 9.60 -3.69 15.95
C ILE A 142 9.58 -2.96 17.30
N GLU A 143 10.62 -3.16 18.08
CA GLU A 143 10.67 -2.65 19.46
C GLU A 143 11.94 -1.85 19.71
N ILE A 144 12.46 -1.21 18.64
CA ILE A 144 13.74 -0.49 18.68
C ILE A 144 14.77 -1.21 19.56
N ASN A 145 14.84 -2.53 19.36
CA ASN A 145 15.65 -3.41 20.20
C ASN A 145 16.16 -4.58 19.36
N LEU A 146 17.08 -5.37 19.91
CA LEU A 146 17.59 -6.54 19.23
C LEU A 146 16.50 -7.61 19.06
N GLU A 147 16.77 -8.61 18.25
CA GLU A 147 15.80 -9.65 17.92
C GLU A 147 15.37 -10.42 19.17
N HIS A 148 14.34 -9.93 19.84
CA HIS A 148 13.75 -10.64 20.97
C HIS A 148 12.76 -11.69 20.46
N HIS A 149 13.31 -12.73 19.84
CA HIS A 149 12.50 -13.76 19.19
C HIS A 149 11.62 -14.51 20.21
N HIS A 150 10.32 -14.58 19.90
CA HIS A 150 9.36 -15.31 20.72
C HIS A 150 9.17 -14.66 22.10
N HIS A 151 8.37 -13.60 22.13
CA HIS A 151 7.98 -12.96 23.38
C HIS A 151 6.61 -12.30 23.19
N HIS A 152 5.70 -12.55 24.13
CA HIS A 152 4.32 -12.05 24.06
C HIS A 152 3.54 -12.78 22.94
N HIS A 153 4.21 -13.73 22.29
CA HIS A 153 3.63 -14.49 21.19
C HIS A 153 4.51 -15.71 20.90
N MET A 1 13.35 -8.79 -9.31
CA MET A 1 13.42 -10.25 -9.06
C MET A 1 13.29 -10.55 -7.57
N GLY A 2 12.05 -10.54 -7.08
CA GLY A 2 11.79 -10.89 -5.69
C GLY A 2 12.09 -9.75 -4.74
N ASN A 3 11.06 -9.01 -4.37
CA ASN A 3 11.19 -7.91 -3.41
C ASN A 3 9.83 -7.58 -2.82
N PHE A 4 9.82 -6.95 -1.66
CA PHE A 4 8.59 -6.67 -0.95
C PHE A 4 8.33 -5.17 -0.87
N LEU A 5 7.08 -4.82 -0.60
CA LEU A 5 6.69 -3.46 -0.29
C LEU A 5 6.54 -3.33 1.22
N TYR A 6 6.70 -2.12 1.72
CA TYR A 6 6.67 -1.89 3.17
C TYR A 6 5.39 -1.20 3.60
N ARG A 7 4.89 -1.63 4.75
CA ARG A 7 3.70 -1.04 5.35
C ARG A 7 3.87 -1.03 6.86
N GLY A 8 3.17 -0.14 7.55
CA GLY A 8 3.25 -0.10 9.00
C GLY A 8 1.88 0.11 9.62
N ILE A 9 1.73 -0.28 10.88
CA ILE A 9 0.46 -0.18 11.58
C ILE A 9 0.70 0.11 13.07
N SER A 10 -0.14 0.97 13.64
CA SER A 10 -0.16 1.21 15.08
C SER A 10 -1.50 0.76 15.66
N CYS A 11 -2.30 0.12 14.80
CA CYS A 11 -3.64 -0.31 15.15
C CYS A 11 -3.67 -1.81 15.45
N GLN A 12 -2.73 -2.25 16.28
CA GLN A 12 -2.70 -3.64 16.72
C GLN A 12 -4.00 -3.99 17.43
N GLN A 13 -4.62 -2.95 18.00
CA GLN A 13 -5.93 -3.08 18.63
C GLN A 13 -6.97 -3.53 17.60
N ASP A 14 -6.93 -2.88 16.44
CA ASP A 14 -7.84 -3.19 15.33
C ASP A 14 -7.60 -4.62 14.86
N GLU A 15 -6.34 -4.96 14.67
CA GLU A 15 -5.94 -6.31 14.25
C GLU A 15 -6.52 -7.37 15.21
N GLN A 16 -6.30 -7.15 16.50
CA GLN A 16 -6.76 -8.09 17.53
C GLN A 16 -8.28 -8.03 17.71
N ASN A 17 -8.88 -6.90 17.33
CA ASN A 17 -10.32 -6.70 17.45
C ASN A 17 -11.07 -7.50 16.38
N ASN A 18 -10.54 -7.46 15.15
CA ASN A 18 -11.15 -8.16 14.02
C ASN A 18 -10.55 -9.55 13.84
N GLY A 19 -9.40 -9.78 14.46
CA GLY A 19 -8.65 -11.00 14.22
C GLY A 19 -7.87 -10.90 12.93
N GLN A 20 -7.96 -9.73 12.31
CA GLN A 20 -7.32 -9.43 11.04
C GLN A 20 -7.17 -7.92 10.92
N LEU A 21 -6.27 -7.47 10.07
CA LEU A 21 -6.05 -6.05 9.87
C LEU A 21 -7.11 -5.48 8.91
N LYS A 22 -7.73 -4.37 9.32
CA LYS A 22 -8.74 -3.63 8.53
C LYS A 22 -9.88 -4.50 7.96
N PRO A 23 -11.08 -3.91 7.77
CA PRO A 23 -12.20 -4.59 7.11
C PRO A 23 -12.04 -4.61 5.58
N LYS A 24 -13.12 -4.90 4.86
CA LYS A 24 -13.09 -4.97 3.40
C LYS A 24 -14.51 -4.85 2.83
N GLY A 25 -14.69 -3.96 1.87
CA GLY A 25 -16.01 -3.73 1.28
C GLY A 25 -16.03 -3.92 -0.22
N ASN A 26 -14.95 -4.48 -0.77
CA ASN A 26 -14.86 -4.73 -2.21
C ASN A 26 -15.31 -6.14 -2.54
N LYS A 27 -16.20 -6.26 -3.53
CA LYS A 27 -16.62 -7.56 -4.05
C LYS A 27 -17.10 -7.40 -5.49
N ALA A 28 -16.17 -7.16 -6.40
CA ALA A 28 -16.46 -7.08 -7.82
C ALA A 28 -15.37 -7.77 -8.62
N GLU A 29 -14.78 -8.80 -8.01
CA GLU A 29 -13.65 -9.54 -8.58
C GLU A 29 -12.49 -8.58 -8.86
N VAL A 30 -12.59 -7.86 -9.97
CA VAL A 30 -11.65 -6.81 -10.35
C VAL A 30 -12.43 -5.69 -11.05
N ALA A 31 -12.71 -4.62 -10.31
CA ALA A 31 -13.52 -3.53 -10.83
C ALA A 31 -12.74 -2.69 -11.83
N ILE A 32 -11.43 -2.59 -11.60
CA ILE A 32 -10.56 -1.84 -12.48
C ILE A 32 -9.91 -2.76 -13.52
N ARG A 33 -10.49 -2.75 -14.71
CA ARG A 33 -9.91 -3.45 -15.87
C ARG A 33 -9.13 -2.45 -16.74
N TYR A 34 -9.06 -1.21 -16.26
CA TYR A 34 -8.46 -0.08 -16.98
C TYR A 34 -9.27 0.27 -18.23
N ASP A 35 -9.30 -0.67 -19.18
CA ASP A 35 -10.13 -0.54 -20.39
C ASP A 35 -9.63 0.60 -21.28
N GLY A 36 -8.40 1.04 -21.03
CA GLY A 36 -7.80 2.11 -21.81
C GLY A 36 -8.32 3.50 -21.43
N LYS A 37 -9.62 3.69 -21.56
CA LYS A 37 -10.25 5.01 -21.37
C LYS A 37 -10.30 5.40 -19.89
N PHE A 38 -9.82 4.52 -19.00
CA PHE A 38 -9.73 4.81 -17.57
C PHE A 38 -11.12 4.82 -16.91
N LYS A 39 -12.17 4.71 -17.71
CA LYS A 39 -13.54 4.68 -17.19
C LYS A 39 -13.92 3.29 -16.72
N TYR A 40 -13.16 2.29 -17.20
CA TYR A 40 -13.36 0.89 -16.83
C TYR A 40 -14.73 0.37 -17.33
N ASP A 41 -14.96 -0.91 -17.12
CA ASP A 41 -16.21 -1.55 -17.52
C ASP A 41 -17.26 -1.42 -16.42
N GLY A 42 -18.42 -2.03 -16.63
CA GLY A 42 -19.49 -1.99 -15.63
C GLY A 42 -19.04 -2.61 -14.32
N LYS A 43 -19.01 -3.94 -14.28
CA LYS A 43 -18.56 -4.70 -13.11
C LYS A 43 -19.40 -4.35 -11.87
N ALA A 44 -18.96 -3.35 -11.12
CA ALA A 44 -19.63 -2.93 -9.89
C ALA A 44 -20.77 -1.96 -10.21
N THR A 45 -21.78 -2.45 -10.91
CA THR A 45 -22.94 -1.63 -11.29
C THR A 45 -23.61 -1.05 -10.04
N HIS A 46 -23.93 -1.92 -9.09
CA HIS A 46 -24.55 -1.51 -7.83
C HIS A 46 -23.54 -1.58 -6.70
N GLY A 47 -22.33 -1.09 -6.96
CA GLY A 47 -21.27 -1.13 -5.98
C GLY A 47 -20.49 0.18 -5.92
N PRO A 48 -20.15 0.66 -4.72
CA PRO A 48 -19.38 1.90 -4.53
C PRO A 48 -17.88 1.65 -4.50
N SER A 49 -17.12 2.71 -4.30
CA SER A 49 -15.66 2.63 -4.14
C SER A 49 -14.99 2.25 -5.46
N VAL A 50 -13.66 2.08 -5.41
CA VAL A 50 -12.86 1.72 -6.58
C VAL A 50 -13.07 2.73 -7.73
N LYS A 51 -12.58 2.37 -8.92
CA LYS A 51 -12.81 3.12 -10.14
C LYS A 51 -12.28 4.56 -10.05
N ASN A 52 -12.63 5.36 -11.06
CA ASN A 52 -12.21 6.76 -11.14
C ASN A 52 -12.74 7.55 -9.94
N ALA A 53 -13.81 7.03 -9.33
CA ALA A 53 -14.39 7.64 -8.14
C ALA A 53 -13.34 7.74 -7.03
N VAL A 54 -12.90 6.58 -6.53
CA VAL A 54 -11.92 6.55 -5.46
C VAL A 54 -10.56 7.05 -5.96
N TYR A 55 -10.32 6.88 -7.26
CA TYR A 55 -9.07 7.34 -7.86
C TYR A 55 -8.93 8.84 -7.72
N ALA A 56 -9.86 9.57 -8.34
CA ALA A 56 -9.86 11.02 -8.31
C ALA A 56 -9.94 11.52 -6.86
N HIS A 57 -10.84 10.92 -6.09
CA HIS A 57 -11.03 11.31 -4.69
C HIS A 57 -9.73 11.21 -3.90
N GLN A 58 -9.08 10.06 -3.98
CA GLN A 58 -7.87 9.79 -3.20
C GLN A 58 -6.72 10.68 -3.65
N ILE A 59 -6.40 10.65 -4.94
CA ILE A 59 -5.24 11.37 -5.47
C ILE A 59 -5.40 12.88 -5.29
N GLU A 60 -6.64 13.38 -5.46
CA GLU A 60 -6.91 14.81 -5.40
C GLU A 60 -7.00 15.30 -3.95
N THR A 61 -7.93 14.72 -3.19
CA THR A 61 -8.19 15.17 -1.82
C THR A 61 -7.02 14.85 -0.89
N GLY A 62 -6.19 13.89 -1.30
CA GLY A 62 -5.01 13.54 -0.53
C GLY A 62 -3.86 13.17 -1.44
N LEU A 63 -3.49 11.90 -1.43
CA LEU A 63 -2.51 11.37 -2.38
C LEU A 63 -2.60 9.85 -2.42
N TYR A 64 -1.80 9.17 -1.62
CA TYR A 64 -1.86 7.72 -1.51
C TYR A 64 -2.53 7.32 -0.21
N ASP A 65 -2.22 8.10 0.81
CA ASP A 65 -2.74 7.89 2.15
C ASP A 65 -2.49 6.47 2.59
N GLY A 66 -3.30 5.97 3.51
CA GLY A 66 -3.20 4.58 3.90
C GLY A 66 -3.93 3.68 2.91
N CYS A 67 -4.77 4.30 2.08
CA CYS A 67 -5.57 3.57 1.10
C CYS A 67 -4.69 2.83 0.10
N TYR A 68 -3.72 3.54 -0.48
CA TYR A 68 -2.82 2.97 -1.49
C TYR A 68 -1.45 2.68 -0.88
N ILE A 69 -0.68 1.82 -1.53
CA ILE A 69 0.66 1.45 -1.04
C ILE A 69 1.73 2.01 -1.96
N SER A 70 2.33 3.12 -1.57
CA SER A 70 3.41 3.74 -2.33
C SER A 70 4.74 3.07 -1.99
N THR A 71 5.36 2.41 -2.98
CA THR A 71 6.64 1.75 -2.77
C THR A 71 7.56 1.93 -3.98
N THR A 72 8.78 2.37 -3.73
CA THR A 72 9.79 2.48 -4.78
C THR A 72 10.45 1.13 -5.02
N THR A 73 10.92 0.90 -6.24
CA THR A 73 11.56 -0.35 -6.61
C THR A 73 12.98 -0.46 -6.02
N ASP A 74 13.32 0.46 -5.12
CA ASP A 74 14.62 0.46 -4.45
C ASP A 74 14.46 0.00 -3.01
N LYS A 75 15.19 -1.05 -2.64
CA LYS A 75 15.09 -1.65 -1.30
C LYS A 75 15.18 -0.61 -0.17
N GLU A 76 15.88 0.50 -0.42
CA GLU A 76 16.11 1.52 0.62
C GLU A 76 14.78 2.15 1.05
N ILE A 77 13.77 2.04 0.20
CA ILE A 77 12.44 2.58 0.50
C ILE A 77 11.89 1.98 1.79
N ALA A 78 12.33 0.76 2.10
CA ALA A 78 11.88 0.05 3.29
C ALA A 78 12.26 0.83 4.55
N LYS A 79 13.54 1.18 4.64
CA LYS A 79 14.09 1.89 5.80
C LYS A 79 13.56 3.32 5.80
N LYS A 80 13.56 3.94 4.63
CA LYS A 80 13.08 5.30 4.46
C LYS A 80 11.63 5.40 4.95
N PHE A 81 10.80 4.46 4.52
CA PHE A 81 9.39 4.45 4.86
C PHE A 81 9.21 4.26 6.36
N ALA A 82 9.80 3.19 6.89
CA ALA A 82 9.65 2.84 8.30
C ALA A 82 10.01 4.01 9.22
N THR A 83 11.12 4.68 8.91
CA THR A 83 11.59 5.80 9.72
C THR A 83 10.72 7.04 9.53
N SER A 84 10.46 7.41 8.28
CA SER A 84 9.72 8.64 7.98
C SER A 84 8.26 8.56 8.41
N SER A 85 7.77 7.34 8.63
CA SER A 85 6.40 7.14 9.09
C SER A 85 6.36 7.05 10.62
N GLY A 86 7.54 7.09 11.24
CA GLY A 86 7.63 7.00 12.69
C GLY A 86 7.13 5.66 13.21
N ILE A 87 7.44 4.60 12.48
CA ILE A 87 6.99 3.25 12.85
C ILE A 87 7.89 2.67 13.95
N GLU A 88 8.98 3.37 14.26
CA GLU A 88 9.98 2.93 15.26
C GLU A 88 9.36 2.16 16.43
N ASN A 89 8.19 2.59 16.89
CA ASN A 89 7.45 1.87 17.94
C ASN A 89 6.08 1.44 17.41
N GLY A 90 5.96 0.16 17.04
CA GLY A 90 4.69 -0.34 16.55
C GLY A 90 4.81 -1.64 15.77
N TYR A 91 3.92 -1.80 14.80
CA TYR A 91 3.81 -3.03 14.01
C TYR A 91 4.28 -2.76 12.58
N ILE A 92 5.20 -3.59 12.10
CA ILE A 92 5.71 -3.48 10.74
C ILE A 92 5.12 -4.58 9.86
N TYR A 93 4.66 -4.20 8.67
CA TYR A 93 4.10 -5.16 7.70
C TYR A 93 4.95 -5.21 6.44
N VAL A 94 5.03 -6.39 5.84
CA VAL A 94 5.75 -6.59 4.58
C VAL A 94 4.90 -7.43 3.62
N LEU A 95 4.63 -6.84 2.44
CA LEU A 95 3.77 -7.46 1.43
C LEU A 95 4.59 -7.78 0.18
N ASN A 96 4.31 -8.92 -0.45
CA ASN A 96 5.04 -9.31 -1.67
C ASN A 96 4.45 -8.59 -2.88
N ARG A 97 5.33 -8.11 -3.78
CA ARG A 97 4.90 -7.27 -4.89
C ARG A 97 4.05 -8.03 -5.91
N ASP A 98 4.45 -9.27 -6.20
CA ASP A 98 3.80 -10.04 -7.27
C ASP A 98 2.52 -10.69 -6.78
N LEU A 99 2.30 -10.66 -5.46
CA LEU A 99 1.04 -11.14 -4.88
C LEU A 99 -0.08 -10.20 -5.28
N PHE A 100 0.22 -8.90 -5.21
CA PHE A 100 -0.72 -7.86 -5.66
C PHE A 100 -0.86 -7.93 -7.18
N GLY A 101 0.27 -8.09 -7.86
CA GLY A 101 0.25 -8.24 -9.31
C GLY A 101 -0.60 -9.42 -9.75
N GLN A 102 -0.54 -10.50 -8.98
CA GLN A 102 -1.34 -11.69 -9.25
C GLN A 102 -2.82 -11.41 -8.95
N TYR A 103 -3.06 -10.70 -7.84
CA TYR A 103 -4.42 -10.31 -7.46
C TYR A 103 -5.00 -9.34 -8.50
N SER A 104 -4.10 -8.73 -9.26
CA SER A 104 -4.46 -7.89 -10.40
C SER A 104 -5.04 -6.55 -9.96
N ILE A 105 -4.48 -6.00 -8.88
CA ILE A 105 -4.82 -4.63 -8.47
C ILE A 105 -4.12 -3.64 -9.40
N PHE A 106 -4.50 -2.37 -9.35
CA PHE A 106 -3.94 -1.39 -10.29
C PHE A 106 -2.52 -1.02 -9.88
N GLU A 107 -1.55 -1.47 -10.67
CA GLU A 107 -0.15 -1.12 -10.47
C GLU A 107 0.16 0.16 -11.25
N TYR A 108 0.17 1.29 -10.54
CA TYR A 108 0.41 2.59 -11.16
C TYR A 108 1.77 3.13 -10.72
N GLU A 109 2.69 3.25 -11.66
CA GLU A 109 4.03 3.73 -11.36
C GLU A 109 4.15 5.21 -11.68
N VAL A 110 4.34 6.02 -10.64
CA VAL A 110 4.57 7.45 -10.81
C VAL A 110 6.06 7.70 -11.02
N GLU A 111 6.42 8.18 -12.20
CA GLU A 111 7.81 8.38 -12.54
C GLU A 111 8.20 9.85 -12.46
N HIS A 112 9.37 10.10 -11.90
CA HIS A 112 9.96 11.42 -11.89
C HIS A 112 10.79 11.57 -13.18
N PRO A 113 11.36 12.75 -13.49
CA PRO A 113 12.14 12.95 -14.72
C PRO A 113 13.18 11.85 -14.94
N GLU A 114 13.62 11.71 -16.19
CA GLU A 114 14.47 10.59 -16.63
C GLU A 114 15.61 10.27 -15.66
N ASN A 115 16.56 11.19 -15.48
CA ASN A 115 17.80 10.86 -14.78
C ASN A 115 17.80 11.14 -13.27
N PRO A 116 16.90 11.99 -12.70
CA PRO A 116 16.71 12.04 -11.24
C PRO A 116 16.64 10.63 -10.61
N ASN A 117 16.37 9.64 -11.46
CA ASN A 117 16.52 8.23 -11.13
C ASN A 117 15.43 7.75 -10.17
N GLU A 118 14.40 8.57 -10.00
CA GLU A 118 13.31 8.27 -9.06
C GLU A 118 12.07 7.77 -9.80
N LYS A 119 11.63 6.57 -9.45
CA LYS A 119 10.43 5.98 -10.02
C LYS A 119 9.69 5.19 -8.94
N GLU A 120 8.55 5.71 -8.49
CA GLU A 120 7.79 5.11 -7.41
C GLU A 120 6.63 4.27 -7.95
N VAL A 121 6.49 3.06 -7.43
CA VAL A 121 5.40 2.18 -7.85
C VAL A 121 4.26 2.26 -6.82
N THR A 122 3.20 2.95 -7.18
CA THR A 122 2.03 3.05 -6.34
C THR A 122 1.12 1.84 -6.57
N ILE A 123 0.96 1.03 -5.54
CA ILE A 123 0.12 -0.15 -5.60
C ILE A 123 -1.30 0.24 -5.20
N ARG A 124 -2.15 0.41 -6.21
CA ARG A 124 -3.54 0.76 -6.00
C ARG A 124 -4.37 -0.50 -5.78
N ALA A 125 -4.54 -0.86 -4.52
CA ALA A 125 -5.33 -2.02 -4.14
C ALA A 125 -6.80 -1.75 -4.46
N GLU A 126 -7.56 -2.81 -4.73
CA GLU A 126 -8.92 -2.65 -5.23
C GLU A 126 -9.85 -2.01 -4.19
N ASP A 127 -9.38 -1.89 -2.96
CA ASP A 127 -10.10 -1.20 -1.90
C ASP A 127 -9.11 -0.49 -0.99
N CYS A 128 -9.58 0.54 -0.31
CA CYS A 128 -8.72 1.39 0.51
C CYS A 128 -8.18 0.63 1.73
N GLY A 129 -6.88 0.75 1.95
CA GLY A 129 -6.26 0.20 3.14
C GLY A 129 -5.75 -1.22 2.94
N CYS A 130 -5.30 -1.53 1.73
CA CYS A 130 -4.75 -2.85 1.41
C CYS A 130 -5.82 -3.93 1.63
N ILE A 131 -6.81 -3.94 0.73
CA ILE A 131 -8.00 -4.82 0.83
C ILE A 131 -7.67 -6.25 1.35
N PRO A 132 -6.73 -7.00 0.73
CA PRO A 132 -6.47 -8.39 1.11
C PRO A 132 -5.36 -8.52 2.14
N GLU A 133 -5.64 -9.24 3.22
CA GLU A 133 -4.65 -9.47 4.28
C GLU A 133 -3.70 -10.60 3.90
N GLU A 134 -4.01 -11.27 2.78
CA GLU A 134 -3.21 -12.40 2.32
C GLU A 134 -2.00 -11.93 1.50
N VAL A 135 -1.92 -10.63 1.27
CA VAL A 135 -0.76 -10.04 0.59
C VAL A 135 0.38 -9.84 1.58
N ILE A 136 0.08 -10.02 2.87
CA ILE A 136 1.04 -9.81 3.93
C ILE A 136 1.86 -11.07 4.13
N ILE A 137 2.96 -11.16 3.40
CA ILE A 137 3.82 -12.32 3.46
C ILE A 137 4.41 -12.44 4.85
N ALA A 138 4.70 -11.30 5.48
CA ALA A 138 5.22 -11.31 6.83
C ALA A 138 4.93 -10.02 7.56
N LYS A 139 5.16 -10.04 8.87
CA LYS A 139 5.06 -8.86 9.70
C LYS A 139 6.03 -8.98 10.87
N GLU A 140 6.35 -7.85 11.48
CA GLU A 140 7.34 -7.76 12.54
C GLU A 140 6.87 -6.78 13.61
N LEU A 141 7.44 -6.89 14.80
CA LEU A 141 7.25 -5.90 15.85
C LEU A 141 8.50 -5.06 15.97
N ILE A 142 8.35 -3.81 16.35
CA ILE A 142 9.48 -2.91 16.54
C ILE A 142 9.29 -2.05 17.79
N GLU A 143 10.31 -2.01 18.64
CA GLU A 143 10.23 -1.35 19.94
C GLU A 143 11.31 -0.27 20.07
N ILE A 144 11.59 0.40 18.95
CA ILE A 144 12.60 1.46 18.89
C ILE A 144 14.00 0.95 19.24
N ASN A 145 14.29 0.86 20.53
CA ASN A 145 15.64 0.56 21.00
C ASN A 145 15.88 -0.95 21.09
N LEU A 146 17.10 -1.35 20.74
CA LEU A 146 17.55 -2.73 20.88
C LEU A 146 18.92 -2.74 21.56
N GLU A 147 19.26 -3.87 22.19
CA GLU A 147 20.49 -3.99 22.98
C GLU A 147 20.40 -3.10 24.24
N HIS A 148 20.43 -3.74 25.41
CA HIS A 148 20.22 -3.03 26.67
C HIS A 148 21.36 -2.07 26.98
N HIS A 149 22.55 -2.35 26.43
CA HIS A 149 23.69 -1.45 26.61
C HIS A 149 23.47 -0.17 25.82
N HIS A 150 22.60 -0.25 24.81
CA HIS A 150 22.24 0.88 23.95
C HIS A 150 23.44 1.35 23.12
N HIS A 151 23.26 1.40 21.79
CA HIS A 151 24.36 1.68 20.87
C HIS A 151 24.00 2.83 19.92
N HIS A 152 24.94 3.75 19.75
CA HIS A 152 24.83 4.78 18.72
C HIS A 152 25.64 4.34 17.49
N HIS A 153 26.41 3.27 17.68
CA HIS A 153 27.21 2.68 16.63
C HIS A 153 27.63 1.26 17.06
N MET A 1 10.88 -11.93 -7.50
CA MET A 1 9.52 -11.65 -8.02
C MET A 1 8.88 -10.49 -7.27
N GLY A 2 8.40 -9.49 -8.02
CA GLY A 2 7.75 -8.34 -7.44
C GLY A 2 8.71 -7.44 -6.69
N ASN A 3 8.19 -6.70 -5.73
CA ASN A 3 9.00 -5.80 -4.90
C ASN A 3 8.35 -5.68 -3.53
N PHE A 4 9.14 -5.26 -2.55
CA PHE A 4 8.69 -5.18 -1.16
C PHE A 4 8.00 -3.85 -0.88
N LEU A 5 6.81 -3.93 -0.32
CA LEU A 5 6.09 -2.75 0.17
C LEU A 5 6.26 -2.68 1.67
N TYR A 6 6.53 -1.50 2.19
CA TYR A 6 6.79 -1.36 3.62
C TYR A 6 5.80 -0.38 4.26
N ARG A 7 5.09 -0.84 5.29
CA ARG A 7 4.21 0.02 6.07
C ARG A 7 4.33 -0.37 7.55
N GLY A 8 4.13 0.59 8.44
CA GLY A 8 4.34 0.34 9.87
C GLY A 8 3.15 0.79 10.70
N ILE A 9 3.03 0.23 11.91
CA ILE A 9 1.88 0.47 12.78
C ILE A 9 2.32 0.39 14.26
N SER A 10 1.78 1.28 15.10
CA SER A 10 2.03 1.22 16.53
C SER A 10 0.99 0.34 17.21
N CYS A 11 -0.27 0.45 16.77
CA CYS A 11 -1.37 -0.34 17.29
C CYS A 11 -2.69 0.12 16.64
N GLN A 12 -3.79 -0.02 17.39
CA GLN A 12 -5.12 0.33 16.91
C GLN A 12 -5.17 1.79 16.46
N GLN A 13 -4.52 2.64 17.23
CA GLN A 13 -4.47 4.07 16.92
C GLN A 13 -3.92 4.32 15.52
N ASP A 14 -3.00 3.45 15.08
CA ASP A 14 -2.38 3.59 13.77
C ASP A 14 -3.26 2.94 12.69
N GLU A 15 -3.96 1.88 13.06
CA GLU A 15 -5.00 1.29 12.19
C GLU A 15 -5.97 2.40 11.77
N GLN A 16 -6.47 3.14 12.75
CA GLN A 16 -7.41 4.23 12.51
C GLN A 16 -6.72 5.44 11.88
N ASN A 17 -5.50 5.74 12.34
CA ASN A 17 -4.73 6.87 11.84
C ASN A 17 -4.51 6.75 10.34
N ASN A 18 -4.08 5.57 9.91
CA ASN A 18 -3.85 5.30 8.48
C ASN A 18 -5.18 4.94 7.82
N GLY A 19 -6.01 4.22 8.57
CA GLY A 19 -7.29 3.76 8.06
C GLY A 19 -7.11 2.69 7.00
N GLN A 20 -5.91 2.11 6.95
CA GLN A 20 -5.55 1.18 5.88
C GLN A 20 -4.89 -0.09 6.43
N LEU A 21 -4.82 -0.21 7.75
CA LEU A 21 -4.10 -1.34 8.34
C LEU A 21 -4.88 -2.64 8.13
N LYS A 22 -6.15 -2.63 8.54
CA LYS A 22 -7.01 -3.78 8.38
C LYS A 22 -7.72 -3.72 7.02
N PRO A 23 -7.73 -4.84 6.27
CA PRO A 23 -8.41 -4.93 4.96
C PRO A 23 -9.91 -4.62 5.08
N LYS A 24 -10.33 -3.50 4.50
CA LYS A 24 -11.73 -3.08 4.57
C LYS A 24 -12.39 -3.15 3.20
N GLY A 25 -11.58 -3.32 2.15
CA GLY A 25 -12.09 -3.39 0.80
C GLY A 25 -12.59 -4.79 0.46
N ASN A 26 -13.52 -4.87 -0.49
CA ASN A 26 -14.06 -6.15 -0.93
C ASN A 26 -13.38 -6.60 -2.23
N LYS A 27 -13.77 -5.96 -3.36
CA LYS A 27 -13.22 -6.24 -4.71
C LYS A 27 -14.27 -5.91 -5.77
N ALA A 28 -13.83 -5.73 -7.02
CA ALA A 28 -14.74 -5.40 -8.12
C ALA A 28 -14.00 -5.31 -9.46
N GLU A 29 -13.61 -4.08 -9.85
CA GLU A 29 -13.04 -3.82 -11.18
C GLU A 29 -14.08 -4.07 -12.27
N VAL A 30 -14.49 -3.00 -12.95
CA VAL A 30 -15.47 -3.10 -14.04
C VAL A 30 -15.69 -1.75 -14.73
N ALA A 31 -15.72 -1.77 -16.06
CA ALA A 31 -16.15 -0.62 -16.87
C ALA A 31 -15.24 0.61 -16.67
N ILE A 32 -14.01 0.37 -16.23
CA ILE A 32 -13.10 1.47 -15.94
C ILE A 32 -12.50 2.02 -17.24
N ARG A 33 -13.31 2.77 -17.97
CA ARG A 33 -12.90 3.35 -19.25
C ARG A 33 -11.70 4.28 -19.09
N TYR A 34 -10.51 3.74 -19.31
CA TYR A 34 -9.28 4.51 -19.25
C TYR A 34 -8.40 4.16 -20.43
N ASP A 35 -8.54 4.93 -21.50
CA ASP A 35 -7.79 4.72 -22.74
C ASP A 35 -6.28 4.82 -22.49
N GLY A 36 -5.60 3.67 -22.46
CA GLY A 36 -4.16 3.67 -22.27
C GLY A 36 -3.63 2.32 -21.80
N LYS A 37 -3.55 2.15 -20.48
CA LYS A 37 -2.93 0.96 -19.89
C LYS A 37 -3.96 0.14 -19.13
N PHE A 38 -3.49 -0.99 -18.58
CA PHE A 38 -4.31 -1.90 -17.76
C PHE A 38 -5.31 -2.68 -18.61
N LYS A 39 -5.77 -3.81 -18.07
CA LYS A 39 -6.75 -4.65 -18.73
C LYS A 39 -8.06 -4.64 -17.95
N TYR A 40 -8.96 -3.74 -18.34
CA TYR A 40 -10.26 -3.61 -17.68
C TYR A 40 -11.21 -4.66 -18.22
N ASP A 41 -11.11 -5.86 -17.65
CA ASP A 41 -11.88 -7.02 -18.09
C ASP A 41 -13.23 -7.07 -17.35
N GLY A 42 -13.27 -6.45 -16.19
CA GLY A 42 -14.44 -6.56 -15.33
C GLY A 42 -14.32 -7.79 -14.44
N LYS A 43 -13.24 -7.84 -13.67
CA LYS A 43 -12.91 -9.00 -12.85
C LYS A 43 -14.07 -9.45 -11.97
N ALA A 44 -14.80 -8.50 -11.40
CA ALA A 44 -15.93 -8.81 -10.54
C ALA A 44 -17.05 -7.79 -10.72
N THR A 45 -18.02 -7.81 -9.81
CA THR A 45 -19.17 -6.93 -9.87
C THR A 45 -19.62 -6.57 -8.45
N HIS A 46 -20.63 -5.68 -8.35
CA HIS A 46 -21.27 -5.32 -7.07
C HIS A 46 -20.46 -4.28 -6.30
N GLY A 47 -19.15 -4.49 -6.20
CA GLY A 47 -18.28 -3.55 -5.50
C GLY A 47 -18.47 -2.11 -5.93
N PRO A 48 -18.96 -1.23 -5.03
CA PRO A 48 -19.22 0.18 -5.35
C PRO A 48 -17.95 1.03 -5.31
N SER A 49 -17.06 0.69 -4.39
CA SER A 49 -15.85 1.46 -4.13
C SER A 49 -14.77 1.16 -5.17
N VAL A 50 -15.08 1.47 -6.43
CA VAL A 50 -14.19 1.18 -7.54
C VAL A 50 -14.59 2.03 -8.77
N LYS A 51 -14.40 1.51 -9.98
CA LYS A 51 -14.87 2.15 -11.21
C LYS A 51 -14.08 3.41 -11.54
N ASN A 52 -14.44 4.01 -12.68
CA ASN A 52 -13.89 5.29 -13.11
C ASN A 52 -14.07 6.33 -12.00
N ALA A 53 -15.13 6.15 -11.22
CA ALA A 53 -15.42 7.01 -10.09
C ALA A 53 -14.23 7.07 -9.14
N VAL A 54 -13.90 5.96 -8.49
CA VAL A 54 -12.81 5.94 -7.51
C VAL A 54 -11.47 6.24 -8.18
N TYR A 55 -11.29 5.74 -9.40
CA TYR A 55 -10.04 5.93 -10.13
C TYR A 55 -9.77 7.42 -10.38
N ALA A 56 -10.65 8.03 -11.17
CA ALA A 56 -10.51 9.43 -11.55
C ALA A 56 -10.52 10.34 -10.33
N HIS A 57 -11.48 10.12 -9.43
CA HIS A 57 -11.61 10.96 -8.23
C HIS A 57 -10.34 10.93 -7.40
N GLN A 58 -9.80 9.74 -7.16
CA GLN A 58 -8.57 9.62 -6.39
C GLN A 58 -7.43 10.38 -7.06
N ILE A 59 -7.22 10.11 -8.35
CA ILE A 59 -6.12 10.71 -9.10
C ILE A 59 -6.20 12.24 -9.09
N GLU A 60 -7.39 12.77 -9.34
CA GLU A 60 -7.58 14.21 -9.48
C GLU A 60 -7.59 14.93 -8.12
N THR A 61 -8.22 14.32 -7.12
CA THR A 61 -8.41 14.98 -5.83
C THR A 61 -7.17 14.91 -4.95
N GLY A 62 -6.51 13.76 -4.90
CA GLY A 62 -5.35 13.60 -4.03
C GLY A 62 -4.30 12.67 -4.59
N LEU A 63 -4.43 12.30 -5.87
CA LEU A 63 -3.51 11.39 -6.54
C LEU A 63 -3.54 10.01 -5.88
N TYR A 64 -2.91 9.89 -4.72
CA TYR A 64 -2.85 8.64 -3.97
C TYR A 64 -3.24 8.90 -2.52
N ASP A 65 -4.51 9.23 -2.33
CA ASP A 65 -5.07 9.56 -1.01
C ASP A 65 -4.90 8.38 -0.05
N GLY A 66 -5.18 7.17 -0.51
CA GLY A 66 -5.04 6.00 0.34
C GLY A 66 -5.74 4.77 -0.20
N CYS A 67 -6.59 4.94 -1.21
CA CYS A 67 -7.31 3.82 -1.82
C CYS A 67 -6.33 2.79 -2.40
N TYR A 68 -5.17 3.29 -2.84
CA TYR A 68 -4.13 2.44 -3.41
C TYR A 68 -2.89 2.48 -2.50
N ILE A 69 -2.02 1.47 -2.63
CA ILE A 69 -0.83 1.39 -1.77
C ILE A 69 0.43 1.53 -2.61
N SER A 70 1.26 2.50 -2.25
CA SER A 70 2.45 2.85 -3.03
C SER A 70 3.73 2.37 -2.36
N THR A 71 4.73 2.01 -3.18
CA THR A 71 6.06 1.71 -2.69
C THR A 71 7.12 2.33 -3.62
N THR A 72 8.25 2.71 -3.04
CA THR A 72 9.34 3.33 -3.77
C THR A 72 10.19 2.30 -4.50
N THR A 73 10.87 2.73 -5.56
CA THR A 73 11.64 1.85 -6.42
C THR A 73 12.89 1.28 -5.71
N ASP A 74 13.38 2.00 -4.71
CA ASP A 74 14.60 1.61 -4.02
C ASP A 74 14.29 0.64 -2.88
N LYS A 75 15.01 -0.48 -2.86
CA LYS A 75 14.84 -1.50 -1.83
C LYS A 75 15.21 -0.96 -0.45
N GLU A 76 15.96 0.15 -0.45
CA GLU A 76 16.36 0.80 0.80
C GLU A 76 15.14 1.40 1.51
N ILE A 77 14.01 1.40 0.81
CA ILE A 77 12.74 1.91 1.36
C ILE A 77 12.47 1.38 2.77
N ALA A 78 12.93 0.17 3.04
CA ALA A 78 12.71 -0.47 4.34
C ALA A 78 13.25 0.39 5.47
N LYS A 79 14.55 0.60 5.45
CA LYS A 79 15.23 1.33 6.52
C LYS A 79 14.85 2.81 6.45
N LYS A 80 14.80 3.33 5.23
CA LYS A 80 14.46 4.73 5.01
C LYS A 80 13.08 5.04 5.57
N PHE A 81 12.12 4.17 5.29
CA PHE A 81 10.74 4.38 5.72
C PHE A 81 10.65 4.27 7.24
N ALA A 82 11.14 3.15 7.77
CA ALA A 82 11.00 2.85 9.20
C ALA A 82 11.62 3.96 10.06
N THR A 83 12.76 4.49 9.62
CA THR A 83 13.43 5.56 10.35
C THR A 83 12.70 6.89 10.15
N SER A 84 12.46 7.27 8.89
CA SER A 84 11.90 8.58 8.57
C SER A 84 10.42 8.69 8.97
N SER A 85 9.81 7.58 9.33
CA SER A 85 8.42 7.60 9.79
C SER A 85 8.34 7.42 11.31
N GLY A 86 9.51 7.38 11.96
CA GLY A 86 9.56 7.18 13.40
C GLY A 86 8.86 5.90 13.83
N ILE A 87 8.99 4.87 13.00
CA ILE A 87 8.32 3.60 13.23
C ILE A 87 9.19 2.66 14.07
N GLU A 88 10.45 3.07 14.27
CA GLU A 88 11.43 2.30 15.04
C GLU A 88 10.83 1.75 16.35
N ASN A 89 9.84 2.46 16.90
CA ASN A 89 9.15 1.99 18.10
C ASN A 89 7.74 1.52 17.73
N GLY A 90 7.53 0.20 17.80
CA GLY A 90 6.20 -0.35 17.57
C GLY A 90 6.21 -1.60 16.72
N TYR A 91 5.43 -1.59 15.65
CA TYR A 91 5.26 -2.75 14.78
C TYR A 91 5.45 -2.32 13.33
N ILE A 92 5.91 -3.23 12.48
CA ILE A 92 6.12 -2.93 11.07
C ILE A 92 5.81 -4.16 10.22
N TYR A 93 5.06 -3.96 9.15
CA TYR A 93 4.61 -5.07 8.30
C TYR A 93 4.93 -4.81 6.83
N VAL A 94 5.06 -5.88 6.07
CA VAL A 94 5.41 -5.79 4.67
C VAL A 94 4.37 -6.46 3.78
N LEU A 95 4.18 -5.86 2.61
CA LEU A 95 3.24 -6.31 1.61
C LEU A 95 4.01 -6.63 0.33
N ASN A 96 3.63 -7.70 -0.38
CA ASN A 96 4.38 -8.12 -1.57
C ASN A 96 3.63 -7.78 -2.86
N ARG A 97 4.33 -7.11 -3.78
CA ARG A 97 3.74 -6.73 -5.08
C ARG A 97 3.47 -7.98 -5.90
N ASP A 98 4.34 -8.98 -5.75
CA ASP A 98 4.22 -10.25 -6.46
C ASP A 98 2.87 -10.89 -6.16
N LEU A 99 2.43 -10.74 -4.92
CA LEU A 99 1.16 -11.31 -4.48
C LEU A 99 0.01 -10.63 -5.20
N PHE A 100 0.14 -9.32 -5.39
CA PHE A 100 -0.86 -8.53 -6.10
C PHE A 100 -0.83 -8.85 -7.59
N GLY A 101 0.38 -9.13 -8.10
CA GLY A 101 0.53 -9.56 -9.48
C GLY A 101 -0.19 -10.85 -9.74
N GLN A 102 -0.13 -11.75 -8.76
CA GLN A 102 -0.89 -13.00 -8.80
C GLN A 102 -2.38 -12.71 -8.73
N TYR A 103 -2.75 -11.79 -7.84
CA TYR A 103 -4.14 -11.34 -7.70
C TYR A 103 -4.61 -10.61 -8.95
N SER A 104 -3.65 -10.17 -9.77
CA SER A 104 -3.92 -9.47 -11.03
C SER A 104 -4.44 -8.07 -10.75
N ILE A 105 -3.99 -7.51 -9.63
CA ILE A 105 -4.29 -6.13 -9.24
C ILE A 105 -3.52 -5.17 -10.14
N PHE A 106 -4.00 -3.93 -10.27
CA PHE A 106 -3.40 -2.98 -11.21
C PHE A 106 -2.12 -2.39 -10.62
N GLU A 107 -1.08 -2.27 -11.44
CA GLU A 107 0.19 -1.71 -10.99
C GLU A 107 0.50 -0.45 -11.79
N TYR A 108 0.33 0.71 -11.15
CA TYR A 108 0.65 1.99 -11.78
C TYR A 108 1.88 2.58 -11.09
N GLU A 109 2.97 2.66 -11.83
CA GLU A 109 4.20 3.21 -11.31
C GLU A 109 4.34 4.65 -11.81
N VAL A 110 4.24 5.59 -10.89
CA VAL A 110 4.36 7.00 -11.24
C VAL A 110 5.84 7.35 -11.27
N GLU A 111 6.34 7.54 -12.48
CA GLU A 111 7.73 7.88 -12.69
C GLU A 111 7.87 9.38 -12.90
N HIS A 112 8.78 9.95 -12.14
CA HIS A 112 9.13 11.36 -12.27
C HIS A 112 10.15 11.50 -13.42
N PRO A 113 10.61 12.73 -13.75
CA PRO A 113 11.66 12.92 -14.77
C PRO A 113 12.86 12.00 -14.55
N GLU A 114 13.74 11.94 -15.55
CA GLU A 114 14.86 10.99 -15.57
C GLU A 114 15.66 10.97 -14.26
N ASN A 115 16.41 12.03 -13.99
CA ASN A 115 17.40 12.00 -12.92
C ASN A 115 16.84 12.14 -11.49
N PRO A 116 15.61 12.69 -11.26
CA PRO A 116 14.93 12.57 -9.98
C PRO A 116 15.11 11.17 -9.35
N ASN A 117 15.41 10.20 -10.21
CA ASN A 117 15.92 8.90 -9.79
C ASN A 117 14.85 8.03 -9.14
N GLU A 118 13.60 8.50 -9.15
CA GLU A 118 12.52 7.84 -8.43
C GLU A 118 11.31 7.58 -9.32
N LYS A 119 10.71 6.41 -9.13
CA LYS A 119 9.45 6.04 -9.78
C LYS A 119 8.60 5.29 -8.78
N GLU A 120 7.66 5.98 -8.15
CA GLU A 120 6.87 5.39 -7.07
C GLU A 120 5.91 4.35 -7.65
N VAL A 121 6.22 3.08 -7.44
CA VAL A 121 5.41 2.01 -8.00
C VAL A 121 4.21 1.74 -7.09
N THR A 122 3.05 2.21 -7.54
CA THR A 122 1.84 2.12 -6.74
C THR A 122 1.00 0.92 -7.15
N ILE A 123 0.60 0.15 -6.15
CA ILE A 123 -0.30 -0.98 -6.36
C ILE A 123 -1.74 -0.48 -6.28
N ARG A 124 -2.37 -0.44 -7.46
CA ARG A 124 -3.74 0.02 -7.60
C ARG A 124 -4.71 -1.14 -7.39
N ALA A 125 -5.13 -1.30 -6.14
CA ALA A 125 -6.13 -2.29 -5.78
C ALA A 125 -7.50 -1.86 -6.28
N GLU A 126 -8.35 -2.82 -6.61
CA GLU A 126 -9.68 -2.52 -7.15
C GLU A 126 -10.50 -1.74 -6.12
N ASP A 127 -10.71 -2.35 -4.96
CA ASP A 127 -11.50 -1.75 -3.91
C ASP A 127 -10.62 -0.83 -3.06
N CYS A 128 -11.18 0.30 -2.65
CA CYS A 128 -10.45 1.31 -1.91
C CYS A 128 -10.09 0.82 -0.51
N GLY A 129 -8.78 0.67 -0.26
CA GLY A 129 -8.31 0.35 1.08
C GLY A 129 -8.18 -1.15 1.35
N CYS A 130 -7.18 -1.76 0.71
CA CYS A 130 -6.79 -3.14 1.01
C CYS A 130 -7.94 -4.13 0.78
N ILE A 131 -8.26 -4.38 -0.49
CA ILE A 131 -9.25 -5.40 -0.86
C ILE A 131 -8.80 -6.81 -0.41
N PRO A 132 -7.52 -7.21 -0.62
CA PRO A 132 -7.05 -8.56 -0.25
C PRO A 132 -6.73 -8.68 1.24
N GLU A 133 -7.18 -9.76 1.85
CA GLU A 133 -6.88 -10.04 3.25
C GLU A 133 -5.41 -10.42 3.42
N GLU A 134 -4.84 -10.97 2.35
CA GLU A 134 -3.43 -11.35 2.32
C GLU A 134 -2.55 -10.17 1.92
N VAL A 135 -3.14 -8.97 1.90
CA VAL A 135 -2.40 -7.75 1.56
C VAL A 135 -1.15 -7.61 2.44
N ILE A 136 -1.27 -8.04 3.69
CA ILE A 136 -0.15 -8.07 4.62
C ILE A 136 0.50 -9.44 4.58
N ILE A 137 1.55 -9.57 3.77
CA ILE A 137 2.19 -10.86 3.54
C ILE A 137 3.05 -11.27 4.73
N ALA A 138 3.70 -10.31 5.37
CA ALA A 138 4.53 -10.61 6.53
C ALA A 138 4.50 -9.49 7.56
N LYS A 139 4.81 -9.83 8.81
CA LYS A 139 4.79 -8.87 9.91
C LYS A 139 6.07 -8.99 10.75
N GLU A 140 6.49 -7.86 11.32
CA GLU A 140 7.67 -7.81 12.18
C GLU A 140 7.41 -6.85 13.35
N LEU A 141 8.11 -7.06 14.46
CA LEU A 141 8.04 -6.14 15.59
C LEU A 141 9.37 -5.43 15.76
N ILE A 142 9.32 -4.19 16.23
CA ILE A 142 10.53 -3.40 16.40
C ILE A 142 10.46 -2.55 17.68
N GLU A 143 11.60 -2.45 18.38
CA GLU A 143 11.70 -1.64 19.59
C GLU A 143 13.01 -0.87 19.61
N ILE A 144 13.24 -0.13 18.51
CA ILE A 144 14.41 0.75 18.31
C ILE A 144 15.71 0.20 18.92
N ASN A 145 16.54 -0.39 18.06
CA ASN A 145 17.87 -0.87 18.44
C ASN A 145 18.80 0.33 18.65
N LEU A 146 18.59 1.04 19.76
CA LEU A 146 19.38 2.21 20.10
C LEU A 146 20.55 1.86 21.01
N GLU A 147 20.22 1.36 22.20
CA GLU A 147 21.22 1.05 23.22
C GLU A 147 21.92 -0.28 22.93
N HIS A 148 22.57 -0.36 21.78
CA HIS A 148 23.34 -1.54 21.39
C HIS A 148 24.83 -1.25 21.47
N HIS A 149 25.17 -0.12 22.10
CA HIS A 149 26.56 0.31 22.25
C HIS A 149 26.95 0.28 23.72
N HIS A 150 28.08 -0.36 24.02
CA HIS A 150 28.58 -0.47 25.39
C HIS A 150 29.00 0.92 25.91
N HIS A 151 29.48 1.76 25.01
CA HIS A 151 29.87 3.12 25.37
C HIS A 151 28.63 4.02 25.40
N HIS A 152 27.79 3.83 26.41
CA HIS A 152 26.53 4.56 26.54
C HIS A 152 26.79 6.06 26.57
N HIS A 153 26.02 6.80 25.78
CA HIS A 153 26.19 8.25 25.68
C HIS A 153 25.90 8.92 27.03
N MET A 1 8.36 -12.37 -9.48
CA MET A 1 9.29 -11.82 -8.46
C MET A 1 8.51 -11.27 -7.27
N GLY A 2 8.32 -12.12 -6.26
CA GLY A 2 7.59 -11.74 -5.07
C GLY A 2 8.41 -10.86 -4.14
N ASN A 3 8.63 -9.62 -4.56
CA ASN A 3 9.34 -8.63 -3.74
C ASN A 3 8.37 -7.95 -2.80
N PHE A 4 8.63 -8.03 -1.50
CA PHE A 4 7.70 -7.51 -0.50
C PHE A 4 7.76 -5.98 -0.44
N LEU A 5 6.62 -5.38 -0.10
CA LEU A 5 6.52 -3.94 0.10
C LEU A 5 6.56 -3.66 1.60
N TYR A 6 7.39 -2.72 1.99
CA TYR A 6 7.62 -2.42 3.39
C TYR A 6 6.76 -1.25 3.83
N ARG A 7 5.78 -1.52 4.71
CA ARG A 7 4.92 -0.47 5.25
C ARG A 7 4.86 -0.60 6.77
N GLY A 8 4.57 0.50 7.44
CA GLY A 8 4.53 0.51 8.90
C GLY A 8 3.24 1.12 9.42
N ILE A 9 2.90 0.79 10.66
CA ILE A 9 1.64 1.23 11.26
C ILE A 9 1.84 1.52 12.75
N SER A 10 1.01 2.41 13.29
CA SER A 10 1.09 2.79 14.71
C SER A 10 0.35 1.78 15.59
N CYS A 11 0.03 0.63 15.00
CA CYS A 11 -0.63 -0.47 15.68
C CYS A 11 -1.98 -0.04 16.26
N GLN A 12 -1.99 0.31 17.54
CA GLN A 12 -3.23 0.49 18.29
C GLN A 12 -4.04 1.68 17.78
N GLN A 13 -3.36 2.81 17.58
CA GLN A 13 -4.03 4.05 17.17
C GLN A 13 -4.73 3.85 15.82
N ASP A 14 -3.94 3.46 14.82
CA ASP A 14 -4.44 3.30 13.45
C ASP A 14 -5.50 2.20 13.40
N GLU A 15 -5.24 1.09 14.08
CA GLU A 15 -6.16 -0.04 14.12
C GLU A 15 -7.50 0.39 14.71
N GLN A 16 -7.45 1.03 15.87
CA GLN A 16 -8.67 1.46 16.57
C GLN A 16 -9.47 2.42 15.70
N ASN A 17 -8.76 3.38 15.09
CA ASN A 17 -9.40 4.39 14.24
C ASN A 17 -10.06 3.75 13.02
N ASN A 18 -9.30 2.92 12.32
CA ASN A 18 -9.71 2.37 11.03
C ASN A 18 -10.69 1.21 11.20
N GLY A 19 -10.59 0.51 12.31
CA GLY A 19 -11.36 -0.71 12.50
C GLY A 19 -10.57 -1.91 12.01
N GLN A 20 -9.30 -1.94 12.45
CA GLN A 20 -8.32 -2.99 12.15
C GLN A 20 -7.34 -2.46 11.09
N LEU A 21 -6.88 -3.30 10.17
CA LEU A 21 -5.91 -2.88 9.18
C LEU A 21 -6.64 -2.23 7.99
N LYS A 22 -7.48 -1.24 8.31
CA LYS A 22 -8.32 -0.55 7.33
C LYS A 22 -9.40 -1.49 6.78
N PRO A 23 -10.67 -1.03 6.75
CA PRO A 23 -11.79 -1.83 6.22
C PRO A 23 -11.92 -1.71 4.69
N LYS A 24 -12.28 -2.81 4.04
CA LYS A 24 -12.43 -2.84 2.59
C LYS A 24 -13.58 -1.94 2.16
N GLY A 25 -13.36 -1.16 1.09
CA GLY A 25 -14.41 -0.30 0.57
C GLY A 25 -15.53 -1.08 -0.10
N ASN A 26 -15.37 -1.34 -1.39
CA ASN A 26 -16.36 -2.10 -2.17
C ASN A 26 -15.77 -2.55 -3.50
N LYS A 27 -16.07 -3.79 -3.89
CA LYS A 27 -15.54 -4.37 -5.11
C LYS A 27 -16.30 -3.90 -6.34
N ALA A 28 -15.75 -4.20 -7.52
CA ALA A 28 -16.35 -3.83 -8.79
C ALA A 28 -16.79 -5.08 -9.56
N GLU A 29 -16.63 -5.03 -10.88
CA GLU A 29 -16.91 -6.16 -11.75
C GLU A 29 -15.83 -6.25 -12.81
N VAL A 30 -16.05 -7.08 -13.81
CA VAL A 30 -15.10 -7.27 -14.91
C VAL A 30 -15.22 -6.13 -15.92
N ALA A 31 -14.95 -4.92 -15.43
CA ALA A 31 -14.96 -3.72 -16.26
C ALA A 31 -13.87 -2.78 -15.79
N ILE A 32 -12.84 -3.37 -15.20
CA ILE A 32 -11.70 -2.66 -14.65
C ILE A 32 -10.45 -3.00 -15.46
N ARG A 33 -10.10 -2.13 -16.41
CA ARG A 33 -9.01 -2.40 -17.34
C ARG A 33 -7.77 -1.59 -16.99
N TYR A 34 -6.62 -1.97 -17.58
CA TYR A 34 -5.37 -1.27 -17.36
C TYR A 34 -4.58 -1.24 -18.67
N ASP A 35 -3.98 -0.09 -18.98
CA ASP A 35 -3.28 0.11 -20.25
C ASP A 35 -2.58 1.47 -20.26
N GLY A 36 -3.39 2.51 -20.17
CA GLY A 36 -2.89 3.88 -20.17
C GLY A 36 -4.03 4.84 -20.43
N LYS A 37 -4.85 4.51 -21.41
CA LYS A 37 -6.11 5.20 -21.67
C LYS A 37 -7.24 4.21 -21.43
N PHE A 38 -7.13 3.49 -20.31
CA PHE A 38 -8.01 2.37 -20.01
C PHE A 38 -9.41 2.83 -19.59
N LYS A 39 -10.42 2.08 -20.01
CA LYS A 39 -11.80 2.33 -19.61
C LYS A 39 -12.07 1.74 -18.23
N TYR A 40 -12.76 2.51 -17.39
CA TYR A 40 -13.16 2.06 -16.07
C TYR A 40 -14.68 2.11 -15.96
N ASP A 41 -15.30 0.99 -15.61
CA ASP A 41 -16.75 0.91 -15.49
C ASP A 41 -17.14 -0.05 -14.36
N GLY A 42 -18.29 -0.70 -14.50
CA GLY A 42 -18.76 -1.63 -13.48
C GLY A 42 -19.49 -0.91 -12.37
N LYS A 43 -18.76 -0.10 -11.62
CA LYS A 43 -19.34 0.70 -10.54
C LYS A 43 -19.80 2.05 -11.08
N ALA A 44 -20.79 2.01 -11.97
CA ALA A 44 -21.35 3.22 -12.56
C ALA A 44 -22.19 3.98 -11.52
N THR A 45 -21.50 4.61 -10.58
CA THR A 45 -22.15 5.33 -9.50
C THR A 45 -21.26 6.46 -9.00
N HIS A 46 -21.86 7.50 -8.42
CA HIS A 46 -21.11 8.59 -7.82
C HIS A 46 -20.52 8.15 -6.49
N GLY A 47 -19.20 8.13 -6.41
CA GLY A 47 -18.52 7.73 -5.19
C GLY A 47 -17.02 7.92 -5.29
N PRO A 48 -16.32 8.09 -4.14
CA PRO A 48 -14.86 8.32 -4.12
C PRO A 48 -14.07 7.06 -4.46
N SER A 49 -14.66 5.91 -4.15
CA SER A 49 -14.01 4.62 -4.33
C SER A 49 -13.92 4.24 -5.80
N VAL A 50 -12.81 3.59 -6.16
CA VAL A 50 -12.53 3.12 -7.53
C VAL A 50 -12.70 4.23 -8.59
N LYS A 51 -12.55 3.86 -9.87
CA LYS A 51 -12.71 4.77 -11.00
C LYS A 51 -11.55 5.76 -11.10
N ASN A 52 -11.57 6.57 -12.16
CA ASN A 52 -10.60 7.64 -12.34
C ASN A 52 -10.66 8.59 -11.16
N ALA A 53 -11.80 8.56 -10.46
CA ALA A 53 -11.97 9.31 -9.22
C ALA A 53 -10.92 8.88 -8.20
N VAL A 54 -10.86 7.58 -7.91
CA VAL A 54 -9.87 7.07 -6.96
C VAL A 54 -8.45 7.28 -7.49
N TYR A 55 -8.28 7.16 -8.82
CA TYR A 55 -6.98 7.41 -9.44
C TYR A 55 -6.57 8.87 -9.22
N ALA A 56 -7.54 9.77 -9.35
CA ALA A 56 -7.31 11.19 -9.12
C ALA A 56 -6.91 11.42 -7.67
N HIS A 57 -7.62 10.76 -6.77
CA HIS A 57 -7.30 10.84 -5.34
C HIS A 57 -5.89 10.31 -5.08
N GLN A 58 -5.55 9.24 -5.81
CA GLN A 58 -4.24 8.60 -5.68
C GLN A 58 -3.12 9.59 -5.98
N ILE A 59 -3.15 10.17 -7.17
CA ILE A 59 -2.10 11.09 -7.62
C ILE A 59 -2.23 12.46 -6.93
N GLU A 60 -3.45 12.99 -6.90
CA GLU A 60 -3.69 14.34 -6.38
C GLU A 60 -3.63 14.40 -4.86
N THR A 61 -4.43 13.56 -4.20
CA THR A 61 -4.54 13.61 -2.74
C THR A 61 -3.40 12.83 -2.07
N GLY A 62 -2.76 11.95 -2.84
CA GLY A 62 -1.66 11.15 -2.31
C GLY A 62 -2.15 9.83 -1.75
N LEU A 63 -3.24 9.31 -2.35
CA LEU A 63 -3.84 8.01 -2.00
C LEU A 63 -3.97 7.80 -0.48
N TYR A 64 -3.97 8.91 0.26
CA TYR A 64 -4.08 8.87 1.73
C TYR A 64 -3.00 7.99 2.36
N ASP A 65 -1.96 7.69 1.56
CA ASP A 65 -0.88 6.77 1.94
C ASP A 65 -1.39 5.59 2.76
N GLY A 66 -2.48 4.98 2.30
CA GLY A 66 -3.08 3.87 3.02
C GLY A 66 -4.11 3.13 2.21
N CYS A 67 -4.87 3.88 1.39
CA CYS A 67 -5.89 3.27 0.53
C CYS A 67 -5.24 2.29 -0.44
N TYR A 68 -4.05 2.65 -0.93
CA TYR A 68 -3.29 1.83 -1.87
C TYR A 68 -1.86 1.68 -1.37
N ILE A 69 -1.13 0.69 -1.89
CA ILE A 69 0.22 0.42 -1.41
C ILE A 69 1.25 1.15 -2.27
N SER A 70 1.71 2.30 -1.78
CA SER A 70 2.74 3.06 -2.46
C SER A 70 4.13 2.56 -2.06
N THR A 71 4.93 2.18 -3.05
CA THR A 71 6.29 1.72 -2.82
C THR A 71 7.22 2.27 -3.90
N THR A 72 8.51 2.25 -3.64
CA THR A 72 9.49 2.71 -4.62
C THR A 72 9.94 1.53 -5.48
N THR A 73 10.41 1.83 -6.70
CA THR A 73 10.93 0.79 -7.59
C THR A 73 12.15 0.12 -6.96
N ASP A 74 12.86 0.87 -6.13
CA ASP A 74 14.05 0.37 -5.44
C ASP A 74 13.65 -0.32 -4.14
N LYS A 75 14.25 -1.48 -3.88
CA LYS A 75 14.03 -2.24 -2.65
C LYS A 75 14.41 -1.41 -1.41
N GLU A 76 15.24 -0.38 -1.63
CA GLU A 76 15.69 0.49 -0.54
C GLU A 76 14.53 1.32 0.03
N ILE A 77 13.36 1.22 -0.61
CA ILE A 77 12.13 1.83 -0.09
C ILE A 77 11.91 1.42 1.36
N ALA A 78 12.37 0.23 1.69
CA ALA A 78 12.22 -0.32 3.04
C ALA A 78 12.90 0.61 4.05
N LYS A 79 14.15 0.94 3.78
CA LYS A 79 14.96 1.74 4.69
C LYS A 79 14.47 3.17 4.68
N LYS A 80 14.20 3.67 3.48
CA LYS A 80 13.75 5.04 3.30
C LYS A 80 12.44 5.28 4.04
N PHE A 81 11.46 4.43 3.75
CA PHE A 81 10.13 4.61 4.32
C PHE A 81 10.18 4.38 5.83
N ALA A 82 10.76 3.26 6.22
CA ALA A 82 10.80 2.86 7.61
C ALA A 82 11.43 3.93 8.50
N THR A 83 12.62 4.38 8.14
CA THR A 83 13.33 5.34 8.96
C THR A 83 12.63 6.71 8.93
N SER A 84 12.11 7.10 7.76
CA SER A 84 11.40 8.38 7.64
C SER A 84 10.09 8.34 8.40
N SER A 85 9.54 7.15 8.60
CA SER A 85 8.28 6.97 9.34
C SER A 85 8.56 6.78 10.83
N GLY A 86 9.85 6.84 11.20
CA GLY A 86 10.24 6.68 12.58
C GLY A 86 9.86 5.33 13.16
N ILE A 87 10.07 4.27 12.37
CA ILE A 87 9.75 2.91 12.83
C ILE A 87 10.55 2.53 14.07
N GLU A 88 11.54 3.36 14.43
CA GLU A 88 12.27 3.20 15.69
C GLU A 88 11.35 2.65 16.79
N ASN A 89 10.15 3.22 16.88
CA ASN A 89 9.11 2.71 17.78
C ASN A 89 7.78 2.61 17.03
N GLY A 90 7.18 1.42 17.01
CA GLY A 90 5.90 1.24 16.34
C GLY A 90 5.69 -0.18 15.85
N TYR A 91 4.88 -0.33 14.80
CA TYR A 91 4.58 -1.64 14.22
C TYR A 91 4.96 -1.64 12.74
N ILE A 92 5.35 -2.79 12.23
CA ILE A 92 5.80 -2.92 10.83
C ILE A 92 5.09 -4.08 10.15
N TYR A 93 4.58 -3.85 8.95
CA TYR A 93 3.98 -4.93 8.16
C TYR A 93 4.51 -4.93 6.72
N VAL A 94 4.95 -6.09 6.26
CA VAL A 94 5.43 -6.25 4.89
C VAL A 94 4.48 -7.16 4.11
N LEU A 95 4.10 -6.68 2.93
CA LEU A 95 3.12 -7.35 2.08
C LEU A 95 3.80 -7.92 0.83
N ASN A 96 3.38 -9.11 0.39
CA ASN A 96 3.98 -9.73 -0.79
C ASN A 96 3.35 -9.18 -2.07
N ARG A 97 4.13 -9.15 -3.14
CA ARG A 97 3.68 -8.59 -4.41
C ARG A 97 3.26 -9.69 -5.38
N ASP A 98 3.73 -10.92 -5.12
CA ASP A 98 3.40 -12.07 -5.97
C ASP A 98 1.90 -12.32 -5.93
N LEU A 99 1.29 -12.08 -4.78
CA LEU A 99 -0.16 -12.20 -4.62
C LEU A 99 -0.86 -11.17 -5.49
N PHE A 100 -0.28 -9.97 -5.57
CA PHE A 100 -0.82 -8.92 -6.40
C PHE A 100 -0.76 -9.32 -7.87
N GLY A 101 0.34 -9.98 -8.24
CA GLY A 101 0.51 -10.49 -9.58
C GLY A 101 -0.59 -11.48 -9.94
N GLN A 102 -0.77 -12.49 -9.09
CA GLN A 102 -1.79 -13.50 -9.31
C GLN A 102 -3.20 -12.89 -9.28
N TYR A 103 -3.36 -11.83 -8.50
CA TYR A 103 -4.63 -11.12 -8.38
C TYR A 103 -4.80 -10.13 -9.54
N SER A 104 -3.70 -9.82 -10.21
CA SER A 104 -3.69 -8.88 -11.32
C SER A 104 -4.07 -7.47 -10.84
N ILE A 105 -3.44 -7.07 -9.75
CA ILE A 105 -3.65 -5.75 -9.15
C ILE A 105 -2.91 -4.68 -9.97
N PHE A 106 -3.43 -3.46 -9.98
CA PHE A 106 -2.96 -2.43 -10.91
C PHE A 106 -1.93 -1.52 -10.27
N GLU A 107 -0.66 -1.74 -10.60
CA GLU A 107 0.42 -0.92 -10.07
C GLU A 107 0.73 0.23 -11.03
N TYR A 108 0.36 1.43 -10.62
CA TYR A 108 0.62 2.64 -11.39
C TYR A 108 1.83 3.34 -10.82
N GLU A 109 2.91 3.40 -11.61
CA GLU A 109 4.15 4.03 -11.17
C GLU A 109 4.12 5.54 -11.44
N VAL A 110 4.23 6.32 -10.39
CA VAL A 110 4.42 7.75 -10.52
C VAL A 110 5.92 8.05 -10.52
N GLU A 111 6.42 8.41 -11.68
CA GLU A 111 7.83 8.69 -11.86
C GLU A 111 8.03 10.17 -12.19
N HIS A 112 9.25 10.62 -12.00
CA HIS A 112 9.62 12.00 -12.27
C HIS A 112 10.88 12.00 -13.14
N PRO A 113 11.33 13.18 -13.65
CA PRO A 113 12.58 13.28 -14.42
C PRO A 113 13.74 12.51 -13.76
N GLU A 114 14.83 12.36 -14.51
CA GLU A 114 15.93 11.48 -14.12
C GLU A 114 16.51 11.81 -12.73
N ASN A 115 16.86 13.08 -12.48
CA ASN A 115 17.62 13.43 -11.28
C ASN A 115 16.78 13.62 -10.00
N PRO A 116 15.49 14.04 -10.08
CA PRO A 116 14.58 14.05 -8.91
C PRO A 116 14.79 12.85 -7.96
N ASN A 117 15.38 11.78 -8.51
CA ASN A 117 15.99 10.70 -7.72
C ASN A 117 14.94 9.66 -7.27
N GLU A 118 13.67 9.93 -7.58
CA GLU A 118 12.57 9.10 -7.07
C GLU A 118 11.74 8.51 -8.21
N LYS A 119 11.25 7.29 -7.98
CA LYS A 119 10.36 6.60 -8.91
C LYS A 119 9.45 5.67 -8.10
N GLU A 120 8.25 6.16 -7.78
CA GLU A 120 7.38 5.47 -6.83
C GLU A 120 6.29 4.67 -7.55
N VAL A 121 6.32 3.36 -7.37
CA VAL A 121 5.32 2.47 -7.93
C VAL A 121 4.15 2.32 -6.96
N THR A 122 3.03 2.94 -7.27
CA THR A 122 1.85 2.85 -6.42
C THR A 122 0.97 1.68 -6.86
N ILE A 123 0.86 0.68 -5.99
CA ILE A 123 0.07 -0.51 -6.29
C ILE A 123 -1.37 -0.30 -5.85
N ARG A 124 -2.22 -0.05 -6.84
CA ARG A 124 -3.64 0.19 -6.60
C ARG A 124 -4.42 -1.13 -6.66
N ALA A 125 -4.98 -1.50 -5.52
CA ALA A 125 -5.85 -2.67 -5.41
C ALA A 125 -7.21 -2.34 -6.02
N GLU A 126 -8.00 -3.39 -6.31
CA GLU A 126 -9.34 -3.23 -6.90
C GLU A 126 -10.07 -2.02 -6.30
N ASP A 127 -9.93 -1.84 -5.00
CA ASP A 127 -10.47 -0.66 -4.30
C ASP A 127 -9.72 -0.44 -2.99
N CYS A 128 -9.84 0.78 -2.45
CA CYS A 128 -9.14 1.16 -1.23
C CYS A 128 -9.59 0.31 -0.02
N GLY A 129 -8.76 0.30 1.02
CA GLY A 129 -9.10 -0.39 2.26
C GLY A 129 -8.60 -1.82 2.29
N CYS A 130 -7.47 -2.08 1.62
CA CYS A 130 -6.82 -3.38 1.64
C CYS A 130 -7.82 -4.53 1.36
N ILE A 131 -8.30 -4.59 0.12
CA ILE A 131 -9.25 -5.63 -0.27
C ILE A 131 -8.71 -7.05 0.05
N PRO A 132 -7.42 -7.38 -0.28
CA PRO A 132 -6.87 -8.68 0.05
C PRO A 132 -6.14 -8.67 1.40
N GLU A 133 -6.73 -9.33 2.38
CA GLU A 133 -6.14 -9.41 3.72
C GLU A 133 -5.05 -10.46 3.77
N GLU A 134 -4.89 -11.20 2.67
CA GLU A 134 -3.89 -12.25 2.59
C GLU A 134 -2.55 -11.70 2.10
N VAL A 135 -2.52 -10.40 1.77
CA VAL A 135 -1.33 -9.78 1.20
C VAL A 135 -0.26 -9.52 2.25
N ILE A 136 -0.67 -9.47 3.52
CA ILE A 136 0.25 -9.15 4.60
C ILE A 136 0.92 -10.44 5.08
N ILE A 137 2.06 -10.75 4.46
CA ILE A 137 2.75 -11.99 4.69
C ILE A 137 3.49 -11.96 6.02
N ALA A 138 4.04 -10.80 6.39
CA ALA A 138 4.78 -10.71 7.64
C ALA A 138 4.45 -9.44 8.41
N LYS A 139 4.08 -9.61 9.68
CA LYS A 139 3.83 -8.49 10.57
C LYS A 139 4.73 -8.61 11.80
N GLU A 140 5.31 -7.49 12.20
CA GLU A 140 6.26 -7.45 13.31
C GLU A 140 6.06 -6.20 14.15
N LEU A 141 6.53 -6.23 15.38
CA LEU A 141 6.56 -5.04 16.23
C LEU A 141 8.01 -4.62 16.47
N ILE A 142 8.22 -3.34 16.70
CA ILE A 142 9.54 -2.81 16.93
C ILE A 142 9.55 -1.73 18.01
N GLU A 143 10.39 -1.93 19.02
CA GLU A 143 10.59 -0.94 20.07
C GLU A 143 12.10 -0.78 20.31
N ILE A 144 12.69 0.21 19.63
CA ILE A 144 14.12 0.49 19.73
C ILE A 144 14.94 -0.61 19.03
N ASN A 145 15.50 -0.27 17.88
CA ASN A 145 16.34 -1.21 17.13
C ASN A 145 17.78 -1.12 17.63
N LEU A 146 17.96 -1.43 18.91
CA LEU A 146 19.24 -1.30 19.58
C LEU A 146 20.21 -2.39 19.14
N GLU A 147 19.68 -3.58 18.84
CA GLU A 147 20.48 -4.73 18.48
C GLU A 147 20.63 -4.86 16.96
N HIS A 148 21.71 -5.51 16.52
CA HIS A 148 21.99 -5.71 15.09
C HIS A 148 21.28 -6.97 14.56
N HIS A 149 20.06 -7.18 15.03
CA HIS A 149 19.17 -8.23 14.51
C HIS A 149 19.60 -9.64 14.93
N HIS A 150 20.82 -9.79 15.45
CA HIS A 150 21.32 -11.10 15.89
C HIS A 150 22.63 -10.96 16.66
N HIS A 151 22.56 -11.20 17.97
CA HIS A 151 23.74 -11.22 18.83
C HIS A 151 24.05 -12.64 19.28
N HIS A 152 23.09 -13.55 19.07
CA HIS A 152 23.21 -14.98 19.41
C HIS A 152 23.04 -15.19 20.91
N HIS A 153 23.75 -14.41 21.71
CA HIS A 153 23.61 -14.43 23.16
C HIS A 153 23.85 -13.03 23.71
N MET A 1 6.66 -10.88 -11.48
CA MET A 1 7.45 -10.63 -10.25
C MET A 1 7.08 -9.28 -9.65
N GLY A 2 7.28 -9.12 -8.35
CA GLY A 2 6.95 -7.87 -7.69
C GLY A 2 7.93 -7.50 -6.59
N ASN A 3 8.38 -8.52 -5.84
CA ASN A 3 9.32 -8.36 -4.72
C ASN A 3 8.55 -8.16 -3.41
N PHE A 4 8.55 -6.94 -2.87
CA PHE A 4 7.96 -6.68 -1.56
C PHE A 4 7.62 -5.20 -1.38
N LEU A 5 6.64 -4.93 -0.53
CA LEU A 5 6.25 -3.57 -0.16
C LEU A 5 6.14 -3.48 1.36
N TYR A 6 6.51 -2.32 1.91
CA TYR A 6 6.49 -2.13 3.36
C TYR A 6 5.40 -1.12 3.74
N ARG A 7 4.61 -1.46 4.76
CA ARG A 7 3.57 -0.56 5.25
C ARG A 7 3.49 -0.64 6.78
N GLY A 8 3.99 0.39 7.44
CA GLY A 8 3.98 0.43 8.88
C GLY A 8 2.75 1.14 9.42
N ILE A 9 2.36 0.80 10.65
CA ILE A 9 1.15 1.37 11.25
C ILE A 9 1.45 1.90 12.66
N SER A 10 1.04 3.13 12.92
CA SER A 10 1.19 3.74 14.24
C SER A 10 -0.04 3.42 15.10
N CYS A 11 -1.15 3.14 14.44
CA CYS A 11 -2.43 2.90 15.10
C CYS A 11 -2.57 1.44 15.52
N GLN A 12 -1.53 0.92 16.18
CA GLN A 12 -1.57 -0.45 16.71
C GLN A 12 -2.76 -0.59 17.65
N GLN A 13 -3.07 0.52 18.31
CA GLN A 13 -4.17 0.57 19.27
C GLN A 13 -5.50 0.44 18.56
N ASP A 14 -5.68 1.23 17.50
CA ASP A 14 -6.91 1.22 16.71
C ASP A 14 -7.17 -0.17 16.13
N GLU A 15 -6.10 -0.78 15.60
CA GLU A 15 -6.19 -2.13 15.04
C GLU A 15 -6.64 -3.13 16.10
N GLN A 16 -5.98 -3.06 17.27
CA GLN A 16 -6.28 -3.98 18.36
C GLN A 16 -7.68 -3.71 18.94
N ASN A 17 -8.09 -2.44 18.92
CA ASN A 17 -9.38 -2.04 19.47
C ASN A 17 -10.53 -2.52 18.58
N ASN A 18 -10.33 -2.46 17.28
CA ASN A 18 -11.31 -2.95 16.32
C ASN A 18 -11.17 -4.46 16.14
N GLY A 19 -9.98 -4.97 16.45
CA GLY A 19 -9.69 -6.39 16.29
C GLY A 19 -9.44 -6.75 14.85
N GLN A 20 -9.40 -5.72 13.99
CA GLN A 20 -9.24 -5.89 12.55
C GLN A 20 -8.66 -4.62 11.95
N LEU A 21 -8.17 -4.71 10.72
CA LEU A 21 -7.74 -3.54 9.97
C LEU A 21 -8.97 -2.77 9.44
N LYS A 22 -9.86 -2.40 10.38
CA LYS A 22 -11.14 -1.76 10.07
C LYS A 22 -12.11 -2.74 9.40
N PRO A 23 -13.40 -2.74 9.81
CA PRO A 23 -14.41 -3.66 9.28
C PRO A 23 -14.87 -3.27 7.86
N LYS A 24 -14.00 -3.51 6.89
CA LYS A 24 -14.30 -3.22 5.48
C LYS A 24 -14.49 -4.53 4.71
N GLY A 25 -15.37 -4.49 3.71
CA GLY A 25 -15.63 -5.67 2.88
C GLY A 25 -16.15 -5.29 1.52
N ASN A 26 -15.27 -4.78 0.67
CA ASN A 26 -15.64 -4.33 -0.67
C ASN A 26 -15.73 -5.50 -1.65
N LYS A 27 -16.74 -6.34 -1.47
CA LYS A 27 -17.00 -7.46 -2.38
C LYS A 27 -18.27 -7.19 -3.17
N ALA A 28 -18.11 -6.90 -4.46
CA ALA A 28 -19.20 -6.52 -5.34
C ALA A 28 -18.65 -6.23 -6.73
N GLU A 29 -17.41 -5.75 -6.76
CA GLU A 29 -16.67 -5.47 -7.99
C GLU A 29 -17.25 -4.24 -8.69
N VAL A 30 -18.49 -4.34 -9.15
CA VAL A 30 -19.22 -3.22 -9.76
C VAL A 30 -18.63 -2.85 -11.14
N ALA A 31 -19.51 -2.38 -12.04
CA ALA A 31 -19.10 -1.98 -13.38
C ALA A 31 -18.04 -0.87 -13.34
N ILE A 32 -17.11 -0.93 -14.28
CA ILE A 32 -15.97 -0.01 -14.32
C ILE A 32 -15.77 0.51 -15.74
N ARG A 33 -15.53 1.81 -15.87
CA ARG A 33 -15.32 2.42 -17.18
C ARG A 33 -14.28 3.53 -17.10
N TYR A 34 -13.02 3.16 -17.34
CA TYR A 34 -11.91 4.10 -17.36
C TYR A 34 -10.91 3.69 -18.42
N ASP A 35 -10.43 4.66 -19.19
CA ASP A 35 -9.51 4.40 -20.30
C ASP A 35 -8.15 3.91 -19.80
N GLY A 36 -7.43 3.22 -20.68
CA GLY A 36 -6.12 2.67 -20.34
C GLY A 36 -6.04 1.20 -20.68
N LYS A 37 -4.90 0.58 -20.39
CA LYS A 37 -4.72 -0.86 -20.62
C LYS A 37 -5.24 -1.66 -19.41
N PHE A 38 -6.14 -1.06 -18.66
CA PHE A 38 -6.70 -1.67 -17.47
C PHE A 38 -7.72 -2.74 -17.84
N LYS A 39 -7.34 -4.00 -17.66
CA LYS A 39 -8.25 -5.13 -17.91
C LYS A 39 -9.29 -5.20 -16.79
N TYR A 40 -10.21 -4.24 -16.80
CA TYR A 40 -11.22 -4.09 -15.76
C TYR A 40 -12.17 -5.30 -15.73
N ASP A 41 -12.63 -5.64 -14.53
CA ASP A 41 -13.59 -6.72 -14.34
C ASP A 41 -15.03 -6.20 -14.59
N GLY A 42 -15.75 -5.87 -13.52
CA GLY A 42 -17.09 -5.32 -13.68
C GLY A 42 -18.17 -6.37 -13.56
N LYS A 43 -18.78 -6.48 -12.38
CA LYS A 43 -19.87 -7.43 -12.14
C LYS A 43 -20.78 -6.90 -11.04
N ALA A 44 -22.00 -7.47 -10.97
CA ALA A 44 -22.99 -7.10 -9.96
C ALA A 44 -23.49 -5.67 -10.16
N THR A 45 -22.67 -4.69 -9.75
CA THR A 45 -23.03 -3.28 -9.83
C THR A 45 -24.33 -3.00 -9.06
N HIS A 46 -24.26 -3.14 -7.74
CA HIS A 46 -25.42 -2.90 -6.87
C HIS A 46 -25.30 -1.55 -6.17
N GLY A 47 -24.26 -0.80 -6.52
CA GLY A 47 -24.04 0.50 -5.92
C GLY A 47 -22.87 1.22 -6.57
N PRO A 48 -22.58 2.46 -6.13
CA PRO A 48 -21.48 3.26 -6.68
C PRO A 48 -20.15 2.99 -5.97
N SER A 49 -19.18 3.88 -6.16
CA SER A 49 -17.88 3.79 -5.53
C SER A 49 -17.15 2.51 -5.95
N VAL A 50 -16.67 2.51 -7.19
CA VAL A 50 -15.96 1.37 -7.76
C VAL A 50 -14.46 1.63 -7.80
N LYS A 51 -13.69 0.59 -8.17
CA LYS A 51 -12.25 0.69 -8.36
C LYS A 51 -11.89 1.96 -9.16
N ASN A 52 -12.40 2.05 -10.39
CA ASN A 52 -12.03 3.16 -11.27
C ASN A 52 -12.58 4.49 -10.76
N ALA A 53 -13.52 4.43 -9.81
CA ALA A 53 -14.09 5.64 -9.22
C ALA A 53 -13.12 6.24 -8.21
N VAL A 54 -12.66 5.42 -7.27
CA VAL A 54 -11.66 5.87 -6.29
C VAL A 54 -10.35 6.25 -7.00
N TYR A 55 -10.04 5.52 -8.07
CA TYR A 55 -8.89 5.87 -8.91
C TYR A 55 -9.12 7.24 -9.52
N ALA A 56 -10.29 7.43 -10.12
CA ALA A 56 -10.65 8.69 -10.76
C ALA A 56 -10.57 9.84 -9.77
N HIS A 57 -10.96 9.57 -8.53
CA HIS A 57 -10.88 10.56 -7.46
C HIS A 57 -9.43 10.99 -7.25
N GLN A 58 -8.55 10.00 -7.05
CA GLN A 58 -7.12 10.26 -6.84
C GLN A 58 -6.52 10.99 -8.04
N ILE A 59 -6.94 10.58 -9.21
CA ILE A 59 -6.43 11.11 -10.47
C ILE A 59 -6.96 12.53 -10.72
N GLU A 60 -8.23 12.75 -10.39
CA GLU A 60 -8.88 14.03 -10.64
C GLU A 60 -8.59 15.04 -9.53
N THR A 61 -9.16 14.79 -8.35
CA THR A 61 -9.10 15.74 -7.24
C THR A 61 -7.91 15.47 -6.33
N GLY A 62 -7.45 14.23 -6.31
CA GLY A 62 -6.41 13.82 -5.38
C GLY A 62 -7.02 13.05 -4.23
N LEU A 63 -6.18 12.31 -3.50
CA LEU A 63 -6.65 11.45 -2.43
C LEU A 63 -5.54 11.22 -1.42
N TYR A 64 -5.96 10.96 -0.20
CA TYR A 64 -5.06 10.55 0.87
C TYR A 64 -4.40 9.22 0.52
N ASP A 65 -3.31 9.28 -0.25
CA ASP A 65 -2.62 8.08 -0.72
C ASP A 65 -2.16 7.20 0.44
N GLY A 66 -3.10 6.41 0.93
CA GLY A 66 -2.84 5.45 1.99
C GLY A 66 -3.70 4.22 1.79
N CYS A 67 -4.88 4.44 1.22
CA CYS A 67 -5.75 3.35 0.76
C CYS A 67 -4.98 2.47 -0.24
N TYR A 68 -4.01 3.09 -0.91
CA TYR A 68 -3.17 2.41 -1.88
C TYR A 68 -1.80 2.13 -1.27
N ILE A 69 -1.07 1.20 -1.87
CA ILE A 69 0.26 0.84 -1.35
C ILE A 69 1.35 1.51 -2.17
N SER A 70 1.90 2.59 -1.65
CA SER A 70 2.97 3.32 -2.32
C SER A 70 4.32 2.63 -2.13
N THR A 71 4.98 2.30 -3.24
CA THR A 71 6.30 1.67 -3.20
C THR A 71 7.21 2.31 -4.26
N THR A 72 8.51 2.29 -4.02
CA THR A 72 9.47 2.83 -4.97
C THR A 72 10.20 1.69 -5.69
N THR A 73 10.79 2.01 -6.85
CA THR A 73 11.48 1.01 -7.68
C THR A 73 12.64 0.34 -6.92
N ASP A 74 13.23 1.06 -5.96
CA ASP A 74 14.35 0.53 -5.19
C ASP A 74 13.88 0.05 -3.82
N LYS A 75 14.34 -1.14 -3.44
CA LYS A 75 13.96 -1.76 -2.16
C LYS A 75 14.34 -0.86 -0.98
N GLU A 76 15.27 0.07 -1.21
CA GLU A 76 15.67 1.05 -0.20
C GLU A 76 14.46 1.78 0.38
N ILE A 77 13.38 1.84 -0.41
CA ILE A 77 12.14 2.48 0.00
C ILE A 77 11.71 1.99 1.39
N ALA A 78 11.95 0.72 1.65
CA ALA A 78 11.53 0.09 2.91
C ALA A 78 12.19 0.77 4.10
N LYS A 79 13.50 0.93 4.01
CA LYS A 79 14.30 1.50 5.09
C LYS A 79 13.99 2.97 5.24
N LYS A 80 13.97 3.68 4.11
CA LYS A 80 13.76 5.11 4.10
C LYS A 80 12.37 5.45 4.63
N PHE A 81 11.37 4.74 4.12
CA PHE A 81 9.97 4.99 4.51
C PHE A 81 9.79 4.70 5.99
N ALA A 82 10.29 3.55 6.43
CA ALA A 82 10.16 3.13 7.81
C ALA A 82 10.75 4.17 8.77
N THR A 83 12.03 4.49 8.59
CA THR A 83 12.73 5.41 9.47
C THR A 83 12.07 6.80 9.48
N SER A 84 11.74 7.32 8.29
CA SER A 84 11.14 8.65 8.19
C SER A 84 9.80 8.71 8.95
N SER A 85 9.12 7.57 9.02
CA SER A 85 7.80 7.52 9.68
C SER A 85 7.95 7.34 11.19
N GLY A 86 9.18 7.14 11.64
CA GLY A 86 9.43 6.89 13.06
C GLY A 86 9.03 5.49 13.45
N ILE A 87 9.43 4.52 12.63
CA ILE A 87 9.03 3.13 12.81
C ILE A 87 9.67 2.51 14.06
N GLU A 88 10.73 3.16 14.55
CA GLU A 88 11.49 2.70 15.72
C GLU A 88 10.60 1.99 16.75
N ASN A 89 9.44 2.57 17.03
CA ASN A 89 8.46 1.95 17.92
C ASN A 89 7.08 1.95 17.26
N GLY A 90 6.66 0.81 16.72
CA GLY A 90 5.37 0.72 16.07
C GLY A 90 5.16 -0.59 15.33
N TYR A 91 4.11 -0.61 14.49
CA TYR A 91 3.76 -1.79 13.69
C TYR A 91 4.42 -1.70 12.32
N ILE A 92 4.86 -2.84 11.79
CA ILE A 92 5.41 -2.89 10.43
C ILE A 92 4.84 -4.10 9.68
N TYR A 93 4.04 -3.83 8.66
CA TYR A 93 3.45 -4.89 7.86
C TYR A 93 4.30 -5.15 6.63
N VAL A 94 4.61 -6.42 6.43
CA VAL A 94 5.38 -6.87 5.29
C VAL A 94 4.45 -7.50 4.27
N LEU A 95 4.33 -6.86 3.12
CA LEU A 95 3.44 -7.33 2.06
C LEU A 95 4.27 -7.80 0.86
N ASN A 96 3.84 -8.88 0.23
CA ASN A 96 4.51 -9.39 -0.97
C ASN A 96 3.87 -8.79 -2.22
N ARG A 97 4.70 -8.24 -3.10
CA ARG A 97 4.19 -7.54 -4.28
C ARG A 97 3.81 -8.53 -5.39
N ASP A 98 4.49 -9.68 -5.40
CA ASP A 98 4.17 -10.74 -6.36
C ASP A 98 2.72 -11.18 -6.19
N LEU A 99 2.25 -11.14 -4.94
CA LEU A 99 0.86 -11.44 -4.62
C LEU A 99 -0.07 -10.45 -5.34
N PHE A 100 0.36 -9.19 -5.40
CA PHE A 100 -0.41 -8.15 -6.07
C PHE A 100 -0.46 -8.42 -7.58
N GLY A 101 0.69 -8.79 -8.14
CA GLY A 101 0.77 -9.14 -9.55
C GLY A 101 -0.12 -10.31 -9.88
N GLN A 102 -0.07 -11.35 -9.06
CA GLN A 102 -0.91 -12.53 -9.21
C GLN A 102 -2.38 -12.15 -9.11
N TYR A 103 -2.67 -11.31 -8.12
CA TYR A 103 -4.03 -10.81 -7.87
C TYR A 103 -4.46 -9.86 -9.00
N SER A 104 -3.48 -9.31 -9.70
CA SER A 104 -3.72 -8.40 -10.81
C SER A 104 -4.31 -7.08 -10.33
N ILE A 105 -3.83 -6.61 -9.18
CA ILE A 105 -4.21 -5.31 -8.65
C ILE A 105 -3.62 -4.22 -9.55
N PHE A 106 -4.25 -3.03 -9.58
CA PHE A 106 -3.93 -2.04 -10.60
C PHE A 106 -2.73 -1.20 -10.18
N GLU A 107 -1.58 -1.49 -10.78
CA GLU A 107 -0.33 -0.81 -10.42
C GLU A 107 -0.16 0.47 -11.24
N TYR A 108 -0.27 1.61 -10.56
CA TYR A 108 -0.10 2.91 -11.20
C TYR A 108 1.30 3.43 -10.89
N GLU A 109 2.13 3.54 -11.92
CA GLU A 109 3.51 3.98 -11.74
C GLU A 109 3.67 5.42 -12.25
N VAL A 110 4.28 6.25 -11.42
CA VAL A 110 4.58 7.63 -11.79
C VAL A 110 6.09 7.84 -11.77
N GLU A 111 6.62 8.42 -12.83
CA GLU A 111 8.04 8.71 -12.90
C GLU A 111 8.34 10.06 -12.28
N HIS A 112 9.34 10.08 -11.41
CA HIS A 112 9.83 11.30 -10.80
C HIS A 112 10.82 11.98 -11.76
N PRO A 113 11.35 13.19 -11.45
CA PRO A 113 12.29 13.89 -12.32
C PRO A 113 13.41 12.98 -12.86
N GLU A 114 14.09 13.47 -13.90
CA GLU A 114 15.01 12.65 -14.70
C GLU A 114 16.05 11.88 -13.87
N ASN A 115 16.83 12.56 -13.04
CA ASN A 115 17.98 11.90 -12.39
C ASN A 115 17.79 11.52 -10.91
N PRO A 116 16.71 11.94 -10.19
CA PRO A 116 16.35 11.29 -8.93
C PRO A 116 16.44 9.77 -9.05
N ASN A 117 16.27 9.29 -10.29
CA ASN A 117 16.58 7.92 -10.67
C ASN A 117 15.65 6.91 -10.01
N GLU A 118 14.41 7.34 -9.76
CA GLU A 118 13.43 6.49 -9.09
C GLU A 118 12.02 6.77 -9.61
N LYS A 119 11.20 5.72 -9.67
CA LYS A 119 9.81 5.82 -10.09
C LYS A 119 8.91 5.29 -8.99
N GLU A 120 7.89 6.05 -8.63
CA GLU A 120 6.98 5.65 -7.55
C GLU A 120 5.92 4.70 -8.10
N VAL A 121 6.03 3.44 -7.73
CA VAL A 121 5.06 2.42 -8.10
C VAL A 121 3.96 2.36 -7.03
N THR A 122 2.86 3.05 -7.29
CA THR A 122 1.74 3.08 -6.37
C THR A 122 0.73 2.00 -6.74
N ILE A 123 0.53 1.05 -5.84
CA ILE A 123 -0.34 -0.09 -6.11
C ILE A 123 -1.78 0.26 -5.73
N ARG A 124 -2.59 0.46 -6.76
CA ARG A 124 -3.99 0.82 -6.60
C ARG A 124 -4.84 -0.44 -6.41
N ALA A 125 -5.17 -0.71 -5.14
CA ALA A 125 -5.95 -1.87 -4.75
C ALA A 125 -7.45 -1.60 -4.86
N GLU A 126 -8.23 -2.67 -4.91
CA GLU A 126 -9.69 -2.56 -5.05
C GLU A 126 -10.33 -1.91 -3.82
N ASP A 127 -9.62 -1.94 -2.69
CA ASP A 127 -10.17 -1.47 -1.42
C ASP A 127 -9.12 -0.65 -0.66
N CYS A 128 -9.60 0.14 0.29
CA CYS A 128 -8.74 1.01 1.09
C CYS A 128 -7.90 0.19 2.08
N GLY A 129 -6.64 -0.05 1.72
CA GLY A 129 -5.70 -0.66 2.65
C GLY A 129 -5.66 -2.19 2.58
N CYS A 130 -5.09 -2.70 1.49
CA CYS A 130 -4.73 -4.13 1.39
C CYS A 130 -5.97 -5.04 1.42
N ILE A 131 -6.74 -5.03 0.34
CA ILE A 131 -7.91 -5.91 0.21
C ILE A 131 -7.53 -7.41 0.30
N PRO A 132 -6.44 -7.87 -0.36
CA PRO A 132 -6.03 -9.28 -0.27
C PRO A 132 -5.37 -9.61 1.07
N GLU A 133 -6.06 -10.38 1.91
CA GLU A 133 -5.54 -10.77 3.22
C GLU A 133 -4.28 -11.63 3.08
N GLU A 134 -4.10 -12.24 1.91
CA GLU A 134 -2.94 -13.10 1.65
C GLU A 134 -1.68 -12.28 1.37
N VAL A 135 -1.87 -10.99 1.08
CA VAL A 135 -0.78 -10.13 0.63
C VAL A 135 0.22 -9.84 1.74
N ILE A 136 -0.21 -9.97 2.98
CA ILE A 136 0.63 -9.66 4.13
C ILE A 136 1.44 -10.90 4.52
N ILE A 137 2.67 -10.95 4.05
CA ILE A 137 3.55 -12.08 4.31
C ILE A 137 3.95 -12.10 5.77
N ALA A 138 4.00 -10.94 6.41
CA ALA A 138 4.32 -10.89 7.84
C ALA A 138 3.76 -9.66 8.53
N LYS A 139 3.30 -9.84 9.76
CA LYS A 139 2.85 -8.74 10.61
C LYS A 139 3.88 -8.52 11.72
N GLU A 140 4.80 -7.59 11.49
CA GLU A 140 5.90 -7.35 12.41
C GLU A 140 5.59 -6.23 13.39
N LEU A 141 6.29 -6.25 14.51
CA LEU A 141 6.22 -5.19 15.51
C LEU A 141 7.62 -4.87 15.99
N ILE A 142 7.86 -3.62 16.34
CA ILE A 142 9.16 -3.20 16.84
C ILE A 142 9.02 -2.21 17.97
N GLU A 143 9.83 -2.37 19.00
CA GLU A 143 9.82 -1.50 20.18
C GLU A 143 11.22 -1.00 20.48
N ILE A 144 11.85 -0.41 19.46
CA ILE A 144 13.23 0.06 19.55
C ILE A 144 14.19 -1.08 19.88
N ASN A 145 14.66 -1.76 18.83
CA ASN A 145 15.60 -2.87 18.99
C ASN A 145 16.85 -2.41 19.74
N LEU A 146 17.43 -3.28 20.56
CA LEU A 146 18.59 -2.93 21.39
C LEU A 146 19.83 -2.64 20.54
N GLU A 147 19.85 -3.16 19.33
CA GLU A 147 20.95 -2.94 18.40
C GLU A 147 20.89 -1.52 17.84
N HIS A 148 22.03 -1.03 17.37
CA HIS A 148 22.13 0.32 16.83
C HIS A 148 23.00 0.32 15.58
N HIS A 149 22.35 0.33 14.42
CA HIS A 149 23.04 0.29 13.13
C HIS A 149 23.74 -1.07 12.94
N HIS A 150 24.95 -1.18 13.47
CA HIS A 150 25.72 -2.43 13.40
C HIS A 150 26.93 -2.34 14.31
N HIS A 151 26.87 -1.44 15.30
CA HIS A 151 28.00 -1.20 16.21
C HIS A 151 29.30 -1.04 15.42
N HIS A 152 30.40 -1.61 15.93
CA HIS A 152 31.67 -1.59 15.21
C HIS A 152 32.55 -2.76 15.65
N HIS A 153 32.88 -3.63 14.72
CA HIS A 153 33.73 -4.78 14.99
C HIS A 153 34.48 -5.17 13.72
N MET A 1 2.19 -4.88 -11.53
CA MET A 1 3.12 -5.87 -10.96
C MET A 1 3.60 -5.45 -9.57
N GLY A 2 4.42 -4.41 -9.53
CA GLY A 2 5.00 -3.96 -8.28
C GLY A 2 6.38 -4.56 -8.02
N ASN A 3 6.70 -4.78 -6.76
CA ASN A 3 8.01 -5.31 -6.35
C ASN A 3 7.96 -5.72 -4.88
N PHE A 4 8.44 -4.84 -4.00
CA PHE A 4 8.36 -5.07 -2.57
C PHE A 4 7.67 -3.90 -1.91
N LEU A 5 6.54 -4.16 -1.25
CA LEU A 5 5.74 -3.10 -0.66
C LEU A 5 6.02 -2.99 0.83
N TYR A 6 6.39 -1.79 1.26
CA TYR A 6 6.72 -1.53 2.65
C TYR A 6 5.88 -0.36 3.18
N ARG A 7 5.00 -0.64 4.13
CA ARG A 7 4.19 0.41 4.75
C ARG A 7 4.10 0.14 6.25
N GLY A 8 4.08 1.20 7.05
CA GLY A 8 4.06 1.04 8.50
C GLY A 8 2.78 1.55 9.12
N ILE A 9 2.48 1.05 10.32
CA ILE A 9 1.21 1.29 10.98
C ILE A 9 1.38 1.26 12.51
N SER A 10 0.36 1.69 13.24
CA SER A 10 0.35 1.57 14.70
C SER A 10 -0.26 0.22 15.11
N CYS A 11 -0.90 -0.43 14.13
CA CYS A 11 -1.55 -1.73 14.32
C CYS A 11 -2.64 -1.68 15.39
N GLN A 12 -2.23 -1.86 16.65
CA GLN A 12 -3.17 -2.05 17.78
C GLN A 12 -4.43 -1.20 17.67
N GLN A 13 -4.26 0.12 17.58
CA GLN A 13 -5.39 1.05 17.54
C GLN A 13 -6.28 0.80 16.32
N ASP A 14 -5.69 0.86 15.14
CA ASP A 14 -6.42 0.70 13.87
C ASP A 14 -7.07 -0.68 13.79
N GLU A 15 -6.33 -1.69 14.22
CA GLU A 15 -6.76 -3.07 14.16
C GLU A 15 -7.95 -3.30 15.08
N GLN A 16 -7.79 -2.90 16.34
CA GLN A 16 -8.85 -3.08 17.35
C GLN A 16 -10.10 -2.27 16.97
N ASN A 17 -9.87 -1.09 16.40
CA ASN A 17 -10.98 -0.20 16.04
C ASN A 17 -11.79 -0.77 14.89
N ASN A 18 -11.12 -1.07 13.78
CA ASN A 18 -11.77 -1.51 12.55
C ASN A 18 -11.97 -3.02 12.53
N GLY A 19 -11.36 -3.72 13.48
CA GLY A 19 -11.44 -5.17 13.51
C GLY A 19 -10.38 -5.81 12.64
N GLN A 20 -9.56 -4.96 12.03
CA GLN A 20 -8.50 -5.37 11.12
C GLN A 20 -7.78 -4.12 10.61
N LEU A 21 -6.84 -4.29 9.69
CA LEU A 21 -6.07 -3.17 9.16
C LEU A 21 -6.90 -2.37 8.14
N LYS A 22 -7.95 -1.71 8.63
CA LYS A 22 -8.84 -0.88 7.81
C LYS A 22 -9.40 -1.66 6.61
N PRO A 23 -10.22 -2.71 6.86
CA PRO A 23 -10.80 -3.54 5.80
C PRO A 23 -12.06 -2.90 5.19
N LYS A 24 -11.89 -1.73 4.59
CA LYS A 24 -13.01 -0.99 4.01
C LYS A 24 -13.31 -1.46 2.58
N GLY A 25 -13.66 -2.73 2.44
CA GLY A 25 -13.94 -3.30 1.13
C GLY A 25 -15.31 -3.94 1.06
N ASN A 26 -15.57 -4.64 -0.05
CA ASN A 26 -16.84 -5.36 -0.29
C ASN A 26 -17.94 -4.40 -0.73
N LYS A 27 -18.43 -4.60 -1.96
CA LYS A 27 -19.50 -3.78 -2.53
C LYS A 27 -20.52 -4.66 -3.25
N ALA A 28 -20.18 -5.04 -4.47
CA ALA A 28 -21.06 -5.84 -5.32
C ALA A 28 -20.33 -6.26 -6.58
N GLU A 29 -20.36 -5.39 -7.59
CA GLU A 29 -19.76 -5.66 -8.89
C GLU A 29 -19.00 -4.43 -9.38
N VAL A 30 -18.82 -4.35 -10.69
CA VAL A 30 -17.96 -3.34 -11.33
C VAL A 30 -18.25 -1.93 -10.83
N ALA A 31 -17.20 -1.12 -10.72
CA ALA A 31 -17.31 0.26 -10.26
C ALA A 31 -16.09 1.08 -10.70
N ILE A 32 -15.82 2.17 -9.99
CA ILE A 32 -14.67 3.04 -10.27
C ILE A 32 -14.85 3.77 -11.60
N ARG A 33 -14.32 3.19 -12.69
CA ARG A 33 -14.23 3.88 -13.98
C ARG A 33 -13.26 5.06 -13.89
N TYR A 34 -12.71 5.46 -15.04
CA TYR A 34 -11.67 6.49 -15.07
C TYR A 34 -11.43 6.94 -16.51
N ASP A 35 -11.08 8.21 -16.70
CA ASP A 35 -10.88 8.77 -18.03
C ASP A 35 -9.49 8.45 -18.58
N GLY A 36 -8.48 8.63 -17.73
CA GLY A 36 -7.09 8.44 -18.16
C GLY A 36 -6.76 6.99 -18.46
N LYS A 37 -7.05 6.57 -19.69
CA LYS A 37 -6.77 5.21 -20.16
C LYS A 37 -7.62 4.17 -19.39
N PHE A 38 -7.23 3.93 -18.15
CA PHE A 38 -7.92 2.98 -17.26
C PHE A 38 -7.89 1.56 -17.82
N LYS A 39 -6.71 0.97 -17.86
CA LYS A 39 -6.56 -0.43 -18.30
C LYS A 39 -6.83 -1.37 -17.13
N TYR A 40 -7.90 -1.09 -16.39
CA TYR A 40 -8.25 -1.85 -15.19
C TYR A 40 -9.76 -2.11 -15.16
N ASP A 41 -10.19 -2.99 -14.26
CA ASP A 41 -11.61 -3.34 -14.10
C ASP A 41 -11.79 -4.05 -12.76
N GLY A 42 -12.80 -3.64 -11.99
CA GLY A 42 -13.01 -4.23 -10.69
C GLY A 42 -14.13 -3.58 -9.91
N LYS A 43 -14.28 -3.98 -8.65
CA LYS A 43 -15.35 -3.52 -7.78
C LYS A 43 -14.78 -2.71 -6.61
N ALA A 44 -15.31 -1.51 -6.42
CA ALA A 44 -14.90 -0.66 -5.30
C ALA A 44 -16.10 -0.39 -4.39
N THR A 45 -15.82 -0.24 -3.08
CA THR A 45 -16.83 -0.07 -2.05
C THR A 45 -17.92 0.95 -2.45
N HIS A 46 -17.51 2.18 -2.71
CA HIS A 46 -18.44 3.25 -3.03
C HIS A 46 -18.59 3.41 -4.54
N GLY A 47 -19.61 2.78 -5.10
CA GLY A 47 -19.89 2.87 -6.53
C GLY A 47 -20.04 4.30 -7.02
N PRO A 48 -20.92 5.11 -6.39
CA PRO A 48 -21.12 6.52 -6.79
C PRO A 48 -19.91 7.41 -6.47
N SER A 49 -18.90 6.84 -5.82
CA SER A 49 -17.70 7.59 -5.44
C SER A 49 -16.45 6.88 -5.97
N VAL A 50 -15.35 6.96 -5.22
CA VAL A 50 -14.07 6.37 -5.64
C VAL A 50 -13.62 7.02 -6.95
N LYS A 51 -13.63 6.26 -8.07
CA LYS A 51 -13.28 6.77 -9.41
C LYS A 51 -12.24 7.91 -9.38
N ASN A 52 -12.49 8.97 -10.16
CA ASN A 52 -11.59 10.12 -10.24
C ASN A 52 -11.40 10.79 -8.88
N ALA A 53 -12.38 10.63 -8.00
CA ALA A 53 -12.30 11.24 -6.66
C ALA A 53 -11.11 10.68 -5.89
N VAL A 54 -11.03 9.36 -5.79
CA VAL A 54 -9.95 8.70 -5.05
C VAL A 54 -8.64 8.79 -5.83
N TYR A 55 -8.72 8.69 -7.16
CA TYR A 55 -7.53 8.78 -8.00
C TYR A 55 -6.91 10.17 -7.88
N ALA A 56 -7.71 11.19 -8.14
CA ALA A 56 -7.26 12.58 -8.06
C ALA A 56 -6.77 12.90 -6.65
N HIS A 57 -7.51 12.42 -5.65
CA HIS A 57 -7.11 12.62 -4.25
C HIS A 57 -5.71 12.05 -4.03
N GLN A 58 -5.54 10.77 -4.37
CA GLN A 58 -4.28 10.08 -4.13
C GLN A 58 -3.13 10.76 -4.88
N ILE A 59 -3.42 11.35 -6.04
CA ILE A 59 -2.41 12.03 -6.84
C ILE A 59 -2.29 13.50 -6.42
N GLU A 60 -3.31 14.28 -6.75
CA GLU A 60 -3.32 15.72 -6.52
C GLU A 60 -3.19 16.07 -5.03
N THR A 61 -3.95 15.38 -4.16
CA THR A 61 -3.94 15.68 -2.73
C THR A 61 -2.75 15.03 -2.04
N GLY A 62 -2.17 14.01 -2.68
CA GLY A 62 -1.02 13.33 -2.13
C GLY A 62 -1.40 12.26 -1.14
N LEU A 63 -2.31 11.38 -1.55
CA LEU A 63 -2.78 10.27 -0.72
C LEU A 63 -3.51 10.79 0.52
N TYR A 64 -4.77 11.18 0.33
CA TYR A 64 -5.63 11.63 1.43
C TYR A 64 -5.67 10.60 2.55
N ASP A 65 -5.46 9.34 2.19
CA ASP A 65 -5.43 8.23 3.14
C ASP A 65 -4.79 7.01 2.51
N GLY A 66 -4.16 6.18 3.32
CA GLY A 66 -3.49 5.00 2.83
C GLY A 66 -4.45 3.87 2.48
N CYS A 67 -5.23 4.07 1.42
CA CYS A 67 -6.06 3.00 0.87
C CYS A 67 -5.28 2.25 -0.21
N TYR A 68 -4.20 2.88 -0.68
CA TYR A 68 -3.30 2.29 -1.67
C TYR A 68 -1.90 2.16 -1.08
N ILE A 69 -1.12 1.21 -1.56
CA ILE A 69 0.21 0.94 -1.01
C ILE A 69 1.28 1.40 -2.00
N SER A 70 1.99 2.46 -1.64
CA SER A 70 3.05 3.02 -2.48
C SER A 70 4.42 2.56 -2.01
N THR A 71 5.27 2.18 -2.96
CA THR A 71 6.65 1.80 -2.64
C THR A 71 7.59 2.32 -3.74
N THR A 72 8.85 2.51 -3.38
CA THR A 72 9.86 2.94 -4.35
C THR A 72 10.47 1.72 -5.06
N THR A 73 11.11 1.97 -6.20
CA THR A 73 11.66 0.90 -7.03
C THR A 73 12.75 0.09 -6.31
N ASP A 74 13.66 0.78 -5.61
CA ASP A 74 14.79 0.13 -4.98
C ASP A 74 14.41 -0.45 -3.62
N LYS A 75 14.87 -1.68 -3.36
CA LYS A 75 14.59 -2.38 -2.11
C LYS A 75 15.05 -1.57 -0.88
N GLU A 76 15.98 -0.64 -1.10
CA GLU A 76 16.50 0.19 -0.01
C GLU A 76 15.39 1.03 0.62
N ILE A 77 14.27 1.15 -0.10
CA ILE A 77 13.11 1.88 0.38
C ILE A 77 12.69 1.41 1.77
N ALA A 78 12.96 0.13 2.07
CA ALA A 78 12.54 -0.48 3.32
C ALA A 78 13.02 0.31 4.54
N LYS A 79 14.34 0.33 4.73
CA LYS A 79 14.92 0.96 5.91
C LYS A 79 14.80 2.48 5.83
N LYS A 80 14.91 3.00 4.62
CA LYS A 80 14.79 4.44 4.39
C LYS A 80 13.39 4.91 4.79
N PHE A 81 12.38 4.15 4.38
CA PHE A 81 11.00 4.50 4.64
C PHE A 81 10.71 4.41 6.15
N ALA A 82 11.08 3.28 6.74
CA ALA A 82 10.82 3.04 8.16
C ALA A 82 11.42 4.16 9.02
N THR A 83 12.67 4.54 8.73
CA THR A 83 13.34 5.58 9.49
C THR A 83 12.73 6.96 9.24
N SER A 84 12.44 7.27 7.98
CA SER A 84 11.93 8.58 7.61
C SER A 84 10.47 8.76 8.02
N SER A 85 9.78 7.65 8.28
CA SER A 85 8.36 7.68 8.64
C SER A 85 8.17 7.51 10.14
N GLY A 86 9.27 7.57 10.89
CA GLY A 86 9.22 7.51 12.35
C GLY A 86 8.74 6.16 12.87
N ILE A 87 8.85 5.14 12.02
CA ILE A 87 8.40 3.79 12.39
C ILE A 87 9.36 3.16 13.41
N GLU A 88 10.48 3.85 13.65
CA GLU A 88 11.49 3.43 14.63
C GLU A 88 10.83 2.87 15.89
N ASN A 89 9.69 3.44 16.26
CA ASN A 89 8.89 2.91 17.37
C ASN A 89 7.43 2.74 16.93
N GLY A 90 7.11 1.58 16.41
CA GLY A 90 5.75 1.31 15.94
C GLY A 90 5.62 -0.08 15.33
N TYR A 91 4.80 -0.20 14.30
CA TYR A 91 4.57 -1.48 13.63
C TYR A 91 4.79 -1.31 12.13
N ILE A 92 5.22 -2.37 11.45
CA ILE A 92 5.43 -2.33 10.00
C ILE A 92 4.81 -3.56 9.34
N TYR A 93 4.25 -3.35 8.15
CA TYR A 93 3.72 -4.46 7.35
C TYR A 93 4.26 -4.42 5.92
N VAL A 94 4.60 -5.60 5.40
CA VAL A 94 5.19 -5.74 4.08
C VAL A 94 4.40 -6.71 3.22
N LEU A 95 4.25 -6.35 1.94
CA LEU A 95 3.42 -7.08 0.98
C LEU A 95 4.26 -7.44 -0.26
N ASN A 96 4.06 -8.63 -0.80
CA ASN A 96 4.80 -9.09 -1.98
C ASN A 96 4.00 -8.86 -3.25
N ARG A 97 4.68 -8.42 -4.31
CA ARG A 97 4.05 -8.15 -5.60
C ARG A 97 3.53 -9.43 -6.23
N ASP A 98 4.15 -10.55 -5.86
CA ASP A 98 3.74 -11.86 -6.38
C ASP A 98 2.27 -12.12 -6.05
N LEU A 99 1.86 -11.63 -4.89
CA LEU A 99 0.51 -11.89 -4.37
C LEU A 99 -0.51 -11.03 -5.12
N PHE A 100 -0.24 -9.73 -5.18
CA PHE A 100 -1.12 -8.81 -5.88
C PHE A 100 -1.08 -9.06 -7.39
N GLY A 101 0.08 -9.54 -7.85
CA GLY A 101 0.23 -9.92 -9.24
C GLY A 101 -0.68 -11.06 -9.60
N GLN A 102 -0.69 -12.10 -8.75
CA GLN A 102 -1.61 -13.23 -8.92
C GLN A 102 -3.05 -12.74 -8.86
N TYR A 103 -3.31 -11.80 -7.95
CA TYR A 103 -4.63 -11.20 -7.80
C TYR A 103 -4.97 -10.33 -9.01
N SER A 104 -3.93 -9.87 -9.72
CA SER A 104 -4.10 -9.00 -10.88
C SER A 104 -4.63 -7.64 -10.44
N ILE A 105 -4.12 -7.19 -9.29
CA ILE A 105 -4.55 -5.94 -8.69
C ILE A 105 -4.00 -4.74 -9.49
N PHE A 106 -4.57 -3.56 -9.26
CA PHE A 106 -4.26 -2.40 -10.09
C PHE A 106 -2.89 -1.84 -9.73
N GLU A 107 -2.32 -1.05 -10.63
CA GLU A 107 -1.02 -0.43 -10.40
C GLU A 107 -1.00 1.00 -10.93
N TYR A 108 -0.12 1.81 -10.38
CA TYR A 108 0.11 3.17 -10.85
C TYR A 108 1.52 3.58 -10.45
N GLU A 109 2.40 3.72 -11.43
CA GLU A 109 3.79 4.06 -11.16
C GLU A 109 4.09 5.49 -11.59
N VAL A 110 4.50 6.31 -10.63
CA VAL A 110 4.86 7.70 -10.90
C VAL A 110 6.36 7.90 -10.80
N GLU A 111 6.88 8.82 -11.57
CA GLU A 111 8.30 9.15 -11.53
C GLU A 111 8.51 10.48 -10.82
N HIS A 112 9.59 10.55 -10.05
CA HIS A 112 10.01 11.79 -9.42
C HIS A 112 10.75 12.64 -10.48
N PRO A 113 11.35 13.80 -10.13
CA PRO A 113 12.21 14.54 -11.07
C PRO A 113 13.19 13.60 -11.79
N GLU A 114 13.76 14.09 -12.89
CA GLU A 114 14.49 13.24 -13.83
C GLU A 114 15.62 12.42 -13.19
N ASN A 115 16.51 13.05 -12.43
CA ASN A 115 17.74 12.38 -12.01
C ASN A 115 17.79 11.89 -10.55
N PRO A 116 16.84 12.25 -9.64
CA PRO A 116 16.70 11.55 -8.36
C PRO A 116 16.84 10.02 -8.49
N ASN A 117 16.59 9.54 -9.71
CA ASN A 117 16.90 8.16 -10.09
C ASN A 117 15.97 7.15 -9.40
N GLU A 118 14.75 7.58 -9.10
CA GLU A 118 13.78 6.73 -8.39
C GLU A 118 12.39 6.87 -8.99
N LYS A 119 11.60 5.79 -8.88
CA LYS A 119 10.21 5.80 -9.31
C LYS A 119 9.33 5.24 -8.19
N GLU A 120 8.27 5.97 -7.86
CA GLU A 120 7.36 5.56 -6.79
C GLU A 120 6.17 4.79 -7.38
N VAL A 121 6.19 3.48 -7.24
CA VAL A 121 5.14 2.64 -7.78
C VAL A 121 4.06 2.40 -6.73
N THR A 122 2.89 2.98 -6.97
CA THR A 122 1.75 2.81 -6.08
C THR A 122 0.88 1.64 -6.55
N ILE A 123 0.82 0.60 -5.73
CA ILE A 123 -0.03 -0.55 -6.02
C ILE A 123 -1.42 -0.29 -5.46
N ARG A 124 -2.42 -0.49 -6.30
CA ARG A 124 -3.80 -0.17 -5.97
C ARG A 124 -4.63 -1.45 -5.84
N ALA A 125 -5.18 -1.66 -4.64
CA ALA A 125 -6.04 -2.80 -4.41
C ALA A 125 -7.34 -2.61 -5.19
N GLU A 126 -7.94 -3.73 -5.60
CA GLU A 126 -9.15 -3.68 -6.42
C GLU A 126 -10.25 -2.94 -5.68
N ASP A 127 -10.57 -3.44 -4.50
CA ASP A 127 -11.43 -2.74 -3.55
C ASP A 127 -10.57 -2.00 -2.53
N CYS A 128 -11.14 -1.00 -1.89
CA CYS A 128 -10.38 -0.18 -0.94
C CYS A 128 -10.16 -0.94 0.37
N GLY A 129 -9.18 -0.49 1.14
CA GLY A 129 -8.90 -1.09 2.44
C GLY A 129 -8.25 -2.45 2.34
N CYS A 130 -7.44 -2.64 1.29
CA CYS A 130 -6.70 -3.88 1.10
C CYS A 130 -7.64 -5.09 1.05
N ILE A 131 -8.39 -5.19 -0.06
CA ILE A 131 -9.36 -6.27 -0.28
C ILE A 131 -8.91 -7.64 0.30
N PRO A 132 -7.66 -8.12 0.02
CA PRO A 132 -7.15 -9.33 0.63
C PRO A 132 -6.20 -9.03 1.80
N GLU A 133 -6.65 -9.32 3.02
CA GLU A 133 -5.84 -9.05 4.22
C GLU A 133 -4.78 -10.15 4.39
N GLU A 134 -4.71 -11.07 3.43
CA GLU A 134 -3.69 -12.12 3.42
C GLU A 134 -2.49 -11.67 2.58
N VAL A 135 -2.63 -10.55 1.88
CA VAL A 135 -1.61 -10.06 0.97
C VAL A 135 -0.39 -9.51 1.74
N ILE A 136 -0.54 -9.38 3.05
CA ILE A 136 0.56 -8.94 3.90
C ILE A 136 1.40 -10.15 4.26
N ILE A 137 2.41 -10.40 3.44
CA ILE A 137 3.24 -11.58 3.57
C ILE A 137 3.99 -11.57 4.89
N ALA A 138 4.29 -10.37 5.38
CA ALA A 138 4.95 -10.25 6.68
C ALA A 138 4.54 -8.98 7.38
N LYS A 139 4.52 -9.04 8.70
CA LYS A 139 4.25 -7.88 9.53
C LYS A 139 4.99 -8.04 10.87
N GLU A 140 5.63 -6.98 11.31
CA GLU A 140 6.52 -7.05 12.46
C GLU A 140 6.41 -5.79 13.32
N LEU A 141 6.70 -5.93 14.61
CA LEU A 141 6.77 -4.78 15.51
C LEU A 141 8.21 -4.31 15.63
N ILE A 142 8.39 -3.02 15.88
CA ILE A 142 9.71 -2.44 16.03
C ILE A 142 9.73 -1.42 17.17
N GLU A 143 10.56 -1.66 18.16
CA GLU A 143 10.66 -0.80 19.33
C GLU A 143 12.09 -0.27 19.48
N ILE A 144 12.47 0.62 18.55
CA ILE A 144 13.77 1.28 18.56
C ILE A 144 14.92 0.26 18.56
N ASN A 145 14.67 -0.90 17.96
CA ASN A 145 15.70 -1.93 17.79
C ASN A 145 16.37 -1.78 16.43
N LEU A 146 15.64 -1.16 15.49
CA LEU A 146 16.16 -0.89 14.13
C LEU A 146 16.44 -2.19 13.37
N GLU A 147 17.66 -2.70 13.53
CA GLU A 147 18.08 -3.91 12.83
C GLU A 147 17.93 -5.12 13.75
N HIS A 148 17.53 -6.26 13.19
CA HIS A 148 17.37 -7.47 13.99
C HIS A 148 18.71 -7.94 14.53
N HIS A 149 19.77 -7.63 13.78
CA HIS A 149 21.14 -7.88 14.21
C HIS A 149 21.39 -9.37 14.44
N HIS A 150 21.69 -10.08 13.36
CA HIS A 150 22.00 -11.50 13.44
C HIS A 150 23.43 -11.70 13.92
N HIS A 151 23.59 -11.74 15.24
CA HIS A 151 24.90 -11.90 15.88
C HIS A 151 25.75 -10.65 15.67
N HIS A 152 27.07 -10.82 15.55
CA HIS A 152 27.98 -9.68 15.45
C HIS A 152 27.76 -8.90 14.15
N HIS A 153 27.72 -7.57 14.27
CA HIS A 153 27.59 -6.68 13.11
C HIS A 153 28.08 -5.29 13.49
N MET A 1 8.18 -12.68 -5.06
CA MET A 1 9.14 -12.40 -6.16
C MET A 1 8.94 -10.98 -6.68
N GLY A 2 9.59 -10.67 -7.80
CA GLY A 2 9.47 -9.35 -8.39
C GLY A 2 10.20 -8.29 -7.59
N ASN A 3 9.58 -7.82 -6.51
CA ASN A 3 10.16 -6.78 -5.68
C ASN A 3 9.59 -6.86 -4.26
N PHE A 4 10.12 -6.03 -3.36
CA PHE A 4 9.74 -6.05 -1.96
C PHE A 4 8.92 -4.80 -1.60
N LEU A 5 7.82 -5.00 -0.87
CA LEU A 5 6.99 -3.89 -0.39
C LEU A 5 7.06 -3.82 1.13
N TYR A 6 6.97 -2.61 1.67
CA TYR A 6 7.04 -2.41 3.11
C TYR A 6 6.04 -1.35 3.55
N ARG A 7 5.32 -1.63 4.64
CA ARG A 7 4.42 -0.66 5.24
C ARG A 7 4.35 -0.88 6.74
N GLY A 8 4.00 0.16 7.49
CA GLY A 8 3.94 0.07 8.93
C GLY A 8 2.72 0.75 9.50
N ILE A 9 2.31 0.35 10.69
CA ILE A 9 1.11 0.87 11.34
C ILE A 9 1.37 1.13 12.83
N SER A 10 0.97 2.30 13.30
CA SER A 10 1.12 2.68 14.70
C SER A 10 -0.02 2.11 15.54
N CYS A 11 -1.18 1.99 14.92
CA CYS A 11 -2.40 1.54 15.59
C CYS A 11 -2.45 0.01 15.66
N GLN A 12 -1.38 -0.57 16.20
CA GLN A 12 -1.29 -2.02 16.40
C GLN A 12 -2.47 -2.49 17.24
N GLN A 13 -2.97 -1.60 18.08
CA GLN A 13 -4.07 -1.94 18.99
C GLN A 13 -5.38 -2.02 18.21
N ASP A 14 -5.54 -1.11 17.27
CA ASP A 14 -6.72 -1.08 16.41
C ASP A 14 -6.77 -2.33 15.52
N GLU A 15 -5.64 -2.64 14.90
CA GLU A 15 -5.55 -3.81 14.03
C GLU A 15 -5.70 -5.09 14.85
N GLN A 16 -5.16 -5.08 16.08
CA GLN A 16 -5.29 -6.21 16.99
C GLN A 16 -6.75 -6.45 17.34
N ASN A 17 -7.47 -5.36 17.61
CA ASN A 17 -8.90 -5.43 17.92
C ASN A 17 -9.68 -5.97 16.71
N ASN A 18 -9.29 -5.54 15.52
CA ASN A 18 -9.89 -6.01 14.29
C ASN A 18 -9.52 -7.47 14.04
N GLY A 19 -8.32 -7.85 14.48
CA GLY A 19 -7.82 -9.20 14.27
C GLY A 19 -7.08 -9.31 12.95
N GLN A 20 -6.87 -8.16 12.30
CA GLN A 20 -6.22 -8.08 10.99
C GLN A 20 -5.95 -6.62 10.66
N LEU A 21 -5.39 -6.37 9.47
CA LEU A 21 -5.09 -5.02 9.02
C LEU A 21 -6.34 -4.33 8.44
N LYS A 22 -7.49 -4.60 9.07
CA LYS A 22 -8.77 -4.03 8.65
C LYS A 22 -9.07 -4.28 7.17
N PRO A 23 -9.16 -5.56 6.74
CA PRO A 23 -9.48 -5.91 5.36
C PRO A 23 -10.92 -5.54 5.02
N LYS A 24 -11.19 -5.22 3.76
CA LYS A 24 -12.51 -4.74 3.36
C LYS A 24 -12.91 -5.25 1.98
N GLY A 25 -13.51 -4.39 1.15
CA GLY A 25 -14.07 -4.79 -0.12
C GLY A 25 -15.53 -4.38 -0.22
N ASN A 26 -15.77 -3.08 -0.07
CA ASN A 26 -17.13 -2.53 -0.05
C ASN A 26 -17.74 -2.52 -1.44
N LYS A 27 -18.24 -3.68 -1.86
CA LYS A 27 -18.88 -3.84 -3.17
C LYS A 27 -17.86 -3.64 -4.29
N ALA A 28 -18.35 -3.37 -5.51
CA ALA A 28 -17.50 -3.18 -6.68
C ALA A 28 -16.74 -4.47 -7.00
N GLU A 29 -17.30 -5.57 -6.50
CA GLU A 29 -16.71 -6.92 -6.58
C GLU A 29 -16.06 -7.19 -7.94
N VAL A 30 -14.72 -7.18 -7.94
CA VAL A 30 -13.90 -7.55 -9.12
C VAL A 30 -14.41 -6.89 -10.40
N ALA A 31 -14.84 -5.64 -10.28
CA ALA A 31 -15.38 -4.90 -11.42
C ALA A 31 -15.12 -3.41 -11.28
N ILE A 32 -15.48 -2.86 -10.12
CA ILE A 32 -15.30 -1.44 -9.83
C ILE A 32 -15.93 -0.58 -10.95
N ARG A 33 -15.20 0.44 -11.41
CA ARG A 33 -15.64 1.35 -12.45
C ARG A 33 -14.54 2.35 -12.74
N TYR A 34 -13.81 2.13 -13.83
CA TYR A 34 -12.69 2.98 -14.20
C TYR A 34 -12.59 3.08 -15.71
N ASP A 35 -12.16 4.24 -16.19
CA ASP A 35 -12.08 4.52 -17.63
C ASP A 35 -10.74 5.14 -17.99
N GLY A 36 -9.72 4.85 -17.19
CA GLY A 36 -8.38 5.35 -17.46
C GLY A 36 -7.58 4.37 -18.29
N LYS A 37 -6.47 3.88 -17.74
CA LYS A 37 -5.67 2.85 -18.40
C LYS A 37 -6.17 1.47 -17.96
N PHE A 38 -7.44 1.43 -17.58
CA PHE A 38 -8.13 0.21 -17.16
C PHE A 38 -9.62 0.37 -17.48
N LYS A 39 -10.11 -0.39 -18.44
CA LYS A 39 -11.50 -0.27 -18.88
C LYS A 39 -12.41 -1.14 -18.01
N TYR A 40 -12.59 -0.72 -16.77
CA TYR A 40 -13.43 -1.43 -15.82
C TYR A 40 -14.87 -0.93 -15.91
N ASP A 41 -15.63 -1.49 -16.84
CA ASP A 41 -17.02 -1.10 -17.05
C ASP A 41 -17.96 -2.00 -16.25
N GLY A 42 -17.70 -2.09 -14.95
CA GLY A 42 -18.46 -2.97 -14.09
C GLY A 42 -19.69 -2.31 -13.49
N LYS A 43 -19.58 -1.94 -12.22
CA LYS A 43 -20.72 -1.39 -11.46
C LYS A 43 -20.86 0.11 -11.72
N ALA A 44 -21.93 0.70 -11.20
CA ALA A 44 -22.18 2.14 -11.36
C ALA A 44 -22.24 2.83 -9.99
N THR A 45 -23.45 3.20 -9.54
CA THR A 45 -23.63 3.88 -8.25
C THR A 45 -22.83 5.19 -8.20
N HIS A 46 -23.37 6.23 -8.83
CA HIS A 46 -22.71 7.53 -8.89
C HIS A 46 -22.87 8.28 -7.57
N GLY A 47 -22.09 7.86 -6.57
CA GLY A 47 -22.16 8.45 -5.25
C GLY A 47 -20.94 8.12 -4.41
N PRO A 48 -21.07 7.22 -3.42
CA PRO A 48 -19.98 6.85 -2.52
C PRO A 48 -19.04 5.79 -3.13
N SER A 49 -18.71 4.77 -2.33
CA SER A 49 -17.89 3.63 -2.78
C SER A 49 -16.56 4.11 -3.40
N VAL A 50 -15.90 3.23 -4.17
CA VAL A 50 -14.59 3.55 -4.74
C VAL A 50 -14.75 4.13 -6.17
N LYS A 51 -14.41 3.31 -7.18
CA LYS A 51 -14.62 3.67 -8.59
C LYS A 51 -13.84 4.93 -9.00
N ASN A 52 -14.15 5.44 -10.20
CA ASN A 52 -13.56 6.66 -10.73
C ASN A 52 -13.58 7.79 -9.71
N ALA A 53 -14.61 7.79 -8.86
CA ALA A 53 -14.75 8.78 -7.81
C ALA A 53 -13.51 8.79 -6.91
N VAL A 54 -13.23 7.65 -6.26
CA VAL A 54 -12.09 7.54 -5.36
C VAL A 54 -10.78 7.75 -6.14
N TYR A 55 -10.76 7.32 -7.40
CA TYR A 55 -9.59 7.48 -8.25
C TYR A 55 -9.28 8.97 -8.45
N ALA A 56 -10.28 9.71 -8.89
CA ALA A 56 -10.15 11.13 -9.17
C ALA A 56 -9.78 11.90 -7.92
N HIS A 57 -10.41 11.56 -6.81
CA HIS A 57 -10.15 12.21 -5.54
C HIS A 57 -8.72 11.92 -5.07
N GLN A 58 -8.34 10.65 -5.11
CA GLN A 58 -7.03 10.21 -4.61
C GLN A 58 -5.88 10.68 -5.52
N ILE A 59 -6.20 10.97 -6.78
CA ILE A 59 -5.18 11.46 -7.71
C ILE A 59 -5.14 13.00 -7.72
N GLU A 60 -6.29 13.61 -7.94
CA GLU A 60 -6.39 15.07 -8.08
C GLU A 60 -6.31 15.76 -6.72
N THR A 61 -7.13 15.31 -5.77
CA THR A 61 -7.24 15.98 -4.47
C THR A 61 -6.24 15.40 -3.46
N GLY A 62 -6.61 14.26 -2.86
CA GLY A 62 -5.77 13.64 -1.85
C GLY A 62 -4.77 12.68 -2.47
N LEU A 63 -3.70 13.24 -3.02
CA LEU A 63 -2.68 12.47 -3.74
C LEU A 63 -2.09 11.37 -2.86
N TYR A 64 -2.77 10.23 -2.85
CA TYR A 64 -2.32 9.04 -2.12
C TYR A 64 -2.24 9.32 -0.62
N ASP A 65 -3.39 9.68 -0.05
CA ASP A 65 -3.51 9.94 1.39
C ASP A 65 -3.08 8.72 2.21
N GLY A 66 -3.35 7.53 1.68
CA GLY A 66 -3.02 6.29 2.37
C GLY A 66 -3.90 5.13 1.94
N CYS A 67 -4.99 5.44 1.24
CA CYS A 67 -5.89 4.42 0.72
C CYS A 67 -5.15 3.50 -0.26
N TYR A 68 -4.20 4.07 -1.00
CA TYR A 68 -3.39 3.31 -1.96
C TYR A 68 -1.97 3.12 -1.40
N ILE A 69 -1.29 2.06 -1.83
CA ILE A 69 0.06 1.76 -1.37
C ILE A 69 1.10 2.37 -2.30
N SER A 70 1.63 3.52 -1.92
CA SER A 70 2.66 4.20 -2.70
C SER A 70 4.05 3.83 -2.20
N THR A 71 4.81 3.11 -3.03
CA THR A 71 6.16 2.70 -2.68
C THR A 71 7.18 3.21 -3.71
N THR A 72 8.46 3.06 -3.38
CA THR A 72 9.54 3.46 -4.28
C THR A 72 10.07 2.23 -5.03
N THR A 73 10.72 2.46 -6.17
CA THR A 73 11.28 1.37 -6.97
C THR A 73 12.47 0.72 -6.26
N ASP A 74 13.02 1.40 -5.27
CA ASP A 74 14.20 0.91 -4.56
C ASP A 74 13.79 0.30 -3.23
N LYS A 75 14.34 -0.88 -2.93
CA LYS A 75 14.00 -1.61 -1.70
C LYS A 75 14.38 -0.83 -0.45
N GLU A 76 15.28 0.14 -0.59
CA GLU A 76 15.71 0.96 0.55
C GLU A 76 14.51 1.73 1.15
N ILE A 77 13.43 1.80 0.36
CA ILE A 77 12.20 2.43 0.80
C ILE A 77 11.73 1.86 2.14
N ALA A 78 12.05 0.60 2.39
CA ALA A 78 11.65 -0.08 3.62
C ALA A 78 12.14 0.68 4.86
N LYS A 79 13.46 0.83 4.95
CA LYS A 79 14.09 1.45 6.11
C LYS A 79 13.86 2.95 6.08
N LYS A 80 13.86 3.52 4.88
CA LYS A 80 13.61 4.94 4.70
C LYS A 80 12.23 5.30 5.23
N PHE A 81 11.24 4.50 4.83
CA PHE A 81 9.86 4.74 5.23
C PHE A 81 9.73 4.59 6.73
N ALA A 82 10.21 3.46 7.25
CA ALA A 82 10.11 3.15 8.67
C ALA A 82 10.69 4.27 9.52
N THR A 83 11.97 4.57 9.32
CA THR A 83 12.67 5.55 10.16
C THR A 83 12.12 6.96 9.96
N SER A 84 11.73 7.29 8.74
CA SER A 84 11.19 8.63 8.46
C SER A 84 9.78 8.79 9.02
N SER A 85 9.13 7.68 9.33
CA SER A 85 7.79 7.71 9.93
C SER A 85 7.89 7.48 11.44
N GLY A 86 9.11 7.23 11.93
CA GLY A 86 9.30 6.94 13.35
C GLY A 86 8.57 5.67 13.75
N ILE A 87 8.48 4.75 12.79
CA ILE A 87 7.70 3.52 12.96
C ILE A 87 8.41 2.53 13.90
N GLU A 88 9.67 2.85 14.23
CA GLU A 88 10.48 2.02 15.13
C GLU A 88 9.70 1.64 16.39
N ASN A 89 8.74 2.47 16.79
CA ASN A 89 7.89 2.18 17.93
C ASN A 89 6.46 1.87 17.45
N GLY A 90 6.19 0.61 17.13
CA GLY A 90 4.87 0.23 16.66
C GLY A 90 4.84 -1.11 15.96
N TYR A 91 4.08 -1.17 14.86
CA TYR A 91 3.84 -2.42 14.13
C TYR A 91 4.26 -2.25 12.67
N ILE A 92 4.72 -3.32 12.05
CA ILE A 92 5.18 -3.28 10.66
C ILE A 92 4.75 -4.52 9.89
N TYR A 93 4.32 -4.33 8.65
CA TYR A 93 3.93 -5.44 7.79
C TYR A 93 4.59 -5.31 6.40
N VAL A 94 5.18 -6.40 5.93
CA VAL A 94 5.84 -6.41 4.63
C VAL A 94 5.06 -7.26 3.62
N LEU A 95 4.99 -6.75 2.39
CA LEU A 95 4.14 -7.30 1.34
C LEU A 95 4.97 -7.73 0.13
N ASN A 96 4.57 -8.83 -0.49
CA ASN A 96 5.22 -9.32 -1.72
C ASN A 96 4.61 -8.62 -2.94
N ARG A 97 5.45 -8.00 -3.77
CA ARG A 97 4.98 -7.16 -4.87
C ARG A 97 4.31 -7.97 -5.97
N ASP A 98 5.01 -8.98 -6.48
CA ASP A 98 4.52 -9.77 -7.62
C ASP A 98 3.23 -10.50 -7.26
N LEU A 99 3.00 -10.69 -5.96
CA LEU A 99 1.78 -11.32 -5.48
C LEU A 99 0.57 -10.46 -5.82
N PHE A 100 0.75 -9.15 -5.79
CA PHE A 100 -0.30 -8.21 -6.16
C PHE A 100 -0.58 -8.33 -7.65
N GLY A 101 0.49 -8.42 -8.44
CA GLY A 101 0.36 -8.63 -9.87
C GLY A 101 -0.36 -9.92 -10.18
N GLN A 102 -0.06 -10.96 -9.40
CA GLN A 102 -0.74 -12.25 -9.53
C GLN A 102 -2.24 -12.06 -9.29
N TYR A 103 -2.59 -11.39 -8.20
CA TYR A 103 -3.98 -11.11 -7.87
C TYR A 103 -4.60 -10.16 -8.90
N SER A 104 -3.72 -9.45 -9.62
CA SER A 104 -4.15 -8.52 -10.66
C SER A 104 -4.84 -7.31 -10.04
N ILE A 105 -4.33 -6.88 -8.89
CA ILE A 105 -4.75 -5.63 -8.27
C ILE A 105 -4.19 -4.47 -9.11
N PHE A 106 -4.78 -3.28 -9.00
CA PHE A 106 -4.51 -2.24 -9.97
C PHE A 106 -3.15 -1.60 -9.67
N GLU A 107 -2.14 -1.96 -10.45
CA GLU A 107 -0.80 -1.42 -10.27
C GLU A 107 -0.61 -0.18 -11.15
N TYR A 108 -0.19 0.91 -10.54
CA TYR A 108 0.11 2.15 -11.26
C TYR A 108 1.43 2.71 -10.77
N GLU A 109 2.44 2.66 -11.62
CA GLU A 109 3.76 3.18 -11.27
C GLU A 109 4.12 4.34 -12.18
N VAL A 110 4.31 5.50 -11.59
CA VAL A 110 4.58 6.73 -12.33
C VAL A 110 6.08 7.03 -12.30
N GLU A 111 6.61 7.40 -13.45
CA GLU A 111 8.01 7.76 -13.54
C GLU A 111 8.19 9.26 -13.36
N HIS A 112 9.26 9.62 -12.69
CA HIS A 112 9.67 11.01 -12.53
C HIS A 112 10.76 11.30 -13.56
N PRO A 113 11.24 12.57 -13.67
CA PRO A 113 12.38 12.89 -14.54
C PRO A 113 13.51 11.87 -14.40
N GLU A 114 14.40 11.83 -15.39
CA GLU A 114 15.35 10.73 -15.53
C GLU A 114 16.34 10.63 -14.35
N ASN A 115 16.85 11.77 -13.87
CA ASN A 115 17.93 11.72 -12.88
C ASN A 115 17.45 11.60 -11.42
N PRO A 116 16.22 12.04 -11.04
CA PRO A 116 15.62 11.68 -9.75
C PRO A 116 15.90 10.22 -9.37
N ASN A 117 16.17 9.41 -10.40
CA ASN A 117 16.77 8.09 -10.25
C ASN A 117 15.75 7.05 -9.77
N GLU A 118 14.48 7.44 -9.67
CA GLU A 118 13.46 6.56 -9.08
C GLU A 118 12.08 6.81 -9.70
N LYS A 119 11.20 5.83 -9.55
CA LYS A 119 9.80 5.94 -9.95
C LYS A 119 8.91 5.60 -8.75
N GLU A 120 7.74 6.23 -8.67
CA GLU A 120 6.83 5.99 -7.55
C GLU A 120 5.79 4.94 -7.94
N VAL A 121 5.97 3.74 -7.40
CA VAL A 121 5.10 2.61 -7.70
C VAL A 121 3.92 2.57 -6.73
N THR A 122 2.75 3.00 -7.20
CA THR A 122 1.57 3.04 -6.36
C THR A 122 0.61 1.90 -6.73
N ILE A 123 0.50 0.93 -5.84
CA ILE A 123 -0.43 -0.18 -6.03
C ILE A 123 -1.77 0.17 -5.41
N ARG A 124 -2.81 0.25 -6.25
CA ARG A 124 -4.15 0.55 -5.77
C ARG A 124 -4.99 -0.72 -5.73
N ALA A 125 -5.44 -1.04 -4.52
CA ALA A 125 -6.20 -2.24 -4.24
C ALA A 125 -7.68 -2.03 -4.54
N GLU A 126 -8.42 -3.13 -4.66
CA GLU A 126 -9.85 -3.10 -5.00
C GLU A 126 -10.64 -2.15 -4.09
N ASP A 127 -10.15 -1.98 -2.86
CA ASP A 127 -10.77 -1.10 -1.88
C ASP A 127 -9.68 -0.37 -1.11
N CYS A 128 -10.06 0.74 -0.48
CA CYS A 128 -9.12 1.60 0.25
C CYS A 128 -8.56 0.90 1.48
N GLY A 129 -7.23 0.89 1.60
CA GLY A 129 -6.58 0.38 2.79
C GLY A 129 -6.36 -1.12 2.79
N CYS A 130 -5.60 -1.59 1.79
CA CYS A 130 -5.17 -2.99 1.71
C CYS A 130 -6.32 -3.98 1.96
N ILE A 131 -7.24 -4.06 1.00
CA ILE A 131 -8.37 -4.99 1.08
C ILE A 131 -7.92 -6.46 1.32
N PRO A 132 -6.89 -6.97 0.59
CA PRO A 132 -6.43 -8.34 0.77
C PRO A 132 -5.26 -8.44 1.76
N GLU A 133 -5.43 -9.26 2.78
CA GLU A 133 -4.39 -9.45 3.81
C GLU A 133 -3.37 -10.50 3.34
N GLU A 134 -3.73 -11.25 2.30
CA GLU A 134 -2.88 -12.32 1.78
C GLU A 134 -1.54 -11.78 1.26
N VAL A 135 -1.54 -10.53 0.78
CA VAL A 135 -0.34 -9.94 0.17
C VAL A 135 0.72 -9.60 1.21
N ILE A 136 0.34 -9.63 2.48
CA ILE A 136 1.26 -9.36 3.57
C ILE A 136 1.96 -10.65 3.95
N ILE A 137 3.12 -10.87 3.36
CA ILE A 137 3.87 -12.10 3.51
C ILE A 137 4.47 -12.19 4.91
N ALA A 138 4.73 -11.05 5.52
CA ALA A 138 5.25 -11.05 6.89
C ALA A 138 4.70 -9.88 7.69
N LYS A 139 4.37 -10.15 8.94
CA LYS A 139 3.88 -9.12 9.87
C LYS A 139 4.64 -9.25 11.19
N GLU A 140 5.21 -8.14 11.63
CA GLU A 140 6.08 -8.13 12.81
C GLU A 140 5.81 -6.89 13.66
N LEU A 141 6.22 -6.95 14.93
CA LEU A 141 6.20 -5.79 15.80
C LEU A 141 7.61 -5.24 15.93
N ILE A 142 7.74 -3.95 16.21
CA ILE A 142 9.04 -3.32 16.34
C ILE A 142 9.08 -2.36 17.54
N GLU A 143 10.14 -2.47 18.33
CA GLU A 143 10.36 -1.62 19.49
C GLU A 143 11.80 -1.11 19.51
N ILE A 144 12.08 -0.14 18.63
CA ILE A 144 13.41 0.48 18.53
C ILE A 144 14.51 -0.59 18.40
N ASN A 145 14.30 -1.50 17.45
CA ASN A 145 15.19 -2.65 17.26
C ASN A 145 16.60 -2.22 16.83
N LEU A 146 16.66 -1.45 15.74
CA LEU A 146 17.95 -1.13 15.12
C LEU A 146 18.50 0.21 15.59
N GLU A 147 18.42 0.47 16.89
CA GLU A 147 18.89 1.73 17.46
C GLU A 147 19.61 1.50 18.79
N HIS A 148 20.49 2.44 19.15
CA HIS A 148 21.32 2.34 20.34
C HIS A 148 21.07 3.51 21.30
N HIS A 149 20.27 4.48 20.84
CA HIS A 149 19.94 5.65 21.66
C HIS A 149 18.84 5.30 22.67
N HIS A 150 19.19 4.46 23.64
CA HIS A 150 18.22 3.98 24.63
C HIS A 150 18.30 4.80 25.92
N HIS A 151 19.42 5.49 26.12
CA HIS A 151 19.64 6.26 27.36
C HIS A 151 18.86 7.57 27.36
N HIS A 152 18.08 7.78 28.43
CA HIS A 152 17.36 9.03 28.68
C HIS A 152 16.34 9.37 27.58
N HIS A 153 15.05 9.23 27.92
CA HIS A 153 13.97 9.57 26.99
C HIS A 153 12.81 10.20 27.75
N MET A 1 6.99 -10.02 -11.94
CA MET A 1 6.50 -9.46 -10.66
C MET A 1 7.29 -10.03 -9.49
N GLY A 2 7.14 -9.45 -8.31
CA GLY A 2 7.78 -9.96 -7.12
C GLY A 2 8.19 -8.87 -6.15
N ASN A 3 8.80 -9.30 -5.04
CA ASN A 3 9.33 -8.40 -4.00
C ASN A 3 8.22 -8.01 -3.03
N PHE A 4 8.59 -7.35 -1.95
CA PHE A 4 7.64 -6.97 -0.91
C PHE A 4 7.52 -5.46 -0.81
N LEU A 5 6.31 -4.99 -0.59
CA LEU A 5 6.04 -3.57 -0.38
C LEU A 5 5.91 -3.32 1.11
N TYR A 6 6.54 -2.26 1.60
CA TYR A 6 6.54 -1.98 3.02
C TYR A 6 5.45 -0.97 3.38
N ARG A 7 4.81 -1.19 4.52
CA ARG A 7 3.79 -0.30 5.04
C ARG A 7 3.83 -0.31 6.56
N GLY A 8 3.99 0.86 7.16
CA GLY A 8 4.11 0.95 8.60
C GLY A 8 3.02 1.82 9.21
N ILE A 9 2.74 1.62 10.48
CA ILE A 9 1.66 2.33 11.15
C ILE A 9 1.98 2.53 12.64
N SER A 10 1.32 3.50 13.25
CA SER A 10 1.43 3.76 14.69
C SER A 10 0.02 3.87 15.29
N CYS A 11 -0.93 3.22 14.63
CA CYS A 11 -2.33 3.30 14.99
C CYS A 11 -2.91 1.91 15.23
N GLN A 12 -2.40 1.25 16.28
CA GLN A 12 -2.89 -0.07 16.65
C GLN A 12 -4.35 0.03 17.07
N GLN A 13 -4.75 1.23 17.48
CA GLN A 13 -6.15 1.52 17.78
C GLN A 13 -7.00 1.32 16.52
N ASP A 14 -6.49 1.84 15.39
CA ASP A 14 -7.17 1.71 14.11
C ASP A 14 -7.18 0.25 13.67
N GLU A 15 -6.05 -0.44 13.87
CA GLU A 15 -5.95 -1.86 13.54
C GLU A 15 -6.97 -2.66 14.34
N GLN A 16 -7.12 -2.33 15.61
CA GLN A 16 -8.06 -3.01 16.50
C GLN A 16 -9.50 -2.67 16.15
N ASN A 17 -9.72 -1.43 15.70
CA ASN A 17 -11.07 -0.94 15.38
C ASN A 17 -11.58 -1.57 14.08
N ASN A 18 -10.74 -1.54 13.05
CA ASN A 18 -11.12 -2.02 11.72
C ASN A 18 -10.84 -3.52 11.58
N GLY A 19 -9.87 -4.01 12.33
CA GLY A 19 -9.52 -5.42 12.31
C GLY A 19 -8.79 -5.83 11.05
N GLN A 20 -8.43 -4.85 10.21
CA GLN A 20 -7.75 -5.14 8.95
C GLN A 20 -6.89 -3.96 8.51
N LEU A 21 -6.59 -3.05 9.44
CA LEU A 21 -5.80 -1.85 9.13
C LEU A 21 -6.52 -0.99 8.09
N LYS A 22 -7.23 0.04 8.57
CA LYS A 22 -8.06 0.91 7.73
C LYS A 22 -9.27 0.14 7.18
N PRO A 23 -10.47 0.78 7.19
CA PRO A 23 -11.68 0.14 6.69
C PRO A 23 -11.77 0.19 5.16
N LYS A 24 -12.42 -0.82 4.58
CA LYS A 24 -12.59 -0.91 3.12
C LYS A 24 -13.75 -0.02 2.67
N GLY A 25 -14.07 -0.10 1.38
CA GLY A 25 -15.19 0.66 0.82
C GLY A 25 -16.52 -0.02 1.06
N ASN A 26 -17.44 0.11 0.11
CA ASN A 26 -18.77 -0.49 0.22
C ASN A 26 -19.46 -0.53 -1.15
N LYS A 27 -19.76 0.64 -1.69
CA LYS A 27 -20.54 0.75 -2.94
C LYS A 27 -19.83 1.66 -3.94
N ALA A 28 -19.90 1.28 -5.21
CA ALA A 28 -19.30 2.06 -6.29
C ALA A 28 -20.19 3.26 -6.64
N GLU A 29 -21.44 2.95 -6.98
CA GLU A 29 -22.42 3.95 -7.41
C GLU A 29 -22.08 4.46 -8.81
N VAL A 30 -20.91 5.07 -8.97
CA VAL A 30 -20.45 5.56 -10.27
C VAL A 30 -19.27 4.74 -10.77
N ALA A 31 -18.89 4.96 -12.03
CA ALA A 31 -17.79 4.23 -12.65
C ALA A 31 -16.44 4.76 -12.19
N ILE A 32 -15.40 3.97 -12.43
CA ILE A 32 -14.03 4.38 -12.11
C ILE A 32 -13.57 5.44 -13.11
N ARG A 33 -13.86 5.17 -14.38
CA ARG A 33 -13.60 6.11 -15.48
C ARG A 33 -12.15 6.57 -15.54
N TYR A 34 -11.23 5.61 -15.62
CA TYR A 34 -9.82 5.92 -15.89
C TYR A 34 -9.64 6.02 -17.41
N ASP A 35 -9.34 7.22 -17.88
CA ASP A 35 -9.35 7.50 -19.32
C ASP A 35 -8.20 6.83 -20.06
N GLY A 36 -8.56 5.92 -20.96
CA GLY A 36 -7.58 5.34 -21.88
C GLY A 36 -6.71 4.26 -21.25
N LYS A 37 -5.78 4.69 -20.40
CA LYS A 37 -4.75 3.81 -19.85
C LYS A 37 -5.36 2.56 -19.20
N PHE A 38 -6.47 2.74 -18.50
CA PHE A 38 -7.09 1.64 -17.76
C PHE A 38 -8.62 1.69 -17.90
N LYS A 39 -9.13 0.97 -18.89
CA LYS A 39 -10.57 0.90 -19.12
C LYS A 39 -11.26 0.11 -18.01
N TYR A 40 -11.44 0.75 -16.86
CA TYR A 40 -12.12 0.15 -15.73
C TYR A 40 -13.63 0.24 -15.89
N ASP A 41 -14.36 -0.53 -15.11
CA ASP A 41 -15.83 -0.46 -15.06
C ASP A 41 -16.25 0.48 -13.94
N GLY A 42 -16.83 -0.08 -12.87
CA GLY A 42 -17.28 0.71 -11.74
C GLY A 42 -17.98 -0.15 -10.72
N LYS A 43 -19.14 -0.66 -11.10
CA LYS A 43 -19.91 -1.57 -10.26
C LYS A 43 -19.34 -2.99 -10.40
N ALA A 44 -18.05 -3.11 -10.17
CA ALA A 44 -17.34 -4.38 -10.35
C ALA A 44 -17.59 -5.33 -9.19
N THR A 45 -18.13 -4.79 -8.08
CA THR A 45 -18.43 -5.58 -6.89
C THR A 45 -17.16 -5.97 -6.13
N HIS A 46 -16.24 -6.67 -6.81
CA HIS A 46 -14.96 -7.06 -6.21
C HIS A 46 -14.09 -5.82 -5.94
N GLY A 47 -14.17 -4.84 -6.84
CA GLY A 47 -13.43 -3.60 -6.68
C GLY A 47 -14.28 -2.39 -7.05
N PRO A 48 -15.28 -2.05 -6.21
CA PRO A 48 -16.23 -0.98 -6.49
C PRO A 48 -15.81 0.40 -5.98
N SER A 49 -15.42 0.49 -4.71
CA SER A 49 -15.33 1.76 -4.01
C SER A 49 -13.94 2.41 -4.14
N VAL A 50 -13.40 2.36 -5.35
CA VAL A 50 -12.15 3.08 -5.65
C VAL A 50 -12.47 4.33 -6.45
N LYS A 51 -12.81 4.14 -7.73
CA LYS A 51 -13.32 5.20 -8.59
C LYS A 51 -12.36 6.38 -8.72
N ASN A 52 -12.80 7.35 -9.52
CA ASN A 52 -12.08 8.61 -9.67
C ASN A 52 -11.93 9.29 -8.31
N ALA A 53 -12.83 8.95 -7.39
CA ALA A 53 -12.79 9.46 -6.03
C ALA A 53 -11.41 9.28 -5.40
N VAL A 54 -11.03 8.03 -5.14
CA VAL A 54 -9.76 7.76 -4.47
C VAL A 54 -8.59 7.83 -5.46
N TYR A 55 -8.86 7.58 -6.74
CA TYR A 55 -7.82 7.68 -7.77
C TYR A 55 -7.33 9.13 -7.87
N ALA A 56 -8.27 10.06 -8.05
CA ALA A 56 -7.96 11.48 -8.13
C ALA A 56 -7.49 12.00 -6.78
N HIS A 57 -8.03 11.43 -5.71
CA HIS A 57 -7.57 11.77 -4.35
C HIS A 57 -6.07 11.53 -4.24
N GLN A 58 -5.65 10.32 -4.62
CA GLN A 58 -4.24 9.93 -4.55
C GLN A 58 -3.38 10.79 -5.46
N ILE A 59 -3.81 10.97 -6.71
CA ILE A 59 -3.01 11.68 -7.70
C ILE A 59 -2.92 13.18 -7.40
N GLU A 60 -4.03 13.78 -6.98
CA GLU A 60 -4.10 15.23 -6.76
C GLU A 60 -3.60 15.59 -5.36
N THR A 61 -4.18 14.98 -4.33
CA THR A 61 -3.85 15.31 -2.95
C THR A 61 -2.50 14.75 -2.55
N GLY A 62 -2.14 13.60 -3.13
CA GLY A 62 -0.85 12.99 -2.85
C GLY A 62 -0.99 11.69 -2.09
N LEU A 63 0.10 11.26 -1.48
CA LEU A 63 0.15 9.98 -0.77
C LEU A 63 -0.49 10.12 0.60
N TYR A 64 -1.82 10.22 0.62
CA TYR A 64 -2.56 10.17 1.87
C TYR A 64 -2.52 8.74 2.41
N ASP A 65 -2.12 7.83 1.52
CA ASP A 65 -1.83 6.45 1.85
C ASP A 65 -3.07 5.72 2.35
N GLY A 66 -2.87 4.49 2.84
CA GLY A 66 -3.96 3.75 3.42
C GLY A 66 -4.74 2.94 2.39
N CYS A 67 -5.14 3.61 1.31
CA CYS A 67 -5.90 2.95 0.25
C CYS A 67 -4.97 2.26 -0.74
N TYR A 68 -3.92 2.97 -1.16
CA TYR A 68 -2.99 2.47 -2.15
C TYR A 68 -1.61 2.28 -1.54
N ILE A 69 -0.90 1.23 -1.97
CA ILE A 69 0.45 0.96 -1.47
C ILE A 69 1.50 1.41 -2.47
N SER A 70 2.07 2.59 -2.24
CA SER A 70 3.11 3.13 -3.11
C SER A 70 4.46 2.49 -2.79
N THR A 71 5.06 1.88 -3.81
CA THR A 71 6.36 1.23 -3.67
C THR A 71 7.32 1.76 -4.75
N THR A 72 8.52 2.14 -4.34
CA THR A 72 9.52 2.66 -5.29
C THR A 72 10.21 1.51 -6.02
N THR A 73 10.95 1.85 -7.08
CA THR A 73 11.65 0.87 -7.88
C THR A 73 12.99 0.45 -7.26
N ASP A 74 13.23 0.86 -6.02
CA ASP A 74 14.50 0.56 -5.34
C ASP A 74 14.26 -0.32 -4.11
N LYS A 75 15.07 -1.37 -3.98
CA LYS A 75 14.93 -2.34 -2.89
C LYS A 75 15.21 -1.72 -1.52
N GLU A 76 15.89 -0.58 -1.50
CA GLU A 76 16.28 0.07 -0.25
C GLU A 76 15.10 0.81 0.37
N ILE A 77 13.97 0.84 -0.35
CA ILE A 77 12.75 1.48 0.13
C ILE A 77 12.41 1.05 1.56
N ALA A 78 12.72 -0.20 1.89
CA ALA A 78 12.38 -0.75 3.20
C ALA A 78 13.03 0.07 4.31
N LYS A 79 14.34 0.24 4.20
CA LYS A 79 15.12 0.95 5.22
C LYS A 79 14.79 2.43 5.17
N LYS A 80 14.77 2.98 3.97
CA LYS A 80 14.52 4.39 3.75
C LYS A 80 13.16 4.79 4.30
N PHE A 81 12.15 4.00 3.95
CA PHE A 81 10.77 4.29 4.34
C PHE A 81 10.61 4.15 5.86
N ALA A 82 11.00 2.99 6.38
CA ALA A 82 10.82 2.70 7.80
C ALA A 82 11.49 3.77 8.67
N THR A 83 12.71 4.17 8.29
CA THR A 83 13.45 5.15 9.06
C THR A 83 12.82 6.56 8.93
N SER A 84 12.53 6.96 7.70
CA SER A 84 11.97 8.29 7.43
C SER A 84 10.56 8.43 8.02
N SER A 85 9.90 7.30 8.26
CA SER A 85 8.57 7.30 8.86
C SER A 85 8.66 7.15 10.38
N GLY A 86 9.87 7.24 10.91
CA GLY A 86 10.09 7.17 12.34
C GLY A 86 9.53 5.90 12.96
N ILE A 87 9.65 4.79 12.22
CA ILE A 87 9.09 3.52 12.67
C ILE A 87 9.89 2.95 13.84
N GLU A 88 11.05 3.56 14.13
CA GLU A 88 11.91 3.15 15.26
C GLU A 88 11.07 2.77 16.49
N ASN A 89 9.98 3.51 16.70
CA ASN A 89 9.04 3.19 17.76
C ASN A 89 7.63 3.09 17.18
N GLY A 90 7.25 1.89 16.75
CA GLY A 90 5.93 1.70 16.16
C GLY A 90 5.70 0.28 15.68
N TYR A 91 4.83 0.14 14.67
CA TYR A 91 4.44 -1.15 14.13
C TYR A 91 4.59 -1.12 12.61
N ILE A 92 5.15 -2.18 12.03
CA ILE A 92 5.40 -2.19 10.59
C ILE A 92 5.09 -3.56 9.99
N TYR A 93 4.47 -3.55 8.81
CA TYR A 93 4.13 -4.79 8.10
C TYR A 93 4.56 -4.71 6.64
N VAL A 94 4.76 -5.88 6.03
CA VAL A 94 5.15 -5.97 4.63
C VAL A 94 4.21 -6.90 3.88
N LEU A 95 3.83 -6.49 2.68
CA LEU A 95 2.92 -7.23 1.82
C LEU A 95 3.66 -7.70 0.56
N ASN A 96 3.39 -8.92 0.11
CA ASN A 96 4.09 -9.48 -1.05
C ASN A 96 3.45 -8.97 -2.35
N ARG A 97 4.28 -8.79 -3.38
CA ARG A 97 3.82 -8.21 -4.65
C ARG A 97 3.44 -9.31 -5.63
N ASP A 98 4.04 -10.47 -5.43
CA ASP A 98 3.77 -11.64 -6.27
C ASP A 98 2.28 -11.92 -6.34
N LEU A 99 1.63 -11.84 -5.17
CA LEU A 99 0.20 -12.13 -5.06
C LEU A 99 -0.61 -11.11 -5.84
N PHE A 100 -0.20 -9.85 -5.78
CA PHE A 100 -0.88 -8.78 -6.50
C PHE A 100 -0.71 -8.98 -8.00
N GLY A 101 0.47 -9.44 -8.40
CA GLY A 101 0.72 -9.76 -9.79
C GLY A 101 -0.18 -10.88 -10.28
N GLN A 102 -0.35 -11.89 -9.42
CA GLN A 102 -1.23 -13.02 -9.72
C GLN A 102 -2.65 -12.54 -9.95
N TYR A 103 -3.18 -11.79 -8.99
CA TYR A 103 -4.53 -11.23 -9.08
C TYR A 103 -4.60 -10.13 -10.13
N SER A 104 -3.44 -9.61 -10.52
CA SER A 104 -3.33 -8.55 -11.51
C SER A 104 -4.01 -7.29 -10.98
N ILE A 105 -3.66 -6.94 -9.74
CA ILE A 105 -4.14 -5.72 -9.10
C ILE A 105 -3.64 -4.50 -9.89
N PHE A 106 -4.25 -3.33 -9.66
CA PHE A 106 -3.98 -2.17 -10.51
C PHE A 106 -2.61 -1.58 -10.19
N GLU A 107 -1.63 -1.92 -11.01
CA GLU A 107 -0.28 -1.38 -10.85
C GLU A 107 -0.09 -0.17 -11.74
N TYR A 108 -0.17 1.01 -11.13
CA TYR A 108 0.01 2.27 -11.86
C TYR A 108 1.24 2.98 -11.33
N GLU A 109 2.16 3.31 -12.22
CA GLU A 109 3.44 3.87 -11.82
C GLU A 109 3.58 5.32 -12.28
N VAL A 110 4.18 6.15 -11.42
CA VAL A 110 4.50 7.53 -11.75
C VAL A 110 5.99 7.77 -11.54
N GLU A 111 6.57 8.68 -12.30
CA GLU A 111 7.97 9.01 -12.11
C GLU A 111 8.11 10.11 -11.06
N HIS A 112 9.14 10.02 -10.24
CA HIS A 112 9.43 11.03 -9.23
C HIS A 112 10.24 12.15 -9.89
N PRO A 113 10.55 13.26 -9.16
CA PRO A 113 11.39 14.34 -9.70
C PRO A 113 12.71 13.81 -10.29
N GLU A 114 13.43 14.70 -10.97
CA GLU A 114 14.55 14.32 -11.82
C GLU A 114 15.60 13.45 -11.12
N ASN A 115 16.27 13.99 -10.11
CA ASN A 115 17.43 13.30 -9.52
C ASN A 115 17.12 12.42 -8.30
N PRO A 116 15.93 12.50 -7.64
CA PRO A 116 15.50 11.44 -6.72
C PRO A 116 15.76 10.05 -7.31
N ASN A 117 15.81 10.00 -8.65
CA ASN A 117 16.32 8.84 -9.39
C ASN A 117 15.36 7.64 -9.37
N GLU A 118 14.36 7.71 -8.50
CA GLU A 118 13.47 6.58 -8.27
C GLU A 118 12.15 6.76 -8.99
N LYS A 119 11.50 5.65 -9.29
CA LYS A 119 10.19 5.64 -9.91
C LYS A 119 9.18 5.05 -8.95
N GLU A 120 8.04 5.71 -8.80
CA GLU A 120 6.99 5.24 -7.90
C GLU A 120 6.07 4.29 -8.63
N VAL A 121 5.74 3.19 -7.98
CA VAL A 121 4.76 2.24 -8.49
C VAL A 121 3.63 2.08 -7.47
N THR A 122 2.51 2.76 -7.71
CA THR A 122 1.37 2.64 -6.84
C THR A 122 0.67 1.29 -7.06
N ILE A 123 0.73 0.44 -6.04
CA ILE A 123 0.02 -0.83 -6.08
C ILE A 123 -1.40 -0.60 -5.56
N ARG A 124 -2.32 -0.49 -6.49
CA ARG A 124 -3.70 -0.12 -6.20
C ARG A 124 -4.60 -1.34 -6.19
N ALA A 125 -5.06 -1.71 -5.01
CA ALA A 125 -5.90 -2.88 -4.84
C ALA A 125 -7.26 -2.67 -5.49
N GLU A 126 -7.96 -3.76 -5.77
CA GLU A 126 -9.24 -3.72 -6.46
C GLU A 126 -10.21 -2.78 -5.74
N ASP A 127 -10.35 -2.96 -4.44
CA ASP A 127 -11.18 -2.08 -3.61
C ASP A 127 -10.31 -1.24 -2.70
N CYS A 128 -10.85 -0.13 -2.21
CA CYS A 128 -10.11 0.79 -1.36
C CYS A 128 -10.06 0.28 0.08
N GLY A 129 -8.86 0.25 0.65
CA GLY A 129 -8.70 -0.08 2.06
C GLY A 129 -8.49 -1.57 2.33
N CYS A 130 -7.32 -2.08 1.92
CA CYS A 130 -6.89 -3.45 2.23
C CYS A 130 -7.99 -4.48 1.98
N ILE A 131 -8.30 -4.73 0.71
CA ILE A 131 -9.27 -5.75 0.34
C ILE A 131 -8.73 -7.17 0.63
N PRO A 132 -7.44 -7.48 0.26
CA PRO A 132 -6.84 -8.77 0.58
C PRO A 132 -5.97 -8.70 1.84
N GLU A 133 -6.44 -9.32 2.91
CA GLU A 133 -5.73 -9.31 4.19
C GLU A 133 -4.57 -10.30 4.17
N GLU A 134 -4.71 -11.34 3.35
CA GLU A 134 -3.71 -12.41 3.27
C GLU A 134 -2.46 -11.95 2.53
N VAL A 135 -2.50 -10.77 1.93
CA VAL A 135 -1.37 -10.25 1.18
C VAL A 135 -0.25 -9.79 2.12
N ILE A 136 -0.58 -9.64 3.41
CA ILE A 136 0.37 -9.19 4.41
C ILE A 136 1.13 -10.39 4.95
N ILE A 137 2.24 -10.70 4.29
CA ILE A 137 3.00 -11.91 4.58
C ILE A 137 3.90 -11.74 5.80
N ALA A 138 4.32 -10.49 6.06
CA ALA A 138 5.21 -10.23 7.18
C ALA A 138 4.68 -9.12 8.08
N LYS A 139 4.84 -9.31 9.37
CA LYS A 139 4.41 -8.35 10.38
C LYS A 139 5.44 -8.29 11.50
N GLU A 140 5.91 -7.09 11.80
CA GLU A 140 6.95 -6.90 12.81
C GLU A 140 6.69 -5.66 13.64
N LEU A 141 6.76 -5.78 14.96
CA LEU A 141 6.72 -4.62 15.83
C LEU A 141 8.13 -4.16 16.11
N ILE A 142 8.31 -2.87 16.37
CA ILE A 142 9.63 -2.31 16.56
C ILE A 142 9.67 -1.28 17.69
N GLU A 143 10.52 -1.54 18.68
CA GLU A 143 10.73 -0.63 19.81
C GLU A 143 12.22 -0.32 19.96
N ILE A 144 12.65 0.78 19.33
CA ILE A 144 14.05 1.23 19.37
C ILE A 144 15.03 0.12 18.96
N ASN A 145 14.70 -0.60 17.89
CA ASN A 145 15.57 -1.67 17.38
C ASN A 145 16.70 -1.08 16.55
N LEU A 146 17.57 -0.31 17.21
CA LEU A 146 18.74 0.27 16.56
C LEU A 146 19.94 -0.66 16.77
N GLU A 147 20.62 -0.50 17.90
CA GLU A 147 21.73 -1.38 18.27
C GLU A 147 21.19 -2.48 19.19
N HIS A 148 21.99 -3.52 19.40
CA HIS A 148 21.55 -4.67 20.19
C HIS A 148 22.75 -5.49 20.64
N HIS A 149 23.57 -4.90 21.51
CA HIS A 149 24.72 -5.60 22.10
C HIS A 149 24.24 -6.55 23.20
N HIS A 150 25.19 -7.12 23.94
CA HIS A 150 24.87 -8.11 24.97
C HIS A 150 24.12 -9.27 24.33
N HIS A 151 24.85 -10.04 23.52
CA HIS A 151 24.27 -11.13 22.74
C HIS A 151 23.32 -10.54 21.68
N HIS A 152 22.12 -11.12 21.55
CA HIS A 152 21.13 -10.66 20.56
C HIS A 152 21.65 -10.87 19.13
N HIS A 153 22.71 -11.66 19.03
CA HIS A 153 23.33 -11.98 17.75
C HIS A 153 24.35 -13.10 17.97
N MET A 1 8.84 -11.96 -8.75
CA MET A 1 9.74 -10.79 -8.70
C MET A 1 10.72 -10.91 -7.53
N GLY A 2 10.23 -11.44 -6.41
CA GLY A 2 11.07 -11.55 -5.22
C GLY A 2 11.33 -10.21 -4.59
N ASN A 3 10.27 -9.41 -4.46
CA ASN A 3 10.36 -8.07 -3.89
C ASN A 3 9.05 -7.72 -3.21
N PHE A 4 9.10 -6.85 -2.21
CA PHE A 4 7.91 -6.52 -1.43
C PHE A 4 7.87 -5.04 -1.07
N LEU A 5 6.78 -4.64 -0.44
CA LEU A 5 6.57 -3.26 0.01
C LEU A 5 6.40 -3.25 1.52
N TYR A 6 6.63 -2.09 2.12
CA TYR A 6 6.56 -1.94 3.57
C TYR A 6 5.38 -1.06 3.96
N ARG A 7 4.61 -1.50 4.93
CA ARG A 7 3.52 -0.71 5.50
C ARG A 7 3.60 -0.74 7.03
N GLY A 8 4.25 0.27 7.59
CA GLY A 8 4.44 0.36 9.02
C GLY A 8 3.31 1.10 9.70
N ILE A 9 3.12 0.85 10.99
CA ILE A 9 2.09 1.51 11.77
C ILE A 9 2.70 2.17 13.01
N SER A 10 2.38 3.45 13.19
CA SER A 10 2.86 4.21 14.34
C SER A 10 1.77 4.30 15.40
N CYS A 11 0.52 4.29 14.95
CA CYS A 11 -0.63 4.34 15.83
C CYS A 11 -1.10 2.92 16.10
N GLN A 12 -0.18 2.10 16.59
CA GLN A 12 -0.46 0.69 16.92
C GLN A 12 -1.71 0.59 17.79
N GLN A 13 -1.95 1.64 18.57
CA GLN A 13 -3.10 1.69 19.47
C GLN A 13 -4.40 1.83 18.67
N ASP A 14 -4.34 2.64 17.61
CA ASP A 14 -5.50 2.90 16.75
C ASP A 14 -5.79 1.68 15.89
N GLU A 15 -4.74 0.99 15.47
CA GLU A 15 -4.86 -0.25 14.70
C GLU A 15 -5.46 -1.36 15.56
N GLN A 16 -4.85 -1.61 16.72
CA GLN A 16 -5.34 -2.62 17.66
C GLN A 16 -6.77 -2.31 18.11
N ASN A 17 -7.06 -1.01 18.27
CA ASN A 17 -8.41 -0.56 18.65
C ASN A 17 -9.38 -0.81 17.51
N ASN A 18 -8.91 -0.57 16.28
CA ASN A 18 -9.71 -0.82 15.08
C ASN A 18 -9.95 -2.31 14.89
N GLY A 19 -8.98 -3.11 15.32
CA GLY A 19 -9.08 -4.56 15.19
C GLY A 19 -8.49 -5.05 13.88
N GLN A 20 -7.94 -4.12 13.10
CA GLN A 20 -7.34 -4.42 11.80
C GLN A 20 -6.60 -3.20 11.27
N LEU A 21 -5.95 -3.34 10.12
CA LEU A 21 -5.16 -2.25 9.54
C LEU A 21 -6.05 -1.24 8.80
N LYS A 22 -7.12 -0.81 9.46
CA LYS A 22 -8.09 0.14 8.87
C LYS A 22 -8.62 -0.38 7.53
N PRO A 23 -9.44 -1.47 7.57
CA PRO A 23 -10.01 -2.06 6.36
C PRO A 23 -11.32 -1.38 5.94
N LYS A 24 -11.57 -1.35 4.64
CA LYS A 24 -12.80 -0.78 4.11
C LYS A 24 -13.23 -1.50 2.83
N GLY A 25 -12.50 -2.55 2.47
CA GLY A 25 -12.84 -3.34 1.30
C GLY A 25 -14.11 -4.12 1.52
N ASN A 26 -15.24 -3.58 1.05
CA ASN A 26 -16.54 -4.17 1.33
C ASN A 26 -17.56 -3.83 0.23
N LYS A 27 -17.08 -3.48 -0.96
CA LYS A 27 -17.96 -3.23 -2.10
C LYS A 27 -17.34 -3.79 -3.38
N ALA A 28 -18.05 -4.69 -4.05
CA ALA A 28 -17.49 -5.48 -5.13
C ALA A 28 -17.83 -4.88 -6.49
N GLU A 29 -18.68 -5.57 -7.27
CA GLU A 29 -18.98 -5.19 -8.64
C GLU A 29 -17.69 -5.07 -9.45
N VAL A 30 -17.00 -6.20 -9.58
CA VAL A 30 -15.73 -6.25 -10.30
C VAL A 30 -15.93 -5.94 -11.78
N ALA A 31 -15.91 -4.65 -12.10
CA ALA A 31 -16.04 -4.19 -13.49
C ALA A 31 -14.96 -3.15 -13.79
N ILE A 32 -13.84 -3.27 -13.08
CA ILE A 32 -12.71 -2.36 -13.25
C ILE A 32 -11.41 -3.15 -13.28
N ARG A 33 -10.45 -2.69 -14.07
CA ARG A 33 -9.15 -3.33 -14.19
C ARG A 33 -8.14 -2.31 -14.70
N TYR A 34 -6.88 -2.45 -14.30
CA TYR A 34 -5.83 -1.55 -14.76
C TYR A 34 -5.55 -1.78 -16.25
N ASP A 35 -6.47 -1.32 -17.09
CA ASP A 35 -6.35 -1.44 -18.54
C ASP A 35 -5.34 -0.44 -19.08
N GLY A 36 -5.52 0.82 -18.68
CA GLY A 36 -4.65 1.89 -19.12
C GLY A 36 -5.39 3.21 -19.15
N LYS A 37 -6.60 3.18 -19.69
CA LYS A 37 -7.46 4.35 -19.74
C LYS A 37 -8.23 4.47 -18.43
N PHE A 38 -8.04 5.56 -17.71
CA PHE A 38 -8.66 5.75 -16.40
C PHE A 38 -10.15 6.14 -16.52
N LYS A 39 -10.80 5.66 -17.58
CA LYS A 39 -12.21 5.95 -17.81
C LYS A 39 -13.03 4.67 -17.72
N TYR A 40 -12.47 3.63 -17.09
CA TYR A 40 -13.19 2.38 -16.89
C TYR A 40 -14.27 2.57 -15.82
N ASP A 41 -15.39 3.15 -16.23
CA ASP A 41 -16.53 3.40 -15.34
C ASP A 41 -17.17 2.09 -14.90
N GLY A 42 -16.54 1.43 -13.93
CA GLY A 42 -17.06 0.18 -13.40
C GLY A 42 -18.04 0.39 -12.28
N LYS A 43 -18.57 -0.71 -11.73
CA LYS A 43 -19.57 -0.68 -10.67
C LYS A 43 -20.89 -0.10 -11.18
N ALA A 44 -21.88 -0.04 -10.30
CA ALA A 44 -23.19 0.51 -10.65
C ALA A 44 -23.36 1.91 -10.06
N THR A 45 -24.61 2.34 -9.87
CA THR A 45 -24.90 3.67 -9.33
C THR A 45 -24.27 3.86 -7.95
N HIS A 46 -23.83 2.76 -7.34
CA HIS A 46 -23.18 2.80 -6.03
C HIS A 46 -21.94 3.70 -6.05
N GLY A 47 -21.24 3.72 -7.18
CA GLY A 47 -20.06 4.56 -7.30
C GLY A 47 -19.33 4.37 -8.61
N PRO A 48 -19.88 4.90 -9.73
CA PRO A 48 -19.25 4.80 -11.06
C PRO A 48 -18.01 5.70 -11.17
N SER A 49 -17.96 6.70 -10.30
CA SER A 49 -16.86 7.66 -10.28
C SER A 49 -15.76 7.20 -9.34
N VAL A 50 -15.80 5.91 -8.96
CA VAL A 50 -14.83 5.33 -8.03
C VAL A 50 -13.39 5.60 -8.48
N LYS A 51 -13.17 5.52 -9.79
CA LYS A 51 -11.84 5.73 -10.37
C LYS A 51 -11.27 7.08 -9.95
N ASN A 52 -11.87 8.14 -10.48
CA ASN A 52 -11.43 9.51 -10.24
C ASN A 52 -11.24 9.78 -8.74
N ALA A 53 -12.29 9.49 -7.98
CA ALA A 53 -12.32 9.79 -6.55
C ALA A 53 -11.17 9.12 -5.81
N VAL A 54 -11.13 7.79 -5.84
CA VAL A 54 -10.17 7.04 -5.03
C VAL A 54 -8.74 7.26 -5.53
N TYR A 55 -8.56 7.36 -6.84
CA TYR A 55 -7.22 7.56 -7.42
C TYR A 55 -6.66 8.91 -6.97
N ALA A 56 -7.37 9.98 -7.29
CA ALA A 56 -6.92 11.33 -6.98
C ALA A 56 -6.75 11.51 -5.47
N HIS A 57 -7.76 11.09 -4.71
CA HIS A 57 -7.73 11.24 -3.26
C HIS A 57 -6.63 10.39 -2.63
N GLN A 58 -6.29 9.26 -3.26
CA GLN A 58 -5.21 8.40 -2.77
C GLN A 58 -3.88 9.11 -2.92
N ILE A 59 -3.70 9.71 -4.09
CA ILE A 59 -2.49 10.45 -4.37
C ILE A 59 -2.41 11.70 -3.49
N GLU A 60 -3.57 12.25 -3.14
CA GLU A 60 -3.65 13.45 -2.32
C GLU A 60 -3.51 13.12 -0.82
N THR A 61 -4.57 12.57 -0.24
CA THR A 61 -4.60 12.29 1.20
C THR A 61 -4.21 10.85 1.53
N GLY A 62 -4.64 9.92 0.69
CA GLY A 62 -4.49 8.50 0.97
C GLY A 62 -5.81 7.88 1.43
N LEU A 63 -6.80 8.76 1.61
CA LEU A 63 -8.15 8.37 2.06
C LEU A 63 -8.10 7.71 3.43
N TYR A 64 -7.92 6.40 3.45
CA TYR A 64 -7.98 5.61 4.68
C TYR A 64 -6.58 5.41 5.26
N ASP A 65 -5.95 6.52 5.65
CA ASP A 65 -4.58 6.51 6.15
C ASP A 65 -3.62 6.05 5.04
N GLY A 66 -3.66 4.74 4.77
CA GLY A 66 -2.89 4.17 3.69
C GLY A 66 -3.71 3.11 2.95
N CYS A 67 -4.77 3.57 2.28
CA CYS A 67 -5.67 2.67 1.56
C CYS A 67 -4.91 1.84 0.54
N TYR A 68 -3.99 2.48 -0.19
CA TYR A 68 -3.17 1.82 -1.18
C TYR A 68 -1.69 2.05 -0.84
N ILE A 69 -0.81 1.21 -1.36
CA ILE A 69 0.59 1.22 -0.94
C ILE A 69 1.50 1.84 -1.99
N SER A 70 1.93 3.08 -1.75
CA SER A 70 2.93 3.73 -2.60
C SER A 70 4.33 3.39 -2.10
N THR A 71 5.07 2.62 -2.89
CA THR A 71 6.42 2.22 -2.52
C THR A 71 7.41 2.61 -3.60
N THR A 72 8.67 2.74 -3.23
CA THR A 72 9.74 3.03 -4.18
C THR A 72 10.27 1.72 -4.78
N THR A 73 10.90 1.81 -5.94
CA THR A 73 11.46 0.64 -6.60
C THR A 73 12.80 0.24 -5.97
N ASP A 74 13.35 1.12 -5.15
CA ASP A 74 14.64 0.90 -4.49
C ASP A 74 14.47 -0.01 -3.28
N LYS A 75 15.32 -1.04 -3.22
CA LYS A 75 15.26 -2.05 -2.16
C LYS A 75 15.43 -1.42 -0.76
N GLU A 76 16.06 -0.25 -0.70
CA GLU A 76 16.37 0.38 0.58
C GLU A 76 15.13 1.06 1.17
N ILE A 77 14.01 0.95 0.45
CA ILE A 77 12.74 1.53 0.88
C ILE A 77 12.41 1.17 2.33
N ALA A 78 12.81 -0.01 2.76
CA ALA A 78 12.46 -0.52 4.08
C ALA A 78 12.94 0.42 5.18
N LYS A 79 14.25 0.66 5.20
CA LYS A 79 14.87 1.46 6.24
C LYS A 79 14.46 2.92 6.09
N LYS A 80 14.48 3.39 4.84
CA LYS A 80 14.14 4.78 4.53
C LYS A 80 12.71 5.10 4.98
N PHE A 81 11.79 4.19 4.64
CA PHE A 81 10.38 4.40 4.94
C PHE A 81 10.13 4.33 6.43
N ALA A 82 10.75 3.33 7.08
CA ALA A 82 10.57 3.14 8.52
C ALA A 82 10.99 4.39 9.29
N THR A 83 12.19 4.90 8.99
CA THR A 83 12.70 6.07 9.70
C THR A 83 11.91 7.34 9.36
N SER A 84 11.60 7.54 8.08
CA SER A 84 10.97 8.77 7.62
C SER A 84 9.52 8.89 8.14
N SER A 85 8.95 7.79 8.62
CA SER A 85 7.60 7.81 9.16
C SER A 85 7.62 7.73 10.69
N GLY A 86 8.83 7.72 11.26
CA GLY A 86 8.98 7.65 12.71
C GLY A 86 8.47 6.33 13.28
N ILE A 87 8.77 5.24 12.57
CA ILE A 87 8.29 3.92 12.96
C ILE A 87 9.29 3.20 13.88
N GLU A 88 10.48 3.81 14.05
CA GLU A 88 11.60 3.21 14.81
C GLU A 88 11.14 2.28 15.92
N ASN A 89 10.12 2.67 16.67
CA ASN A 89 9.55 1.82 17.71
C ASN A 89 8.05 1.66 17.48
N GLY A 90 7.68 0.60 16.76
CA GLY A 90 6.28 0.38 16.43
C GLY A 90 6.06 -0.87 15.59
N TYR A 91 5.10 -0.80 14.68
CA TYR A 91 4.70 -1.93 13.85
C TYR A 91 5.23 -1.77 12.42
N ILE A 92 5.64 -2.87 11.80
CA ILE A 92 6.05 -2.86 10.40
C ILE A 92 5.53 -4.11 9.69
N TYR A 93 4.63 -3.91 8.74
CA TYR A 93 4.06 -5.02 7.96
C TYR A 93 4.70 -5.08 6.59
N VAL A 94 4.68 -6.25 5.97
CA VAL A 94 5.25 -6.46 4.65
C VAL A 94 4.24 -7.14 3.73
N LEU A 95 4.18 -6.62 2.49
CA LEU A 95 3.26 -7.11 1.46
C LEU A 95 4.05 -7.42 0.19
N ASN A 96 3.79 -8.56 -0.43
CA ASN A 96 4.57 -9.01 -1.60
C ASN A 96 4.08 -8.30 -2.86
N ARG A 97 5.03 -7.81 -3.67
CA ARG A 97 4.72 -7.04 -4.87
C ARG A 97 4.19 -7.94 -5.99
N ASP A 98 4.93 -9.01 -6.30
CA ASP A 98 4.55 -9.88 -7.41
C ASP A 98 3.25 -10.62 -7.11
N LEU A 99 2.89 -10.66 -5.82
CA LEU A 99 1.62 -11.23 -5.40
C LEU A 99 0.47 -10.47 -6.08
N PHE A 100 0.57 -9.15 -6.05
CA PHE A 100 -0.41 -8.29 -6.69
C PHE A 100 -0.37 -8.48 -8.20
N GLY A 101 0.84 -8.69 -8.72
CA GLY A 101 1.01 -8.98 -10.13
C GLY A 101 0.30 -10.25 -10.55
N GLN A 102 0.31 -11.24 -9.66
CA GLN A 102 -0.38 -12.51 -9.91
C GLN A 102 -1.88 -12.32 -9.81
N TYR A 103 -2.29 -11.48 -8.87
CA TYR A 103 -3.71 -11.16 -8.68
C TYR A 103 -4.21 -10.21 -9.77
N SER A 104 -3.28 -9.47 -10.38
CA SER A 104 -3.58 -8.46 -11.38
C SER A 104 -4.30 -7.26 -10.74
N ILE A 105 -3.92 -6.97 -9.50
CA ILE A 105 -4.40 -5.78 -8.80
C ILE A 105 -3.89 -4.52 -9.51
N PHE A 106 -4.47 -3.35 -9.23
CA PHE A 106 -4.13 -2.15 -9.99
C PHE A 106 -2.75 -1.65 -9.57
N GLU A 107 -1.73 -1.98 -10.36
CA GLU A 107 -0.37 -1.54 -10.08
C GLU A 107 -0.07 -0.29 -10.89
N TYR A 108 -0.18 0.86 -10.25
CA TYR A 108 0.07 2.13 -10.91
C TYR A 108 1.46 2.65 -10.53
N GLU A 109 2.35 2.69 -11.49
CA GLU A 109 3.72 3.15 -11.25
C GLU A 109 3.91 4.54 -11.82
N VAL A 110 4.00 5.53 -10.94
CA VAL A 110 4.28 6.90 -11.35
C VAL A 110 5.78 7.13 -11.32
N GLU A 111 6.39 7.21 -12.49
CA GLU A 111 7.81 7.47 -12.57
C GLU A 111 8.06 8.97 -12.48
N HIS A 112 8.96 9.33 -11.58
CA HIS A 112 9.33 10.71 -11.36
C HIS A 112 10.34 11.14 -12.43
N PRO A 113 10.64 12.45 -12.54
CA PRO A 113 11.67 12.94 -13.47
C PRO A 113 12.96 12.12 -13.40
N GLU A 114 13.84 12.33 -14.37
CA GLU A 114 15.00 11.46 -14.58
C GLU A 114 15.92 11.39 -13.33
N ASN A 115 16.39 12.54 -12.85
CA ASN A 115 17.46 12.54 -11.84
C ASN A 115 16.99 12.45 -10.37
N PRO A 116 15.70 12.67 -10.03
CA PRO A 116 15.16 12.23 -8.74
C PRO A 116 15.63 10.82 -8.39
N ASN A 117 15.99 10.07 -9.44
CA ASN A 117 16.69 8.79 -9.32
C ASN A 117 15.80 7.72 -8.68
N GLU A 118 14.48 7.86 -8.86
CA GLU A 118 13.53 6.91 -8.27
C GLU A 118 12.18 6.97 -8.99
N LYS A 119 11.44 5.87 -8.93
CA LYS A 119 10.10 5.78 -9.49
C LYS A 119 9.17 5.19 -8.42
N GLU A 120 7.98 5.77 -8.28
CA GLU A 120 7.05 5.38 -7.22
C GLU A 120 5.99 4.42 -7.74
N VAL A 121 6.02 3.19 -7.26
CA VAL A 121 5.04 2.18 -7.62
C VAL A 121 3.93 2.13 -6.58
N THR A 122 2.78 2.70 -6.91
CA THR A 122 1.62 2.67 -6.03
C THR A 122 0.73 1.48 -6.36
N ILE A 123 0.66 0.53 -5.45
CA ILE A 123 -0.17 -0.65 -5.63
C ILE A 123 -1.57 -0.37 -5.08
N ARG A 124 -2.52 -0.26 -5.99
CA ARG A 124 -3.92 -0.03 -5.67
C ARG A 124 -4.71 -1.33 -5.72
N ALA A 125 -5.24 -1.73 -4.58
CA ALA A 125 -6.13 -2.87 -4.51
C ALA A 125 -7.47 -2.54 -5.18
N GLU A 126 -8.22 -3.58 -5.57
CA GLU A 126 -9.49 -3.40 -6.28
C GLU A 126 -10.38 -2.37 -5.59
N ASP A 127 -10.70 -2.65 -4.34
CA ASP A 127 -11.50 -1.75 -3.51
C ASP A 127 -10.58 -1.06 -2.50
N CYS A 128 -11.01 0.12 -2.04
CA CYS A 128 -10.21 0.92 -1.12
C CYS A 128 -10.27 0.35 0.29
N GLY A 129 -9.13 0.38 0.99
CA GLY A 129 -9.08 -0.11 2.36
C GLY A 129 -8.72 -1.58 2.45
N CYS A 130 -7.66 -1.96 1.74
CA CYS A 130 -7.10 -3.32 1.83
C CYS A 130 -8.17 -4.40 1.62
N ILE A 131 -8.64 -4.53 0.37
CA ILE A 131 -9.64 -5.54 0.02
C ILE A 131 -9.07 -6.98 0.07
N PRO A 132 -7.80 -7.24 -0.36
CA PRO A 132 -7.27 -8.62 -0.38
C PRO A 132 -6.74 -9.05 0.99
N GLU A 133 -7.34 -10.09 1.54
CA GLU A 133 -6.96 -10.61 2.86
C GLU A 133 -5.49 -11.04 2.89
N GLU A 134 -5.00 -11.51 1.73
CA GLU A 134 -3.64 -12.02 1.62
C GLU A 134 -2.63 -10.88 1.38
N VAL A 135 -3.10 -9.65 1.54
CA VAL A 135 -2.25 -8.47 1.34
C VAL A 135 -1.11 -8.45 2.36
N ILE A 136 -1.38 -9.02 3.54
CA ILE A 136 -0.38 -9.11 4.60
C ILE A 136 0.37 -10.42 4.48
N ILE A 137 1.50 -10.40 3.79
CA ILE A 137 2.33 -11.59 3.65
C ILE A 137 3.06 -11.86 4.95
N ALA A 138 3.43 -10.80 5.67
CA ALA A 138 4.06 -10.95 6.98
C ALA A 138 3.96 -9.66 7.80
N LYS A 139 4.25 -9.76 9.09
CA LYS A 139 4.29 -8.60 9.98
C LYS A 139 5.38 -8.79 11.03
N GLU A 140 6.02 -7.69 11.39
CA GLU A 140 7.08 -7.69 12.39
C GLU A 140 6.98 -6.45 13.28
N LEU A 141 7.58 -6.51 14.45
CA LEU A 141 7.69 -5.34 15.33
C LEU A 141 9.09 -4.77 15.24
N ILE A 142 9.20 -3.46 15.39
CA ILE A 142 10.49 -2.79 15.30
C ILE A 142 10.76 -1.95 16.55
N GLU A 143 12.00 -2.02 17.03
CA GLU A 143 12.45 -1.26 18.18
C GLU A 143 13.81 -0.63 17.88
N ILE A 144 13.80 0.69 17.63
CA ILE A 144 15.02 1.43 17.25
C ILE A 144 15.51 0.98 15.88
N ASN A 145 15.23 1.79 14.86
CA ASN A 145 15.63 1.48 13.49
C ASN A 145 17.11 1.75 13.28
N LEU A 146 17.95 0.97 13.96
CA LEU A 146 19.40 1.09 13.84
C LEU A 146 19.90 0.13 12.76
N GLU A 147 19.71 -1.16 12.99
CA GLU A 147 20.08 -2.20 12.03
C GLU A 147 19.18 -3.41 12.21
N HIS A 148 18.51 -3.82 11.13
CA HIS A 148 17.66 -5.00 11.16
C HIS A 148 18.53 -6.25 11.16
N HIS A 149 19.01 -6.63 12.35
CA HIS A 149 19.88 -7.79 12.53
C HIS A 149 19.37 -8.99 11.72
N HIS A 150 20.20 -9.44 10.79
CA HIS A 150 19.86 -10.58 9.93
C HIS A 150 19.54 -11.82 10.77
N HIS A 151 18.36 -12.39 10.54
CA HIS A 151 17.93 -13.58 11.25
C HIS A 151 18.57 -14.82 10.66
N HIS A 152 19.61 -15.32 11.31
CA HIS A 152 20.31 -16.53 10.87
C HIS A 152 19.68 -17.76 11.51
N HIS A 153 19.39 -17.66 12.80
CA HIS A 153 18.74 -18.74 13.55
C HIS A 153 17.34 -18.30 13.97
N MET A 1 7.25 -3.16 -11.27
CA MET A 1 8.56 -3.62 -10.74
C MET A 1 8.52 -3.73 -9.22
N GLY A 2 9.16 -4.74 -8.66
CA GLY A 2 9.18 -4.90 -7.22
C GLY A 2 9.77 -6.23 -6.79
N ASN A 3 9.48 -6.62 -5.55
CA ASN A 3 10.02 -7.85 -4.96
C ASN A 3 9.30 -8.10 -3.64
N PHE A 4 9.26 -7.08 -2.80
CA PHE A 4 8.49 -7.10 -1.57
C PHE A 4 8.20 -5.66 -1.15
N LEU A 5 7.13 -5.47 -0.39
CA LEU A 5 6.68 -4.13 -0.02
C LEU A 5 6.62 -3.99 1.49
N TYR A 6 6.81 -2.76 1.95
CA TYR A 6 6.81 -2.47 3.37
C TYR A 6 5.63 -1.54 3.70
N ARG A 7 4.96 -1.83 4.80
CA ARG A 7 3.83 -1.02 5.26
C ARG A 7 3.83 -0.93 6.77
N GLY A 8 4.28 0.20 7.29
CA GLY A 8 4.30 0.40 8.73
C GLY A 8 3.16 1.30 9.17
N ILE A 9 2.50 0.94 10.27
CA ILE A 9 1.30 1.64 10.72
C ILE A 9 1.48 2.21 12.13
N SER A 10 1.17 3.49 12.29
CA SER A 10 1.20 4.13 13.60
C SER A 10 -0.15 3.97 14.31
N CYS A 11 -1.21 3.86 13.52
CA CYS A 11 -2.56 3.73 14.04
C CYS A 11 -2.91 2.26 14.24
N GLN A 12 -1.95 1.51 14.78
CA GLN A 12 -2.12 0.09 15.08
C GLN A 12 -3.41 -0.13 15.86
N GLN A 13 -3.71 0.84 16.72
CA GLN A 13 -4.90 0.76 17.59
C GLN A 13 -6.18 0.88 16.75
N ASP A 14 -6.17 1.80 15.79
CA ASP A 14 -7.33 2.03 14.93
C ASP A 14 -7.59 0.81 14.06
N GLU A 15 -6.51 0.24 13.53
CA GLU A 15 -6.59 -0.95 12.69
C GLU A 15 -7.18 -2.12 13.46
N GLN A 16 -6.57 -2.43 14.61
CA GLN A 16 -7.01 -3.54 15.44
C GLN A 16 -8.45 -3.32 15.93
N ASN A 17 -8.81 -2.05 16.13
CA ASN A 17 -10.18 -1.69 16.52
C ASN A 17 -11.14 -1.93 15.35
N ASN A 18 -10.65 -1.68 14.14
CA ASN A 18 -11.42 -1.93 12.92
C ASN A 18 -11.51 -3.44 12.66
N GLY A 19 -10.52 -4.16 13.19
CA GLY A 19 -10.46 -5.61 12.98
C GLY A 19 -9.82 -5.93 11.65
N GLN A 20 -9.35 -4.90 10.97
CA GLN A 20 -8.77 -5.03 9.64
C GLN A 20 -8.10 -3.71 9.26
N LEU A 21 -7.23 -3.76 8.25
CA LEU A 21 -6.55 -2.56 7.75
C LEU A 21 -7.56 -1.65 7.05
N LYS A 22 -8.42 -1.00 7.84
CA LYS A 22 -9.49 -0.15 7.32
C LYS A 22 -10.54 -0.98 6.56
N PRO A 23 -11.81 -0.54 6.58
CA PRO A 23 -12.89 -1.22 5.86
C PRO A 23 -12.69 -1.15 4.34
N LYS A 24 -13.10 -2.21 3.64
CA LYS A 24 -12.91 -2.30 2.19
C LYS A 24 -14.15 -2.91 1.53
N GLY A 25 -14.52 -2.36 0.39
CA GLY A 25 -15.67 -2.84 -0.35
C GLY A 25 -15.60 -2.45 -1.82
N ASN A 26 -15.16 -3.38 -2.65
CA ASN A 26 -14.94 -3.12 -4.08
C ASN A 26 -16.18 -3.46 -4.91
N LYS A 27 -16.28 -2.83 -6.08
CA LYS A 27 -17.31 -3.14 -7.06
C LYS A 27 -16.64 -3.70 -8.33
N ALA A 28 -15.82 -4.71 -8.12
CA ALA A 28 -15.10 -5.36 -9.22
C ALA A 28 -16.06 -6.25 -10.01
N GLU A 29 -16.61 -7.23 -9.32
CA GLU A 29 -17.63 -8.14 -9.88
C GLU A 29 -17.12 -8.80 -11.16
N VAL A 30 -15.80 -9.11 -11.17
CA VAL A 30 -15.14 -9.72 -12.34
C VAL A 30 -15.14 -8.77 -13.55
N ALA A 31 -15.79 -7.62 -13.40
CA ALA A 31 -15.95 -6.66 -14.48
C ALA A 31 -14.78 -5.67 -14.52
N ILE A 32 -13.57 -6.22 -14.42
CA ILE A 32 -12.34 -5.45 -14.54
C ILE A 32 -11.27 -6.33 -15.19
N ARG A 33 -10.51 -5.75 -16.12
CA ARG A 33 -9.42 -6.50 -16.77
C ARG A 33 -8.17 -5.62 -16.91
N TYR A 34 -8.37 -4.30 -17.04
CA TYR A 34 -7.24 -3.37 -17.17
C TYR A 34 -6.38 -3.75 -18.38
N ASP A 35 -7.01 -3.83 -19.54
CA ASP A 35 -6.30 -4.20 -20.77
C ASP A 35 -5.46 -3.03 -21.26
N GLY A 36 -4.26 -2.91 -20.69
CA GLY A 36 -3.36 -1.82 -21.04
C GLY A 36 -3.69 -0.55 -20.29
N LYS A 37 -4.87 -0.01 -20.57
CA LYS A 37 -5.35 1.20 -19.90
C LYS A 37 -6.44 0.84 -18.89
N PHE A 38 -6.98 1.84 -18.20
CA PHE A 38 -8.02 1.63 -17.21
C PHE A 38 -9.37 1.33 -17.90
N LYS A 39 -9.44 0.15 -18.51
CA LYS A 39 -10.64 -0.27 -19.24
C LYS A 39 -11.34 -1.39 -18.48
N TYR A 40 -12.63 -1.20 -18.22
CA TYR A 40 -13.43 -2.15 -17.44
C TYR A 40 -14.92 -1.81 -17.54
N ASP A 41 -15.76 -2.73 -17.09
CA ASP A 41 -17.20 -2.54 -17.07
C ASP A 41 -17.63 -1.88 -15.76
N GLY A 42 -18.12 -0.64 -15.86
CA GLY A 42 -18.55 0.10 -14.68
C GLY A 42 -19.90 -0.38 -14.18
N LYS A 43 -20.00 -0.63 -12.87
CA LYS A 43 -21.22 -1.20 -12.27
C LYS A 43 -22.09 -0.10 -11.66
N ALA A 44 -23.20 0.22 -12.32
CA ALA A 44 -24.17 1.18 -11.83
C ALA A 44 -23.51 2.52 -11.47
N THR A 45 -23.76 3.02 -10.25
CA THR A 45 -23.21 4.30 -9.81
C THR A 45 -21.72 4.17 -9.45
N HIS A 46 -21.21 2.93 -9.50
CA HIS A 46 -19.80 2.61 -9.22
C HIS A 46 -19.52 2.64 -7.72
N GLY A 47 -19.94 3.70 -7.05
CA GLY A 47 -19.71 3.84 -5.62
C GLY A 47 -18.53 4.74 -5.32
N PRO A 48 -18.10 4.83 -4.05
CA PRO A 48 -16.95 5.64 -3.64
C PRO A 48 -15.64 4.87 -3.74
N SER A 49 -15.74 3.59 -4.12
CA SER A 49 -14.60 2.68 -4.12
C SER A 49 -14.46 1.98 -5.47
N VAL A 50 -13.24 1.55 -5.78
CA VAL A 50 -12.91 0.86 -7.03
C VAL A 50 -13.18 1.73 -8.27
N LYS A 51 -12.76 1.21 -9.44
CA LYS A 51 -13.05 1.82 -10.73
C LYS A 51 -12.50 3.26 -10.81
N ASN A 52 -12.85 3.94 -11.90
CA ASN A 52 -12.41 5.32 -12.13
C ASN A 52 -12.74 6.21 -10.94
N ALA A 53 -13.78 5.84 -10.20
CA ALA A 53 -14.18 6.54 -8.99
C ALA A 53 -13.00 6.67 -8.03
N VAL A 54 -12.53 5.54 -7.50
CA VAL A 54 -11.43 5.55 -6.53
C VAL A 54 -10.12 5.98 -7.20
N TYR A 55 -9.97 5.67 -8.49
CA TYR A 55 -8.76 6.02 -9.22
C TYR A 55 -8.57 7.54 -9.25
N ALA A 56 -9.54 8.22 -9.88
CA ALA A 56 -9.48 9.66 -10.03
C ALA A 56 -9.56 10.36 -8.68
N HIS A 57 -10.51 9.94 -7.84
CA HIS A 57 -10.69 10.53 -6.52
C HIS A 57 -9.37 10.54 -5.75
N GLN A 58 -8.80 9.36 -5.55
CA GLN A 58 -7.62 9.21 -4.72
C GLN A 58 -6.41 9.91 -5.33
N ILE A 59 -6.12 9.62 -6.60
CA ILE A 59 -4.86 10.05 -7.20
C ILE A 59 -4.87 11.54 -7.57
N GLU A 60 -6.05 12.12 -7.79
CA GLU A 60 -6.15 13.53 -8.14
C GLU A 60 -6.36 14.41 -6.90
N THR A 61 -7.12 13.90 -5.93
CA THR A 61 -7.41 14.68 -4.71
C THR A 61 -6.35 14.43 -3.63
N GLY A 62 -6.20 13.16 -3.23
CA GLY A 62 -5.28 12.83 -2.15
C GLY A 62 -4.00 12.19 -2.67
N LEU A 63 -3.66 11.04 -2.10
CA LEU A 63 -2.48 10.30 -2.52
C LEU A 63 -2.65 8.83 -2.16
N TYR A 64 -1.54 8.11 -2.05
CA TYR A 64 -1.58 6.68 -1.79
C TYR A 64 -1.37 6.37 -0.30
N ASP A 65 -1.07 7.41 0.47
CA ASP A 65 -0.69 7.28 1.87
C ASP A 65 -1.82 6.64 2.69
N GLY A 66 -1.77 5.32 2.80
CA GLY A 66 -2.76 4.58 3.55
C GLY A 66 -3.67 3.76 2.66
N CYS A 67 -4.02 4.33 1.51
CA CYS A 67 -4.94 3.69 0.58
C CYS A 67 -4.23 2.61 -0.25
N TYR A 68 -3.07 2.96 -0.80
CA TYR A 68 -2.34 2.09 -1.72
C TYR A 68 -0.88 1.94 -1.28
N ILE A 69 -0.20 0.93 -1.79
CA ILE A 69 1.17 0.65 -1.35
C ILE A 69 2.19 1.36 -2.24
N SER A 70 2.68 2.49 -1.76
CA SER A 70 3.76 3.23 -2.41
C SER A 70 5.10 2.53 -2.16
N THR A 71 5.67 1.93 -3.20
CA THR A 71 6.94 1.21 -3.06
C THR A 71 8.03 1.84 -3.93
N THR A 72 9.18 2.12 -3.31
CA THR A 72 10.33 2.67 -4.03
C THR A 72 11.01 1.59 -4.86
N THR A 73 11.75 2.01 -5.88
CA THR A 73 12.43 1.10 -6.80
C THR A 73 13.81 0.69 -6.27
N ASP A 74 14.10 1.04 -5.02
CA ASP A 74 15.40 0.76 -4.40
C ASP A 74 15.26 -0.33 -3.33
N LYS A 75 16.19 -1.28 -3.34
CA LYS A 75 16.18 -2.42 -2.41
C LYS A 75 16.13 -1.98 -0.94
N GLU A 76 16.63 -0.78 -0.65
CA GLU A 76 16.69 -0.28 0.73
C GLU A 76 15.36 0.33 1.15
N ILE A 77 14.37 0.28 0.26
CA ILE A 77 13.04 0.82 0.51
C ILE A 77 12.54 0.43 1.91
N ALA A 78 12.83 -0.79 2.33
CA ALA A 78 12.36 -1.31 3.60
C ALA A 78 12.87 -0.46 4.76
N LYS A 79 14.19 -0.31 4.82
CA LYS A 79 14.85 0.39 5.91
C LYS A 79 14.59 1.89 5.80
N LYS A 80 14.69 2.40 4.57
CA LYS A 80 14.50 3.81 4.31
C LYS A 80 13.09 4.25 4.68
N PHE A 81 12.10 3.46 4.25
CA PHE A 81 10.69 3.78 4.51
C PHE A 81 10.42 3.68 6.00
N ALA A 82 10.85 2.58 6.59
CA ALA A 82 10.63 2.33 8.01
C ALA A 82 11.14 3.50 8.87
N THR A 83 12.41 3.84 8.72
CA THR A 83 13.01 4.90 9.51
C THR A 83 12.36 6.25 9.20
N SER A 84 12.05 6.49 7.92
CA SER A 84 11.41 7.74 7.50
C SER A 84 9.99 7.85 8.09
N SER A 85 9.39 6.71 8.38
CA SER A 85 8.06 6.66 8.99
C SER A 85 8.16 6.67 10.51
N GLY A 86 9.38 6.69 11.03
CA GLY A 86 9.60 6.61 12.46
C GLY A 86 9.11 5.29 13.02
N ILE A 87 9.61 4.21 12.44
CA ILE A 87 9.16 2.86 12.78
C ILE A 87 9.74 2.37 14.11
N GLU A 88 10.71 3.11 14.65
CA GLU A 88 11.34 2.75 15.94
C GLU A 88 10.34 2.08 16.89
N ASN A 89 9.16 2.69 17.01
CA ASN A 89 8.04 2.08 17.74
C ASN A 89 6.77 2.16 16.88
N GLY A 90 6.21 1.01 16.52
CA GLY A 90 4.99 0.98 15.74
C GLY A 90 4.68 -0.39 15.15
N TYR A 91 3.72 -0.42 14.24
CA TYR A 91 3.30 -1.65 13.56
C TYR A 91 4.13 -1.84 12.29
N ILE A 92 4.57 -3.07 12.04
CA ILE A 92 5.34 -3.39 10.83
C ILE A 92 4.63 -4.46 10.02
N TYR A 93 4.13 -4.08 8.85
CA TYR A 93 3.47 -5.04 7.95
C TYR A 93 4.33 -5.23 6.70
N VAL A 94 4.35 -6.46 6.20
CA VAL A 94 5.10 -6.78 5.00
C VAL A 94 4.22 -7.54 4.01
N LEU A 95 4.23 -7.06 2.76
CA LEU A 95 3.40 -7.62 1.70
C LEU A 95 4.28 -8.02 0.52
N ASN A 96 3.97 -9.13 -0.13
CA ASN A 96 4.74 -9.56 -1.30
C ASN A 96 4.19 -8.89 -2.57
N ARG A 97 5.07 -8.34 -3.39
CA ARG A 97 4.67 -7.64 -4.62
C ARG A 97 3.95 -8.57 -5.58
N ASP A 98 4.55 -9.74 -5.83
CA ASP A 98 4.03 -10.68 -6.80
C ASP A 98 2.69 -11.25 -6.35
N LEU A 99 2.43 -11.17 -5.04
CA LEU A 99 1.16 -11.61 -4.48
C LEU A 99 0.03 -10.75 -5.06
N PHE A 100 0.28 -9.45 -5.13
CA PHE A 100 -0.65 -8.51 -5.76
C PHE A 100 -0.81 -8.86 -7.24
N GLY A 101 0.33 -9.18 -7.87
CA GLY A 101 0.32 -9.59 -9.26
C GLY A 101 -0.53 -10.82 -9.48
N GLN A 102 -0.51 -11.73 -8.51
CA GLN A 102 -1.35 -12.92 -8.53
C GLN A 102 -2.82 -12.53 -8.43
N TYR A 103 -3.11 -11.61 -7.52
CA TYR A 103 -4.48 -11.10 -7.35
C TYR A 103 -4.88 -10.24 -8.55
N SER A 104 -3.88 -9.84 -9.33
CA SER A 104 -4.08 -9.02 -10.53
C SER A 104 -4.48 -7.59 -10.16
N ILE A 105 -3.98 -7.15 -9.01
CA ILE A 105 -4.21 -5.78 -8.54
C ILE A 105 -3.32 -4.81 -9.35
N PHE A 106 -3.72 -3.55 -9.40
CA PHE A 106 -3.19 -2.62 -10.40
C PHE A 106 -1.85 -2.02 -9.96
N GLU A 107 -0.77 -2.54 -10.51
CA GLU A 107 0.56 -2.01 -10.25
C GLU A 107 0.95 -1.02 -11.33
N TYR A 108 0.92 0.28 -11.00
CA TYR A 108 1.34 1.31 -11.95
C TYR A 108 2.40 2.20 -11.33
N GLU A 109 3.33 2.64 -12.16
CA GLU A 109 4.44 3.45 -11.69
C GLU A 109 4.14 4.93 -11.85
N VAL A 110 4.26 5.69 -10.77
CA VAL A 110 4.18 7.13 -10.82
C VAL A 110 5.59 7.69 -11.03
N GLU A 111 5.85 8.16 -12.25
CA GLU A 111 7.15 8.71 -12.58
C GLU A 111 7.12 10.22 -12.55
N HIS A 112 8.23 10.80 -12.14
CA HIS A 112 8.41 12.24 -12.13
C HIS A 112 9.38 12.62 -13.24
N PRO A 113 9.55 13.92 -13.55
CA PRO A 113 10.48 14.38 -14.60
C PRO A 113 11.87 13.73 -14.49
N GLU A 114 12.69 13.94 -15.53
CA GLU A 114 13.96 13.23 -15.70
C GLU A 114 14.81 13.17 -14.42
N ASN A 115 15.32 14.32 -13.96
CA ASN A 115 16.34 14.31 -12.90
C ASN A 115 15.80 14.45 -11.46
N PRO A 116 14.50 14.80 -11.22
CA PRO A 116 13.90 14.63 -9.89
C PRO A 116 14.23 13.26 -9.27
N ASN A 117 14.63 12.31 -10.12
CA ASN A 117 15.18 11.01 -9.69
C ASN A 117 14.09 10.11 -9.08
N GLU A 118 12.83 10.51 -9.22
CA GLU A 118 11.74 9.81 -8.55
C GLU A 118 10.86 9.06 -9.53
N LYS A 119 10.85 7.73 -9.40
CA LYS A 119 9.91 6.88 -10.12
C LYS A 119 9.42 5.78 -9.16
N GLU A 120 8.26 6.03 -8.56
CA GLU A 120 7.72 5.15 -7.54
C GLU A 120 6.77 4.14 -8.14
N VAL A 121 6.83 2.91 -7.65
CA VAL A 121 5.93 1.85 -8.07
C VAL A 121 4.74 1.78 -7.11
N THR A 122 3.59 2.26 -7.58
CA THR A 122 2.39 2.29 -6.75
C THR A 122 1.56 1.02 -6.96
N ILE A 123 1.33 0.31 -5.85
CA ILE A 123 0.45 -0.84 -5.86
C ILE A 123 -0.97 -0.37 -5.57
N ARG A 124 -1.71 -0.12 -6.64
CA ARG A 124 -3.09 0.35 -6.58
C ARG A 124 -4.03 -0.83 -6.36
N ALA A 125 -4.44 -1.02 -5.11
CA ALA A 125 -5.43 -2.01 -4.76
C ALA A 125 -6.81 -1.59 -5.28
N GLU A 126 -7.72 -2.54 -5.40
CA GLU A 126 -9.07 -2.26 -5.88
C GLU A 126 -9.75 -1.21 -5.00
N ASP A 127 -9.40 -1.21 -3.71
CA ASP A 127 -9.95 -0.27 -2.75
C ASP A 127 -8.91 0.08 -1.70
N CYS A 128 -9.13 1.19 -1.00
CA CYS A 128 -8.21 1.69 0.01
C CYS A 128 -8.04 0.72 1.16
N GLY A 129 -6.85 0.75 1.76
CA GLY A 129 -6.58 -0.05 2.94
C GLY A 129 -6.23 -1.49 2.62
N CYS A 130 -5.68 -1.71 1.42
CA CYS A 130 -5.26 -3.04 1.00
C CYS A 130 -6.44 -4.02 1.06
N ILE A 131 -7.37 -3.85 0.12
CA ILE A 131 -8.61 -4.64 0.06
C ILE A 131 -8.41 -6.14 0.44
N PRO A 132 -7.39 -6.85 -0.09
CA PRO A 132 -7.10 -8.21 0.37
C PRO A 132 -6.20 -8.19 1.60
N GLU A 133 -6.79 -8.52 2.75
CA GLU A 133 -6.06 -8.51 4.02
C GLU A 133 -5.01 -9.61 4.05
N GLU A 134 -5.24 -10.66 3.26
CA GLU A 134 -4.35 -11.82 3.20
C GLU A 134 -3.11 -11.52 2.34
N VAL A 135 -3.00 -10.28 1.86
CA VAL A 135 -1.84 -9.87 1.08
C VAL A 135 -0.65 -9.58 2.00
N ILE A 136 -0.92 -9.58 3.30
CA ILE A 136 0.11 -9.33 4.29
C ILE A 136 0.81 -10.63 4.63
N ILE A 137 1.94 -10.85 3.96
CA ILE A 137 2.68 -12.10 4.11
C ILE A 137 3.20 -12.22 5.53
N ALA A 138 3.52 -11.09 6.15
CA ALA A 138 3.98 -11.12 7.54
C ALA A 138 3.50 -9.91 8.32
N LYS A 139 3.04 -10.16 9.55
CA LYS A 139 2.63 -9.11 10.48
C LYS A 139 3.62 -9.06 11.64
N GLU A 140 4.12 -7.87 11.93
CA GLU A 140 5.13 -7.68 12.98
C GLU A 140 4.87 -6.40 13.76
N LEU A 141 5.44 -6.32 14.97
CA LEU A 141 5.38 -5.10 15.77
C LEU A 141 6.75 -4.81 16.37
N ILE A 142 7.04 -3.53 16.58
CA ILE A 142 8.35 -3.12 17.07
C ILE A 142 8.24 -1.99 18.09
N GLU A 143 9.16 -1.97 19.04
CA GLU A 143 9.28 -0.88 20.00
C GLU A 143 10.74 -0.75 20.46
N ILE A 144 11.42 0.26 19.91
CA ILE A 144 12.82 0.54 20.24
C ILE A 144 13.73 -0.64 19.84
N ASN A 145 14.14 -0.64 18.58
CA ASN A 145 14.97 -1.72 18.03
C ASN A 145 16.34 -1.77 18.69
N LEU A 146 16.90 -0.60 18.98
CA LEU A 146 18.24 -0.51 19.57
C LEU A 146 18.22 0.44 20.77
N GLU A 147 19.34 0.51 21.50
CA GLU A 147 19.44 1.38 22.66
C GLU A 147 19.52 2.84 22.22
N HIS A 148 20.28 3.07 21.16
CA HIS A 148 20.39 4.39 20.53
C HIS A 148 20.25 4.21 19.02
N HIS A 149 20.25 5.31 18.29
CA HIS A 149 20.16 5.24 16.83
C HIS A 149 21.54 4.91 16.23
N HIS A 150 22.13 3.85 16.75
CA HIS A 150 23.46 3.40 16.35
C HIS A 150 23.65 1.96 16.85
N HIS A 151 24.10 1.07 15.97
CA HIS A 151 24.35 -0.32 16.36
C HIS A 151 25.73 -0.42 16.99
N HIS A 152 26.56 0.57 16.70
CA HIS A 152 27.90 0.67 17.26
C HIS A 152 28.14 2.09 17.73
N HIS A 153 29.00 2.26 18.74
CA HIS A 153 29.32 3.59 19.24
C HIS A 153 30.14 4.37 18.21
N MET A 1 10.07 -8.90 -9.86
CA MET A 1 9.53 -10.14 -9.25
C MET A 1 9.30 -9.93 -7.75
N GLY A 2 9.65 -10.92 -6.92
CA GLY A 2 9.42 -10.84 -5.50
C GLY A 2 10.39 -9.92 -4.79
N ASN A 3 10.08 -8.62 -4.78
CA ASN A 3 10.87 -7.64 -4.04
C ASN A 3 10.05 -7.06 -2.89
N PHE A 4 8.83 -7.60 -2.74
CA PHE A 4 7.83 -7.15 -1.77
C PHE A 4 7.76 -5.61 -1.64
N LEU A 5 6.99 -5.17 -0.65
CA LEU A 5 6.87 -3.76 -0.33
C LEU A 5 6.69 -3.58 1.16
N TYR A 6 6.95 -2.38 1.64
CA TYR A 6 7.02 -2.12 3.08
C TYR A 6 6.01 -1.05 3.47
N ARG A 7 5.22 -1.34 4.49
CA ARG A 7 4.32 -0.35 5.07
C ARG A 7 4.30 -0.51 6.59
N GLY A 8 3.99 0.55 7.30
CA GLY A 8 3.95 0.49 8.75
C GLY A 8 2.60 0.85 9.30
N ILE A 9 2.33 0.41 10.52
CA ILE A 9 1.04 0.60 11.15
C ILE A 9 1.22 0.95 12.64
N SER A 10 0.54 2.02 13.06
CA SER A 10 0.49 2.41 14.47
C SER A 10 -0.91 2.11 15.03
N CYS A 11 -1.77 1.62 14.14
CA CYS A 11 -3.17 1.36 14.46
C CYS A 11 -3.38 -0.13 14.76
N GLN A 12 -2.38 -0.74 15.39
CA GLN A 12 -2.44 -2.16 15.75
C GLN A 12 -3.68 -2.45 16.60
N GLN A 13 -4.06 -1.46 17.41
CA GLN A 13 -5.22 -1.59 18.28
C GLN A 13 -6.49 -1.61 17.45
N ASP A 14 -6.51 -0.77 16.40
CA ASP A 14 -7.64 -0.72 15.48
C ASP A 14 -7.83 -2.07 14.79
N GLU A 15 -6.71 -2.63 14.32
CA GLU A 15 -6.72 -3.93 13.66
C GLU A 15 -7.30 -5.00 14.58
N GLN A 16 -6.76 -5.08 15.79
CA GLN A 16 -7.21 -6.08 16.78
C GLN A 16 -8.64 -5.80 17.26
N ASN A 17 -9.01 -4.52 17.23
CA ASN A 17 -10.36 -4.10 17.65
C ASN A 17 -11.40 -4.54 16.64
N ASN A 18 -11.06 -4.41 15.36
CA ASN A 18 -11.96 -4.75 14.26
C ASN A 18 -11.87 -6.25 13.93
N GLY A 19 -10.70 -6.83 14.18
CA GLY A 19 -10.44 -8.20 13.80
C GLY A 19 -9.85 -8.30 12.41
N GLN A 20 -9.33 -7.18 11.93
CA GLN A 20 -8.71 -7.06 10.60
C GLN A 20 -8.35 -5.62 10.32
N LEU A 21 -7.42 -5.41 9.40
CA LEU A 21 -7.09 -4.06 8.92
C LEU A 21 -8.30 -3.48 8.19
N LYS A 22 -9.08 -2.67 8.91
CA LYS A 22 -10.31 -2.06 8.38
C LYS A 22 -11.40 -3.12 8.18
N PRO A 23 -12.69 -2.71 8.21
CA PRO A 23 -13.82 -3.63 8.01
C PRO A 23 -13.94 -4.10 6.56
N LYS A 24 -14.76 -5.12 6.33
CA LYS A 24 -15.00 -5.67 4.99
C LYS A 24 -16.41 -5.31 4.53
N GLY A 25 -16.56 -4.97 3.25
CA GLY A 25 -17.86 -4.63 2.70
C GLY A 25 -18.38 -5.66 1.71
N ASN A 26 -19.21 -5.21 0.77
CA ASN A 26 -19.78 -6.09 -0.25
C ASN A 26 -19.55 -5.51 -1.63
N LYS A 27 -19.15 -6.38 -2.57
CA LYS A 27 -18.83 -5.97 -3.93
C LYS A 27 -20.05 -5.38 -4.64
N ALA A 28 -19.84 -4.23 -5.28
CA ALA A 28 -20.88 -3.55 -6.06
C ALA A 28 -20.26 -2.44 -6.89
N GLU A 29 -20.27 -2.61 -8.21
CA GLU A 29 -19.69 -1.61 -9.10
C GLU A 29 -20.76 -0.96 -9.96
N VAL A 30 -20.72 0.36 -10.02
CA VAL A 30 -21.67 1.14 -10.81
C VAL A 30 -20.95 2.27 -11.57
N ALA A 31 -19.63 2.29 -11.48
CA ALA A 31 -18.84 3.36 -12.09
C ALA A 31 -17.47 2.86 -12.52
N ILE A 32 -16.46 3.75 -12.43
CA ILE A 32 -15.08 3.45 -12.81
C ILE A 32 -14.91 3.42 -14.33
N ARG A 33 -14.31 4.49 -14.85
CA ARG A 33 -13.93 4.55 -16.27
C ARG A 33 -12.55 5.16 -16.38
N TYR A 34 -12.34 6.25 -15.63
CA TYR A 34 -11.11 7.02 -15.65
C TYR A 34 -10.94 7.72 -16.99
N ASP A 35 -10.77 9.04 -16.96
CA ASP A 35 -10.62 9.83 -18.18
C ASP A 35 -9.33 9.45 -18.91
N GLY A 36 -8.42 8.82 -18.17
CA GLY A 36 -7.20 8.29 -18.78
C GLY A 36 -7.42 6.92 -19.40
N LYS A 37 -8.67 6.46 -19.39
CA LYS A 37 -9.06 5.17 -19.95
C LYS A 37 -8.19 4.04 -19.41
N PHE A 38 -8.21 3.89 -18.08
CA PHE A 38 -7.42 2.85 -17.42
C PHE A 38 -8.17 1.51 -17.47
N LYS A 39 -9.48 1.57 -17.25
CA LYS A 39 -10.34 0.38 -17.24
C LYS A 39 -9.96 -0.58 -16.11
N TYR A 40 -10.56 -0.36 -14.93
CA TYR A 40 -10.31 -1.19 -13.76
C TYR A 40 -11.62 -1.43 -13.02
N ASP A 41 -12.70 -1.48 -13.78
CA ASP A 41 -14.04 -1.68 -13.23
C ASP A 41 -14.37 -3.16 -13.10
N GLY A 42 -15.17 -3.49 -12.10
CA GLY A 42 -15.60 -4.87 -11.91
C GLY A 42 -15.88 -5.21 -10.46
N LYS A 43 -14.88 -5.04 -9.60
CA LYS A 43 -14.99 -5.48 -8.21
C LYS A 43 -14.51 -4.38 -7.25
N ALA A 44 -15.44 -3.91 -6.41
CA ALA A 44 -15.15 -2.94 -5.35
C ALA A 44 -16.40 -2.67 -4.54
N THR A 45 -16.27 -2.51 -3.23
CA THR A 45 -17.41 -2.28 -2.34
C THR A 45 -18.03 -0.90 -2.59
N HIS A 46 -19.33 -0.78 -2.29
CA HIS A 46 -20.04 0.49 -2.35
C HIS A 46 -19.72 1.31 -1.09
N GLY A 47 -18.46 1.74 -0.99
CA GLY A 47 -18.01 2.50 0.18
C GLY A 47 -18.28 3.99 0.06
N PRO A 48 -17.78 4.79 1.01
CA PRO A 48 -17.99 6.26 1.02
C PRO A 48 -17.25 6.93 -0.13
N SER A 49 -16.22 6.24 -0.63
CA SER A 49 -15.41 6.74 -1.73
C SER A 49 -14.87 5.56 -2.55
N VAL A 50 -13.57 5.27 -2.43
CA VAL A 50 -12.92 4.20 -3.20
C VAL A 50 -13.16 4.39 -4.71
N LYS A 51 -12.73 3.42 -5.51
CA LYS A 51 -13.03 3.41 -6.95
C LYS A 51 -12.53 4.68 -7.65
N ASN A 52 -13.17 5.04 -8.76
CA ASN A 52 -12.79 6.20 -9.56
C ASN A 52 -12.89 7.47 -8.73
N ALA A 53 -13.77 7.45 -7.73
CA ALA A 53 -13.92 8.58 -6.82
C ALA A 53 -12.60 8.89 -6.12
N VAL A 54 -12.08 7.91 -5.37
CA VAL A 54 -10.83 8.10 -4.64
C VAL A 54 -9.67 8.35 -5.60
N TYR A 55 -9.72 7.70 -6.76
CA TYR A 55 -8.69 7.86 -7.80
C TYR A 55 -8.62 9.32 -8.25
N ALA A 56 -9.72 9.79 -8.84
CA ALA A 56 -9.80 11.13 -9.39
C ALA A 56 -9.47 12.17 -8.32
N HIS A 57 -10.06 12.03 -7.13
CA HIS A 57 -9.84 13.00 -6.05
C HIS A 57 -8.37 13.05 -5.65
N GLN A 58 -7.75 11.88 -5.48
CA GLN A 58 -6.37 11.82 -4.99
C GLN A 58 -5.39 12.32 -6.06
N ILE A 59 -5.74 12.14 -7.34
CA ILE A 59 -4.88 12.59 -8.42
C ILE A 59 -5.07 14.09 -8.68
N GLU A 60 -6.32 14.53 -8.76
CA GLU A 60 -6.64 15.92 -9.06
C GLU A 60 -6.26 16.83 -7.90
N THR A 61 -6.81 16.56 -6.72
CA THR A 61 -6.56 17.38 -5.55
C THR A 61 -5.16 17.14 -4.98
N GLY A 62 -4.62 15.96 -5.23
CA GLY A 62 -3.31 15.60 -4.72
C GLY A 62 -3.32 15.34 -3.22
N LEU A 63 -4.50 15.02 -2.70
CA LEU A 63 -4.68 14.76 -1.27
C LEU A 63 -3.92 13.51 -0.84
N TYR A 64 -3.84 12.56 -1.75
CA TYR A 64 -3.26 11.24 -1.49
C TYR A 64 -3.49 10.75 -0.05
N ASP A 65 -4.73 10.88 0.40
CA ASP A 65 -5.14 10.32 1.69
C ASP A 65 -5.65 8.89 1.49
N GLY A 66 -5.64 8.46 0.23
CA GLY A 66 -6.09 7.12 -0.12
C GLY A 66 -5.29 6.04 0.58
N CYS A 67 -5.97 4.96 0.94
CA CYS A 67 -5.35 3.86 1.69
C CYS A 67 -4.37 3.05 0.83
N TYR A 68 -4.20 3.45 -0.42
CA TYR A 68 -3.32 2.73 -1.35
C TYR A 68 -1.86 2.82 -0.91
N ILE A 69 -1.05 1.87 -1.38
CA ILE A 69 0.34 1.73 -0.94
C ILE A 69 1.31 2.31 -1.97
N SER A 70 2.32 3.02 -1.49
CA SER A 70 3.41 3.49 -2.33
C SER A 70 4.58 2.50 -2.25
N THR A 71 5.10 2.10 -3.40
CA THR A 71 6.22 1.15 -3.44
C THR A 71 7.21 1.53 -4.54
N THR A 72 8.38 2.00 -4.14
CA THR A 72 9.44 2.33 -5.08
C THR A 72 9.98 1.06 -5.74
N THR A 73 10.51 1.18 -6.95
CA THR A 73 10.93 0.04 -7.75
C THR A 73 12.19 -0.66 -7.19
N ASP A 74 12.58 -0.29 -5.98
CA ASP A 74 13.72 -0.94 -5.32
C ASP A 74 13.41 -1.20 -3.86
N LYS A 75 13.89 -2.35 -3.38
CA LYS A 75 13.68 -2.78 -2.00
C LYS A 75 14.15 -1.73 -0.98
N GLU A 76 15.01 -0.81 -1.45
CA GLU A 76 15.48 0.31 -0.62
C GLU A 76 14.30 1.04 0.04
N ILE A 77 13.16 1.04 -0.66
CA ILE A 77 11.94 1.69 -0.16
C ILE A 77 11.65 1.29 1.29
N ALA A 78 12.04 0.08 1.66
CA ALA A 78 11.77 -0.46 2.99
C ALA A 78 12.44 0.40 4.07
N LYS A 79 13.75 0.59 3.93
CA LYS A 79 14.54 1.31 4.92
C LYS A 79 14.20 2.79 4.86
N LYS A 80 14.14 3.30 3.64
CA LYS A 80 13.86 4.72 3.41
C LYS A 80 12.52 5.10 4.02
N PHE A 81 11.50 4.30 3.72
CA PHE A 81 10.14 4.60 4.16
C PHE A 81 10.04 4.46 5.68
N ALA A 82 10.53 3.35 6.21
CA ALA A 82 10.45 3.07 7.64
C ALA A 82 11.05 4.20 8.48
N THR A 83 12.25 4.64 8.08
CA THR A 83 12.97 5.66 8.84
C THR A 83 12.37 7.05 8.62
N SER A 84 11.98 7.35 7.38
CA SER A 84 11.47 8.68 7.05
C SER A 84 10.06 8.91 7.62
N SER A 85 9.36 7.83 7.93
CA SER A 85 8.02 7.93 8.50
C SER A 85 8.07 7.84 10.03
N GLY A 86 9.28 7.75 10.57
CA GLY A 86 9.46 7.68 12.01
C GLY A 86 8.78 6.48 12.63
N ILE A 87 8.73 5.39 11.87
CA ILE A 87 8.06 4.16 12.34
C ILE A 87 8.88 3.45 13.41
N GLU A 88 10.10 3.96 13.65
CA GLU A 88 11.03 3.42 14.66
C GLU A 88 10.32 2.74 15.85
N ASN A 89 9.23 3.31 16.32
CA ASN A 89 8.48 2.72 17.44
C ASN A 89 7.01 2.54 17.08
N GLY A 90 6.65 1.31 16.71
CA GLY A 90 5.28 0.99 16.35
C GLY A 90 5.14 -0.43 15.82
N TYR A 91 4.34 -0.61 14.79
CA TYR A 91 4.19 -1.90 14.14
C TYR A 91 4.48 -1.74 12.65
N ILE A 92 4.97 -2.79 12.00
CA ILE A 92 5.26 -2.73 10.56
C ILE A 92 4.79 -3.99 9.85
N TYR A 93 4.28 -3.84 8.64
CA TYR A 93 3.86 -4.99 7.84
C TYR A 93 4.39 -4.90 6.40
N VAL A 94 4.90 -6.02 5.90
CA VAL A 94 5.41 -6.11 4.54
C VAL A 94 4.55 -7.06 3.70
N LEU A 95 4.31 -6.65 2.46
CA LEU A 95 3.41 -7.34 1.54
C LEU A 95 4.14 -7.67 0.23
N ASN A 96 3.85 -8.84 -0.33
CA ASN A 96 4.54 -9.29 -1.56
C ASN A 96 3.93 -8.61 -2.80
N ARG A 97 4.78 -7.95 -3.60
CA ARG A 97 4.32 -7.25 -4.79
C ARG A 97 4.03 -8.23 -5.92
N ASP A 98 4.78 -9.33 -5.96
CA ASP A 98 4.55 -10.37 -6.96
C ASP A 98 3.16 -10.97 -6.75
N LEU A 99 2.77 -11.05 -5.49
CA LEU A 99 1.45 -11.55 -5.12
C LEU A 99 0.38 -10.58 -5.62
N PHE A 100 0.67 -9.29 -5.57
CA PHE A 100 -0.21 -8.27 -6.12
C PHE A 100 -0.35 -8.47 -7.64
N GLY A 101 0.79 -8.76 -8.28
CA GLY A 101 0.80 -9.03 -9.71
C GLY A 101 -0.04 -10.24 -10.06
N GLN A 102 -0.03 -11.23 -9.17
CA GLN A 102 -0.86 -12.42 -9.32
C GLN A 102 -2.34 -12.04 -9.18
N TYR A 103 -2.64 -11.29 -8.13
CA TYR A 103 -4.00 -10.82 -7.87
C TYR A 103 -4.45 -9.83 -8.94
N SER A 104 -3.47 -9.32 -9.70
CA SER A 104 -3.73 -8.39 -10.81
C SER A 104 -4.26 -7.06 -10.27
N ILE A 105 -3.81 -6.72 -9.07
CA ILE A 105 -4.19 -5.48 -8.41
C ILE A 105 -3.57 -4.28 -9.17
N PHE A 106 -4.22 -3.13 -9.09
CA PHE A 106 -3.89 -2.01 -9.98
C PHE A 106 -2.69 -1.22 -9.45
N GLU A 107 -1.53 -1.47 -10.04
CA GLU A 107 -0.33 -0.70 -9.67
C GLU A 107 0.02 0.29 -10.78
N TYR A 108 0.05 1.57 -10.43
CA TYR A 108 0.35 2.64 -11.38
C TYR A 108 1.64 3.33 -10.98
N GLU A 109 2.63 3.29 -11.87
CA GLU A 109 3.93 3.88 -11.60
C GLU A 109 3.99 5.34 -12.06
N VAL A 110 4.50 6.19 -11.17
CA VAL A 110 4.80 7.57 -11.49
C VAL A 110 6.30 7.80 -11.31
N GLU A 111 6.86 8.71 -12.10
CA GLU A 111 8.28 8.99 -12.01
C GLU A 111 8.52 10.41 -11.53
N HIS A 112 9.44 10.53 -10.61
CA HIS A 112 9.93 11.84 -10.16
C HIS A 112 10.92 12.35 -11.21
N PRO A 113 11.50 13.57 -11.07
CA PRO A 113 12.50 14.06 -12.02
C PRO A 113 13.59 13.02 -12.27
N GLU A 114 14.27 13.15 -13.41
CA GLU A 114 15.18 12.11 -13.91
C GLU A 114 16.15 11.58 -12.85
N ASN A 115 17.12 12.40 -12.44
CA ASN A 115 18.25 11.88 -11.66
C ASN A 115 18.05 11.87 -10.14
N PRO A 116 16.99 12.47 -9.55
CA PRO A 116 16.59 12.13 -8.18
C PRO A 116 16.53 10.61 -8.00
N ASN A 117 16.33 9.92 -9.13
CA ASN A 117 16.46 8.46 -9.20
C ASN A 117 15.31 7.77 -8.46
N GLU A 118 14.15 8.40 -8.47
CA GLU A 118 12.99 7.89 -7.72
C GLU A 118 11.88 7.43 -8.67
N LYS A 119 11.73 6.12 -8.81
CA LYS A 119 10.65 5.52 -9.58
C LYS A 119 9.60 4.95 -8.62
N GLU A 120 8.46 5.63 -8.53
CA GLU A 120 7.45 5.31 -7.54
C GLU A 120 6.31 4.50 -8.17
N VAL A 121 6.00 3.35 -7.58
CA VAL A 121 4.93 2.48 -8.07
C VAL A 121 3.84 2.36 -7.01
N THR A 122 2.71 3.02 -7.24
CA THR A 122 1.62 2.99 -6.29
C THR A 122 0.75 1.74 -6.48
N ILE A 123 0.73 0.90 -5.46
CA ILE A 123 -0.06 -0.32 -5.48
C ILE A 123 -1.48 -0.04 -4.99
N ARG A 124 -2.43 -0.12 -5.91
CA ARG A 124 -3.82 0.21 -5.63
C ARG A 124 -4.70 -1.04 -5.68
N ALA A 125 -5.11 -1.49 -4.51
CA ALA A 125 -5.99 -2.64 -4.37
C ALA A 125 -7.40 -2.30 -4.87
N GLU A 126 -8.21 -3.34 -5.14
CA GLU A 126 -9.53 -3.15 -5.71
C GLU A 126 -10.44 -2.42 -4.73
N ASP A 127 -10.10 -2.54 -3.45
CA ASP A 127 -10.89 -1.95 -2.38
C ASP A 127 -9.96 -1.29 -1.35
N CYS A 128 -10.54 -0.42 -0.53
CA CYS A 128 -9.76 0.35 0.42
C CYS A 128 -9.42 -0.47 1.67
N GLY A 129 -8.23 -0.24 2.22
CA GLY A 129 -7.83 -0.86 3.47
C GLY A 129 -7.18 -2.22 3.29
N CYS A 130 -6.48 -2.40 2.16
CA CYS A 130 -5.79 -3.66 1.88
C CYS A 130 -6.78 -4.82 1.88
N ILE A 131 -7.66 -4.82 0.87
CA ILE A 131 -8.74 -5.80 0.75
C ILE A 131 -8.27 -7.25 0.98
N PRO A 132 -7.19 -7.74 0.33
CA PRO A 132 -6.70 -9.09 0.55
C PRO A 132 -5.70 -9.16 1.71
N GLU A 133 -6.13 -9.73 2.84
CA GLU A 133 -5.28 -9.86 4.02
C GLU A 133 -4.27 -11.01 3.83
N GLU A 134 -4.32 -11.64 2.66
CA GLU A 134 -3.40 -12.72 2.33
C GLU A 134 -2.14 -12.18 1.66
N VAL A 135 -2.21 -10.93 1.20
CA VAL A 135 -1.09 -10.32 0.49
C VAL A 135 -0.03 -9.78 1.45
N ILE A 136 -0.40 -9.69 2.72
CA ILE A 136 0.52 -9.25 3.76
C ILE A 136 1.26 -10.48 4.28
N ILE A 137 2.46 -10.65 3.73
CA ILE A 137 3.25 -11.85 3.95
C ILE A 137 3.88 -11.87 5.33
N ALA A 138 4.17 -10.70 5.87
CA ALA A 138 4.77 -10.62 7.20
C ALA A 138 4.40 -9.34 7.92
N LYS A 139 4.26 -9.42 9.23
CA LYS A 139 4.03 -8.25 10.07
C LYS A 139 4.62 -8.48 11.47
N GLU A 140 5.40 -7.52 11.92
CA GLU A 140 6.11 -7.63 13.19
C GLU A 140 6.10 -6.29 13.91
N LEU A 141 6.35 -6.32 15.21
CA LEU A 141 6.50 -5.09 15.98
C LEU A 141 7.87 -4.47 15.70
N ILE A 142 7.93 -3.15 15.70
CA ILE A 142 9.17 -2.44 15.51
C ILE A 142 9.43 -1.48 16.67
N GLU A 143 10.68 -1.38 17.07
CA GLU A 143 11.07 -0.55 18.20
C GLU A 143 12.48 -0.02 17.98
N ILE A 144 12.62 1.29 18.07
CA ILE A 144 13.92 1.94 18.09
C ILE A 144 14.84 1.20 19.06
N ASN A 145 15.60 0.26 18.51
CA ASN A 145 16.29 -0.76 19.29
C ASN A 145 17.06 -1.66 18.34
N LEU A 146 16.44 -1.93 17.18
CA LEU A 146 17.03 -2.77 16.13
C LEU A 146 17.06 -4.24 16.55
N GLU A 147 16.17 -5.04 15.93
CA GLU A 147 16.10 -6.48 16.18
C GLU A 147 15.76 -6.79 17.64
N HIS A 148 15.44 -5.76 18.41
CA HIS A 148 15.20 -5.88 19.85
C HIS A 148 16.43 -6.49 20.55
N HIS A 149 17.58 -6.39 19.86
CA HIS A 149 18.84 -7.05 20.24
C HIS A 149 18.62 -8.29 21.10
N HIS A 150 17.83 -9.23 20.56
CA HIS A 150 17.57 -10.51 21.21
C HIS A 150 16.70 -11.38 20.31
N HIS A 151 15.42 -11.01 20.18
CA HIS A 151 14.46 -11.74 19.35
C HIS A 151 14.53 -13.26 19.62
N HIS A 152 14.23 -13.62 20.86
CA HIS A 152 14.34 -15.01 21.31
C HIS A 152 13.29 -15.90 20.63
N HIS A 153 13.75 -16.83 19.81
CA HIS A 153 12.87 -17.77 19.12
C HIS A 153 12.89 -19.13 19.81
N MET A 1 8.95 -15.36 -6.25
CA MET A 1 8.85 -14.21 -5.32
C MET A 1 9.07 -12.91 -6.09
N GLY A 2 8.68 -11.79 -5.48
CA GLY A 2 8.83 -10.49 -6.12
C GLY A 2 9.47 -9.47 -5.21
N ASN A 3 9.52 -8.21 -5.67
CA ASN A 3 10.10 -7.11 -4.89
C ASN A 3 9.33 -6.91 -3.58
N PHE A 4 9.98 -6.28 -2.62
CA PHE A 4 9.44 -6.09 -1.28
C PHE A 4 8.65 -4.78 -1.18
N LEU A 5 7.40 -4.87 -0.75
CA LEU A 5 6.61 -3.69 -0.39
C LEU A 5 6.62 -3.56 1.13
N TYR A 6 6.48 -2.35 1.63
CA TYR A 6 6.52 -2.14 3.07
C TYR A 6 5.42 -1.17 3.52
N ARG A 7 4.73 -1.54 4.58
CA ARG A 7 3.73 -0.66 5.19
C ARG A 7 3.69 -0.91 6.69
N GLY A 8 3.76 0.15 7.48
CA GLY A 8 3.80 0.02 8.93
C GLY A 8 2.72 0.79 9.64
N ILE A 9 2.41 0.37 10.85
CA ILE A 9 1.35 0.97 11.66
C ILE A 9 1.85 1.23 13.08
N SER A 10 1.66 2.46 13.55
CA SER A 10 2.03 2.84 14.91
C SER A 10 0.79 2.84 15.82
N CYS A 11 -0.38 2.82 15.18
CA CYS A 11 -1.65 2.84 15.88
C CYS A 11 -2.01 1.42 16.30
N GLN A 12 -1.16 0.83 17.13
CA GLN A 12 -1.36 -0.53 17.63
C GLN A 12 -2.75 -0.65 18.27
N GLN A 13 -3.26 0.46 18.77
CA GLN A 13 -4.55 0.48 19.44
C GLN A 13 -5.67 0.33 18.41
N ASP A 14 -5.58 1.14 17.35
CA ASP A 14 -6.55 1.09 16.25
C ASP A 14 -6.58 -0.31 15.66
N GLU A 15 -5.40 -0.89 15.48
CA GLU A 15 -5.28 -2.20 14.86
C GLU A 15 -5.74 -3.32 15.81
N GLN A 16 -5.53 -3.14 17.12
CA GLN A 16 -5.96 -4.14 18.08
C GLN A 16 -7.46 -4.02 18.36
N ASN A 17 -8.03 -2.86 17.99
CA ASN A 17 -9.47 -2.67 18.03
C ASN A 17 -10.11 -3.29 16.78
N ASN A 18 -9.45 -3.12 15.64
CA ASN A 18 -9.96 -3.59 14.35
C ASN A 18 -9.52 -5.03 14.07
N GLY A 19 -8.21 -5.23 13.89
CA GLY A 19 -7.69 -6.55 13.60
C GLY A 19 -7.74 -6.92 12.12
N GLN A 20 -7.41 -5.97 11.25
CA GLN A 20 -7.42 -6.19 9.80
C GLN A 20 -6.90 -4.96 9.05
N LEU A 21 -6.00 -4.23 9.72
CA LEU A 21 -5.37 -3.01 9.18
C LEU A 21 -6.41 -1.99 8.70
N LYS A 22 -7.47 -1.80 9.49
CA LYS A 22 -8.53 -0.84 9.19
C LYS A 22 -8.97 -0.88 7.71
N PRO A 23 -9.72 -1.92 7.31
CA PRO A 23 -10.14 -2.11 5.92
C PRO A 23 -11.41 -1.31 5.56
N LYS A 24 -11.62 -1.14 4.26
CA LYS A 24 -12.80 -0.44 3.74
C LYS A 24 -12.94 -0.71 2.25
N GLY A 25 -14.18 -0.71 1.76
CA GLY A 25 -14.43 -0.90 0.34
C GLY A 25 -15.00 -2.27 0.04
N ASN A 26 -15.50 -2.44 -1.17
CA ASN A 26 -16.11 -3.70 -1.61
C ASN A 26 -16.49 -3.63 -3.09
N LYS A 27 -17.04 -4.72 -3.62
CA LYS A 27 -17.31 -4.84 -5.05
C LYS A 27 -18.51 -3.99 -5.46
N ALA A 28 -18.45 -3.45 -6.68
CA ALA A 28 -19.52 -2.64 -7.24
C ALA A 28 -19.87 -3.15 -8.63
N GLU A 29 -18.93 -2.93 -9.56
CA GLU A 29 -19.09 -3.32 -10.97
C GLU A 29 -17.93 -2.73 -11.78
N VAL A 30 -18.14 -2.59 -13.08
CA VAL A 30 -17.12 -2.02 -13.97
C VAL A 30 -17.30 -0.51 -14.08
N ALA A 31 -16.89 0.19 -13.03
CA ALA A 31 -17.09 1.64 -12.95
C ALA A 31 -15.84 2.41 -13.43
N ILE A 32 -14.86 1.69 -13.96
CA ILE A 32 -13.62 2.30 -14.44
C ILE A 32 -13.23 1.72 -15.81
N ARG A 33 -13.20 2.59 -16.82
CA ARG A 33 -12.80 2.21 -18.17
C ARG A 33 -12.06 3.38 -18.83
N TYR A 34 -10.80 3.57 -18.43
CA TYR A 34 -10.05 4.77 -18.81
C TYR A 34 -9.37 4.64 -20.17
N ASP A 35 -8.05 4.47 -20.18
CA ASP A 35 -7.27 4.59 -21.41
C ASP A 35 -5.95 3.81 -21.30
N GLY A 36 -4.86 4.36 -21.86
CA GLY A 36 -3.57 3.70 -21.84
C GLY A 36 -2.99 3.57 -20.44
N LYS A 37 -2.35 2.44 -20.17
CA LYS A 37 -1.78 2.13 -18.86
C LYS A 37 -2.86 2.13 -17.78
N PHE A 38 -4.10 1.90 -18.20
CA PHE A 38 -5.24 1.88 -17.30
C PHE A 38 -6.05 0.61 -17.51
N LYS A 39 -5.35 -0.50 -17.70
CA LYS A 39 -5.97 -1.81 -17.80
C LYS A 39 -6.60 -2.20 -16.45
N TYR A 40 -7.76 -1.61 -16.18
CA TYR A 40 -8.42 -1.76 -14.89
C TYR A 40 -9.92 -1.55 -15.03
N ASP A 41 -10.70 -2.61 -14.86
CA ASP A 41 -12.16 -2.56 -14.98
C ASP A 41 -12.79 -1.93 -13.73
N GLY A 42 -12.03 -1.91 -12.64
CA GLY A 42 -12.54 -1.39 -11.39
C GLY A 42 -12.91 -2.50 -10.42
N LYS A 43 -13.98 -3.22 -10.72
CA LYS A 43 -14.51 -4.28 -9.86
C LYS A 43 -15.01 -3.70 -8.54
N ALA A 44 -14.09 -3.27 -7.69
CA ALA A 44 -14.43 -2.63 -6.43
C ALA A 44 -14.44 -1.12 -6.60
N THR A 45 -15.52 -0.48 -6.15
CA THR A 45 -15.71 0.96 -6.32
C THR A 45 -16.71 1.49 -5.29
N HIS A 46 -16.67 0.93 -4.08
CA HIS A 46 -17.64 1.25 -3.04
C HIS A 46 -16.98 1.87 -1.82
N GLY A 47 -15.66 2.09 -1.90
CA GLY A 47 -14.94 2.72 -0.81
C GLY A 47 -15.30 4.20 -0.65
N PRO A 48 -14.51 4.96 0.13
CA PRO A 48 -14.79 6.38 0.38
C PRO A 48 -14.67 7.22 -0.88
N SER A 49 -13.58 7.03 -1.60
CA SER A 49 -13.30 7.76 -2.83
C SER A 49 -12.61 6.84 -3.83
N VAL A 50 -13.06 6.87 -5.09
CA VAL A 50 -12.45 6.08 -6.15
C VAL A 50 -12.29 6.95 -7.41
N LYS A 51 -12.07 6.29 -8.56
CA LYS A 51 -12.00 6.98 -9.85
C LYS A 51 -10.95 8.10 -9.83
N ASN A 52 -11.10 9.08 -10.74
CA ASN A 52 -10.13 10.16 -10.89
C ASN A 52 -10.03 10.96 -9.59
N ALA A 53 -11.08 10.91 -8.79
CA ALA A 53 -11.11 11.59 -7.50
C ALA A 53 -9.97 11.08 -6.61
N VAL A 54 -9.99 9.79 -6.31
CA VAL A 54 -8.98 9.20 -5.43
C VAL A 54 -7.62 9.15 -6.13
N TYR A 55 -7.63 9.01 -7.45
CA TYR A 55 -6.39 9.00 -8.22
C TYR A 55 -5.67 10.35 -8.05
N ALA A 56 -6.40 11.43 -8.26
CA ALA A 56 -5.87 12.78 -8.10
C ALA A 56 -5.39 12.99 -6.67
N HIS A 57 -6.23 12.59 -5.70
CA HIS A 57 -5.89 12.71 -4.29
C HIS A 57 -4.58 11.96 -4.00
N GLN A 58 -4.48 10.75 -4.53
CA GLN A 58 -3.33 9.87 -4.29
C GLN A 58 -2.04 10.51 -4.79
N ILE A 59 -2.03 10.87 -6.06
CA ILE A 59 -0.82 11.35 -6.71
C ILE A 59 -0.47 12.78 -6.28
N GLU A 60 -1.50 13.59 -6.01
CA GLU A 60 -1.28 14.98 -5.62
C GLU A 60 -1.00 15.11 -4.13
N THR A 61 -1.96 14.75 -3.29
CA THR A 61 -1.84 14.95 -1.85
C THR A 61 -1.07 13.80 -1.19
N GLY A 62 -1.41 12.58 -1.57
CA GLY A 62 -0.78 11.41 -0.98
C GLY A 62 -1.62 10.80 0.12
N LEU A 63 -2.21 9.63 -0.15
CA LEU A 63 -3.03 8.92 0.83
C LEU A 63 -2.46 7.51 1.05
N TYR A 64 -1.17 7.46 1.35
CA TYR A 64 -0.47 6.19 1.56
C TYR A 64 -0.52 5.79 3.02
N ASP A 65 -1.66 6.06 3.65
CA ASP A 65 -1.90 5.71 5.05
C ASP A 65 -2.21 4.23 5.19
N GLY A 66 -2.70 3.66 4.09
CA GLY A 66 -3.08 2.27 4.04
C GLY A 66 -3.99 1.99 2.87
N CYS A 67 -4.52 3.05 2.28
CA CYS A 67 -5.37 2.95 1.09
C CYS A 67 -4.65 2.19 -0.02
N TYR A 68 -3.47 2.68 -0.40
CA TYR A 68 -2.65 2.05 -1.45
C TYR A 68 -1.24 1.82 -0.93
N ILE A 69 -0.55 0.83 -1.49
CA ILE A 69 0.79 0.46 -1.02
C ILE A 69 1.88 1.04 -1.94
N SER A 70 2.50 2.11 -1.49
CA SER A 70 3.59 2.74 -2.24
C SER A 70 4.86 1.90 -2.15
N THR A 71 5.50 1.68 -3.30
CA THR A 71 6.75 0.94 -3.35
C THR A 71 7.75 1.64 -4.26
N THR A 72 8.77 2.25 -3.67
CA THR A 72 9.76 3.01 -4.41
C THR A 72 10.77 2.09 -5.11
N THR A 73 11.50 2.66 -6.07
CA THR A 73 12.45 1.90 -6.90
C THR A 73 13.43 1.06 -6.07
N ASP A 74 13.85 1.59 -4.93
CA ASP A 74 14.85 0.93 -4.09
C ASP A 74 14.22 0.18 -2.93
N LYS A 75 14.66 -1.07 -2.73
CA LYS A 75 14.18 -1.90 -1.62
C LYS A 75 14.52 -1.27 -0.27
N GLU A 76 15.48 -0.35 -0.29
CA GLU A 76 15.88 0.42 0.89
C GLU A 76 14.66 1.11 1.54
N ILE A 77 13.59 1.23 0.76
CA ILE A 77 12.33 1.80 1.22
C ILE A 77 11.93 1.27 2.61
N ALA A 78 12.27 0.02 2.88
CA ALA A 78 11.84 -0.66 4.11
C ALA A 78 12.26 0.12 5.37
N LYS A 79 13.56 0.20 5.60
CA LYS A 79 14.11 0.81 6.81
C LYS A 79 13.88 2.32 6.79
N LYS A 80 14.00 2.90 5.59
CA LYS A 80 13.82 4.34 5.43
C LYS A 80 12.38 4.73 5.77
N PHE A 81 11.44 3.92 5.32
CA PHE A 81 10.03 4.18 5.55
C PHE A 81 9.70 4.05 7.04
N ALA A 82 10.18 2.97 7.65
CA ALA A 82 9.94 2.71 9.05
C ALA A 82 10.43 3.87 9.92
N THR A 83 11.69 4.25 9.74
CA THR A 83 12.29 5.31 10.54
C THR A 83 11.68 6.68 10.23
N SER A 84 11.62 7.04 8.94
CA SER A 84 11.17 8.37 8.54
C SER A 84 9.68 8.59 8.83
N SER A 85 8.94 7.52 9.11
CA SER A 85 7.52 7.66 9.44
C SER A 85 7.29 7.50 10.95
N GLY A 86 8.40 7.37 11.69
CA GLY A 86 8.32 7.27 13.14
C GLY A 86 7.67 5.98 13.62
N ILE A 87 7.73 4.95 12.78
CA ILE A 87 7.12 3.65 13.11
C ILE A 87 8.04 2.84 14.02
N GLU A 88 9.27 3.36 14.21
CA GLU A 88 10.32 2.68 14.99
C GLU A 88 9.78 1.95 16.21
N ASN A 89 8.81 2.55 16.89
CA ASN A 89 8.15 1.90 18.03
C ASN A 89 6.72 1.52 17.64
N GLY A 90 6.55 0.34 17.06
CA GLY A 90 5.23 -0.08 16.62
C GLY A 90 5.26 -1.44 15.91
N TYR A 91 4.45 -1.54 14.86
CA TYR A 91 4.28 -2.81 14.15
C TYR A 91 4.33 -2.58 12.65
N ILE A 92 5.20 -3.31 11.96
CA ILE A 92 5.37 -3.16 10.51
C ILE A 92 5.06 -4.47 9.79
N TYR A 93 4.51 -4.38 8.59
CA TYR A 93 4.22 -5.57 7.80
C TYR A 93 4.78 -5.44 6.38
N VAL A 94 5.16 -6.58 5.81
CA VAL A 94 5.78 -6.64 4.50
C VAL A 94 4.85 -7.35 3.51
N LEU A 95 4.81 -6.81 2.29
CA LEU A 95 3.93 -7.29 1.22
C LEU A 95 4.78 -7.75 0.04
N ASN A 96 4.35 -8.82 -0.63
CA ASN A 96 5.11 -9.39 -1.75
C ASN A 96 4.50 -8.99 -3.09
N ARG A 97 5.35 -8.56 -4.03
CA ARG A 97 4.92 -8.11 -5.35
C ARG A 97 4.30 -9.26 -6.14
N ASP A 98 4.93 -10.42 -6.07
CA ASP A 98 4.46 -11.61 -6.80
C ASP A 98 3.03 -11.92 -6.42
N LEU A 99 2.68 -11.65 -5.16
CA LEU A 99 1.34 -11.91 -4.66
C LEU A 99 0.32 -11.04 -5.38
N PHE A 100 0.59 -9.73 -5.42
CA PHE A 100 -0.29 -8.78 -6.07
C PHE A 100 -0.28 -8.99 -7.58
N GLY A 101 0.85 -9.47 -8.09
CA GLY A 101 0.97 -9.78 -9.50
C GLY A 101 0.00 -10.87 -9.91
N GLN A 102 -0.05 -11.93 -9.12
CA GLN A 102 -0.97 -13.04 -9.36
C GLN A 102 -2.41 -12.59 -9.08
N TYR A 103 -2.57 -11.75 -8.05
CA TYR A 103 -3.89 -11.24 -7.66
C TYR A 103 -4.40 -10.23 -8.69
N SER A 104 -3.49 -9.68 -9.48
CA SER A 104 -3.83 -8.70 -10.51
C SER A 104 -4.34 -7.40 -9.87
N ILE A 105 -3.62 -6.94 -8.86
CA ILE A 105 -3.90 -5.66 -8.22
C ILE A 105 -3.34 -4.53 -9.09
N PHE A 106 -3.94 -3.33 -9.00
CA PHE A 106 -3.64 -2.27 -9.95
C PHE A 106 -2.29 -1.63 -9.65
N GLU A 107 -1.40 -1.66 -10.63
CA GLU A 107 -0.06 -1.11 -10.47
C GLU A 107 0.06 0.23 -11.21
N TYR A 108 0.09 1.33 -10.45
CA TYR A 108 0.26 2.65 -11.02
C TYR A 108 1.70 3.13 -10.80
N GLU A 109 2.44 3.27 -11.89
CA GLU A 109 3.81 3.75 -11.84
C GLU A 109 3.86 5.26 -12.00
N VAL A 110 4.18 5.96 -10.93
CA VAL A 110 4.38 7.40 -11.01
C VAL A 110 5.84 7.68 -11.36
N GLU A 111 6.05 8.27 -12.52
CA GLU A 111 7.38 8.58 -12.98
C GLU A 111 7.68 10.06 -12.78
N HIS A 112 8.88 10.32 -12.31
CA HIS A 112 9.41 11.68 -12.23
C HIS A 112 10.15 11.96 -13.53
N PRO A 113 10.57 13.22 -13.80
CA PRO A 113 11.40 13.52 -14.96
C PRO A 113 12.61 12.57 -15.03
N GLU A 114 13.17 12.42 -16.23
CA GLU A 114 14.15 11.36 -16.51
C GLU A 114 15.28 11.28 -15.47
N ASN A 115 16.03 12.36 -15.27
CA ASN A 115 17.27 12.26 -14.48
C ASN A 115 17.12 12.53 -12.97
N PRO A 116 16.04 13.16 -12.47
CA PRO A 116 15.71 13.11 -11.03
C PRO A 116 15.93 11.70 -10.45
N ASN A 117 15.88 10.69 -11.34
CA ASN A 117 16.32 9.33 -11.04
C ASN A 117 15.40 8.64 -10.04
N GLU A 118 14.28 9.26 -9.72
CA GLU A 118 13.37 8.72 -8.71
C GLU A 118 12.06 8.26 -9.35
N LYS A 119 11.55 7.11 -8.91
CA LYS A 119 10.30 6.56 -9.41
C LYS A 119 9.53 5.92 -8.27
N GLU A 120 8.21 6.01 -8.31
CA GLU A 120 7.35 5.43 -7.28
C GLU A 120 6.38 4.43 -7.93
N VAL A 121 6.39 3.21 -7.43
CA VAL A 121 5.47 2.18 -7.91
C VAL A 121 4.35 2.00 -6.89
N THR A 122 3.25 2.68 -7.12
CA THR A 122 2.12 2.63 -6.21
C THR A 122 1.20 1.46 -6.56
N ILE A 123 1.14 0.49 -5.66
CA ILE A 123 0.30 -0.67 -5.84
C ILE A 123 -1.10 -0.38 -5.28
N ARG A 124 -2.00 -0.01 -6.18
CA ARG A 124 -3.36 0.35 -5.83
C ARG A 124 -4.23 -0.91 -5.76
N ALA A 125 -4.74 -1.19 -4.57
CA ALA A 125 -5.70 -2.26 -4.38
C ALA A 125 -7.02 -1.89 -5.05
N GLU A 126 -7.86 -2.87 -5.35
CA GLU A 126 -9.11 -2.62 -6.08
C GLU A 126 -9.92 -1.48 -5.45
N ASP A 127 -10.09 -1.55 -4.14
CA ASP A 127 -10.78 -0.48 -3.42
C ASP A 127 -9.85 0.15 -2.39
N CYS A 128 -10.18 1.36 -1.96
CA CYS A 128 -9.34 2.13 -1.08
C CYS A 128 -9.44 1.64 0.37
N GLY A 129 -8.29 1.38 0.98
CA GLY A 129 -8.25 0.94 2.37
C GLY A 129 -8.23 -0.57 2.53
N CYS A 130 -7.15 -1.19 2.05
CA CYS A 130 -6.89 -2.62 2.26
C CYS A 130 -8.10 -3.50 1.94
N ILE A 131 -8.44 -3.62 0.65
CA ILE A 131 -9.49 -4.54 0.24
C ILE A 131 -9.07 -6.03 0.44
N PRO A 132 -7.78 -6.40 0.20
CA PRO A 132 -7.31 -7.76 0.44
C PRO A 132 -6.59 -7.88 1.79
N GLU A 133 -7.12 -8.72 2.68
CA GLU A 133 -6.51 -8.93 4.00
C GLU A 133 -5.26 -9.79 3.88
N GLU A 134 -5.03 -10.31 2.67
CA GLU A 134 -3.90 -11.18 2.40
C GLU A 134 -2.65 -10.37 2.06
N VAL A 135 -2.74 -9.04 2.20
CA VAL A 135 -1.61 -8.15 1.94
C VAL A 135 -0.42 -8.46 2.84
N ILE A 136 -0.69 -9.10 3.98
CA ILE A 136 0.37 -9.40 4.92
C ILE A 136 1.01 -10.75 4.57
N ILE A 137 2.03 -10.71 3.71
CA ILE A 137 2.76 -11.91 3.35
C ILE A 137 3.77 -12.22 4.45
N ALA A 138 4.23 -11.17 5.12
CA ALA A 138 5.08 -11.32 6.30
C ALA A 138 4.93 -10.09 7.19
N LYS A 139 5.41 -10.16 8.41
CA LYS A 139 5.34 -9.05 9.34
C LYS A 139 6.53 -9.02 10.28
N GLU A 140 6.78 -7.86 10.84
CA GLU A 140 7.87 -7.65 11.79
C GLU A 140 7.38 -6.70 12.89
N LEU A 141 7.78 -6.96 14.12
CA LEU A 141 7.53 -6.03 15.20
C LEU A 141 8.75 -5.15 15.38
N ILE A 142 8.54 -3.91 15.81
CA ILE A 142 9.64 -2.98 15.95
C ILE A 142 9.50 -2.12 17.21
N GLU A 143 10.62 -1.86 17.86
CA GLU A 143 10.66 -1.03 19.06
C GLU A 143 11.89 -0.11 19.02
N ILE A 144 12.38 0.11 17.80
CA ILE A 144 13.57 0.91 17.49
C ILE A 144 14.27 0.32 16.26
N ASN A 145 14.77 1.18 15.38
CA ASN A 145 15.52 0.72 14.22
C ASN A 145 17.02 0.87 14.49
N LEU A 146 17.61 -0.17 15.07
CA LEU A 146 19.03 -0.15 15.45
C LEU A 146 19.68 -1.51 15.18
N GLU A 147 19.93 -1.78 13.90
CA GLU A 147 20.64 -3.00 13.50
C GLU A 147 19.94 -4.26 14.05
N HIS A 148 20.54 -4.87 15.08
CA HIS A 148 19.94 -6.05 15.72
C HIS A 148 19.53 -5.68 17.14
N HIS A 149 18.39 -6.22 17.57
CA HIS A 149 17.86 -5.96 18.90
C HIS A 149 18.52 -6.89 19.91
N HIS A 150 19.58 -6.38 20.56
CA HIS A 150 20.32 -7.17 21.55
C HIS A 150 19.44 -7.45 22.75
N HIS A 151 18.74 -8.59 22.72
CA HIS A 151 17.88 -9.00 23.81
C HIS A 151 18.72 -9.50 24.99
N HIS A 152 19.37 -8.56 25.67
CA HIS A 152 20.22 -8.86 26.83
C HIS A 152 20.56 -7.56 27.56
N HIS A 153 21.25 -7.69 28.69
CA HIS A 153 21.68 -6.54 29.48
C HIS A 153 23.09 -6.75 30.01
N MET A 1 8.35 -14.37 -7.58
CA MET A 1 8.98 -13.96 -6.30
C MET A 1 9.86 -12.72 -6.52
N GLY A 2 9.23 -11.57 -6.74
CA GLY A 2 9.95 -10.34 -7.00
C GLY A 2 10.47 -9.70 -5.73
N ASN A 3 9.66 -8.84 -5.13
CA ASN A 3 10.04 -8.13 -3.91
C ASN A 3 8.79 -7.79 -3.10
N PHE A 4 8.98 -7.34 -1.86
CA PHE A 4 7.86 -6.99 -0.99
C PHE A 4 7.78 -5.48 -0.78
N LEU A 5 6.59 -5.01 -0.44
CA LEU A 5 6.37 -3.59 -0.13
C LEU A 5 6.38 -3.42 1.38
N TYR A 6 6.99 -2.35 1.86
CA TYR A 6 7.11 -2.11 3.29
C TYR A 6 6.17 -1.00 3.74
N ARG A 7 5.38 -1.28 4.77
CA ARG A 7 4.48 -0.28 5.34
C ARG A 7 4.33 -0.52 6.84
N GLY A 8 4.39 0.55 7.63
CA GLY A 8 4.29 0.41 9.07
C GLY A 8 3.00 0.99 9.62
N ILE A 9 2.61 0.55 10.80
CA ILE A 9 1.40 1.01 11.47
C ILE A 9 1.76 1.79 12.74
N SER A 10 1.21 2.98 12.89
CA SER A 10 1.42 3.81 14.07
C SER A 10 0.16 3.85 14.92
N CYS A 11 -0.67 2.81 14.77
CA CYS A 11 -1.98 2.76 15.40
C CYS A 11 -2.39 1.31 15.63
N GLN A 12 -1.57 0.60 16.41
CA GLN A 12 -1.82 -0.81 16.75
C GLN A 12 -3.24 -0.97 17.30
N GLN A 13 -3.63 -0.02 18.14
CA GLN A 13 -4.96 -0.05 18.77
C GLN A 13 -6.07 0.06 17.72
N ASP A 14 -5.79 0.78 16.65
CA ASP A 14 -6.77 0.97 15.57
C ASP A 14 -6.88 -0.31 14.75
N GLU A 15 -5.75 -0.95 14.50
CA GLU A 15 -5.75 -2.24 13.81
C GLU A 15 -6.55 -3.26 14.61
N GLN A 16 -6.31 -3.28 15.91
CA GLN A 16 -7.01 -4.19 16.82
C GLN A 16 -8.52 -3.91 16.84
N ASN A 17 -8.87 -2.62 16.87
CA ASN A 17 -10.28 -2.21 16.87
C ASN A 17 -10.96 -2.65 15.57
N ASN A 18 -10.27 -2.44 14.45
CA ASN A 18 -10.79 -2.80 13.14
C ASN A 18 -10.78 -4.32 12.97
N GLY A 19 -9.90 -4.99 13.72
CA GLY A 19 -9.79 -6.43 13.66
C GLY A 19 -8.80 -6.90 12.62
N GLN A 20 -8.36 -5.97 11.77
CA GLN A 20 -7.40 -6.25 10.71
C GLN A 20 -6.97 -4.94 10.06
N LEU A 21 -5.98 -5.01 9.18
CA LEU A 21 -5.49 -3.84 8.47
C LEU A 21 -6.56 -3.26 7.55
N LYS A 22 -7.33 -2.32 8.10
CA LYS A 22 -8.40 -1.62 7.36
C LYS A 22 -9.62 -2.54 7.18
N PRO A 23 -10.84 -2.04 7.48
CA PRO A 23 -12.07 -2.80 7.24
C PRO A 23 -12.40 -2.87 5.76
N LYS A 24 -12.72 -4.07 5.27
CA LYS A 24 -12.98 -4.27 3.85
C LYS A 24 -14.42 -3.91 3.52
N GLY A 25 -14.63 -3.30 2.34
CA GLY A 25 -15.94 -2.76 1.99
C GLY A 25 -16.88 -3.78 1.38
N ASN A 26 -17.18 -4.84 2.13
CA ASN A 26 -18.18 -5.85 1.74
C ASN A 26 -18.03 -6.29 0.27
N LYS A 27 -18.70 -5.56 -0.63
CA LYS A 27 -18.69 -5.89 -2.06
C LYS A 27 -19.37 -4.77 -2.85
N ALA A 28 -19.57 -4.99 -4.16
CA ALA A 28 -20.17 -3.97 -5.03
C ALA A 28 -20.30 -4.49 -6.46
N GLU A 29 -19.21 -5.09 -6.96
CA GLU A 29 -19.17 -5.71 -8.30
C GLU A 29 -19.16 -4.67 -9.43
N VAL A 30 -19.57 -3.44 -9.13
CA VAL A 30 -19.59 -2.36 -10.12
C VAL A 30 -18.19 -2.15 -10.71
N ALA A 31 -18.13 -2.05 -12.04
CA ALA A 31 -16.87 -1.90 -12.76
C ALA A 31 -16.27 -0.52 -12.56
N ILE A 32 -15.08 -0.31 -13.11
CA ILE A 32 -14.34 0.93 -12.93
C ILE A 32 -14.26 1.71 -14.25
N ARG A 33 -15.22 2.61 -14.46
CA ARG A 33 -15.18 3.48 -15.63
C ARG A 33 -14.16 4.59 -15.41
N TYR A 34 -12.89 4.20 -15.42
CA TYR A 34 -11.79 5.12 -15.20
C TYR A 34 -11.67 6.09 -16.38
N ASP A 35 -11.76 7.39 -16.08
CA ASP A 35 -11.67 8.44 -17.11
C ASP A 35 -10.24 8.54 -17.62
N GLY A 36 -9.85 7.58 -18.45
CA GLY A 36 -8.52 7.56 -19.01
C GLY A 36 -8.28 6.30 -19.85
N LYS A 37 -9.29 5.93 -20.62
CA LYS A 37 -9.23 4.77 -21.54
C LYS A 37 -9.30 3.43 -20.78
N PHE A 38 -8.37 3.22 -19.87
CA PHE A 38 -8.25 1.95 -19.15
C PHE A 38 -9.40 1.77 -18.16
N LYS A 39 -10.54 1.32 -18.64
CA LYS A 39 -11.71 1.05 -17.81
C LYS A 39 -11.87 -0.45 -17.59
N TYR A 40 -11.13 -1.00 -16.63
CA TYR A 40 -11.16 -2.43 -16.36
C TYR A 40 -12.46 -2.84 -15.64
N ASP A 41 -13.01 -3.96 -16.07
CA ASP A 41 -14.31 -4.43 -15.59
C ASP A 41 -14.15 -5.63 -14.65
N GLY A 42 -15.14 -5.86 -13.80
CA GLY A 42 -15.10 -6.96 -12.85
C GLY A 42 -14.66 -6.52 -11.46
N LYS A 43 -14.80 -7.41 -10.49
CA LYS A 43 -14.39 -7.13 -9.11
C LYS A 43 -13.97 -8.43 -8.44
N ALA A 44 -12.84 -8.40 -7.74
CA ALA A 44 -12.30 -9.59 -7.08
C ALA A 44 -13.20 -10.02 -5.93
N THR A 45 -13.47 -9.11 -5.00
CA THR A 45 -14.33 -9.40 -3.85
C THR A 45 -15.05 -8.13 -3.38
N HIS A 46 -14.34 -7.29 -2.64
CA HIS A 46 -14.93 -6.04 -2.11
C HIS A 46 -14.54 -4.85 -2.98
N GLY A 47 -15.09 -3.69 -2.66
CA GLY A 47 -14.73 -2.46 -3.37
C GLY A 47 -15.94 -1.62 -3.74
N PRO A 48 -16.61 -1.01 -2.76
CA PRO A 48 -17.79 -0.16 -3.02
C PRO A 48 -17.40 1.28 -3.37
N SER A 49 -16.63 1.92 -2.49
CA SER A 49 -16.23 3.30 -2.65
C SER A 49 -14.92 3.39 -3.44
N VAL A 50 -14.90 2.76 -4.60
CA VAL A 50 -13.71 2.72 -5.45
C VAL A 50 -13.97 3.49 -6.76
N LYS A 51 -13.71 2.87 -7.92
CA LYS A 51 -14.03 3.45 -9.22
C LYS A 51 -13.32 4.79 -9.43
N ASN A 52 -13.75 5.50 -10.47
CA ASN A 52 -13.19 6.81 -10.82
C ASN A 52 -13.29 7.78 -9.65
N ALA A 53 -14.23 7.51 -8.74
CA ALA A 53 -14.43 8.35 -7.57
C ALA A 53 -13.18 8.35 -6.67
N VAL A 54 -12.81 7.17 -6.18
CA VAL A 54 -11.64 7.04 -5.32
C VAL A 54 -10.36 7.30 -6.10
N TYR A 55 -10.35 6.93 -7.38
CA TYR A 55 -9.19 7.18 -8.24
C TYR A 55 -8.91 8.68 -8.32
N ALA A 56 -9.94 9.44 -8.64
CA ALA A 56 -9.84 10.89 -8.74
C ALA A 56 -9.38 11.50 -7.42
N HIS A 57 -10.05 11.11 -6.34
CA HIS A 57 -9.72 11.62 -5.00
C HIS A 57 -8.26 11.31 -4.66
N GLN A 58 -7.87 10.06 -4.83
CA GLN A 58 -6.53 9.60 -4.50
C GLN A 58 -5.48 10.43 -5.22
N ILE A 59 -5.66 10.59 -6.52
CA ILE A 59 -4.66 11.24 -7.35
C ILE A 59 -4.64 12.76 -7.12
N GLU A 60 -5.83 13.37 -7.10
CA GLU A 60 -5.95 14.82 -6.96
C GLU A 60 -5.38 15.29 -5.63
N THR A 61 -5.76 14.62 -4.55
CA THR A 61 -5.27 14.96 -3.23
C THR A 61 -3.85 14.42 -3.02
N GLY A 62 -3.56 13.28 -3.65
CA GLY A 62 -2.25 12.68 -3.55
C GLY A 62 -2.01 12.08 -2.18
N LEU A 63 -2.91 11.20 -1.75
CA LEU A 63 -2.82 10.56 -0.45
C LEU A 63 -1.86 9.39 -0.49
N TYR A 64 -2.32 8.30 -1.08
CA TYR A 64 -1.57 7.06 -1.13
C TYR A 64 -1.10 6.66 0.27
N ASP A 65 -1.98 6.87 1.25
CA ASP A 65 -1.69 6.63 2.65
C ASP A 65 -2.08 5.20 3.07
N GLY A 66 -3.35 4.84 2.88
CA GLY A 66 -3.85 3.57 3.38
C GLY A 66 -4.49 2.72 2.30
N CYS A 67 -5.55 3.24 1.68
CA CYS A 67 -6.28 2.52 0.64
C CYS A 67 -5.32 2.01 -0.45
N TYR A 68 -4.52 2.93 -0.97
CA TYR A 68 -3.52 2.62 -1.99
C TYR A 68 -2.15 3.01 -1.45
N ILE A 69 -1.12 2.25 -1.79
CA ILE A 69 0.22 2.48 -1.24
C ILE A 69 1.24 2.79 -2.33
N SER A 70 1.97 3.88 -2.17
CA SER A 70 3.10 4.19 -3.05
C SER A 70 4.37 3.52 -2.51
N THR A 71 5.08 2.82 -3.38
CA THR A 71 6.29 2.10 -3.00
C THR A 71 7.45 2.48 -3.90
N THR A 72 8.63 2.66 -3.29
CA THR A 72 9.84 3.00 -4.03
C THR A 72 10.55 1.73 -4.49
N THR A 73 11.23 1.80 -5.63
CA THR A 73 11.97 0.65 -6.17
C THR A 73 13.33 0.48 -5.46
N ASP A 74 13.51 1.21 -4.36
CA ASP A 74 14.74 1.17 -3.60
C ASP A 74 14.71 -0.01 -2.63
N LYS A 75 15.68 -0.90 -2.75
CA LYS A 75 15.75 -2.10 -1.91
C LYS A 75 15.92 -1.73 -0.43
N GLU A 76 16.37 -0.51 -0.18
CA GLU A 76 16.64 -0.06 1.20
C GLU A 76 15.39 0.59 1.79
N ILE A 77 14.31 0.63 0.99
CA ILE A 77 13.06 1.27 1.39
C ILE A 77 12.59 0.81 2.77
N ALA A 78 12.94 -0.43 3.13
CA ALA A 78 12.51 -1.00 4.40
C ALA A 78 12.91 -0.13 5.59
N LYS A 79 14.21 -0.04 5.87
CA LYS A 79 14.69 0.69 7.03
C LYS A 79 14.68 2.19 6.74
N LYS A 80 14.82 2.54 5.46
CA LYS A 80 14.70 3.92 5.01
C LYS A 80 13.35 4.48 5.43
N PHE A 81 12.29 3.73 5.14
CA PHE A 81 10.93 4.16 5.45
C PHE A 81 10.71 4.12 6.96
N ALA A 82 11.07 3.00 7.56
CA ALA A 82 10.88 2.79 9.00
C ALA A 82 11.49 3.93 9.81
N THR A 83 12.71 4.33 9.46
CA THR A 83 13.40 5.39 10.19
C THR A 83 12.82 6.76 9.89
N SER A 84 12.63 7.08 8.61
CA SER A 84 12.16 8.40 8.20
C SER A 84 10.72 8.65 8.68
N SER A 85 9.98 7.58 8.97
CA SER A 85 8.61 7.71 9.44
C SER A 85 8.55 7.65 10.96
N GLY A 86 9.71 7.52 11.61
CA GLY A 86 9.76 7.41 13.06
C GLY A 86 9.00 6.19 13.55
N ILE A 87 8.97 5.16 12.73
CA ILE A 87 8.17 3.96 13.01
C ILE A 87 8.84 3.06 14.06
N GLU A 88 10.09 3.38 14.41
CA GLU A 88 10.87 2.62 15.40
C GLU A 88 10.00 2.17 16.59
N ASN A 89 9.04 2.99 16.98
CA ASN A 89 8.12 2.63 18.06
C ASN A 89 6.72 2.41 17.51
N GLY A 90 6.36 1.16 17.24
CA GLY A 90 5.03 0.85 16.75
C GLY A 90 4.94 -0.51 16.09
N TYR A 91 4.27 -0.55 14.94
CA TYR A 91 4.01 -1.79 14.23
C TYR A 91 4.56 -1.68 12.80
N ILE A 92 4.97 -2.80 12.20
CA ILE A 92 5.48 -2.81 10.84
C ILE A 92 5.03 -4.08 10.10
N TYR A 93 4.52 -3.92 8.88
CA TYR A 93 4.10 -5.08 8.08
C TYR A 93 4.66 -5.00 6.66
N VAL A 94 4.80 -6.16 6.03
CA VAL A 94 5.28 -6.25 4.66
C VAL A 94 4.35 -7.11 3.82
N LEU A 95 4.07 -6.62 2.61
CA LEU A 95 3.16 -7.28 1.67
C LEU A 95 3.94 -7.77 0.45
N ASN A 96 3.57 -8.93 -0.08
CA ASN A 96 4.21 -9.45 -1.29
C ASN A 96 3.55 -8.84 -2.53
N ARG A 97 4.34 -8.57 -3.56
CA ARG A 97 3.86 -7.88 -4.76
C ARG A 97 3.32 -8.88 -5.77
N ASP A 98 3.86 -10.10 -5.76
CA ASP A 98 3.44 -11.16 -6.68
C ASP A 98 1.93 -11.38 -6.61
N LEU A 99 1.39 -11.20 -5.41
CA LEU A 99 -0.05 -11.36 -5.19
C LEU A 99 -0.83 -10.36 -6.03
N PHE A 100 -0.33 -9.13 -6.09
CA PHE A 100 -0.96 -8.08 -6.88
C PHE A 100 -0.78 -8.35 -8.37
N GLY A 101 0.41 -8.80 -8.74
CA GLY A 101 0.71 -9.13 -10.12
C GLY A 101 -0.16 -10.26 -10.63
N GLN A 102 -0.46 -11.20 -9.74
CA GLN A 102 -1.37 -12.31 -10.07
C GLN A 102 -2.81 -11.80 -10.09
N TYR A 103 -3.13 -10.98 -9.10
CA TYR A 103 -4.49 -10.44 -8.93
C TYR A 103 -4.87 -9.50 -10.07
N SER A 104 -3.86 -8.91 -10.71
CA SER A 104 -4.08 -7.90 -11.74
C SER A 104 -4.68 -6.63 -11.12
N ILE A 105 -4.36 -6.41 -9.84
CA ILE A 105 -4.79 -5.22 -9.12
C ILE A 105 -4.11 -3.99 -9.72
N PHE A 106 -4.61 -2.79 -9.41
CA PHE A 106 -4.19 -1.61 -10.14
C PHE A 106 -2.77 -1.22 -9.75
N GLU A 107 -1.81 -1.60 -10.58
CA GLU A 107 -0.41 -1.23 -10.40
C GLU A 107 -0.12 0.00 -11.24
N TYR A 108 -0.11 1.16 -10.60
CA TYR A 108 0.09 2.43 -11.30
C TYR A 108 1.26 3.17 -10.67
N GLU A 109 2.33 3.33 -11.43
CA GLU A 109 3.53 4.00 -10.95
C GLU A 109 3.56 5.45 -11.40
N VAL A 110 4.04 6.32 -10.52
CA VAL A 110 4.29 7.71 -10.88
C VAL A 110 5.79 7.87 -11.07
N GLU A 111 6.19 8.49 -12.17
CA GLU A 111 7.59 8.70 -12.45
C GLU A 111 7.86 10.15 -12.79
N HIS A 112 8.93 10.66 -12.23
CA HIS A 112 9.39 12.01 -12.53
C HIS A 112 10.19 11.98 -13.85
N PRO A 113 10.68 13.14 -14.35
CA PRO A 113 11.59 13.17 -15.50
C PRO A 113 12.76 12.18 -15.34
N GLU A 114 13.53 12.00 -16.41
CA GLU A 114 14.60 11.00 -16.46
C GLU A 114 15.53 11.03 -15.23
N ASN A 115 16.33 12.10 -15.09
CA ASN A 115 17.44 12.08 -14.14
C ASN A 115 17.08 12.47 -12.69
N PRO A 116 15.88 13.01 -12.38
CA PRO A 116 15.39 13.03 -10.99
C PRO A 116 15.66 11.69 -10.29
N ASN A 117 15.77 10.63 -11.10
CA ASN A 117 16.24 9.32 -10.64
C ASN A 117 15.23 8.64 -9.72
N GLU A 118 14.07 9.28 -9.53
CA GLU A 118 13.07 8.78 -8.58
C GLU A 118 11.73 8.52 -9.25
N LYS A 119 11.18 7.34 -8.98
CA LYS A 119 9.85 6.95 -9.43
C LYS A 119 9.27 5.96 -8.43
N GLU A 120 7.97 6.07 -8.15
CA GLU A 120 7.34 5.21 -7.16
C GLU A 120 6.18 4.43 -7.77
N VAL A 121 6.14 3.14 -7.48
CA VAL A 121 5.07 2.28 -7.95
C VAL A 121 3.95 2.23 -6.92
N THR A 122 2.80 2.79 -7.26
CA THR A 122 1.65 2.76 -6.35
C THR A 122 0.83 1.50 -6.56
N ILE A 123 0.79 0.65 -5.55
CA ILE A 123 0.00 -0.56 -5.59
C ILE A 123 -1.41 -0.22 -5.09
N ARG A 124 -2.36 -0.32 -6.01
CA ARG A 124 -3.73 0.11 -5.75
C ARG A 124 -4.68 -1.09 -5.79
N ALA A 125 -4.83 -1.72 -4.63
CA ALA A 125 -5.82 -2.77 -4.44
C ALA A 125 -7.21 -2.15 -4.47
N GLU A 126 -8.07 -2.62 -5.37
CA GLU A 126 -9.33 -1.94 -5.66
C GLU A 126 -10.13 -1.67 -4.38
N ASP A 127 -10.22 -2.67 -3.51
CA ASP A 127 -10.88 -2.50 -2.22
C ASP A 127 -9.90 -1.84 -1.26
N CYS A 128 -10.29 -0.69 -0.72
CA CYS A 128 -9.42 0.13 0.11
C CYS A 128 -8.81 -0.67 1.26
N GLY A 129 -7.48 -0.75 1.27
CA GLY A 129 -6.79 -1.44 2.33
C GLY A 129 -6.54 -2.90 2.03
N CYS A 130 -5.88 -3.17 0.91
CA CYS A 130 -5.41 -4.52 0.59
C CYS A 130 -6.58 -5.50 0.41
N ILE A 131 -7.29 -5.41 -0.73
CA ILE A 131 -8.39 -6.31 -1.04
C ILE A 131 -8.04 -7.80 -0.75
N PRO A 132 -6.78 -8.28 -0.96
CA PRO A 132 -6.37 -9.59 -0.50
C PRO A 132 -5.65 -9.51 0.85
N GLU A 133 -6.29 -9.98 1.91
CA GLU A 133 -5.66 -10.02 3.22
C GLU A 133 -4.45 -10.95 3.21
N GLU A 134 -4.47 -11.87 2.25
CA GLU A 134 -3.38 -12.84 2.07
C GLU A 134 -2.11 -12.18 1.54
N VAL A 135 -2.22 -10.89 1.19
CA VAL A 135 -1.09 -10.16 0.63
C VAL A 135 -0.10 -9.76 1.73
N ILE A 136 -0.55 -9.84 2.98
CA ILE A 136 0.28 -9.47 4.12
C ILE A 136 1.10 -10.67 4.55
N ILE A 137 2.29 -10.79 3.96
CA ILE A 137 3.13 -11.96 4.17
C ILE A 137 3.79 -11.94 5.54
N ALA A 138 4.05 -10.75 6.08
CA ALA A 138 4.65 -10.67 7.41
C ALA A 138 4.24 -9.40 8.15
N LYS A 139 4.14 -9.51 9.47
CA LYS A 139 3.87 -8.38 10.34
C LYS A 139 4.65 -8.56 11.65
N GLU A 140 5.41 -7.53 12.01
CA GLU A 140 6.27 -7.57 13.19
C GLU A 140 6.06 -6.32 14.04
N LEU A 141 6.31 -6.45 15.34
CA LEU A 141 6.20 -5.32 16.27
C LEU A 141 7.58 -4.79 16.61
N ILE A 142 7.67 -3.49 16.88
CA ILE A 142 8.94 -2.88 17.23
C ILE A 142 8.77 -1.85 18.36
N GLU A 143 9.67 -1.90 19.32
CA GLU A 143 9.63 -1.03 20.49
C GLU A 143 10.91 -0.19 20.58
N ILE A 144 11.34 0.32 19.42
CA ILE A 144 12.61 1.03 19.28
C ILE A 144 13.76 0.04 19.41
N ASN A 145 14.23 -0.45 18.27
CA ASN A 145 15.27 -1.47 18.22
C ASN A 145 16.60 -0.90 18.74
N LEU A 146 16.79 0.40 18.55
CA LEU A 146 18.01 1.07 18.99
C LEU A 146 18.10 1.10 20.52
N GLU A 147 19.24 0.66 21.07
CA GLU A 147 19.46 0.66 22.51
C GLU A 147 19.43 2.08 23.06
N HIS A 148 18.83 2.24 24.23
CA HIS A 148 18.59 3.56 24.81
C HIS A 148 19.07 3.60 26.26
N HIS A 149 20.38 3.50 26.43
CA HIS A 149 21.00 3.47 27.76
C HIS A 149 21.60 4.83 28.13
N HIS A 150 20.78 5.87 28.10
CA HIS A 150 21.22 7.22 28.46
C HIS A 150 20.02 8.14 28.67
N HIS A 151 18.99 7.61 29.34
CA HIS A 151 17.75 8.35 29.59
C HIS A 151 17.16 8.90 28.29
N HIS A 152 17.42 10.18 28.01
CA HIS A 152 16.92 10.83 26.79
C HIS A 152 17.85 11.95 26.36
N HIS A 153 19.06 11.95 26.91
CA HIS A 153 20.04 13.00 26.63
C HIS A 153 21.40 12.63 27.21
N MET A 1 10.63 -11.59 -8.81
CA MET A 1 11.53 -10.52 -8.32
C MET A 1 11.37 -10.34 -6.83
N GLY A 2 10.12 -10.22 -6.37
CA GLY A 2 9.86 -10.07 -4.95
C GLY A 2 10.19 -8.69 -4.45
N ASN A 3 9.82 -7.67 -5.22
CA ASN A 3 10.10 -6.28 -4.87
C ASN A 3 9.00 -5.77 -3.94
N PHE A 4 8.92 -6.36 -2.76
CA PHE A 4 7.84 -6.10 -1.82
C PHE A 4 7.77 -4.63 -1.41
N LEU A 5 6.58 -4.21 -1.00
CA LEU A 5 6.35 -2.88 -0.47
C LEU A 5 6.33 -2.97 1.05
N TYR A 6 6.80 -1.94 1.73
CA TYR A 6 6.81 -1.96 3.19
C TYR A 6 5.86 -0.91 3.75
N ARG A 7 5.03 -1.33 4.69
CA ARG A 7 4.09 -0.44 5.35
C ARG A 7 4.05 -0.75 6.85
N GLY A 8 4.25 0.29 7.66
CA GLY A 8 4.20 0.12 9.10
C GLY A 8 2.97 0.79 9.69
N ILE A 9 2.58 0.36 10.87
CA ILE A 9 1.38 0.87 11.53
C ILE A 9 1.70 1.27 12.97
N SER A 10 1.24 2.46 13.34
CA SER A 10 1.34 2.94 14.72
C SER A 10 0.06 2.60 15.46
N CYS A 11 -1.01 2.39 14.70
CA CYS A 11 -2.33 2.12 15.23
C CYS A 11 -2.49 0.63 15.54
N GLN A 12 -1.51 0.07 16.24
CA GLN A 12 -1.57 -1.34 16.66
C GLN A 12 -2.82 -1.55 17.49
N GLN A 13 -3.27 -0.48 18.13
CA GLN A 13 -4.51 -0.50 18.91
C GLN A 13 -5.69 -0.82 18.01
N ASP A 14 -5.70 -0.21 16.84
CA ASP A 14 -6.77 -0.40 15.86
C ASP A 14 -6.70 -1.81 15.29
N GLU A 15 -5.48 -2.26 15.02
CA GLU A 15 -5.25 -3.62 14.50
C GLU A 15 -5.84 -4.65 15.46
N GLN A 16 -5.40 -4.60 16.72
CA GLN A 16 -5.85 -5.55 17.74
C GLN A 16 -7.37 -5.42 17.98
N ASN A 17 -7.86 -4.18 17.98
CA ASN A 17 -9.28 -3.92 18.20
C ASN A 17 -10.10 -4.50 17.05
N ASN A 18 -9.56 -4.41 15.84
CA ASN A 18 -10.23 -4.92 14.64
C ASN A 18 -10.03 -6.43 14.50
N GLY A 19 -8.96 -6.93 15.13
CA GLY A 19 -8.59 -8.33 14.99
C GLY A 19 -8.18 -8.65 13.56
N GLN A 20 -7.94 -7.60 12.79
CA GLN A 20 -7.65 -7.71 11.36
C GLN A 20 -6.86 -6.47 10.92
N LEU A 21 -6.39 -6.47 9.68
CA LEU A 21 -5.61 -5.34 9.15
C LEU A 21 -6.55 -4.25 8.60
N LYS A 22 -7.63 -3.98 9.34
CA LYS A 22 -8.65 -3.01 8.95
C LYS A 22 -9.06 -3.20 7.48
N PRO A 23 -9.55 -4.39 7.12
CA PRO A 23 -9.80 -4.78 5.73
C PRO A 23 -11.16 -4.32 5.22
N LYS A 24 -11.36 -4.49 3.92
CA LYS A 24 -12.60 -4.13 3.26
C LYS A 24 -12.71 -4.88 1.93
N GLY A 25 -13.09 -4.19 0.86
CA GLY A 25 -13.22 -4.83 -0.44
C GLY A 25 -14.64 -5.31 -0.70
N ASN A 26 -15.39 -4.52 -1.45
CA ASN A 26 -16.76 -4.87 -1.82
C ASN A 26 -16.79 -5.61 -3.16
N LYS A 27 -15.63 -5.61 -3.83
CA LYS A 27 -15.44 -6.28 -5.12
C LYS A 27 -16.16 -5.54 -6.25
N ALA A 28 -15.36 -5.01 -7.18
CA ALA A 28 -15.89 -4.34 -8.37
C ALA A 28 -15.07 -4.71 -9.60
N GLU A 29 -14.13 -5.64 -9.43
CA GLU A 29 -13.25 -6.04 -10.52
C GLU A 29 -14.06 -6.71 -11.64
N VAL A 30 -13.83 -6.22 -12.84
CA VAL A 30 -14.45 -6.77 -14.04
C VAL A 30 -13.73 -6.27 -15.30
N ALA A 31 -13.34 -4.99 -15.28
CA ALA A 31 -12.76 -4.37 -16.46
C ALA A 31 -11.48 -3.59 -16.14
N ILE A 32 -10.88 -3.88 -14.99
CA ILE A 32 -9.68 -3.15 -14.54
C ILE A 32 -8.44 -3.63 -15.30
N ARG A 33 -8.32 -3.18 -16.55
CA ARG A 33 -7.21 -3.57 -17.42
C ARG A 33 -6.27 -2.40 -17.67
N TYR A 34 -6.71 -1.19 -17.29
CA TYR A 34 -5.92 0.04 -17.38
C TYR A 34 -5.84 0.57 -18.82
N ASP A 35 -5.64 -0.32 -19.79
CA ASP A 35 -5.51 0.08 -21.20
C ASP A 35 -6.79 0.75 -21.71
N GLY A 36 -7.87 0.63 -20.95
CA GLY A 36 -9.12 1.29 -21.29
C GLY A 36 -9.22 2.66 -20.64
N LYS A 37 -8.06 3.31 -20.46
CA LYS A 37 -7.96 4.64 -19.86
C LYS A 37 -8.31 4.58 -18.37
N PHE A 38 -9.60 4.52 -18.06
CA PHE A 38 -10.09 4.51 -16.69
C PHE A 38 -11.58 4.16 -16.70
N LYS A 39 -12.44 5.19 -16.58
CA LYS A 39 -13.89 5.02 -16.70
C LYS A 39 -14.43 4.02 -15.67
N TYR A 40 -13.68 3.83 -14.59
CA TYR A 40 -14.07 2.91 -13.53
C TYR A 40 -15.04 3.61 -12.57
N ASP A 41 -16.17 4.03 -13.12
CA ASP A 41 -17.17 4.79 -12.37
C ASP A 41 -17.88 3.89 -11.36
N GLY A 42 -17.19 3.63 -10.25
CA GLY A 42 -17.76 2.87 -9.17
C GLY A 42 -18.08 1.43 -9.54
N LYS A 43 -18.96 0.82 -8.76
CA LYS A 43 -19.38 -0.56 -8.99
C LYS A 43 -20.64 -0.58 -9.86
N ALA A 44 -20.57 0.11 -10.99
CA ALA A 44 -21.68 0.20 -11.95
C ALA A 44 -22.84 1.04 -11.41
N THR A 45 -23.53 0.51 -10.40
CA THR A 45 -24.69 1.17 -9.82
C THR A 45 -24.31 2.43 -9.03
N HIS A 46 -23.33 2.28 -8.14
CA HIS A 46 -22.90 3.38 -7.29
C HIS A 46 -21.38 3.51 -7.30
N GLY A 47 -20.88 4.73 -7.13
CA GLY A 47 -19.45 4.95 -7.08
C GLY A 47 -19.11 6.28 -6.42
N PRO A 48 -19.46 6.45 -5.13
CA PRO A 48 -19.15 7.67 -4.38
C PRO A 48 -17.76 7.61 -3.75
N SER A 49 -17.14 6.43 -3.83
CA SER A 49 -15.86 6.20 -3.18
C SER A 49 -14.99 5.26 -4.03
N VAL A 50 -13.69 5.24 -3.73
CA VAL A 50 -12.73 4.38 -4.41
C VAL A 50 -12.82 4.55 -5.94
N LYS A 51 -12.32 3.55 -6.69
CA LYS A 51 -12.47 3.49 -8.14
C LYS A 51 -12.02 4.80 -8.82
N ASN A 52 -12.69 5.17 -9.91
CA ASN A 52 -12.31 6.35 -10.70
C ASN A 52 -12.22 7.60 -9.84
N ALA A 53 -13.09 7.69 -8.84
CA ALA A 53 -13.15 8.85 -7.96
C ALA A 53 -11.85 9.02 -7.18
N VAL A 54 -11.47 7.98 -6.44
CA VAL A 54 -10.24 8.03 -5.64
C VAL A 54 -9.02 8.16 -6.54
N TYR A 55 -9.08 7.53 -7.72
CA TYR A 55 -7.98 7.58 -8.68
C TYR A 55 -7.68 9.03 -9.06
N ALA A 56 -8.66 9.66 -9.69
CA ALA A 56 -8.51 11.03 -10.19
C ALA A 56 -8.18 11.99 -9.06
N HIS A 57 -8.95 11.91 -7.98
CA HIS A 57 -8.80 12.85 -6.86
C HIS A 57 -7.43 12.70 -6.18
N GLN A 58 -7.05 11.46 -5.85
CA GLN A 58 -5.79 11.19 -5.14
C GLN A 58 -4.59 11.53 -6.03
N ILE A 59 -4.72 11.25 -7.31
CA ILE A 59 -3.67 11.51 -8.27
C ILE A 59 -3.53 13.02 -8.52
N GLU A 60 -4.66 13.73 -8.48
CA GLU A 60 -4.66 15.17 -8.72
C GLU A 60 -4.36 15.93 -7.42
N THR A 61 -5.34 15.98 -6.53
CA THR A 61 -5.20 16.71 -5.26
C THR A 61 -4.78 15.77 -4.12
N GLY A 62 -5.66 14.83 -3.81
CA GLY A 62 -5.47 13.95 -2.67
C GLY A 62 -6.74 13.84 -1.86
N LEU A 63 -6.87 12.77 -1.07
CA LEU A 63 -8.06 12.55 -0.24
C LEU A 63 -7.91 11.32 0.64
N TYR A 64 -7.41 10.22 0.06
CA TYR A 64 -7.32 8.95 0.76
C TYR A 64 -5.86 8.55 0.97
N ASP A 65 -5.30 8.98 2.09
CA ASP A 65 -3.94 8.61 2.48
C ASP A 65 -3.99 7.32 3.31
N GLY A 66 -3.10 6.38 3.01
CA GLY A 66 -3.06 5.12 3.73
C GLY A 66 -3.96 4.07 3.10
N CYS A 67 -4.74 4.49 2.11
CA CYS A 67 -5.67 3.60 1.42
C CYS A 67 -4.91 2.66 0.50
N TYR A 68 -3.84 3.18 -0.10
CA TYR A 68 -3.02 2.42 -1.05
C TYR A 68 -1.56 2.49 -0.62
N ILE A 69 -0.74 1.56 -1.13
CA ILE A 69 0.66 1.47 -0.71
C ILE A 69 1.58 2.01 -1.82
N SER A 70 2.04 3.24 -1.64
CA SER A 70 2.99 3.85 -2.56
C SER A 70 4.41 3.48 -2.16
N THR A 71 5.18 2.90 -3.09
CA THR A 71 6.55 2.49 -2.82
C THR A 71 7.46 2.87 -3.98
N THR A 72 8.71 3.16 -3.67
CA THR A 72 9.67 3.59 -4.69
C THR A 72 10.46 2.40 -5.23
N THR A 73 11.23 2.63 -6.29
CA THR A 73 11.98 1.57 -6.96
C THR A 73 13.26 1.18 -6.20
N ASP A 74 13.46 1.76 -5.02
CA ASP A 74 14.63 1.44 -4.19
C ASP A 74 14.22 0.58 -3.01
N LYS A 75 15.01 -0.46 -2.73
CA LYS A 75 14.75 -1.37 -1.62
C LYS A 75 14.88 -0.66 -0.27
N GLU A 76 15.65 0.42 -0.25
CA GLU A 76 15.95 1.13 0.99
C GLU A 76 14.71 1.86 1.50
N ILE A 77 13.72 2.02 0.64
CA ILE A 77 12.43 2.64 1.01
C ILE A 77 11.90 2.03 2.30
N ALA A 78 12.14 0.74 2.49
CA ALA A 78 11.66 0.03 3.66
C ALA A 78 12.20 0.65 4.94
N LYS A 79 13.53 0.78 5.00
CA LYS A 79 14.22 1.28 6.18
C LYS A 79 14.04 2.79 6.29
N LYS A 80 14.12 3.45 5.14
CA LYS A 80 13.96 4.89 5.04
C LYS A 80 12.57 5.30 5.57
N PHE A 81 11.54 4.65 5.03
CA PHE A 81 10.17 4.95 5.41
C PHE A 81 9.95 4.60 6.87
N ALA A 82 10.43 3.41 7.25
CA ALA A 82 10.28 2.92 8.62
C ALA A 82 10.77 3.95 9.63
N THR A 83 12.05 4.33 9.52
CA THR A 83 12.66 5.24 10.48
C THR A 83 12.00 6.62 10.42
N SER A 84 11.69 7.08 9.21
CA SER A 84 11.06 8.38 9.03
C SER A 84 9.66 8.42 9.62
N SER A 85 9.01 7.26 9.69
CA SER A 85 7.66 7.16 10.24
C SER A 85 7.72 6.90 11.75
N GLY A 86 8.94 6.85 12.28
CA GLY A 86 9.13 6.62 13.71
C GLY A 86 8.57 5.30 14.17
N ILE A 87 8.64 4.29 13.30
CA ILE A 87 8.10 2.96 13.61
C ILE A 87 8.85 2.29 14.75
N GLU A 88 9.98 2.90 15.14
CA GLU A 88 10.87 2.37 16.20
C GLU A 88 10.10 1.57 17.25
N ASN A 89 9.01 2.16 17.77
CA ASN A 89 8.17 1.48 18.75
C ASN A 89 6.76 1.32 18.17
N GLY A 90 6.53 0.21 17.47
CA GLY A 90 5.24 0.00 16.81
C GLY A 90 5.19 -1.26 15.98
N TYR A 91 4.39 -1.23 14.91
CA TYR A 91 4.15 -2.40 14.06
C TYR A 91 4.68 -2.15 12.66
N ILE A 92 5.20 -3.19 12.00
CA ILE A 92 5.67 -3.09 10.62
C ILE A 92 5.35 -4.39 9.86
N TYR A 93 4.74 -4.24 8.69
CA TYR A 93 4.38 -5.40 7.86
C TYR A 93 4.84 -5.19 6.41
N VAL A 94 5.25 -6.29 5.78
CA VAL A 94 5.68 -6.28 4.39
C VAL A 94 4.66 -6.98 3.51
N LEU A 95 4.36 -6.37 2.38
CA LEU A 95 3.45 -6.93 1.39
C LEU A 95 4.19 -7.18 0.08
N ASN A 96 4.07 -8.37 -0.49
CA ASN A 96 4.81 -8.71 -1.71
C ASN A 96 4.12 -8.12 -2.95
N ARG A 97 4.92 -7.65 -3.90
CA ARG A 97 4.40 -6.91 -5.05
C ARG A 97 3.83 -7.83 -6.13
N ASP A 98 4.61 -8.84 -6.53
CA ASP A 98 4.19 -9.74 -7.61
C ASP A 98 2.91 -10.50 -7.23
N LEU A 99 2.67 -10.59 -5.92
CA LEU A 99 1.43 -11.20 -5.42
C LEU A 99 0.23 -10.36 -5.84
N PHE A 100 0.42 -9.04 -5.85
CA PHE A 100 -0.61 -8.12 -6.30
C PHE A 100 -0.90 -8.36 -7.79
N GLY A 101 0.18 -8.51 -8.56
CA GLY A 101 0.04 -8.83 -9.97
C GLY A 101 -0.74 -10.13 -10.17
N GLN A 102 -0.51 -11.08 -9.28
CA GLN A 102 -1.24 -12.35 -9.28
C GLN A 102 -2.71 -12.11 -8.93
N TYR A 103 -2.96 -11.17 -8.03
CA TYR A 103 -4.32 -10.83 -7.60
C TYR A 103 -4.97 -9.83 -8.57
N SER A 104 -4.17 -9.32 -9.51
CA SER A 104 -4.64 -8.39 -10.53
C SER A 104 -4.99 -7.03 -9.92
N ILE A 105 -4.21 -6.66 -8.89
CA ILE A 105 -4.38 -5.37 -8.23
C ILE A 105 -3.85 -4.24 -9.12
N PHE A 106 -4.32 -3.02 -8.89
CA PHE A 106 -3.99 -1.90 -9.77
C PHE A 106 -2.57 -1.38 -9.50
N GLU A 107 -1.64 -1.76 -10.35
CA GLU A 107 -0.25 -1.32 -10.25
C GLU A 107 -0.05 -0.03 -11.04
N TYR A 108 -0.05 1.11 -10.34
CA TYR A 108 0.16 2.41 -10.99
C TYR A 108 1.57 2.90 -10.69
N GLU A 109 2.41 2.98 -11.72
CA GLU A 109 3.79 3.44 -11.57
C GLU A 109 3.96 4.80 -12.23
N VAL A 110 4.47 5.76 -11.48
CA VAL A 110 4.79 7.08 -12.02
C VAL A 110 6.31 7.24 -12.10
N GLU A 111 6.78 7.70 -13.25
CA GLU A 111 8.21 7.91 -13.45
C GLU A 111 8.52 9.39 -13.56
N HIS A 112 9.55 9.80 -12.85
CA HIS A 112 10.05 11.17 -12.90
C HIS A 112 10.99 11.32 -14.10
N PRO A 113 11.49 12.56 -14.40
CA PRO A 113 12.42 12.79 -15.51
C PRO A 113 13.59 11.79 -15.53
N GLU A 114 14.35 11.83 -16.62
CA GLU A 114 15.39 10.84 -16.93
C GLU A 114 16.23 10.42 -15.71
N ASN A 115 17.09 11.31 -15.21
CA ASN A 115 18.07 10.90 -14.20
C ASN A 115 17.72 11.25 -12.73
N PRO A 116 16.66 12.04 -12.41
CA PRO A 116 16.15 12.11 -11.03
C PRO A 116 16.08 10.70 -10.41
N ASN A 117 15.93 9.71 -11.28
CA ASN A 117 16.09 8.29 -10.92
C ASN A 117 14.99 7.84 -9.96
N GLU A 118 13.84 8.50 -10.02
CA GLU A 118 12.74 8.23 -9.09
C GLU A 118 11.53 7.66 -9.83
N LYS A 119 11.16 6.44 -9.47
CA LYS A 119 9.95 5.81 -9.97
C LYS A 119 9.09 5.38 -8.78
N GLU A 120 7.94 6.01 -8.61
CA GLU A 120 7.05 5.68 -7.50
C GLU A 120 5.97 4.71 -7.97
N VAL A 121 6.11 3.46 -7.56
CA VAL A 121 5.13 2.43 -7.88
C VAL A 121 4.02 2.45 -6.83
N THR A 122 2.94 3.15 -7.14
CA THR A 122 1.78 3.20 -6.28
C THR A 122 0.92 1.95 -6.47
N ILE A 123 0.95 1.06 -5.48
CA ILE A 123 0.17 -0.17 -5.54
C ILE A 123 -1.22 0.09 -4.97
N ARG A 124 -2.20 0.15 -5.86
CA ARG A 124 -3.57 0.45 -5.51
C ARG A 124 -4.42 -0.82 -5.55
N ALA A 125 -4.98 -1.17 -4.40
CA ALA A 125 -5.84 -2.35 -4.30
C ALA A 125 -7.13 -2.11 -5.07
N GLU A 126 -7.78 -3.20 -5.51
CA GLU A 126 -9.00 -3.09 -6.31
C GLU A 126 -10.01 -2.19 -5.62
N ASP A 127 -10.23 -2.46 -4.35
CA ASP A 127 -11.10 -1.63 -3.51
C ASP A 127 -10.29 -1.13 -2.31
N CYS A 128 -10.72 -0.02 -1.73
CA CYS A 128 -9.96 0.61 -0.64
C CYS A 128 -10.09 -0.20 0.65
N GLY A 129 -9.05 -0.13 1.48
CA GLY A 129 -9.07 -0.77 2.77
C GLY A 129 -8.56 -2.21 2.73
N CYS A 130 -7.37 -2.40 2.13
CA CYS A 130 -6.71 -3.70 2.09
C CYS A 130 -7.69 -4.85 1.80
N ILE A 131 -8.19 -4.90 0.56
CA ILE A 131 -9.14 -5.95 0.16
C ILE A 131 -8.58 -7.37 0.41
N PRO A 132 -7.33 -7.68 -0.02
CA PRO A 132 -6.73 -8.98 0.23
C PRO A 132 -5.74 -8.95 1.40
N GLU A 133 -6.11 -9.58 2.52
CA GLU A 133 -5.26 -9.61 3.72
C GLU A 133 -4.13 -10.63 3.57
N GLU A 134 -4.09 -11.31 2.43
CA GLU A 134 -3.08 -12.33 2.16
C GLU A 134 -1.82 -11.71 1.55
N VAL A 135 -1.88 -10.42 1.26
CA VAL A 135 -0.77 -9.72 0.61
C VAL A 135 0.36 -9.43 1.59
N ILE A 136 0.07 -9.50 2.88
CA ILE A 136 1.06 -9.18 3.91
C ILE A 136 1.90 -10.41 4.21
N ILE A 137 2.98 -10.54 3.47
CA ILE A 137 3.85 -11.70 3.55
C ILE A 137 4.51 -11.77 4.91
N ALA A 138 4.73 -10.61 5.52
CA ALA A 138 5.33 -10.58 6.84
C ALA A 138 4.73 -9.48 7.70
N LYS A 139 4.63 -9.74 9.00
CA LYS A 139 4.12 -8.77 9.96
C LYS A 139 4.75 -9.02 11.33
N GLU A 140 5.54 -8.07 11.81
CA GLU A 140 6.20 -8.19 13.10
C GLU A 140 6.20 -6.84 13.84
N LEU A 141 6.39 -6.89 15.15
CA LEU A 141 6.45 -5.70 15.98
C LEU A 141 7.90 -5.31 16.23
N ILE A 142 8.13 -4.04 16.54
CA ILE A 142 9.45 -3.53 16.82
C ILE A 142 9.44 -2.64 18.08
N GLU A 143 10.46 -2.81 18.91
CA GLU A 143 10.58 -2.11 20.19
C GLU A 143 11.86 -1.27 20.20
N ILE A 144 11.74 -0.01 19.75
CA ILE A 144 12.89 0.92 19.66
C ILE A 144 14.18 0.19 19.24
N ASN A 145 15.29 0.44 19.93
CA ASN A 145 16.55 -0.25 19.62
C ASN A 145 16.64 -1.54 20.41
N LEU A 146 15.63 -2.40 20.24
CA LEU A 146 15.55 -3.68 20.95
C LEU A 146 16.77 -4.56 20.68
N GLU A 147 17.10 -5.39 21.66
CA GLU A 147 18.13 -6.41 21.50
C GLU A 147 17.73 -7.70 22.24
N HIS A 148 16.60 -7.63 22.93
CA HIS A 148 16.00 -8.77 23.63
C HIS A 148 16.81 -9.15 24.88
N HIS A 149 17.15 -8.16 25.69
CA HIS A 149 17.73 -8.40 27.01
C HIS A 149 17.61 -7.15 27.90
N HIS A 150 17.79 -5.98 27.29
CA HIS A 150 17.61 -4.68 27.98
C HIS A 150 18.39 -4.62 29.30
N HIS A 151 18.03 -3.66 30.15
CA HIS A 151 18.64 -3.53 31.47
C HIS A 151 17.56 -3.62 32.54
N HIS A 152 17.93 -4.11 33.71
CA HIS A 152 17.00 -4.23 34.83
C HIS A 152 17.18 -3.06 35.78
N HIS A 153 16.13 -2.28 35.95
CA HIS A 153 16.15 -1.14 36.87
C HIS A 153 14.71 -0.76 37.24
N MET A 1 11.24 -11.87 -9.74
CA MET A 1 11.59 -12.84 -8.67
C MET A 1 10.61 -12.72 -7.50
N GLY A 2 10.58 -11.54 -6.89
CA GLY A 2 9.70 -11.30 -5.76
C GLY A 2 10.32 -10.35 -4.75
N ASN A 3 9.51 -9.43 -4.24
CA ASN A 3 9.95 -8.47 -3.24
C ASN A 3 8.74 -7.87 -2.54
N PHE A 4 8.96 -7.24 -1.39
CA PHE A 4 7.88 -6.73 -0.57
C PHE A 4 7.91 -5.21 -0.46
N LEU A 5 6.73 -4.63 -0.29
CA LEU A 5 6.58 -3.21 0.00
C LEU A 5 6.34 -3.04 1.48
N TYR A 6 6.75 -1.90 2.02
CA TYR A 6 6.70 -1.67 3.47
C TYR A 6 5.49 -0.84 3.86
N ARG A 7 4.78 -1.29 4.88
CA ARG A 7 3.70 -0.52 5.47
C ARG A 7 3.74 -0.67 6.99
N GLY A 8 4.31 0.32 7.66
CA GLY A 8 4.36 0.33 9.10
C GLY A 8 3.13 0.99 9.67
N ILE A 9 2.77 0.64 10.91
CA ILE A 9 1.54 1.13 11.52
C ILE A 9 1.86 1.88 12.82
N SER A 10 1.25 3.05 12.97
CA SER A 10 1.32 3.83 14.22
C SER A 10 -0.10 4.07 14.74
N CYS A 11 -1.04 3.27 14.23
CA CYS A 11 -2.45 3.37 14.60
C CYS A 11 -2.94 2.02 15.14
N GLN A 12 -2.13 1.43 16.03
CA GLN A 12 -2.43 0.13 16.61
C GLN A 12 -3.82 0.13 17.25
N GLN A 13 -4.25 1.30 17.72
CA GLN A 13 -5.57 1.46 18.33
C GLN A 13 -6.66 1.20 17.29
N ASP A 14 -6.43 1.72 16.08
CA ASP A 14 -7.37 1.56 14.97
C ASP A 14 -7.39 0.10 14.51
N GLU A 15 -6.20 -0.48 14.37
CA GLU A 15 -6.07 -1.88 13.98
C GLU A 15 -6.74 -2.78 15.01
N GLN A 16 -6.60 -2.42 16.28
CA GLN A 16 -7.19 -3.17 17.39
C GLN A 16 -8.71 -3.04 17.40
N ASN A 17 -9.21 -1.84 17.15
CA ASN A 17 -10.64 -1.56 17.14
C ASN A 17 -11.29 -2.23 15.92
N ASN A 18 -10.62 -2.14 14.78
CA ASN A 18 -11.14 -2.69 13.53
C ASN A 18 -10.91 -4.20 13.45
N GLY A 19 -9.88 -4.66 14.15
CA GLY A 19 -9.51 -6.08 14.11
C GLY A 19 -8.80 -6.43 12.82
N GLN A 20 -8.49 -5.41 12.02
CA GLN A 20 -7.85 -5.58 10.72
C GLN A 20 -7.30 -4.24 10.25
N LEU A 21 -6.65 -4.24 9.09
CA LEU A 21 -6.03 -3.04 8.53
C LEU A 21 -7.08 -2.16 7.84
N LYS A 22 -8.06 -1.71 8.63
CA LYS A 22 -9.18 -0.86 8.17
C LYS A 22 -9.61 -1.16 6.72
N PRO A 23 -10.27 -2.33 6.50
CA PRO A 23 -10.79 -2.72 5.19
C PRO A 23 -12.18 -2.17 4.93
N LYS A 24 -12.65 -2.29 3.67
CA LYS A 24 -13.98 -1.84 3.31
C LYS A 24 -14.77 -2.97 2.63
N GLY A 25 -14.20 -3.54 1.59
CA GLY A 25 -14.83 -4.66 0.90
C GLY A 25 -15.84 -4.22 -0.15
N ASN A 26 -15.44 -3.27 -0.99
CA ASN A 26 -16.29 -2.78 -2.07
C ASN A 26 -16.03 -3.56 -3.36
N LYS A 27 -17.04 -4.23 -3.87
CA LYS A 27 -16.94 -4.95 -5.14
C LYS A 27 -18.31 -5.12 -5.77
N ALA A 28 -18.34 -5.52 -7.03
CA ALA A 28 -19.58 -5.64 -7.79
C ALA A 28 -19.30 -6.32 -9.13
N GLU A 29 -19.90 -5.82 -10.20
CA GLU A 29 -19.66 -6.31 -11.54
C GLU A 29 -18.71 -5.37 -12.28
N VAL A 30 -17.85 -5.96 -13.10
CA VAL A 30 -16.91 -5.20 -13.92
C VAL A 30 -17.63 -4.16 -14.79
N ALA A 31 -17.23 -2.90 -14.66
CA ALA A 31 -17.80 -1.81 -15.46
C ALA A 31 -16.86 -0.62 -15.46
N ILE A 32 -15.56 -0.89 -15.45
CA ILE A 32 -14.54 0.15 -15.38
C ILE A 32 -13.51 -0.04 -16.48
N ARG A 33 -13.11 1.06 -17.10
CA ARG A 33 -12.08 1.04 -18.15
C ARG A 33 -10.80 1.72 -17.66
N TYR A 34 -9.68 1.23 -18.18
CA TYR A 34 -8.36 1.81 -17.90
C TYR A 34 -7.35 1.28 -18.94
N ASP A 35 -6.06 1.47 -18.67
CA ASP A 35 -5.01 1.09 -19.62
C ASP A 35 -4.75 -0.42 -19.59
N GLY A 36 -5.70 -1.18 -20.11
CA GLY A 36 -5.52 -2.62 -20.33
C GLY A 36 -5.35 -3.43 -19.06
N LYS A 37 -4.13 -3.42 -18.52
CA LYS A 37 -3.75 -4.31 -17.41
C LYS A 37 -4.66 -4.16 -16.19
N PHE A 38 -5.23 -2.97 -16.02
CA PHE A 38 -6.08 -2.67 -14.87
C PHE A 38 -7.42 -3.40 -14.98
N LYS A 39 -7.45 -4.64 -14.54
CA LYS A 39 -8.67 -5.47 -14.60
C LYS A 39 -9.57 -5.21 -13.37
N TYR A 40 -10.47 -4.23 -13.49
CA TYR A 40 -11.42 -3.94 -12.43
C TYR A 40 -12.58 -4.95 -12.48
N ASP A 41 -12.63 -5.84 -11.49
CA ASP A 41 -13.69 -6.85 -11.43
C ASP A 41 -14.96 -6.29 -10.78
N GLY A 42 -14.82 -5.22 -10.02
CA GLY A 42 -15.94 -4.64 -9.30
C GLY A 42 -16.03 -3.14 -9.45
N LYS A 43 -17.10 -2.57 -8.91
CA LYS A 43 -17.35 -1.13 -8.96
C LYS A 43 -18.30 -0.72 -7.84
N ALA A 44 -18.77 0.53 -7.87
CA ALA A 44 -19.73 1.02 -6.90
C ALA A 44 -20.82 1.83 -7.63
N THR A 45 -21.70 2.46 -6.85
CA THR A 45 -22.80 3.25 -7.39
C THR A 45 -22.31 4.24 -8.46
N HIS A 46 -23.04 4.29 -9.58
CA HIS A 46 -22.66 5.14 -10.71
C HIS A 46 -22.69 6.61 -10.33
N GLY A 47 -21.63 7.33 -10.68
CA GLY A 47 -21.49 8.73 -10.30
C GLY A 47 -20.27 8.95 -9.45
N PRO A 48 -20.37 8.69 -8.13
CA PRO A 48 -19.21 8.72 -7.22
C PRO A 48 -18.28 7.55 -7.50
N SER A 49 -18.53 6.41 -6.85
CA SER A 49 -17.84 5.16 -7.13
C SER A 49 -16.36 5.22 -6.75
N VAL A 50 -15.73 4.06 -6.62
CA VAL A 50 -14.35 3.96 -6.15
C VAL A 50 -13.37 4.55 -7.18
N LYS A 51 -13.42 4.06 -8.42
CA LYS A 51 -12.48 4.48 -9.46
C LYS A 51 -12.46 5.99 -9.62
N ASN A 52 -13.62 6.55 -9.95
CA ASN A 52 -13.74 7.98 -10.23
C ASN A 52 -13.12 8.82 -9.10
N ALA A 53 -13.65 8.65 -7.89
CA ALA A 53 -13.23 9.46 -6.75
C ALA A 53 -11.75 9.28 -6.40
N VAL A 54 -11.36 8.03 -6.12
CA VAL A 54 -10.02 7.75 -5.62
C VAL A 54 -8.94 8.10 -6.65
N TYR A 55 -9.22 7.85 -7.92
CA TYR A 55 -8.25 8.13 -8.98
C TYR A 55 -8.20 9.63 -9.29
N ALA A 56 -9.37 10.26 -9.36
CA ALA A 56 -9.44 11.70 -9.61
C ALA A 56 -8.60 12.45 -8.59
N HIS A 57 -8.78 12.10 -7.32
CA HIS A 57 -8.00 12.72 -6.25
C HIS A 57 -6.53 12.33 -6.38
N GLN A 58 -6.28 11.03 -6.55
CA GLN A 58 -4.91 10.50 -6.61
C GLN A 58 -4.09 11.15 -7.72
N ILE A 59 -4.76 11.57 -8.80
CA ILE A 59 -4.10 12.16 -9.94
C ILE A 59 -4.07 13.69 -9.83
N GLU A 60 -5.24 14.30 -9.62
CA GLU A 60 -5.37 15.75 -9.63
C GLU A 60 -4.85 16.38 -8.32
N THR A 61 -5.30 15.84 -7.19
CA THR A 61 -4.96 16.41 -5.88
C THR A 61 -3.60 15.90 -5.40
N GLY A 62 -3.28 14.66 -5.76
CA GLY A 62 -2.06 14.03 -5.30
C GLY A 62 -2.34 12.62 -4.83
N LEU A 63 -1.29 11.85 -4.56
CA LEU A 63 -1.45 10.44 -4.20
C LEU A 63 -2.34 10.25 -2.97
N TYR A 64 -2.56 11.35 -2.25
CA TYR A 64 -3.63 11.50 -1.25
C TYR A 64 -3.36 10.74 0.05
N ASP A 65 -2.59 9.65 -0.03
CA ASP A 65 -2.21 8.89 1.15
C ASP A 65 -3.43 8.29 1.87
N GLY A 66 -3.69 7.01 1.65
CA GLY A 66 -4.83 6.37 2.28
C GLY A 66 -4.89 4.88 2.01
N CYS A 67 -5.91 4.47 1.25
CA CYS A 67 -6.13 3.06 0.95
C CYS A 67 -5.17 2.57 -0.13
N TYR A 68 -4.85 3.46 -1.07
CA TYR A 68 -3.85 3.18 -2.09
C TYR A 68 -2.46 3.47 -1.52
N ILE A 69 -1.45 2.69 -1.93
CA ILE A 69 -0.12 2.82 -1.34
C ILE A 69 0.92 3.23 -2.38
N SER A 70 1.67 4.28 -2.08
CA SER A 70 2.76 4.72 -2.96
C SER A 70 4.08 4.12 -2.48
N THR A 71 4.67 3.25 -3.29
CA THR A 71 5.91 2.58 -2.93
C THR A 71 6.99 2.85 -3.98
N THR A 72 8.23 2.98 -3.54
CA THR A 72 9.34 3.28 -4.43
C THR A 72 9.95 2.00 -5.01
N THR A 73 10.49 2.09 -6.22
CA THR A 73 11.04 0.93 -6.92
C THR A 73 12.34 0.43 -6.28
N ASP A 74 12.96 1.25 -5.44
CA ASP A 74 14.24 0.92 -4.85
C ASP A 74 14.06 -0.06 -3.68
N LYS A 75 14.90 -1.08 -3.64
CA LYS A 75 14.87 -2.09 -2.59
C LYS A 75 15.15 -1.46 -1.23
N GLU A 76 15.78 -0.29 -1.23
CA GLU A 76 16.12 0.42 0.00
C GLU A 76 14.86 1.02 0.64
N ILE A 77 13.73 0.89 -0.05
CA ILE A 77 12.44 1.40 0.42
C ILE A 77 12.16 0.93 1.85
N ALA A 78 12.59 -0.28 2.18
CA ALA A 78 12.33 -0.87 3.49
C ALA A 78 12.90 0.00 4.62
N LYS A 79 14.22 0.21 4.55
CA LYS A 79 14.93 0.95 5.58
C LYS A 79 14.56 2.42 5.52
N LYS A 80 14.51 2.96 4.29
CA LYS A 80 14.19 4.36 4.09
C LYS A 80 12.81 4.68 4.64
N PHE A 81 11.85 3.82 4.36
CA PHE A 81 10.48 4.02 4.81
C PHE A 81 10.41 3.96 6.33
N ALA A 82 10.89 2.84 6.89
CA ALA A 82 10.81 2.61 8.32
C ALA A 82 11.44 3.75 9.13
N THR A 83 12.63 4.18 8.70
CA THR A 83 13.36 5.24 9.42
C THR A 83 12.71 6.61 9.21
N SER A 84 12.37 6.93 7.97
CA SER A 84 11.82 8.26 7.64
C SER A 84 10.40 8.43 8.19
N SER A 85 9.75 7.33 8.54
CA SER A 85 8.40 7.37 9.09
C SER A 85 8.44 7.42 10.63
N GLY A 86 9.65 7.31 11.20
CA GLY A 86 9.79 7.25 12.64
C GLY A 86 9.11 6.03 13.20
N ILE A 87 9.21 4.93 12.46
CA ILE A 87 8.49 3.70 12.78
C ILE A 87 9.29 2.77 13.69
N GLU A 88 10.57 3.11 13.91
CA GLU A 88 11.48 2.30 14.73
C GLU A 88 10.80 1.78 16.01
N ASN A 89 9.88 2.56 16.56
CA ASN A 89 9.10 2.13 17.71
C ASN A 89 7.62 2.11 17.33
N GLY A 90 7.15 0.96 16.87
CA GLY A 90 5.76 0.83 16.43
C GLY A 90 5.50 -0.50 15.76
N TYR A 91 4.61 -0.50 14.78
CA TYR A 91 4.22 -1.72 14.07
C TYR A 91 4.82 -1.72 12.66
N ILE A 92 5.16 -2.90 12.16
CA ILE A 92 5.75 -3.04 10.83
C ILE A 92 5.15 -4.25 10.12
N TYR A 93 4.48 -4.04 8.99
CA TYR A 93 4.02 -5.18 8.18
C TYR A 93 4.37 -4.97 6.72
N VAL A 94 4.72 -6.06 6.04
CA VAL A 94 5.15 -6.00 4.66
C VAL A 94 4.25 -6.84 3.76
N LEU A 95 4.14 -6.39 2.51
CA LEU A 95 3.24 -6.97 1.51
C LEU A 95 4.04 -7.39 0.29
N ASN A 96 3.79 -8.58 -0.24
CA ASN A 96 4.55 -9.08 -1.39
C ASN A 96 3.92 -8.62 -2.71
N ARG A 97 4.66 -7.80 -3.46
CA ARG A 97 4.18 -7.29 -4.74
C ARG A 97 4.01 -8.41 -5.74
N ASP A 98 4.81 -9.46 -5.61
CA ASP A 98 4.69 -10.64 -6.47
C ASP A 98 3.34 -11.30 -6.24
N LEU A 99 2.88 -11.27 -4.99
CA LEU A 99 1.58 -11.83 -4.64
C LEU A 99 0.48 -10.98 -5.24
N PHE A 100 0.68 -9.67 -5.19
CA PHE A 100 -0.23 -8.73 -5.83
C PHE A 100 -0.24 -8.97 -7.34
N GLY A 101 0.93 -9.35 -7.86
CA GLY A 101 1.05 -9.67 -9.26
C GLY A 101 0.23 -10.90 -9.62
N GLN A 102 0.22 -11.88 -8.73
CA GLN A 102 -0.59 -13.07 -8.90
C GLN A 102 -2.08 -12.70 -8.89
N TYR A 103 -2.46 -11.81 -7.98
CA TYR A 103 -3.82 -11.30 -7.90
C TYR A 103 -4.11 -10.33 -9.04
N SER A 104 -3.02 -9.84 -9.66
CA SER A 104 -3.09 -8.88 -10.76
C SER A 104 -3.67 -7.56 -10.26
N ILE A 105 -3.35 -7.23 -9.01
CA ILE A 105 -3.70 -5.96 -8.41
C ILE A 105 -2.99 -4.83 -9.16
N PHE A 106 -3.62 -3.67 -9.24
CA PHE A 106 -3.18 -2.63 -10.16
C PHE A 106 -1.92 -1.94 -9.62
N GLU A 107 -1.09 -1.46 -10.53
CA GLU A 107 0.12 -0.74 -10.16
C GLU A 107 0.39 0.36 -11.19
N TYR A 108 0.39 1.59 -10.72
CA TYR A 108 0.63 2.75 -11.58
C TYR A 108 1.73 3.61 -10.97
N GLU A 109 2.83 3.73 -11.70
CA GLU A 109 3.98 4.47 -11.20
C GLU A 109 3.92 5.93 -11.66
N VAL A 110 4.17 6.84 -10.73
CA VAL A 110 4.37 8.24 -11.07
C VAL A 110 5.88 8.49 -11.11
N GLU A 111 6.33 9.18 -12.15
CA GLU A 111 7.76 9.41 -12.31
C GLU A 111 8.16 10.76 -11.76
N HIS A 112 9.25 10.77 -10.99
CA HIS A 112 9.92 11.99 -10.59
C HIS A 112 10.76 12.45 -11.78
N PRO A 113 11.36 13.67 -11.73
CA PRO A 113 12.24 14.14 -12.82
C PRO A 113 13.24 13.06 -13.27
N GLU A 114 13.84 13.28 -14.44
CA GLU A 114 14.67 12.27 -15.10
C GLU A 114 15.68 11.61 -14.17
N ASN A 115 16.67 12.35 -13.70
CA ASN A 115 17.82 11.74 -13.03
C ASN A 115 17.66 11.50 -11.52
N PRO A 116 16.66 12.10 -10.82
CA PRO A 116 16.29 11.61 -9.48
C PRO A 116 16.26 10.08 -9.41
N ASN A 117 16.07 9.45 -10.57
CA ASN A 117 16.21 8.01 -10.73
C ASN A 117 15.11 7.26 -9.96
N GLU A 118 13.99 7.94 -9.73
CA GLU A 118 12.93 7.42 -8.86
C GLU A 118 11.62 7.22 -9.63
N LYS A 119 11.00 6.06 -9.41
CA LYS A 119 9.66 5.75 -9.93
C LYS A 119 8.75 5.35 -8.77
N GLU A 120 7.84 6.23 -8.38
CA GLU A 120 6.95 5.96 -7.26
C GLU A 120 5.81 5.04 -7.71
N VAL A 121 6.02 3.74 -7.55
CA VAL A 121 5.04 2.73 -7.95
C VAL A 121 3.87 2.72 -6.96
N THR A 122 2.79 3.38 -7.33
CA THR A 122 1.61 3.40 -6.49
C THR A 122 0.76 2.16 -6.73
N ILE A 123 0.64 1.31 -5.72
CA ILE A 123 -0.13 0.10 -5.85
C ILE A 123 -1.59 0.39 -5.54
N ARG A 124 -2.46 -0.06 -6.46
CA ARG A 124 -3.87 0.23 -6.44
C ARG A 124 -4.65 -1.08 -6.35
N ALA A 125 -5.24 -1.32 -5.18
CA ALA A 125 -6.04 -2.51 -4.95
C ALA A 125 -7.44 -2.34 -5.57
N GLU A 126 -8.13 -3.45 -5.78
CA GLU A 126 -9.47 -3.42 -6.37
C GLU A 126 -10.49 -2.88 -5.38
N ASP A 127 -10.03 -2.65 -4.16
CA ASP A 127 -10.85 -2.06 -3.11
C ASP A 127 -9.94 -1.35 -2.11
N CYS A 128 -10.50 -0.42 -1.33
CA CYS A 128 -9.73 0.38 -0.40
C CYS A 128 -9.56 -0.34 0.93
N GLY A 129 -8.32 -0.35 1.44
CA GLY A 129 -8.04 -0.90 2.75
C GLY A 129 -7.67 -2.37 2.72
N CYS A 130 -6.72 -2.73 1.85
CA CYS A 130 -6.16 -4.08 1.82
C CYS A 130 -7.25 -5.14 1.58
N ILE A 131 -7.80 -5.17 0.36
CA ILE A 131 -8.88 -6.08 0.02
C ILE A 131 -8.48 -7.57 0.14
N PRO A 132 -7.28 -8.01 -0.37
CA PRO A 132 -6.89 -9.42 -0.30
C PRO A 132 -6.54 -9.85 1.13
N GLU A 133 -7.12 -10.95 1.58
CA GLU A 133 -6.89 -11.47 2.92
C GLU A 133 -5.42 -11.89 3.09
N GLU A 134 -4.76 -12.21 1.98
CA GLU A 134 -3.36 -12.62 1.99
C GLU A 134 -2.43 -11.40 1.87
N VAL A 135 -3.01 -10.21 2.00
CA VAL A 135 -2.26 -8.96 1.86
C VAL A 135 -1.11 -8.87 2.87
N ILE A 136 -1.33 -9.47 4.04
CA ILE A 136 -0.32 -9.45 5.09
C ILE A 136 0.60 -10.66 4.92
N ILE A 137 1.66 -10.51 4.13
CA ILE A 137 2.60 -11.59 3.93
C ILE A 137 3.55 -11.68 5.11
N ALA A 138 3.79 -10.54 5.77
CA ALA A 138 4.54 -10.54 7.02
C ALA A 138 4.03 -9.43 7.95
N LYS A 139 3.97 -9.73 9.24
CA LYS A 139 3.51 -8.79 10.26
C LYS A 139 4.40 -8.89 11.50
N GLU A 140 4.97 -7.77 11.91
CA GLU A 140 5.94 -7.73 13.00
C GLU A 140 5.74 -6.49 13.86
N LEU A 141 6.21 -6.56 15.10
CA LEU A 141 6.26 -5.39 15.99
C LEU A 141 7.71 -5.00 16.21
N ILE A 142 7.96 -3.71 16.36
CA ILE A 142 9.33 -3.24 16.55
C ILE A 142 9.41 -2.21 17.68
N GLU A 143 10.42 -2.38 18.52
CA GLU A 143 10.69 -1.46 19.62
C GLU A 143 12.15 -1.05 19.59
N ILE A 144 12.58 -0.59 18.40
CA ILE A 144 13.97 -0.18 18.15
C ILE A 144 14.91 -1.38 18.12
N ASN A 145 15.08 -2.04 19.28
CA ASN A 145 15.98 -3.20 19.41
C ASN A 145 17.39 -2.85 18.92
N LEU A 146 18.13 -2.14 19.75
CA LEU A 146 19.47 -1.67 19.39
C LEU A 146 20.32 -1.49 20.65
N GLU A 147 19.77 -0.76 21.63
CA GLU A 147 20.47 -0.49 22.88
C GLU A 147 20.54 -1.76 23.74
N HIS A 148 21.60 -1.85 24.53
CA HIS A 148 21.81 -2.99 25.42
C HIS A 148 21.54 -2.60 26.87
N HIS A 149 20.96 -1.42 27.06
CA HIS A 149 20.65 -0.89 28.38
C HIS A 149 21.94 -0.63 29.15
N HIS A 150 22.83 0.14 28.53
CA HIS A 150 24.14 0.49 29.12
C HIS A 150 23.96 0.99 30.55
N HIS A 151 22.95 1.84 30.73
CA HIS A 151 22.60 2.37 32.04
C HIS A 151 21.15 2.00 32.36
N HIS A 152 20.86 1.69 33.62
CA HIS A 152 19.52 1.28 34.04
C HIS A 152 18.61 2.50 34.14
N HIS A 153 19.17 3.60 34.62
CA HIS A 153 18.47 4.86 34.75
C HIS A 153 19.48 5.99 34.90
#